data_2QE7
#
_entry.id   2QE7
#
_cell.length_a   123.210
_cell.length_b   173.020
_cell.length_c   218.050
_cell.angle_alpha   90.00
_cell.angle_beta   90.00
_cell.angle_gamma   90.00
#
_symmetry.space_group_name_H-M   'P 21 21 21'
#
loop_
_entity.id
_entity.type
_entity.pdbx_description
1 polymer 'ATP synthase subunit alpha'
2 polymer 'ATP synthase subunit beta'
3 polymer 'ATP synthase subunit gamma'
4 polymer 'ATP synthase subunit epsilon'
#
loop_
_entity_poly.entity_id
_entity_poly.type
_entity_poly.pdbx_seq_one_letter_code
_entity_poly.pdbx_strand_id
1 'polypeptide(L)'
;MSIRPEEISALIKKQIENYEADLEVVEVGTVIQVGDGIARVHGLEKVMAGELLEFENGVMGMAQNLEEDNVGVVILGPYT
EIREGTQVKRTGRIMEVPVGEALLGRVVNPLGQPLDGRGPIETAEYRPIESPAPGVMDRKSVHEPLQTGIKAIDSMIPIG
RGQRELIIGDRQTGKTTIAIDTIINQKGQDVICIYVAIGQKQSTVAGVVETLRQHDALDYTIVVTASASEPAPLLYLAPY
AGCAMGEYFMYKGKHALVVYDDLSKQAAAYRELSLLLRRPPGREAYPGDVFYLHSRLLERAAKLSDEKGGGSLTALPFIE
TQAGDVSAYIPTNVISITDGQIFLESDLFYSGVRPAVNVGISVSRVGGAAQIKAMKKVAGTLRLDLAQYRELQAFAQFGS
DLDKATQAKLNRGERTVEILKQDEHKPMPVEEQVISIYAVTNGFMDDIPVEDVRRFEEELLSFMRANKDSLLDHIRQTGE
LPDTKELDAAIEEFKKGFTPSA
;
A,B,C
2 'polypeptide(L)'
;MNKGRIIQVMGPVVDIQFESGQLPDIYNAITIERPQGGTLTVEAAVHLGDNVVRCVAMASTDGLVRGLEAVDTGAPISVP
VGKATLGRVFNVLGEPIDEQGEVNAEERHPIHRPAPEFEELSTADEILETGIKVIDLLAPYAKGGKIGLFGGAGVGKTVL
IQELINNVAQEHGGLSVFAGVGERTREGNDLYHEMKDSGVISKTSMVFGQMNEPPGARLRVALTGLTMAEYFRDREGQDV
LLFIDNIFRFTQAGSEVSALLGRMPSAVGYQPTLATEMGQLQERITSTKKGSITSIQAIYVPADDYTDPAPATTFAHLDA
TTNLERKLAEMGIYPAVDPLASTSRILSPAVVGEEHYRVARGVQQVLQRYNDLQDIIAILGMDELSDEDKLIVARARKIQ
RFLSQPFHVAEQFTGMPGKYVPVKETVRGFKEILEGKHDNLPEEAFYMVGTIDEAVEKAKKL
;
D,E,F
3 'polypeptide(L)'
;MQGMREIKRRIRSVKNTRQITKAMKMVAAAKLRRAQETAENARPYADKIKEVISSIAAGTKDFSHPMLEARPVKKTGYMV
ITSDRGLAGPYNANILRLVSKTIEERHQSKDEYVIFAVGRKGRDFFKKRGYPVVEEVTGISDTPSLTEIQDIAQSAIGMF
ADETFDKLTIFYNEFVSPIVQRPVEKQLLPLTSEEVLDGPVSAYEYEPDSESVLEVLLPKYAETLIYSALLDAKASEFGA
RMTAMGNATDNATEMLETLTLQFNRARQAAITQEIAEIVAGANALR
;
G
4 'polypeptide(L)'
;MATVQVDIVTPERKVFQGEADIVIARGVEGELGVMAGHIPLVTPLKTAPVRIKQGDKETLIAVSGGFLEVRPDKVNILAD
TAELPEEIDVERAKKAKARHETILKRLDKTDKDYLRHKRALERAEVRLQVANSKS
;
H
#
# COMPACT_ATOMS: atom_id res chain seq x y z
N GLU A 27 -40.37 -10.08 -48.83
CA GLU A 27 -39.81 -8.99 -49.61
C GLU A 27 -40.00 -7.64 -48.94
N VAL A 28 -41.24 -7.24 -48.72
CA VAL A 28 -41.50 -5.95 -48.06
C VAL A 28 -42.10 -6.09 -46.67
N GLY A 29 -41.43 -5.47 -45.69
CA GLY A 29 -41.94 -5.34 -44.35
C GLY A 29 -42.23 -3.89 -44.03
N THR A 30 -42.56 -3.61 -42.78
CA THR A 30 -42.86 -2.25 -42.35
C THR A 30 -42.62 -2.05 -40.85
N VAL A 31 -42.02 -0.91 -40.52
CA VAL A 31 -41.61 -0.56 -39.17
C VAL A 31 -42.80 -0.33 -38.24
N ILE A 32 -42.74 -0.89 -37.03
CA ILE A 32 -43.83 -0.75 -36.08
C ILE A 32 -43.37 -0.07 -34.80
N GLN A 33 -42.08 -0.14 -34.48
CA GLN A 33 -41.52 0.67 -33.42
C GLN A 33 -40.09 0.94 -33.76
N VAL A 34 -39.67 2.19 -33.61
CA VAL A 34 -38.26 2.55 -33.81
C VAL A 34 -37.76 3.34 -32.65
N GLY A 35 -36.52 3.10 -32.26
CA GLY A 35 -35.93 3.90 -31.21
C GLY A 35 -34.46 3.67 -31.05
N ASP A 36 -33.73 4.77 -30.89
CA ASP A 36 -32.30 4.69 -30.66
C ASP A 36 -31.63 3.90 -31.79
N GLY A 37 -32.24 3.98 -32.97
CA GLY A 37 -31.68 3.36 -34.16
C GLY A 37 -31.98 1.88 -34.27
N ILE A 38 -32.83 1.36 -33.39
CA ILE A 38 -33.23 -0.04 -33.45
C ILE A 38 -34.71 -0.12 -33.79
N ALA A 39 -35.06 -0.99 -34.74
CA ALA A 39 -36.45 -1.07 -35.19
C ALA A 39 -37.09 -2.48 -35.12
N ARG A 40 -38.35 -2.55 -34.72
CA ARG A 40 -39.14 -3.78 -34.87
C ARG A 40 -39.89 -3.66 -36.18
N VAL A 41 -39.48 -4.41 -37.18
CA VAL A 41 -40.14 -4.38 -38.48
C VAL A 41 -41.03 -5.60 -38.60
N HIS A 42 -42.17 -5.43 -39.28
CA HIS A 42 -43.12 -6.52 -39.43
C HIS A 42 -43.36 -6.97 -40.86
N GLY A 43 -43.35 -8.28 -41.06
CA GLY A 43 -43.79 -8.83 -42.31
C GLY A 43 -42.66 -9.05 -43.29
N LEU A 44 -41.47 -9.31 -42.78
CA LEU A 44 -40.37 -9.65 -43.67
C LEU A 44 -40.19 -11.16 -43.66
N GLU A 45 -41.32 -11.85 -43.74
CA GLU A 45 -41.42 -13.30 -43.51
C GLU A 45 -40.14 -14.08 -43.79
N LYS A 46 -39.64 -14.01 -45.01
CA LYS A 46 -38.49 -14.85 -45.37
C LYS A 46 -37.11 -14.18 -45.31
N VAL A 47 -36.96 -13.11 -44.54
CA VAL A 47 -35.65 -12.53 -44.40
C VAL A 47 -34.78 -13.53 -43.72
N MET A 48 -33.48 -13.48 -44.03
CA MET A 48 -32.52 -14.34 -43.39
C MET A 48 -31.89 -13.58 -42.25
N ALA A 49 -31.41 -14.29 -41.25
CA ALA A 49 -30.70 -13.67 -40.16
C ALA A 49 -29.49 -12.96 -40.76
N GLY A 50 -29.34 -11.68 -40.45
CA GLY A 50 -28.19 -10.90 -40.91
C GLY A 50 -28.30 -10.45 -42.34
N GLU A 51 -29.51 -10.39 -42.85
CA GLU A 51 -29.73 -9.94 -44.20
C GLU A 51 -29.72 -8.43 -44.29
N LEU A 52 -29.13 -7.91 -45.35
CA LEU A 52 -29.11 -6.49 -45.59
C LEU A 52 -30.51 -6.08 -45.99
N LEU A 53 -30.96 -4.94 -45.47
CA LEU A 53 -32.31 -4.42 -45.78
C LEU A 53 -32.22 -2.95 -46.20
N GLU A 54 -33.16 -2.52 -47.03
CA GLU A 54 -33.19 -1.11 -47.40
C GLU A 54 -34.51 -0.44 -47.05
N PHE A 55 -34.41 0.71 -46.37
CA PHE A 55 -35.58 1.47 -45.96
C PHE A 55 -36.06 2.36 -47.08
N GLU A 56 -37.35 2.70 -47.04
CA GLU A 56 -37.98 3.62 -47.99
C GLU A 56 -37.01 4.67 -48.48
N ASN A 57 -36.30 5.30 -47.55
CA ASN A 57 -35.48 6.46 -47.85
C ASN A 57 -34.05 6.11 -48.27
N GLY A 58 -33.81 4.84 -48.55
CA GLY A 58 -32.52 4.42 -49.05
C GLY A 58 -31.55 4.03 -47.98
N VAL A 59 -31.85 4.33 -46.73
CA VAL A 59 -30.96 3.96 -45.63
C VAL A 59 -30.98 2.45 -45.47
N MET A 60 -29.83 1.85 -45.17
CA MET A 60 -29.77 0.40 -45.00
C MET A 60 -29.90 -0.02 -43.55
N GLY A 61 -30.30 -1.26 -43.34
CA GLY A 61 -30.43 -1.86 -42.03
C GLY A 61 -30.04 -3.32 -42.15
N MET A 62 -29.91 -4.01 -41.04
CA MET A 62 -29.65 -5.42 -41.12
C MET A 62 -30.61 -6.18 -40.22
N ALA A 63 -31.08 -7.32 -40.69
CA ALA A 63 -31.94 -8.17 -39.90
C ALA A 63 -31.08 -8.75 -38.82
N GLN A 64 -31.27 -8.25 -37.62
CA GLN A 64 -30.47 -8.65 -36.48
C GLN A 64 -31.10 -9.88 -35.86
N ASN A 65 -32.36 -9.75 -35.48
CA ASN A 65 -33.11 -10.84 -34.87
C ASN A 65 -34.34 -11.15 -35.67
N LEU A 66 -34.67 -12.43 -35.74
CA LEU A 66 -35.92 -12.87 -36.32
C LEU A 66 -36.78 -13.28 -35.15
N GLU A 67 -37.40 -12.28 -34.51
CA GLU A 67 -38.33 -12.53 -33.42
C GLU A 67 -39.45 -13.33 -34.04
N GLU A 68 -40.24 -13.99 -33.20
CA GLU A 68 -41.27 -14.91 -33.67
C GLU A 68 -42.16 -14.34 -34.75
N ASP A 69 -42.68 -13.14 -34.51
CA ASP A 69 -43.67 -12.52 -35.39
C ASP A 69 -43.25 -11.13 -35.85
N ASN A 70 -41.96 -10.87 -35.81
CA ASN A 70 -41.36 -9.66 -36.36
C ASN A 70 -39.85 -9.73 -36.40
N VAL A 71 -39.25 -8.89 -37.22
CA VAL A 71 -37.79 -8.84 -37.32
C VAL A 71 -37.21 -7.67 -36.55
N GLY A 72 -36.09 -7.89 -35.88
CA GLY A 72 -35.40 -6.81 -35.22
C GLY A 72 -34.38 -6.27 -36.19
N VAL A 73 -34.60 -5.07 -36.72
CA VAL A 73 -33.69 -4.52 -37.69
C VAL A 73 -32.85 -3.44 -37.04
N VAL A 74 -31.55 -3.45 -37.34
CA VAL A 74 -30.65 -2.43 -36.84
C VAL A 74 -30.39 -1.44 -37.96
N ILE A 75 -30.82 -0.18 -37.77
CA ILE A 75 -30.64 0.87 -38.78
C ILE A 75 -29.19 1.26 -38.87
N LEU A 76 -28.64 1.29 -40.09
CA LEU A 76 -27.20 1.44 -40.28
C LEU A 76 -26.80 2.81 -40.85
N GLY A 77 -27.52 3.85 -40.45
CA GLY A 77 -27.30 5.17 -40.99
C GLY A 77 -28.36 6.06 -40.41
N PRO A 78 -28.55 7.25 -41.00
CA PRO A 78 -29.48 8.26 -40.53
C PRO A 78 -30.81 7.67 -40.10
N TYR A 79 -31.07 7.70 -38.80
CA TYR A 79 -32.18 6.98 -38.21
C TYR A 79 -33.38 7.89 -38.03
N THR A 80 -33.18 9.15 -38.38
CA THR A 80 -34.08 10.23 -38.02
C THR A 80 -35.37 10.26 -38.85
N GLU A 81 -35.25 10.08 -40.16
CA GLU A 81 -36.42 10.04 -41.04
C GLU A 81 -37.06 8.66 -41.15
N ILE A 82 -36.52 7.70 -40.41
CA ILE A 82 -37.13 6.42 -40.25
C ILE A 82 -38.03 6.44 -39.03
N ARG A 83 -39.34 6.42 -39.26
CA ARG A 83 -40.31 6.41 -38.18
C ARG A 83 -41.28 5.24 -38.36
N GLU A 84 -42.25 5.11 -37.47
CA GLU A 84 -43.19 4.00 -37.56
C GLU A 84 -43.95 4.09 -38.87
N GLY A 85 -44.29 2.94 -39.43
CA GLY A 85 -45.01 2.92 -40.68
C GLY A 85 -44.09 2.94 -41.89
N THR A 86 -42.81 3.21 -41.64
CA THR A 86 -41.82 3.21 -42.72
C THR A 86 -41.61 1.80 -43.30
N GLN A 87 -41.60 1.71 -44.62
CA GLN A 87 -41.44 0.43 -45.30
C GLN A 87 -39.98 -0.02 -45.41
N VAL A 88 -39.76 -1.32 -45.30
CA VAL A 88 -38.42 -1.87 -45.42
C VAL A 88 -38.48 -2.91 -46.51
N LYS A 89 -37.42 -2.97 -47.29
CA LYS A 89 -37.35 -3.90 -48.40
C LYS A 89 -36.28 -4.95 -48.13
N ARG A 90 -36.48 -6.16 -48.64
CA ARG A 90 -35.45 -7.18 -48.58
C ARG A 90 -34.41 -6.91 -49.65
N THR A 91 -33.18 -7.31 -49.38
CA THR A 91 -32.08 -7.16 -50.30
C THR A 91 -31.73 -8.51 -50.88
N GLY A 92 -31.98 -9.55 -50.11
CA GLY A 92 -31.70 -10.90 -50.51
C GLY A 92 -30.25 -11.26 -50.28
N ARG A 93 -29.49 -10.32 -49.73
CA ARG A 93 -28.07 -10.53 -49.48
C ARG A 93 -27.75 -10.45 -47.98
N ILE A 94 -26.97 -11.41 -47.47
CA ILE A 94 -26.45 -11.33 -46.11
C ILE A 94 -25.45 -10.20 -46.05
N MET A 95 -25.22 -9.64 -44.86
CA MET A 95 -24.33 -8.51 -44.72
C MET A 95 -23.06 -8.69 -45.53
N GLU A 96 -22.82 -7.77 -46.45
CA GLU A 96 -21.72 -7.88 -47.39
C GLU A 96 -21.31 -6.48 -47.81
N VAL A 97 -20.08 -6.38 -48.33
CA VAL A 97 -19.50 -5.10 -48.78
C VAL A 97 -18.82 -5.25 -50.12
N PRO A 98 -18.84 -4.19 -50.92
CA PRO A 98 -18.03 -4.10 -52.12
C PRO A 98 -16.61 -4.52 -51.77
N VAL A 99 -15.96 -5.21 -52.69
CA VAL A 99 -14.63 -5.75 -52.45
C VAL A 99 -13.80 -5.75 -53.74
N GLY A 100 -12.50 -5.56 -53.62
CA GLY A 100 -11.63 -5.64 -54.80
C GLY A 100 -10.80 -4.41 -55.06
N GLU A 101 -9.93 -4.49 -56.06
CA GLU A 101 -9.00 -3.42 -56.38
C GLU A 101 -9.72 -2.12 -56.75
N ALA A 102 -11.02 -2.23 -57.01
CA ALA A 102 -11.84 -1.09 -57.33
C ALA A 102 -11.91 -0.10 -56.18
N LEU A 103 -11.47 -0.54 -55.00
CA LEU A 103 -11.60 0.25 -53.78
C LEU A 103 -10.33 0.95 -53.37
N LEU A 104 -9.19 0.45 -53.85
CA LEU A 104 -7.91 1.08 -53.57
C LEU A 104 -8.00 2.56 -53.86
N GLY A 105 -7.73 3.37 -52.86
CA GLY A 105 -7.71 4.81 -53.06
C GLY A 105 -9.01 5.50 -52.72
N ARG A 106 -10.05 4.71 -52.43
CA ARG A 106 -11.34 5.32 -52.11
C ARG A 106 -11.64 5.30 -50.63
N VAL A 107 -12.28 6.38 -50.16
CA VAL A 107 -12.67 6.49 -48.75
C VAL A 107 -14.12 6.11 -48.62
N VAL A 108 -14.38 5.17 -47.72
CA VAL A 108 -15.60 4.43 -47.76
C VAL A 108 -16.14 4.21 -46.33
N ASN A 109 -17.43 3.96 -46.19
CA ASN A 109 -17.89 3.54 -44.88
C ASN A 109 -18.13 2.03 -44.89
N PRO A 110 -18.44 1.45 -43.72
CA PRO A 110 -18.49 -0.02 -43.67
C PRO A 110 -19.46 -0.66 -44.63
N LEU A 111 -20.46 0.05 -45.12
CA LEU A 111 -21.37 -0.55 -46.07
C LEU A 111 -20.72 -0.55 -47.43
N GLY A 112 -19.62 0.21 -47.53
CA GLY A 112 -18.86 0.29 -48.75
C GLY A 112 -19.30 1.45 -49.63
N GLN A 113 -20.17 2.31 -49.11
CA GLN A 113 -20.56 3.49 -49.88
C GLN A 113 -19.53 4.59 -49.71
N PRO A 114 -19.19 5.25 -50.83
CA PRO A 114 -18.08 6.20 -50.95
C PRO A 114 -18.35 7.47 -50.16
N LEU A 115 -17.31 8.04 -49.55
CA LEU A 115 -17.45 9.26 -48.78
C LEU A 115 -16.61 10.37 -49.36
N ASP A 116 -15.68 10.01 -50.23
CA ASP A 116 -14.75 10.99 -50.82
C ASP A 116 -15.29 11.66 -52.09
N GLY A 117 -16.51 11.28 -52.45
CA GLY A 117 -17.19 11.89 -53.58
C GLY A 117 -16.52 11.69 -54.93
N ARG A 118 -15.71 10.64 -55.04
CA ARG A 118 -15.00 10.38 -56.29
C ARG A 118 -15.77 9.37 -57.14
N GLY A 119 -17.08 9.44 -57.11
CA GLY A 119 -17.89 8.60 -57.97
C GLY A 119 -18.53 7.46 -57.20
N PRO A 120 -19.01 6.45 -57.93
CA PRO A 120 -19.46 5.18 -57.37
C PRO A 120 -18.26 4.27 -57.30
N ILE A 121 -18.38 3.14 -56.61
CA ILE A 121 -17.32 2.14 -56.65
C ILE A 121 -17.70 1.13 -57.70
N GLU A 122 -16.95 1.12 -58.80
CA GLU A 122 -17.27 0.25 -59.90
C GLU A 122 -16.70 -1.15 -59.70
N THR A 123 -17.38 -1.97 -58.89
CA THR A 123 -17.00 -3.37 -58.73
C THR A 123 -18.21 -4.27 -58.72
N ALA A 124 -17.99 -5.56 -59.02
CA ALA A 124 -19.06 -6.53 -58.97
C ALA A 124 -18.76 -7.68 -58.03
N GLU A 125 -17.64 -7.59 -57.32
CA GLU A 125 -17.30 -8.63 -56.37
C GLU A 125 -17.51 -8.20 -54.90
N TYR A 126 -18.31 -8.97 -54.17
CA TYR A 126 -18.64 -8.67 -52.78
C TYR A 126 -18.17 -9.77 -51.82
N ARG A 127 -18.31 -9.50 -50.53
CA ARG A 127 -17.91 -10.44 -49.49
C ARG A 127 -18.73 -10.15 -48.25
N PRO A 128 -19.01 -11.19 -47.44
CA PRO A 128 -19.76 -11.02 -46.20
C PRO A 128 -18.88 -10.37 -45.16
N ILE A 129 -19.44 -9.49 -44.34
CA ILE A 129 -18.63 -8.84 -43.33
C ILE A 129 -18.37 -9.84 -42.23
N GLU A 130 -19.25 -10.84 -42.11
CA GLU A 130 -18.95 -11.98 -41.23
C GLU A 130 -18.66 -13.21 -42.06
N SER A 131 -17.47 -13.77 -41.89
CA SER A 131 -17.15 -15.04 -42.51
C SER A 131 -16.13 -15.77 -41.64
N PRO A 132 -16.01 -17.08 -41.83
CA PRO A 132 -15.11 -17.95 -41.06
C PRO A 132 -13.64 -17.55 -41.17
N ALA A 133 -12.90 -17.83 -40.12
CA ALA A 133 -11.47 -17.65 -40.13
C ALA A 133 -10.86 -18.92 -40.68
N PRO A 134 -9.67 -18.81 -41.30
CA PRO A 134 -8.89 -19.94 -41.77
C PRO A 134 -8.67 -20.96 -40.67
N GLY A 135 -9.00 -22.22 -40.92
CA GLY A 135 -8.83 -23.28 -39.93
C GLY A 135 -7.38 -23.54 -39.54
N VAL A 136 -7.16 -24.42 -38.57
CA VAL A 136 -5.81 -24.62 -38.10
C VAL A 136 -5.00 -25.29 -39.17
N MET A 137 -5.69 -25.79 -40.20
CA MET A 137 -5.00 -26.50 -41.28
C MET A 137 -4.83 -25.64 -42.54
N ASP A 138 -5.41 -24.45 -42.53
CA ASP A 138 -5.37 -23.58 -43.68
C ASP A 138 -4.17 -22.66 -43.63
N ARG A 139 -3.40 -22.80 -42.56
CA ARG A 139 -2.37 -21.81 -42.25
C ARG A 139 -1.00 -22.39 -42.23
N LYS A 140 -0.02 -21.49 -42.35
CA LYS A 140 1.36 -21.84 -42.15
C LYS A 140 2.02 -20.71 -41.40
N SER A 141 3.07 -21.02 -40.65
CA SER A 141 3.70 -20.05 -39.77
C SER A 141 4.21 -18.79 -40.46
N VAL A 142 3.95 -17.63 -39.85
CA VAL A 142 4.43 -16.35 -40.35
C VAL A 142 5.94 -16.34 -40.53
N HIS A 143 6.38 -16.00 -41.74
CA HIS A 143 7.80 -16.03 -42.07
C HIS A 143 8.27 -14.86 -42.95
N GLU A 144 7.34 -14.15 -43.57
CA GLU A 144 7.69 -13.02 -44.43
C GLU A 144 7.57 -11.68 -43.70
N PRO A 145 8.62 -10.86 -43.73
CA PRO A 145 8.62 -9.64 -42.94
C PRO A 145 7.66 -8.60 -43.49
N LEU A 146 6.98 -7.89 -42.60
CA LEU A 146 6.21 -6.72 -42.96
C LEU A 146 6.97 -5.51 -42.43
N GLN A 147 7.80 -4.93 -43.28
CA GLN A 147 8.59 -3.82 -42.82
C GLN A 147 7.69 -2.61 -42.56
N THR A 148 7.69 -2.13 -41.31
CA THR A 148 6.96 -0.91 -40.97
C THR A 148 7.74 0.35 -41.35
N GLY A 149 9.04 0.16 -41.57
CA GLY A 149 9.93 1.27 -41.88
C GLY A 149 10.41 1.94 -40.60
N ILE A 150 9.77 1.61 -39.50
CA ILE A 150 10.14 2.19 -38.23
C ILE A 150 11.25 1.37 -37.61
N LYS A 151 12.37 2.03 -37.34
CA LYS A 151 13.56 1.39 -36.79
C LYS A 151 13.25 0.62 -35.54
N ALA A 152 12.57 1.27 -34.58
CA ALA A 152 12.29 0.65 -33.28
C ALA A 152 11.48 -0.63 -33.40
N ILE A 153 10.62 -0.69 -34.41
CA ILE A 153 9.70 -1.81 -34.57
C ILE A 153 10.27 -2.89 -35.47
N ASP A 154 10.94 -2.50 -36.55
CA ASP A 154 11.48 -3.49 -37.47
C ASP A 154 12.67 -4.26 -36.89
N SER A 155 13.30 -3.70 -35.86
CA SER A 155 14.46 -4.33 -35.26
C SER A 155 14.09 -5.13 -34.02
N MET A 156 13.33 -4.51 -33.14
CA MET A 156 12.73 -5.18 -32.00
C MET A 156 11.24 -5.03 -32.19
N ILE A 157 10.48 -6.06 -31.87
CA ILE A 157 9.06 -6.08 -32.20
C ILE A 157 8.76 -6.19 -33.71
N PRO A 158 9.59 -6.94 -34.48
CA PRO A 158 9.40 -7.19 -35.92
C PRO A 158 8.04 -7.82 -36.28
N ILE A 159 7.39 -7.33 -37.33
CA ILE A 159 6.06 -7.82 -37.69
C ILE A 159 6.10 -8.64 -38.97
N GLY A 160 5.53 -9.84 -38.93
CA GLY A 160 5.44 -10.68 -40.11
C GLY A 160 4.10 -10.58 -40.81
N ARG A 161 4.00 -11.13 -42.01
CA ARG A 161 2.75 -11.08 -42.74
C ARG A 161 1.84 -12.22 -42.27
N GLY A 162 0.60 -11.88 -41.93
CA GLY A 162 -0.33 -12.85 -41.37
C GLY A 162 -0.39 -12.73 -39.86
N GLN A 163 0.32 -11.73 -39.36
CA GLN A 163 0.48 -11.53 -37.92
C GLN A 163 -0.59 -10.57 -37.42
N ARG A 164 -0.94 -10.71 -36.15
CA ARG A 164 -1.77 -9.75 -35.49
C ARG A 164 -0.90 -9.11 -34.42
N GLU A 165 -0.50 -7.87 -34.66
CA GLU A 165 0.32 -7.14 -33.71
C GLU A 165 -0.45 -5.98 -33.14
N LEU A 166 -0.66 -6.02 -31.82
CA LEU A 166 -1.44 -4.99 -31.16
C LEU A 166 -0.66 -3.70 -30.99
N ILE A 167 -1.30 -2.58 -31.27
CA ILE A 167 -0.67 -1.30 -31.02
C ILE A 167 -1.51 -0.61 -29.98
N ILE A 168 -0.96 -0.45 -28.79
CA ILE A 168 -1.71 0.00 -27.63
C ILE A 168 -1.09 1.22 -26.93
N GLY A 169 -1.90 2.22 -26.61
CA GLY A 169 -1.38 3.37 -25.89
C GLY A 169 -2.41 4.44 -25.61
N ASP A 170 -2.07 5.41 -24.76
CA ASP A 170 -3.00 6.50 -24.43
C ASP A 170 -3.36 7.28 -25.69
N ARG A 171 -4.37 8.15 -25.59
CA ARG A 171 -4.63 9.10 -26.67
C ARG A 171 -3.41 10.02 -26.81
N GLN A 172 -3.17 10.49 -28.02
CA GLN A 172 -2.02 11.35 -28.31
C GLN A 172 -0.72 10.71 -27.84
N THR A 173 -0.45 9.49 -28.32
CA THR A 173 0.90 8.92 -28.22
C THR A 173 1.38 8.49 -29.60
N GLY A 174 0.60 8.81 -30.61
CA GLY A 174 1.00 8.62 -31.99
C GLY A 174 0.78 7.22 -32.56
N LYS A 175 -0.32 6.58 -32.16
CA LYS A 175 -0.67 5.28 -32.72
C LYS A 175 -0.95 5.44 -34.20
N THR A 176 -1.85 6.34 -34.54
CA THR A 176 -2.24 6.48 -35.93
C THR A 176 -1.01 6.78 -36.79
N THR A 177 -0.14 7.65 -36.28
CA THR A 177 1.06 7.99 -37.03
C THR A 177 1.86 6.75 -37.38
N ILE A 178 1.78 5.72 -36.55
CA ILE A 178 2.55 4.49 -36.77
C ILE A 178 1.94 3.65 -37.87
N ALA A 179 0.61 3.64 -37.92
CA ALA A 179 -0.08 2.92 -38.97
C ALA A 179 0.25 3.60 -40.28
N ILE A 180 0.24 4.93 -40.28
CA ILE A 180 0.49 5.69 -41.49
C ILE A 180 1.89 5.43 -42.04
N ASP A 181 2.90 5.60 -41.20
CA ASP A 181 4.27 5.28 -41.60
C ASP A 181 4.32 3.88 -42.20
N THR A 182 3.75 2.91 -41.50
CA THR A 182 3.75 1.52 -41.96
C THR A 182 3.08 1.39 -43.33
N ILE A 183 1.91 1.99 -43.47
CA ILE A 183 1.20 2.00 -44.74
C ILE A 183 2.04 2.64 -45.82
N ILE A 184 2.48 3.86 -45.57
CA ILE A 184 3.39 4.59 -46.45
C ILE A 184 4.56 3.70 -46.89
N ASN A 185 5.11 2.94 -45.94
CA ASN A 185 6.25 2.08 -46.22
C ASN A 185 5.97 0.93 -47.16
N GLN A 186 4.70 0.75 -47.51
CA GLN A 186 4.34 -0.32 -48.43
C GLN A 186 4.38 0.17 -49.86
N LYS A 187 4.84 1.39 -50.06
CA LYS A 187 5.09 1.91 -51.41
C LYS A 187 6.00 0.95 -52.17
N GLY A 188 6.76 0.15 -51.42
CA GLY A 188 7.48 -0.97 -51.98
C GLY A 188 6.52 -1.72 -52.88
N GLN A 189 5.55 -2.39 -52.25
CA GLN A 189 4.31 -2.79 -52.91
C GLN A 189 4.11 -4.29 -53.15
N ASP A 190 4.31 -5.09 -52.13
CA ASP A 190 3.75 -6.44 -52.16
C ASP A 190 2.37 -6.39 -51.49
N VAL A 191 2.14 -5.32 -50.73
CA VAL A 191 1.01 -5.26 -49.79
C VAL A 191 0.02 -4.08 -49.91
N ILE A 192 -1.27 -4.44 -49.90
CA ILE A 192 -2.36 -3.49 -50.02
C ILE A 192 -2.88 -3.12 -48.63
N CYS A 193 -3.13 -1.85 -48.37
CA CYS A 193 -3.41 -1.44 -47.02
C CYS A 193 -4.83 -0.96 -46.83
N ILE A 194 -5.41 -1.37 -45.70
CA ILE A 194 -6.76 -0.96 -45.30
C ILE A 194 -6.73 -0.19 -44.01
N TYR A 195 -6.86 1.12 -44.09
CA TYR A 195 -6.98 1.89 -42.87
C TYR A 195 -8.45 1.94 -42.48
N VAL A 196 -8.79 1.25 -41.41
CA VAL A 196 -10.15 1.29 -40.87
C VAL A 196 -10.21 2.21 -39.65
N ALA A 197 -10.92 3.32 -39.80
CA ALA A 197 -11.01 4.28 -38.70
C ALA A 197 -12.32 4.12 -37.91
N ILE A 198 -12.24 3.62 -36.68
CA ILE A 198 -13.44 3.40 -35.88
C ILE A 198 -13.67 4.45 -34.78
N GLY A 199 -14.66 5.30 -34.98
CA GLY A 199 -14.98 6.29 -33.96
C GLY A 199 -13.94 7.40 -33.85
N GLN A 200 -13.14 7.57 -34.90
CA GLN A 200 -12.19 8.66 -34.89
C GLN A 200 -12.95 9.90 -35.34
N LYS A 201 -12.35 11.07 -35.10
CA LYS A 201 -12.92 12.29 -35.62
C LYS A 201 -12.73 12.29 -37.14
N GLN A 202 -13.80 12.60 -37.85
CA GLN A 202 -13.80 12.64 -39.30
C GLN A 202 -12.63 13.49 -39.80
N SER A 203 -12.39 14.60 -39.12
CA SER A 203 -11.32 15.50 -39.47
C SER A 203 -9.97 14.81 -39.43
N THR A 204 -9.79 13.95 -38.44
CA THR A 204 -8.54 13.23 -38.30
C THR A 204 -8.38 12.26 -39.43
N VAL A 205 -9.46 11.62 -39.82
CA VAL A 205 -9.39 10.67 -40.91
C VAL A 205 -9.12 11.40 -42.21
N ALA A 206 -9.85 12.50 -42.42
CA ALA A 206 -9.63 13.37 -43.58
C ALA A 206 -8.18 13.79 -43.65
N GLY A 207 -7.58 14.07 -42.51
CA GLY A 207 -6.18 14.40 -42.45
C GLY A 207 -5.32 13.21 -42.80
N VAL A 208 -5.70 12.04 -42.31
CA VAL A 208 -4.96 10.82 -42.60
C VAL A 208 -4.98 10.50 -44.10
N VAL A 209 -6.12 10.71 -44.72
CA VAL A 209 -6.25 10.45 -46.14
C VAL A 209 -5.35 11.39 -46.91
N GLU A 210 -5.28 12.65 -46.47
CA GLU A 210 -4.52 13.64 -47.17
C GLU A 210 -3.04 13.37 -47.04
N THR A 211 -2.62 12.94 -45.85
CA THR A 211 -1.24 12.56 -45.64
C THR A 211 -0.86 11.39 -46.54
N LEU A 212 -1.79 10.46 -46.70
CA LEU A 212 -1.54 9.30 -47.53
C LEU A 212 -1.37 9.75 -48.95
N ARG A 213 -2.20 10.70 -49.36
CA ARG A 213 -2.13 11.26 -50.71
C ARG A 213 -0.78 11.89 -50.96
N GLN A 214 -0.33 12.74 -50.04
CA GLN A 214 0.91 13.48 -50.22
C GLN A 214 2.12 12.57 -50.24
N HIS A 215 1.96 11.34 -49.75
CA HIS A 215 3.06 10.40 -49.78
C HIS A 215 2.85 9.32 -50.85
N ASP A 216 1.90 9.57 -51.74
CA ASP A 216 1.72 8.75 -52.92
C ASP A 216 1.32 7.35 -52.50
N ALA A 217 0.81 7.22 -51.27
CA ALA A 217 0.52 5.93 -50.65
C ALA A 217 -0.97 5.59 -50.67
N LEU A 218 -1.78 6.40 -51.30
CA LEU A 218 -3.21 6.13 -51.27
C LEU A 218 -3.64 5.26 -52.45
N ASP A 219 -2.77 5.09 -53.44
CA ASP A 219 -3.11 4.29 -54.60
C ASP A 219 -3.38 2.85 -54.18
N TYR A 220 -2.68 2.40 -53.14
CA TYR A 220 -2.81 1.02 -52.71
C TYR A 220 -3.50 0.93 -51.38
N THR A 221 -4.29 1.93 -51.03
CA THR A 221 -4.93 1.95 -49.72
C THR A 221 -6.42 2.18 -49.75
N ILE A 222 -7.14 1.33 -49.05
CA ILE A 222 -8.58 1.51 -48.86
C ILE A 222 -8.84 2.14 -47.49
N VAL A 223 -9.68 3.17 -47.45
CA VAL A 223 -10.02 3.72 -46.14
C VAL A 223 -11.46 3.40 -45.79
N VAL A 224 -11.65 2.56 -44.77
CA VAL A 224 -12.99 2.31 -44.26
C VAL A 224 -13.19 3.16 -43.00
N THR A 225 -14.23 3.98 -43.00
CA THR A 225 -14.40 4.92 -41.89
C THR A 225 -15.83 5.04 -41.35
N ALA A 226 -15.93 5.00 -40.02
CA ALA A 226 -17.18 5.29 -39.29
C ALA A 226 -16.87 6.23 -38.14
N SER A 227 -16.96 7.53 -38.40
CA SER A 227 -16.52 8.53 -37.43
C SER A 227 -17.33 8.54 -36.12
N ALA A 228 -16.92 9.40 -35.22
CA ALA A 228 -17.51 9.53 -33.90
C ALA A 228 -19.02 9.81 -33.88
N SER A 229 -19.55 10.39 -34.95
CA SER A 229 -20.92 10.82 -35.00
C SER A 229 -21.83 9.78 -35.62
N GLU A 230 -21.23 8.81 -36.32
CA GLU A 230 -21.99 7.73 -36.94
C GLU A 230 -22.74 6.85 -35.93
N PRO A 231 -23.79 6.16 -36.40
CA PRO A 231 -24.53 5.14 -35.66
C PRO A 231 -23.59 4.09 -35.09
N ALA A 232 -23.82 3.66 -33.86
CA ALA A 232 -22.99 2.61 -33.23
C ALA A 232 -22.87 1.32 -34.02
N PRO A 233 -23.93 0.88 -34.68
CA PRO A 233 -23.85 -0.38 -35.42
C PRO A 233 -22.88 -0.24 -36.56
N LEU A 234 -22.72 0.99 -37.03
CA LEU A 234 -21.84 1.29 -38.12
C LEU A 234 -20.40 1.19 -37.61
N LEU A 235 -20.16 1.69 -36.40
CA LEU A 235 -18.85 1.56 -35.78
C LEU A 235 -18.54 0.10 -35.51
N TYR A 236 -19.56 -0.60 -35.04
CA TYR A 236 -19.51 -2.04 -34.81
C TYR A 236 -19.07 -2.81 -36.05
N LEU A 237 -19.62 -2.48 -37.20
CA LEU A 237 -19.29 -3.24 -38.40
C LEU A 237 -17.95 -2.86 -39.03
N ALA A 238 -17.52 -1.59 -38.86
CA ALA A 238 -16.34 -1.07 -39.54
C ALA A 238 -15.20 -2.08 -39.67
N PRO A 239 -14.70 -2.64 -38.56
CA PRO A 239 -13.58 -3.57 -38.70
C PRO A 239 -13.90 -4.80 -39.53
N TYR A 240 -15.10 -5.34 -39.39
CA TYR A 240 -15.50 -6.50 -40.18
C TYR A 240 -15.55 -6.19 -41.66
N ALA A 241 -15.87 -4.94 -42.00
CA ALA A 241 -15.80 -4.50 -43.40
C ALA A 241 -14.35 -4.44 -43.88
N GLY A 242 -13.52 -3.67 -43.19
CA GLY A 242 -12.12 -3.53 -43.55
C GLY A 242 -11.41 -4.86 -43.63
N CYS A 243 -11.83 -5.78 -42.77
CA CYS A 243 -11.24 -7.12 -42.73
C CYS A 243 -11.68 -7.91 -43.94
N ALA A 244 -12.95 -7.78 -44.30
CA ALA A 244 -13.50 -8.44 -45.50
C ALA A 244 -12.80 -7.95 -46.77
N MET A 245 -12.49 -6.68 -46.79
CA MET A 245 -11.73 -6.09 -47.87
C MET A 245 -10.32 -6.64 -47.94
N GLY A 246 -9.73 -6.93 -46.79
CA GLY A 246 -8.41 -7.51 -46.75
C GLY A 246 -8.45 -8.98 -47.13
N GLU A 247 -9.55 -9.62 -46.80
CA GLU A 247 -9.70 -11.04 -47.05
C GLU A 247 -9.81 -11.37 -48.52
N TYR A 248 -10.41 -10.48 -49.30
CA TYR A 248 -10.50 -10.66 -50.75
C TYR A 248 -9.12 -10.86 -51.36
N PHE A 249 -8.14 -10.14 -50.82
CA PHE A 249 -6.78 -10.16 -51.33
C PHE A 249 -6.00 -11.38 -50.81
N MET A 250 -6.15 -11.67 -49.53
CA MET A 250 -5.49 -12.84 -48.95
C MET A 250 -5.91 -14.12 -49.66
N TYR A 251 -7.22 -14.28 -49.84
CA TYR A 251 -7.76 -15.50 -50.44
C TYR A 251 -7.54 -15.54 -51.94
N LYS A 252 -6.92 -14.47 -52.43
CA LYS A 252 -6.62 -14.25 -53.84
C LYS A 252 -5.19 -14.62 -54.04
N GLY A 253 -4.45 -14.69 -52.95
CA GLY A 253 -3.03 -14.97 -53.01
C GLY A 253 -2.17 -13.74 -52.76
N LYS A 254 -2.82 -12.58 -52.69
CA LYS A 254 -2.09 -11.33 -52.42
C LYS A 254 -1.87 -11.09 -50.93
N HIS A 255 -1.30 -9.94 -50.60
CA HIS A 255 -0.98 -9.62 -49.21
C HIS A 255 -1.56 -8.29 -48.78
N ALA A 256 -2.35 -8.33 -47.71
CA ALA A 256 -3.01 -7.12 -47.23
C ALA A 256 -2.66 -6.84 -45.78
N LEU A 257 -2.63 -5.56 -45.46
CA LEU A 257 -2.38 -5.11 -44.10
C LEU A 257 -3.58 -4.27 -43.70
N VAL A 258 -4.28 -4.70 -42.66
CA VAL A 258 -5.41 -3.95 -42.16
C VAL A 258 -5.10 -3.38 -40.79
N VAL A 259 -5.43 -2.10 -40.62
CA VAL A 259 -5.25 -1.39 -39.37
C VAL A 259 -6.62 -1.01 -38.88
N TYR A 260 -6.98 -1.48 -37.68
CA TYR A 260 -8.25 -1.11 -37.08
C TYR A 260 -7.96 -0.04 -36.06
N ASP A 261 -8.11 1.22 -36.47
CA ASP A 261 -7.82 2.36 -35.60
C ASP A 261 -8.91 2.51 -34.57
N ASP A 262 -8.65 1.86 -33.43
CA ASP A 262 -9.49 1.85 -32.25
C ASP A 262 -10.50 0.72 -32.18
N LEU A 263 -10.03 -0.44 -31.74
CA LEU A 263 -10.90 -1.54 -31.39
C LEU A 263 -11.54 -1.23 -30.05
N SER A 264 -11.01 -0.22 -29.37
CA SER A 264 -11.65 0.31 -28.18
C SER A 264 -12.97 0.91 -28.54
N LYS A 265 -12.94 1.78 -29.54
CA LYS A 265 -14.14 2.46 -29.92
C LYS A 265 -15.14 1.48 -30.48
N GLN A 266 -14.66 0.40 -31.06
CA GLN A 266 -15.59 -0.61 -31.55
C GLN A 266 -16.26 -1.27 -30.37
N ALA A 267 -15.49 -1.73 -29.39
CA ALA A 267 -16.02 -2.39 -28.22
C ALA A 267 -17.14 -1.57 -27.56
N ALA A 268 -16.87 -0.31 -27.33
CA ALA A 268 -17.89 0.55 -26.78
C ALA A 268 -19.08 0.64 -27.72
N ALA A 269 -18.84 0.77 -29.02
CA ALA A 269 -19.93 0.83 -29.98
C ALA A 269 -20.77 -0.41 -29.86
N TYR A 270 -20.11 -1.57 -29.75
CA TYR A 270 -20.80 -2.86 -29.66
C TYR A 270 -21.68 -2.94 -28.40
N ARG A 271 -21.13 -2.41 -27.31
CA ARG A 271 -21.79 -2.44 -26.03
C ARG A 271 -23.05 -1.59 -26.07
N GLU A 272 -22.99 -0.47 -26.78
CA GLU A 272 -24.18 0.35 -26.92
C GLU A 272 -25.28 -0.46 -27.60
N LEU A 273 -24.91 -1.09 -28.72
CA LEU A 273 -25.87 -1.85 -29.49
C LEU A 273 -26.47 -3.00 -28.68
N SER A 274 -25.72 -3.48 -27.70
CA SER A 274 -26.13 -4.63 -26.89
C SER A 274 -27.37 -4.39 -26.04
N LEU A 275 -27.32 -3.55 -25.02
CA LEU A 275 -28.56 -3.32 -24.27
C LEU A 275 -29.35 -2.13 -24.83
N LEU A 276 -29.11 -1.78 -26.08
CA LEU A 276 -30.19 -1.15 -26.80
C LEU A 276 -31.09 -2.32 -27.16
N LEU A 277 -30.46 -3.42 -27.58
CA LEU A 277 -31.17 -4.68 -27.76
C LEU A 277 -31.49 -5.34 -26.41
N ARG A 278 -31.04 -4.70 -25.35
CA ARG A 278 -31.29 -5.11 -23.98
C ARG A 278 -30.69 -6.48 -23.64
N ARG A 279 -29.50 -6.75 -24.18
CA ARG A 279 -28.73 -7.91 -23.76
C ARG A 279 -28.21 -7.70 -22.34
N PRO A 280 -28.14 -8.78 -21.54
CA PRO A 280 -27.70 -8.59 -20.15
C PRO A 280 -26.27 -8.06 -20.11
N PRO A 281 -26.00 -7.04 -19.27
CA PRO A 281 -24.62 -6.59 -19.09
C PRO A 281 -23.76 -7.72 -18.55
N GLY A 282 -22.52 -7.82 -19.04
CA GLY A 282 -21.63 -8.92 -18.69
C GLY A 282 -20.46 -8.53 -17.82
N ARG A 283 -19.34 -9.21 -18.00
CA ARG A 283 -18.12 -8.89 -17.28
C ARG A 283 -17.59 -7.50 -17.65
N GLU A 284 -17.20 -6.75 -16.63
CA GLU A 284 -16.96 -5.31 -16.75
C GLU A 284 -18.15 -4.58 -17.37
N ALA A 285 -17.91 -3.38 -17.87
CA ALA A 285 -19.00 -2.59 -18.40
C ALA A 285 -19.57 -3.23 -19.65
N TYR A 286 -18.83 -4.21 -20.18
CA TYR A 286 -19.11 -4.77 -21.50
C TYR A 286 -19.87 -6.10 -21.52
N PRO A 287 -20.44 -6.45 -22.69
CA PRO A 287 -21.10 -7.73 -22.98
C PRO A 287 -20.21 -8.91 -22.68
N GLY A 288 -20.79 -10.11 -22.66
CA GLY A 288 -20.02 -11.32 -22.39
C GLY A 288 -19.22 -11.68 -23.62
N ASP A 289 -19.78 -11.32 -24.75
CA ASP A 289 -19.18 -11.69 -26.01
C ASP A 289 -18.28 -10.60 -26.57
N VAL A 290 -17.90 -9.63 -25.74
CA VAL A 290 -16.99 -8.57 -26.18
C VAL A 290 -15.60 -9.13 -26.57
N PHE A 291 -15.17 -10.19 -25.90
CA PHE A 291 -13.95 -10.86 -26.30
C PHE A 291 -14.16 -11.47 -27.66
N TYR A 292 -15.19 -12.30 -27.78
CA TYR A 292 -15.53 -12.92 -29.04
C TYR A 292 -15.60 -11.90 -30.16
N LEU A 293 -16.18 -10.74 -29.86
CA LEU A 293 -16.27 -9.65 -30.81
C LEU A 293 -14.92 -9.43 -31.48
N HIS A 294 -13.90 -9.26 -30.65
CA HIS A 294 -12.55 -9.03 -31.16
C HIS A 294 -11.83 -10.27 -31.68
N SER A 295 -11.92 -11.39 -30.96
CA SER A 295 -11.24 -12.60 -31.38
C SER A 295 -11.80 -13.10 -32.69
N ARG A 296 -13.11 -13.17 -32.80
CA ARG A 296 -13.76 -13.53 -34.07
C ARG A 296 -13.12 -12.73 -35.24
N LEU A 297 -12.92 -11.44 -35.01
CA LEU A 297 -12.40 -10.51 -36.01
C LEU A 297 -10.97 -10.79 -36.41
N LEU A 298 -10.02 -10.53 -35.53
CA LEU A 298 -8.65 -10.64 -35.99
C LEU A 298 -8.13 -12.08 -35.85
N GLU A 299 -9.05 -13.04 -35.89
CA GLU A 299 -8.67 -14.41 -36.16
C GLU A 299 -8.72 -14.57 -37.67
N ARG A 300 -9.34 -13.61 -38.32
CA ARG A 300 -9.56 -13.69 -39.75
C ARG A 300 -8.31 -13.21 -40.50
N ALA A 301 -7.46 -12.48 -39.79
CA ALA A 301 -6.15 -12.14 -40.29
C ALA A 301 -5.37 -13.43 -40.14
N ALA A 302 -4.67 -13.82 -41.19
CA ALA A 302 -3.94 -15.07 -41.14
C ALA A 302 -2.80 -15.07 -42.11
N LYS A 303 -1.99 -16.13 -42.04
CA LYS A 303 -0.97 -16.46 -43.05
C LYS A 303 -1.31 -17.82 -43.65
N LEU A 304 -1.77 -17.85 -44.89
CA LEU A 304 -2.31 -19.07 -45.45
C LEU A 304 -1.26 -20.08 -45.91
N SER A 305 -1.59 -21.36 -45.77
CA SER A 305 -0.72 -22.42 -46.21
C SER A 305 -0.54 -22.22 -47.69
N ASP A 306 0.53 -22.78 -48.24
CA ASP A 306 0.78 -22.67 -49.66
C ASP A 306 -0.33 -23.31 -50.45
N GLU A 307 -0.81 -24.45 -49.96
CA GLU A 307 -1.98 -25.08 -50.55
C GLU A 307 -3.11 -24.05 -50.74
N LYS A 308 -3.38 -23.24 -49.72
CA LYS A 308 -4.47 -22.29 -49.78
C LYS A 308 -4.07 -20.98 -50.48
N GLY A 309 -2.89 -20.96 -51.08
CA GLY A 309 -2.48 -19.81 -51.89
C GLY A 309 -1.39 -18.92 -51.33
N GLY A 310 -1.04 -19.12 -50.06
CA GLY A 310 0.02 -18.35 -49.44
C GLY A 310 -0.28 -16.88 -49.26
N GLY A 311 -1.53 -16.48 -49.53
CA GLY A 311 -1.94 -15.12 -49.25
C GLY A 311 -1.84 -14.81 -47.77
N SER A 312 -1.77 -13.54 -47.43
CA SER A 312 -1.74 -13.16 -46.02
C SER A 312 -2.61 -11.93 -45.76
N LEU A 313 -3.10 -11.82 -44.53
CA LEU A 313 -3.70 -10.58 -44.07
C LEU A 313 -3.07 -10.27 -42.73
N THR A 314 -2.42 -9.12 -42.63
CA THR A 314 -1.76 -8.71 -41.41
C THR A 314 -2.65 -7.65 -40.75
N ALA A 315 -2.73 -7.68 -39.43
CA ALA A 315 -3.60 -6.73 -38.75
C ALA A 315 -2.92 -5.97 -37.61
N LEU A 316 -3.09 -4.65 -37.61
CA LEU A 316 -2.62 -3.82 -36.51
C LEU A 316 -3.81 -3.24 -35.76
N PRO A 317 -4.33 -4.00 -34.80
CA PRO A 317 -5.42 -3.49 -33.99
C PRO A 317 -4.86 -2.36 -33.16
N PHE A 318 -5.69 -1.36 -32.85
CA PHE A 318 -5.33 -0.35 -31.87
C PHE A 318 -6.21 -0.54 -30.66
N ILE A 319 -5.60 -0.52 -29.49
CA ILE A 319 -6.36 -0.31 -28.28
C ILE A 319 -5.99 1.05 -27.71
N GLU A 320 -6.98 1.81 -27.28
CA GLU A 320 -6.66 3.08 -26.69
C GLU A 320 -6.84 3.02 -25.18
N THR A 321 -5.74 3.09 -24.45
CA THR A 321 -5.79 3.01 -23.02
C THR A 321 -6.12 4.37 -22.41
N GLN A 322 -6.56 4.34 -21.15
CA GLN A 322 -6.76 5.55 -20.38
C GLN A 322 -5.72 5.53 -19.29
N ALA A 323 -4.98 6.63 -19.12
CA ALA A 323 -4.00 6.72 -18.05
C ALA A 323 -3.04 5.54 -18.07
N GLY A 324 -2.78 5.04 -19.28
CA GLY A 324 -1.87 3.94 -19.46
C GLY A 324 -2.27 2.67 -18.77
N ASP A 325 -3.56 2.54 -18.47
CA ASP A 325 -4.08 1.34 -17.81
C ASP A 325 -4.20 0.21 -18.82
N VAL A 326 -3.18 -0.64 -18.85
CA VAL A 326 -3.08 -1.73 -19.83
C VAL A 326 -3.68 -2.98 -19.26
N SER A 327 -3.99 -2.93 -17.97
CA SER A 327 -4.54 -4.08 -17.25
C SER A 327 -6.06 -4.10 -17.36
N ALA A 328 -6.62 -3.08 -18.00
CA ALA A 328 -8.06 -2.99 -18.18
C ALA A 328 -8.60 -4.15 -18.98
N TYR A 329 -9.90 -4.35 -18.92
CA TYR A 329 -10.58 -5.47 -19.57
C TYR A 329 -10.30 -5.58 -21.06
N ILE A 330 -10.80 -4.64 -21.85
CA ILE A 330 -10.64 -4.71 -23.29
C ILE A 330 -9.17 -4.87 -23.71
N PRO A 331 -8.28 -4.04 -23.16
CA PRO A 331 -6.85 -4.19 -23.42
C PRO A 331 -6.35 -5.60 -23.18
N THR A 332 -6.54 -6.12 -21.97
CA THR A 332 -6.04 -7.46 -21.71
C THR A 332 -6.65 -8.50 -22.64
N ASN A 333 -7.87 -8.25 -23.10
CA ASN A 333 -8.53 -9.21 -23.98
C ASN A 333 -7.75 -9.30 -25.27
N VAL A 334 -7.71 -8.18 -25.96
CA VAL A 334 -7.09 -8.10 -27.26
C VAL A 334 -5.66 -8.57 -27.14
N ILE A 335 -5.03 -8.31 -25.99
CA ILE A 335 -3.67 -8.75 -25.80
C ILE A 335 -3.58 -10.26 -25.90
N SER A 336 -4.52 -10.94 -25.29
CA SER A 336 -4.53 -12.39 -25.30
C SER A 336 -5.07 -12.90 -26.63
N ILE A 337 -5.32 -11.99 -27.56
CA ILE A 337 -5.81 -12.40 -28.87
C ILE A 337 -4.69 -12.29 -29.92
N THR A 338 -4.07 -11.12 -29.98
CA THR A 338 -2.98 -10.83 -30.92
C THR A 338 -1.72 -11.65 -30.65
N ASP A 339 -0.67 -11.37 -31.41
CA ASP A 339 0.59 -12.12 -31.32
C ASP A 339 1.72 -11.24 -30.83
N GLY A 340 1.41 -10.33 -29.92
CA GLY A 340 2.41 -9.39 -29.46
C GLY A 340 1.79 -8.02 -29.46
N GLN A 341 2.44 -7.08 -28.79
CA GLN A 341 1.92 -5.74 -28.79
C GLN A 341 3.04 -4.74 -28.78
N ILE A 342 2.83 -3.64 -29.50
CA ILE A 342 3.67 -2.46 -29.37
C ILE A 342 3.02 -1.46 -28.39
N PHE A 343 3.63 -1.29 -27.22
CA PHE A 343 3.19 -0.31 -26.26
C PHE A 343 3.74 1.09 -26.54
N LEU A 344 2.88 2.10 -26.50
CA LEU A 344 3.30 3.48 -26.66
C LEU A 344 3.26 4.23 -25.32
N GLU A 345 4.41 4.43 -24.70
CA GLU A 345 4.50 5.19 -23.46
C GLU A 345 4.04 6.62 -23.67
N SER A 346 3.15 7.09 -22.82
CA SER A 346 2.72 8.48 -22.87
C SER A 346 3.86 9.39 -22.43
N ASP A 347 4.60 8.95 -21.41
CA ASP A 347 5.72 9.72 -20.90
C ASP A 347 6.68 10.08 -22.00
N LEU A 348 7.07 9.06 -22.77
CA LEU A 348 8.00 9.23 -23.87
C LEU A 348 7.51 10.26 -24.87
N PHE A 349 6.25 10.18 -25.26
CA PHE A 349 5.71 11.06 -26.29
C PHE A 349 5.72 12.53 -25.92
N TYR A 350 5.62 12.82 -24.63
CA TYR A 350 5.67 14.21 -24.22
C TYR A 350 7.07 14.56 -23.76
N SER A 351 7.99 13.65 -24.00
CA SER A 351 9.42 13.93 -23.93
C SER A 351 9.92 14.09 -25.35
N GLY A 352 8.98 14.25 -26.29
CA GLY A 352 9.33 14.40 -27.70
C GLY A 352 9.92 13.16 -28.33
N VAL A 353 10.23 12.15 -27.53
CA VAL A 353 10.73 10.88 -28.05
C VAL A 353 9.73 10.26 -29.01
N ARG A 354 10.15 9.99 -30.24
CA ARG A 354 9.27 9.42 -31.25
C ARG A 354 9.98 8.43 -32.15
N PRO A 355 9.35 7.28 -32.42
CA PRO A 355 8.02 6.97 -31.86
C PRO A 355 8.11 6.73 -30.37
N ALA A 356 7.02 6.99 -29.65
CA ALA A 356 7.05 6.86 -28.20
C ALA A 356 6.94 5.40 -27.81
N VAL A 357 7.68 4.54 -28.50
CA VAL A 357 7.60 3.11 -28.24
C VAL A 357 8.35 2.70 -26.99
N ASN A 358 7.74 1.82 -26.22
CA ASN A 358 8.37 1.26 -25.04
C ASN A 358 8.89 -0.12 -25.37
N VAL A 359 10.07 -0.15 -25.98
CA VAL A 359 10.69 -1.40 -26.43
C VAL A 359 10.82 -2.43 -25.32
N GLY A 360 10.94 -1.95 -24.10
CA GLY A 360 11.09 -2.84 -22.96
C GLY A 360 9.97 -3.83 -22.88
N ILE A 361 8.75 -3.33 -22.69
CA ILE A 361 7.60 -4.19 -22.47
C ILE A 361 6.90 -4.59 -23.78
N SER A 362 7.43 -4.10 -24.89
CA SER A 362 6.80 -4.28 -26.18
C SER A 362 7.37 -5.54 -26.85
N VAL A 363 6.54 -6.32 -27.54
CA VAL A 363 7.02 -7.57 -28.15
C VAL A 363 6.31 -8.07 -29.38
N SER A 364 7.02 -8.95 -30.09
CA SER A 364 6.49 -9.68 -31.22
C SER A 364 6.68 -11.14 -30.90
N ARG A 365 5.58 -11.86 -30.66
CA ARG A 365 5.64 -13.27 -30.32
C ARG A 365 6.13 -14.06 -31.52
N VAL A 366 5.83 -13.58 -32.72
CA VAL A 366 6.34 -14.15 -33.96
C VAL A 366 7.87 -14.05 -34.02
N GLY A 367 8.40 -12.92 -33.58
CA GLY A 367 9.83 -12.74 -33.46
C GLY A 367 10.56 -12.65 -34.79
N GLY A 368 11.86 -12.93 -34.74
CA GLY A 368 12.76 -12.79 -35.87
C GLY A 368 12.43 -13.74 -37.01
N ALA A 369 11.39 -14.55 -36.83
CA ALA A 369 10.90 -15.41 -37.89
C ALA A 369 10.46 -14.54 -39.06
N ALA A 370 9.97 -13.37 -38.73
CA ALA A 370 9.61 -12.40 -39.74
C ALA A 370 10.60 -11.27 -39.64
N GLN A 371 11.81 -11.54 -40.08
CA GLN A 371 12.92 -10.60 -39.94
C GLN A 371 14.09 -11.13 -40.76
N ILE A 372 14.47 -10.36 -41.78
CA ILE A 372 15.57 -10.77 -42.65
C ILE A 372 16.84 -11.04 -41.84
N LYS A 373 17.70 -11.92 -42.38
CA LYS A 373 18.90 -12.36 -41.69
C LYS A 373 19.77 -11.20 -41.23
N ALA A 374 19.98 -10.23 -42.12
CA ALA A 374 20.78 -9.05 -41.78
C ALA A 374 20.27 -8.35 -40.50
N MET A 375 18.99 -7.98 -40.49
CA MET A 375 18.41 -7.27 -39.37
C MET A 375 18.34 -8.19 -38.15
N LYS A 376 17.86 -9.41 -38.37
CA LYS A 376 17.78 -10.41 -37.31
C LYS A 376 19.11 -10.52 -36.59
N LYS A 377 20.19 -10.22 -37.31
CA LYS A 377 21.52 -10.24 -36.73
C LYS A 377 21.83 -8.96 -35.94
N VAL A 378 21.98 -7.84 -36.65
CA VAL A 378 22.36 -6.57 -36.03
C VAL A 378 21.45 -6.17 -34.86
N ALA A 379 20.21 -6.64 -34.87
CA ALA A 379 19.25 -6.35 -33.82
C ALA A 379 19.56 -7.20 -32.60
N GLY A 380 19.88 -8.47 -32.83
CA GLY A 380 20.08 -9.41 -31.75
C GLY A 380 20.83 -8.82 -30.58
N THR A 381 21.94 -8.17 -30.89
CA THR A 381 22.76 -7.54 -29.88
C THR A 381 22.04 -6.35 -29.25
N LEU A 382 21.39 -5.58 -30.10
CA LEU A 382 20.67 -4.36 -29.72
C LEU A 382 19.58 -4.58 -28.67
N ARG A 383 18.89 -5.72 -28.71
CA ARG A 383 17.94 -6.05 -27.66
C ARG A 383 18.64 -5.94 -26.31
N LEU A 384 19.75 -6.64 -26.18
CA LEU A 384 20.58 -6.60 -24.97
C LEU A 384 21.05 -5.18 -24.69
N ASP A 385 21.60 -4.55 -25.71
CA ASP A 385 22.24 -3.24 -25.59
C ASP A 385 21.47 -2.25 -24.71
N LEU A 386 20.25 -1.92 -25.08
CA LEU A 386 19.52 -0.93 -24.29
C LEU A 386 18.69 -1.56 -23.17
N ALA A 387 18.75 -2.88 -23.07
CA ALA A 387 18.22 -3.55 -21.89
C ALA A 387 19.11 -3.18 -20.71
N GLN A 388 20.42 -3.22 -20.94
CA GLN A 388 21.41 -2.82 -19.95
C GLN A 388 21.33 -1.33 -19.67
N TYR A 389 21.09 -0.56 -20.72
CA TYR A 389 20.98 0.89 -20.62
C TYR A 389 19.72 1.31 -19.85
N ARG A 390 18.79 0.39 -19.71
CA ARG A 390 17.56 0.64 -18.95
C ARG A 390 17.85 0.77 -17.45
N GLU A 391 18.67 -0.13 -16.95
CA GLU A 391 19.04 -0.16 -15.54
C GLU A 391 19.89 1.04 -15.18
N LEU A 392 21.02 1.16 -15.88
CA LEU A 392 21.97 2.24 -15.62
C LEU A 392 21.40 3.60 -16.01
N GLN A 393 20.24 3.59 -16.66
CA GLN A 393 19.54 4.81 -16.98
C GLN A 393 19.45 5.72 -15.75
N ALA A 394 19.14 5.11 -14.60
CA ALA A 394 18.92 5.83 -13.35
C ALA A 394 20.05 6.81 -13.01
N PHE A 395 21.27 6.44 -13.37
CA PHE A 395 22.45 7.27 -13.10
C PHE A 395 22.57 8.33 -14.18
N ALA A 396 21.45 8.97 -14.47
CA ALA A 396 21.30 9.88 -15.62
C ALA A 396 22.44 10.89 -15.77
N GLN A 397 22.31 12.04 -15.10
CA GLN A 397 23.28 13.10 -15.24
C GLN A 397 24.32 13.01 -14.13
N PHE A 398 24.91 11.83 -13.98
CA PHE A 398 25.94 11.59 -12.97
C PHE A 398 26.98 10.61 -13.48
N GLY A 399 27.75 11.03 -14.48
CA GLY A 399 28.78 10.18 -15.06
C GLY A 399 30.02 10.10 -14.20
N SER A 400 30.05 9.16 -13.25
CA SER A 400 31.12 9.08 -12.28
C SER A 400 31.81 7.72 -12.20
N ASP A 401 31.11 6.66 -12.57
CA ASP A 401 31.61 5.30 -12.35
C ASP A 401 32.87 4.96 -13.15
N LEU A 402 33.30 5.89 -13.99
CA LEU A 402 34.60 5.80 -14.65
C LEU A 402 34.69 4.74 -15.75
N ASP A 403 35.22 3.57 -15.40
CA ASP A 403 35.67 2.60 -16.40
C ASP A 403 34.92 1.26 -16.42
N LYS A 404 34.20 0.97 -15.34
CA LYS A 404 33.51 -0.32 -15.21
C LYS A 404 32.34 -0.49 -16.17
N ALA A 405 31.19 -0.90 -15.63
CA ALA A 405 29.95 -0.92 -16.40
C ALA A 405 29.49 0.53 -16.51
N THR A 406 30.27 1.32 -17.23
CA THR A 406 30.18 2.77 -17.15
C THR A 406 29.75 3.41 -18.46
N GLN A 407 30.61 4.29 -18.96
CA GLN A 407 30.39 4.93 -20.25
C GLN A 407 30.62 3.93 -21.38
N ALA A 408 30.98 2.69 -21.01
CA ALA A 408 31.06 1.60 -21.96
C ALA A 408 29.65 1.16 -22.31
N LYS A 409 28.87 0.84 -21.27
CA LYS A 409 27.48 0.50 -21.44
C LYS A 409 26.65 1.76 -21.60
N LEU A 410 26.56 2.52 -20.51
CA LEU A 410 25.71 3.70 -20.45
C LEU A 410 25.91 4.64 -21.62
N ASN A 411 27.12 5.15 -21.76
CA ASN A 411 27.39 6.16 -22.77
C ASN A 411 27.01 5.70 -24.17
N ARG A 412 27.23 4.43 -24.47
CA ARG A 412 26.89 3.89 -25.78
C ARG A 412 25.41 3.49 -25.89
N GLY A 413 24.74 3.42 -24.74
CA GLY A 413 23.30 3.22 -24.70
C GLY A 413 22.55 4.47 -25.11
N GLU A 414 23.02 5.61 -24.61
CA GLU A 414 22.49 6.91 -25.02
C GLU A 414 22.55 7.06 -26.53
N ARG A 415 23.56 6.45 -27.14
CA ARG A 415 23.75 6.55 -28.56
C ARG A 415 22.72 5.71 -29.31
N THR A 416 22.43 4.52 -28.79
CA THR A 416 21.47 3.64 -29.41
C THR A 416 20.08 4.27 -29.44
N VAL A 417 19.70 4.85 -28.31
CA VAL A 417 18.40 5.49 -28.14
C VAL A 417 18.20 6.62 -29.14
N GLU A 418 19.29 7.13 -29.67
CA GLU A 418 19.17 8.17 -30.68
C GLU A 418 18.80 7.60 -32.05
N ILE A 419 19.33 6.43 -32.40
CA ILE A 419 19.03 5.89 -33.72
C ILE A 419 17.64 5.27 -33.74
N LEU A 420 17.08 5.08 -32.54
CA LEU A 420 15.71 4.57 -32.46
C LEU A 420 14.71 5.66 -32.79
N LYS A 421 15.06 6.90 -32.41
CA LYS A 421 14.20 8.03 -32.70
C LYS A 421 14.04 8.14 -34.20
N GLN A 422 12.97 8.79 -34.63
CA GLN A 422 12.57 8.74 -36.03
C GLN A 422 11.39 9.65 -36.34
N ASP A 423 11.59 10.58 -37.27
CA ASP A 423 10.58 11.56 -37.65
C ASP A 423 9.28 10.92 -38.14
N GLU A 424 8.18 11.65 -37.97
CA GLU A 424 6.88 11.22 -38.47
C GLU A 424 6.91 11.09 -39.99
N HIS A 425 6.24 10.05 -40.49
CA HIS A 425 6.07 9.87 -41.92
C HIS A 425 7.40 9.76 -42.66
N LYS A 426 8.35 9.10 -42.02
CA LYS A 426 9.65 8.88 -42.62
C LYS A 426 10.04 7.43 -42.43
N PRO A 427 9.25 6.51 -43.01
CA PRO A 427 9.65 5.09 -42.99
C PRO A 427 11.02 4.92 -43.65
N MET A 428 11.88 4.10 -43.04
CA MET A 428 13.21 3.87 -43.56
C MET A 428 13.26 2.49 -44.13
N PRO A 429 13.80 2.33 -45.35
CA PRO A 429 13.95 1.02 -45.99
C PRO A 429 14.81 0.10 -45.14
N VAL A 430 14.47 -1.18 -45.07
CA VAL A 430 15.21 -2.11 -44.23
C VAL A 430 16.69 -1.89 -44.37
N GLU A 431 17.20 -1.97 -45.60
CA GLU A 431 18.62 -1.83 -45.87
C GLU A 431 19.22 -0.70 -45.05
N GLU A 432 18.67 0.50 -45.24
CA GLU A 432 19.14 1.69 -44.52
C GLU A 432 19.03 1.54 -42.99
N GLN A 433 17.90 1.00 -42.52
CA GLN A 433 17.77 0.69 -41.12
C GLN A 433 18.95 -0.16 -40.67
N VAL A 434 19.32 -1.16 -41.48
CA VAL A 434 20.25 -2.20 -41.04
C VAL A 434 21.67 -1.69 -40.92
N ILE A 435 22.07 -0.90 -41.90
CA ILE A 435 23.37 -0.24 -41.86
C ILE A 435 23.39 0.70 -40.66
N SER A 436 22.39 1.57 -40.59
CA SER A 436 22.29 2.50 -39.49
C SER A 436 22.43 1.82 -38.14
N ILE A 437 21.69 0.75 -37.92
CA ILE A 437 21.81 0.04 -36.66
C ILE A 437 23.23 -0.52 -36.49
N TYR A 438 23.71 -1.25 -37.49
CA TYR A 438 25.05 -1.84 -37.47
C TYR A 438 26.16 -0.83 -37.19
N ALA A 439 26.00 0.35 -37.78
CA ALA A 439 26.92 1.43 -37.50
C ALA A 439 27.06 1.65 -35.99
N VAL A 440 25.98 2.02 -35.32
CA VAL A 440 26.08 2.32 -33.90
C VAL A 440 26.43 1.10 -33.09
N THR A 441 25.84 -0.04 -33.44
CA THR A 441 25.97 -1.25 -32.63
C THR A 441 27.40 -1.78 -32.66
N ASN A 442 28.14 -1.43 -33.70
CA ASN A 442 29.54 -1.80 -33.81
C ASN A 442 30.48 -0.67 -33.39
N GLY A 443 29.95 0.27 -32.61
CA GLY A 443 30.75 1.29 -31.96
C GLY A 443 31.20 2.45 -32.83
N PHE A 444 30.70 2.49 -34.06
CA PHE A 444 31.12 3.54 -34.98
C PHE A 444 30.60 4.91 -34.58
N MET A 445 29.81 4.95 -33.51
CA MET A 445 29.25 6.20 -33.05
C MET A 445 29.90 6.59 -31.73
N ASP A 446 30.65 5.66 -31.15
CA ASP A 446 31.16 5.82 -29.80
C ASP A 446 32.16 6.95 -29.65
N ASP A 447 32.99 7.16 -30.68
CA ASP A 447 33.92 8.28 -30.70
C ASP A 447 33.16 9.55 -31.07
N ILE A 448 31.98 9.38 -31.64
CA ILE A 448 31.09 10.47 -32.02
C ILE A 448 30.25 10.89 -30.80
N PRO A 449 29.84 12.16 -30.77
CA PRO A 449 29.06 12.75 -29.66
C PRO A 449 27.73 12.05 -29.41
N VAL A 450 26.78 12.76 -28.79
CA VAL A 450 25.43 12.22 -28.61
C VAL A 450 24.36 13.14 -29.20
N GLU A 451 24.56 14.45 -29.09
CA GLU A 451 23.75 15.40 -29.84
C GLU A 451 24.09 15.29 -31.33
N ASP A 452 25.05 14.43 -31.64
CA ASP A 452 25.52 14.27 -33.01
C ASP A 452 25.15 12.92 -33.64
N VAL A 453 24.47 12.06 -32.89
CA VAL A 453 24.17 10.73 -33.39
C VAL A 453 23.15 10.79 -34.53
N ARG A 454 22.09 11.54 -34.31
CA ARG A 454 20.99 11.60 -35.27
C ARG A 454 21.43 12.01 -36.67
N ARG A 455 22.26 13.04 -36.74
CA ARG A 455 22.74 13.54 -38.04
C ARG A 455 23.76 12.60 -38.67
N PHE A 456 24.66 12.07 -37.84
CA PHE A 456 25.67 11.11 -38.28
C PHE A 456 25.02 9.88 -38.93
N GLU A 457 23.78 9.60 -38.55
CA GLU A 457 23.02 8.51 -39.15
C GLU A 457 22.42 8.97 -40.47
N GLU A 458 21.76 10.12 -40.42
CA GLU A 458 21.09 10.64 -41.60
C GLU A 458 22.08 10.83 -42.72
N GLU A 459 23.29 11.21 -42.35
CA GLU A 459 24.34 11.50 -43.33
C GLU A 459 25.16 10.27 -43.70
N LEU A 460 25.15 9.26 -42.84
CA LEU A 460 25.84 8.01 -43.14
C LEU A 460 25.11 7.32 -44.28
N LEU A 461 23.79 7.31 -44.19
CA LEU A 461 22.93 6.64 -45.17
C LEU A 461 22.95 7.34 -46.53
N SER A 462 22.75 8.65 -46.52
CA SER A 462 22.82 9.43 -47.75
C SER A 462 24.14 9.20 -48.49
N PHE A 463 25.18 8.85 -47.73
CA PHE A 463 26.52 8.57 -48.24
C PHE A 463 26.55 7.22 -48.97
N MET A 464 25.82 6.25 -48.43
CA MET A 464 25.73 4.91 -49.01
C MET A 464 24.85 4.91 -50.25
N ARG A 465 23.71 5.58 -50.16
CA ARG A 465 22.73 5.55 -51.22
C ARG A 465 23.32 6.00 -52.55
N ALA A 466 24.33 6.87 -52.46
CA ALA A 466 24.97 7.44 -53.64
C ALA A 466 26.31 6.79 -53.95
N ASN A 467 26.90 6.12 -52.96
CA ASN A 467 28.21 5.53 -53.15
C ASN A 467 28.23 4.02 -52.97
N LYS A 468 28.01 3.58 -51.74
CA LYS A 468 28.11 2.17 -51.39
C LYS A 468 26.82 1.40 -51.67
N ASP A 469 26.12 1.75 -52.75
CA ASP A 469 24.89 1.06 -53.08
C ASP A 469 25.12 -0.43 -53.28
N SER A 470 26.33 -0.78 -53.67
CA SER A 470 26.72 -2.19 -53.79
C SER A 470 26.31 -2.92 -52.52
N LEU A 471 26.73 -2.36 -51.38
CA LEU A 471 26.44 -2.93 -50.07
C LEU A 471 24.95 -2.94 -49.78
N LEU A 472 24.29 -1.84 -50.13
CA LEU A 472 22.86 -1.69 -49.90
C LEU A 472 22.03 -2.69 -50.72
N ASP A 473 22.30 -2.75 -52.02
CA ASP A 473 21.52 -3.65 -52.87
C ASP A 473 21.81 -5.08 -52.51
N HIS A 474 22.99 -5.31 -51.95
CA HIS A 474 23.35 -6.65 -51.50
C HIS A 474 22.40 -7.14 -50.44
N ILE A 475 21.88 -6.21 -49.65
CA ILE A 475 20.93 -6.50 -48.59
C ILE A 475 19.51 -6.57 -49.15
N ARG A 476 19.25 -5.85 -50.23
CA ARG A 476 17.97 -5.98 -50.91
C ARG A 476 17.84 -7.33 -51.61
N GLN A 477 18.97 -7.98 -51.88
CA GLN A 477 18.97 -9.30 -52.50
C GLN A 477 19.45 -10.33 -51.49
N THR A 478 18.57 -11.26 -51.12
CA THR A 478 18.82 -12.15 -49.98
C THR A 478 19.65 -11.41 -48.94
N GLY A 479 18.97 -10.54 -48.21
CA GLY A 479 19.62 -9.56 -47.36
C GLY A 479 20.18 -10.09 -46.05
N GLU A 480 21.48 -10.42 -46.06
CA GLU A 480 22.14 -10.78 -44.83
C GLU A 480 23.29 -9.82 -44.54
N LEU A 481 23.49 -8.88 -45.47
CA LEU A 481 24.40 -7.76 -45.25
C LEU A 481 25.87 -7.99 -45.66
N PRO A 482 26.37 -9.23 -45.54
CA PRO A 482 27.77 -9.60 -45.30
C PRO A 482 28.82 -8.65 -45.86
N ASP A 483 29.87 -9.24 -46.42
CA ASP A 483 31.05 -8.49 -46.82
C ASP A 483 31.44 -7.52 -45.71
N THR A 484 31.31 -7.98 -44.48
CA THR A 484 31.70 -7.18 -43.32
C THR A 484 33.20 -6.94 -43.40
N LYS A 485 33.67 -5.95 -42.66
CA LYS A 485 35.07 -5.49 -42.76
C LYS A 485 35.24 -4.64 -44.02
N GLU A 486 34.68 -5.10 -45.13
CA GLU A 486 34.52 -4.24 -46.29
C GLU A 486 33.47 -3.22 -45.92
N LEU A 487 32.48 -3.70 -45.15
CA LEU A 487 31.42 -2.86 -44.60
C LEU A 487 32.04 -1.86 -43.64
N ASP A 488 32.84 -2.37 -42.70
CA ASP A 488 33.47 -1.53 -41.68
C ASP A 488 34.38 -0.51 -42.35
N ALA A 489 35.07 -0.94 -43.41
CA ALA A 489 35.93 -0.06 -44.18
C ALA A 489 35.12 1.03 -44.87
N ALA A 490 34.12 0.61 -45.62
CA ALA A 490 33.18 1.53 -46.27
C ALA A 490 32.61 2.55 -45.27
N ILE A 491 32.30 2.08 -44.06
CA ILE A 491 31.83 3.00 -43.04
C ILE A 491 32.94 3.98 -42.68
N GLU A 492 34.11 3.45 -42.34
CA GLU A 492 35.21 4.28 -41.86
C GLU A 492 35.65 5.31 -42.90
N GLU A 493 35.36 5.03 -44.18
CA GLU A 493 35.66 5.96 -45.26
C GLU A 493 34.63 7.09 -45.33
N PHE A 494 33.65 7.04 -44.44
CA PHE A 494 32.71 8.12 -44.23
C PHE A 494 32.93 8.60 -42.81
N LYS A 495 33.37 7.66 -41.98
CA LYS A 495 33.64 7.90 -40.57
C LYS A 495 34.78 8.90 -40.39
N LYS A 496 35.45 8.79 -39.25
CA LYS A 496 36.47 9.74 -38.85
C LYS A 496 35.80 11.03 -38.40
N GLY A 497 34.46 11.01 -38.41
CA GLY A 497 33.66 12.17 -38.05
C GLY A 497 33.81 13.31 -39.04
N PHE A 498 34.95 14.00 -38.94
CA PHE A 498 35.27 15.22 -39.68
C PHE A 498 34.24 16.37 -39.54
N THR A 499 33.25 16.17 -38.68
CA THR A 499 32.28 17.24 -38.38
C THR A 499 31.45 16.98 -37.11
N PRO A 500 32.12 16.64 -36.00
CA PRO A 500 31.42 16.44 -34.73
C PRO A 500 31.25 17.74 -33.93
N GLU B 27 -53.14 -34.69 -7.88
CA GLU B 27 -52.37 -35.92 -8.05
C GLU B 27 -51.42 -35.89 -9.24
N VAL B 28 -51.97 -35.79 -10.45
CA VAL B 28 -51.15 -35.73 -11.65
C VAL B 28 -51.13 -34.37 -12.36
N GLY B 29 -49.94 -33.81 -12.51
CA GLY B 29 -49.73 -32.59 -13.28
C GLY B 29 -48.93 -32.91 -14.53
N THR B 30 -48.54 -31.88 -15.26
CA THR B 30 -47.78 -32.08 -16.49
C THR B 30 -46.94 -30.85 -16.84
N VAL B 31 -45.70 -31.11 -17.27
CA VAL B 31 -44.71 -30.09 -17.56
C VAL B 31 -45.08 -29.27 -18.79
N ILE B 32 -44.98 -27.95 -18.66
CA ILE B 32 -45.28 -27.06 -19.78
C ILE B 32 -44.05 -26.26 -20.26
N GLN B 33 -43.08 -26.04 -19.38
CA GLN B 33 -41.79 -25.48 -19.77
C GLN B 33 -40.74 -26.04 -18.84
N VAL B 34 -39.61 -26.48 -19.40
CA VAL B 34 -38.49 -26.93 -18.57
C VAL B 34 -37.23 -26.25 -19.06
N GLY B 35 -36.35 -25.92 -18.13
CA GLY B 35 -35.08 -25.35 -18.52
C GLY B 35 -34.12 -25.28 -17.37
N ASP B 36 -32.88 -25.70 -17.61
CA ASP B 36 -31.83 -25.60 -16.63
C ASP B 36 -32.25 -26.34 -15.39
N GLY B 37 -33.09 -27.35 -15.57
CA GLY B 37 -33.51 -28.22 -14.50
C GLY B 37 -34.64 -27.66 -13.65
N ILE B 38 -35.25 -26.58 -14.12
CA ILE B 38 -36.38 -25.97 -13.44
C ILE B 38 -37.61 -26.08 -14.35
N ALA B 39 -38.72 -26.57 -13.80
CA ALA B 39 -39.92 -26.79 -14.60
C ALA B 39 -41.18 -26.05 -14.11
N ARG B 40 -42.00 -25.56 -15.05
CA ARG B 40 -43.35 -25.07 -14.74
C ARG B 40 -44.32 -26.22 -15.03
N VAL B 41 -44.79 -26.85 -13.97
CA VAL B 41 -45.73 -27.95 -14.10
C VAL B 41 -47.14 -27.42 -13.94
N HIS B 42 -48.09 -27.99 -14.69
CA HIS B 42 -49.48 -27.57 -14.60
C HIS B 42 -50.46 -28.64 -14.09
N GLY B 43 -51.30 -28.24 -13.15
CA GLY B 43 -52.41 -29.08 -12.76
C GLY B 43 -52.10 -29.99 -11.61
N LEU B 44 -51.23 -29.53 -10.72
CA LEU B 44 -50.98 -30.28 -9.50
C LEU B 44 -51.73 -29.62 -8.39
N GLU B 45 -53.00 -29.31 -8.67
CA GLU B 45 -53.88 -28.47 -7.84
C GLU B 45 -53.60 -28.48 -6.35
N LYS B 46 -53.63 -29.65 -5.74
CA LYS B 46 -53.46 -29.69 -4.29
C LYS B 46 -52.06 -30.05 -3.79
N VAL B 47 -51.02 -29.83 -4.59
CA VAL B 47 -49.69 -30.06 -4.07
C VAL B 47 -49.45 -29.08 -2.93
N MET B 48 -48.63 -29.50 -1.98
CA MET B 48 -48.19 -28.66 -0.90
C MET B 48 -46.86 -28.05 -1.28
N ALA B 49 -46.58 -26.88 -0.73
CA ALA B 49 -45.30 -26.26 -0.87
C ALA B 49 -44.23 -27.19 -0.31
N GLY B 50 -43.28 -27.54 -1.16
CA GLY B 50 -42.15 -28.34 -0.77
C GLY B 50 -42.42 -29.81 -0.80
N GLU B 51 -43.46 -30.18 -1.55
CA GLU B 51 -43.84 -31.58 -1.68
C GLU B 51 -42.95 -32.30 -2.66
N LEU B 52 -42.54 -33.49 -2.29
CA LEU B 52 -41.83 -34.36 -3.18
C LEU B 52 -42.71 -34.77 -4.36
N LEU B 53 -42.19 -34.70 -5.58
CA LEU B 53 -42.93 -35.11 -6.76
C LEU B 53 -42.12 -36.14 -7.57
N GLU B 54 -42.81 -37.02 -8.29
CA GLU B 54 -42.12 -37.97 -9.17
C GLU B 54 -42.50 -37.81 -10.63
N PHE B 55 -41.51 -37.73 -11.50
CA PHE B 55 -41.75 -37.56 -12.92
C PHE B 55 -41.92 -38.93 -13.57
N GLU B 56 -42.56 -38.94 -14.73
CA GLU B 56 -42.82 -40.14 -15.52
C GLU B 56 -41.69 -41.14 -15.42
N ASN B 57 -40.47 -40.64 -15.53
CA ASN B 57 -39.29 -41.48 -15.66
C ASN B 57 -38.64 -41.81 -14.35
N GLY B 58 -39.35 -41.53 -13.25
CA GLY B 58 -38.91 -41.90 -11.92
C GLY B 58 -38.03 -40.86 -11.26
N VAL B 59 -37.61 -39.85 -12.01
CA VAL B 59 -36.86 -38.75 -11.43
C VAL B 59 -37.72 -37.94 -10.50
N MET B 60 -37.18 -37.56 -9.35
CA MET B 60 -37.91 -36.77 -8.36
C MET B 60 -37.76 -35.27 -8.56
N GLY B 61 -38.74 -34.54 -8.08
CA GLY B 61 -38.75 -33.09 -8.14
C GLY B 61 -39.32 -32.62 -6.83
N MET B 62 -39.26 -31.31 -6.56
CA MET B 62 -39.93 -30.80 -5.39
C MET B 62 -40.73 -29.58 -5.78
N ALA B 63 -41.93 -29.46 -5.21
CA ALA B 63 -42.75 -28.30 -5.48
C ALA B 63 -42.10 -27.14 -4.75
N GLN B 64 -41.54 -26.22 -5.52
CA GLN B 64 -40.78 -25.13 -4.96
C GLN B 64 -41.76 -24.01 -4.78
N ASN B 65 -42.43 -23.64 -5.86
CA ASN B 65 -43.36 -22.54 -5.80
C ASN B 65 -44.70 -23.02 -6.24
N LEU B 66 -45.74 -22.45 -5.63
CA LEU B 66 -47.11 -22.65 -6.09
C LEU B 66 -47.53 -21.35 -6.73
N GLU B 67 -47.15 -21.18 -8.00
CA GLU B 67 -47.56 -20.01 -8.75
C GLU B 67 -49.05 -20.10 -8.83
N GLU B 68 -49.69 -19.01 -9.21
CA GLU B 68 -51.14 -18.93 -9.17
C GLU B 68 -51.82 -20.08 -9.92
N ASP B 69 -51.36 -20.32 -11.14
CA ASP B 69 -52.00 -21.29 -12.02
C ASP B 69 -51.03 -22.34 -12.52
N ASN B 70 -49.94 -22.53 -11.77
CA ASN B 70 -49.00 -23.60 -12.03
C ASN B 70 -47.98 -23.73 -10.91
N VAL B 71 -47.35 -24.88 -10.82
CA VAL B 71 -46.34 -25.14 -9.80
C VAL B 71 -44.94 -25.05 -10.39
N GLY B 72 -44.02 -24.47 -9.63
CA GLY B 72 -42.65 -24.41 -10.03
C GLY B 72 -42.00 -25.61 -9.40
N VAL B 73 -41.58 -26.56 -10.22
CA VAL B 73 -40.95 -27.77 -9.73
C VAL B 73 -39.49 -27.75 -10.03
N VAL B 74 -38.69 -28.12 -9.05
CA VAL B 74 -37.25 -28.22 -9.21
C VAL B 74 -36.89 -29.69 -9.38
N ILE B 75 -36.44 -30.03 -10.57
CA ILE B 75 -35.96 -31.38 -10.88
C ILE B 75 -34.73 -31.73 -10.04
N LEU B 76 -34.78 -32.87 -9.38
CA LEU B 76 -33.73 -33.23 -8.44
C LEU B 76 -32.82 -34.37 -8.93
N GLY B 77 -32.56 -34.42 -10.23
CA GLY B 77 -31.83 -35.53 -10.78
C GLY B 77 -31.82 -35.28 -12.26
N PRO B 78 -31.47 -36.29 -13.04
CA PRO B 78 -31.32 -36.21 -14.49
C PRO B 78 -32.44 -35.47 -15.16
N TYR B 79 -32.14 -34.28 -15.68
CA TYR B 79 -33.14 -33.35 -16.17
C TYR B 79 -33.35 -33.47 -17.65
N THR B 80 -32.60 -34.37 -18.26
CA THR B 80 -32.44 -34.43 -19.71
C THR B 80 -33.63 -35.08 -20.41
N GLU B 81 -34.13 -36.18 -19.85
CA GLU B 81 -35.28 -36.86 -20.44
C GLU B 81 -36.61 -36.27 -19.97
N ILE B 82 -36.54 -35.21 -19.19
CA ILE B 82 -37.71 -34.48 -18.76
C ILE B 82 -37.91 -33.32 -19.71
N ARG B 83 -38.93 -33.42 -20.54
CA ARG B 83 -39.19 -32.37 -21.50
C ARG B 83 -40.64 -31.92 -21.36
N GLU B 84 -41.07 -30.96 -22.16
CA GLU B 84 -42.45 -30.49 -22.08
C GLU B 84 -43.41 -31.63 -22.36
N GLY B 85 -44.54 -31.62 -21.67
CA GLY B 85 -45.54 -32.64 -21.83
C GLY B 85 -45.30 -33.82 -20.91
N THR B 86 -44.16 -33.81 -20.25
CA THR B 86 -43.86 -34.88 -19.31
C THR B 86 -44.79 -34.81 -18.10
N GLN B 87 -45.27 -35.96 -17.64
CA GLN B 87 -46.22 -36.03 -16.54
C GLN B 87 -45.53 -36.05 -15.18
N VAL B 88 -46.12 -35.38 -14.22
CA VAL B 88 -45.59 -35.35 -12.85
C VAL B 88 -46.66 -35.89 -11.91
N LYS B 89 -46.24 -36.66 -10.93
CA LYS B 89 -47.15 -37.27 -9.99
C LYS B 89 -46.91 -36.67 -8.61
N ARG B 90 -47.96 -36.57 -7.80
CA ARG B 90 -47.78 -36.18 -6.41
C ARG B 90 -47.31 -37.34 -5.58
N THR B 91 -46.62 -37.03 -4.51
CA THR B 91 -46.07 -38.02 -3.63
C THR B 91 -46.85 -37.98 -2.34
N GLY B 92 -47.43 -36.83 -2.06
CA GLY B 92 -48.16 -36.61 -0.82
C GLY B 92 -47.25 -36.39 0.36
N ARG B 93 -45.93 -36.38 0.13
CA ARG B 93 -44.97 -36.18 1.20
C ARG B 93 -44.16 -34.90 1.00
N ILE B 94 -43.96 -34.14 2.07
CA ILE B 94 -43.08 -32.96 2.03
C ILE B 94 -41.67 -33.48 2.00
N MET B 95 -40.75 -32.69 1.46
CA MET B 95 -39.37 -33.13 1.31
C MET B 95 -38.89 -33.90 2.54
N GLU B 96 -38.50 -35.15 2.31
CA GLU B 96 -38.12 -36.03 3.39
C GLU B 96 -37.11 -37.05 2.89
N VAL B 97 -36.38 -37.66 3.82
CA VAL B 97 -35.37 -38.66 3.48
C VAL B 97 -35.43 -39.87 4.40
N PRO B 98 -35.09 -41.06 3.86
CA PRO B 98 -34.88 -42.26 4.66
C PRO B 98 -34.03 -41.89 5.86
N VAL B 99 -34.29 -42.49 7.01
CA VAL B 99 -33.59 -42.12 8.23
C VAL B 99 -33.52 -43.34 9.15
N GLY B 100 -32.45 -43.45 9.92
CA GLY B 100 -32.36 -44.54 10.88
C GLY B 100 -31.13 -45.40 10.74
N GLU B 101 -30.93 -46.34 11.65
CA GLU B 101 -29.75 -47.19 11.67
C GLU B 101 -29.61 -48.01 10.40
N ALA B 102 -30.68 -48.03 9.62
CA ALA B 102 -30.68 -48.74 8.35
C ALA B 102 -29.72 -48.11 7.34
N LEU B 103 -29.23 -46.92 7.67
CA LEU B 103 -28.37 -46.17 6.75
C LEU B 103 -26.89 -46.28 7.07
N LEU B 104 -26.57 -46.56 8.33
CA LEU B 104 -25.19 -46.71 8.73
C LEU B 104 -24.46 -47.58 7.74
N GLY B 105 -23.38 -47.08 7.18
CA GLY B 105 -22.60 -47.89 6.28
C GLY B 105 -22.97 -47.73 4.82
N ARG B 106 -24.05 -47.02 4.54
CA ARG B 106 -24.48 -46.91 3.14
C ARG B 106 -24.15 -45.55 2.54
N VAL B 107 -23.80 -45.57 1.25
CA VAL B 107 -23.50 -44.32 0.55
C VAL B 107 -24.74 -43.90 -0.23
N VAL B 108 -25.16 -42.69 -0.01
CA VAL B 108 -26.49 -42.28 -0.39
C VAL B 108 -26.46 -40.85 -0.96
N ASN B 109 -27.43 -40.48 -1.77
CA ASN B 109 -27.55 -39.09 -2.14
C ASN B 109 -28.61 -38.42 -1.29
N PRO B 110 -28.82 -37.10 -1.46
CA PRO B 110 -29.69 -36.39 -0.51
C PRO B 110 -31.15 -36.84 -0.50
N LEU B 111 -31.62 -37.49 -1.56
CA LEU B 111 -32.95 -38.07 -1.55
C LEU B 111 -32.98 -39.34 -0.75
N GLY B 112 -31.79 -39.89 -0.49
CA GLY B 112 -31.60 -41.05 0.34
C GLY B 112 -31.46 -42.27 -0.52
N GLN B 113 -31.40 -42.09 -1.84
CA GLN B 113 -31.27 -43.27 -2.69
C GLN B 113 -29.83 -43.71 -2.73
N PRO B 114 -29.61 -45.03 -2.67
CA PRO B 114 -28.31 -45.66 -2.49
C PRO B 114 -27.44 -45.48 -3.72
N LEU B 115 -26.13 -45.29 -3.51
CA LEU B 115 -25.19 -45.11 -4.60
C LEU B 115 -24.10 -46.18 -4.60
N ASP B 116 -24.00 -46.92 -3.51
CA ASP B 116 -22.97 -47.93 -3.39
C ASP B 116 -23.40 -49.31 -3.90
N GLY B 117 -24.60 -49.37 -4.48
CA GLY B 117 -25.17 -50.61 -4.99
C GLY B 117 -25.30 -51.77 -4.00
N ARG B 118 -25.42 -51.45 -2.71
CA ARG B 118 -25.55 -52.50 -1.71
C ARG B 118 -27.01 -52.77 -1.35
N GLY B 119 -27.88 -52.64 -2.35
CA GLY B 119 -29.26 -53.01 -2.18
C GLY B 119 -30.13 -51.78 -2.12
N PRO B 120 -31.36 -51.92 -1.59
CA PRO B 120 -32.24 -50.83 -1.18
C PRO B 120 -31.89 -50.43 0.24
N ILE B 121 -32.39 -49.30 0.71
CA ILE B 121 -32.33 -49.02 2.14
C ILE B 121 -33.61 -49.52 2.84
N GLU B 122 -33.48 -50.57 3.64
CA GLU B 122 -34.65 -51.16 4.28
C GLU B 122 -35.01 -50.42 5.57
N THR B 123 -35.70 -49.29 5.42
CA THR B 123 -36.21 -48.56 6.57
C THR B 123 -37.61 -48.02 6.31
N ALA B 124 -38.32 -47.70 7.39
CA ALA B 124 -39.65 -47.14 7.24
C ALA B 124 -39.77 -45.83 7.98
N GLU B 125 -38.68 -45.38 8.56
CA GLU B 125 -38.68 -44.10 9.26
C GLU B 125 -38.05 -42.97 8.45
N TYR B 126 -38.80 -41.91 8.22
CA TYR B 126 -38.32 -40.77 7.44
C TYR B 126 -38.31 -39.51 8.28
N ARG B 127 -37.79 -38.43 7.70
CA ARG B 127 -37.70 -37.12 8.33
C ARG B 127 -37.65 -36.06 7.25
N PRO B 128 -38.20 -34.88 7.54
CA PRO B 128 -38.22 -33.80 6.55
C PRO B 128 -36.82 -33.22 6.48
N ILE B 129 -36.38 -32.82 5.29
CA ILE B 129 -35.03 -32.27 5.17
C ILE B 129 -35.07 -30.87 5.74
N GLU B 130 -36.25 -30.25 5.75
CA GLU B 130 -36.41 -29.00 6.51
C GLU B 130 -37.26 -29.20 7.75
N SER B 131 -36.67 -28.97 8.91
CA SER B 131 -37.44 -28.97 10.14
C SER B 131 -36.86 -27.94 11.13
N PRO B 132 -37.66 -27.49 12.10
CA PRO B 132 -37.30 -26.52 13.14
C PRO B 132 -36.07 -26.93 13.94
N ALA B 133 -35.33 -25.93 14.40
CA ALA B 133 -34.18 -26.16 15.26
C ALA B 133 -34.67 -26.14 16.68
N PRO B 134 -33.98 -26.83 17.59
CA PRO B 134 -34.29 -26.84 19.02
C PRO B 134 -34.37 -25.44 19.59
N GLY B 135 -35.47 -25.11 20.26
CA GLY B 135 -35.66 -23.75 20.78
C GLY B 135 -34.66 -23.40 21.84
N VAL B 136 -34.67 -22.16 22.33
CA VAL B 136 -33.67 -21.78 23.32
C VAL B 136 -33.91 -22.52 24.63
N MET B 137 -35.07 -23.17 24.74
CA MET B 137 -35.41 -23.89 25.95
C MET B 137 -35.23 -25.40 25.82
N ASP B 138 -34.90 -25.86 24.62
CA ASP B 138 -34.77 -27.29 24.37
C ASP B 138 -33.34 -27.74 24.59
N ARG B 139 -32.47 -26.78 24.92
CA ARG B 139 -31.06 -27.04 24.91
C ARG B 139 -30.43 -26.90 26.27
N LYS B 140 -29.23 -27.48 26.39
CA LYS B 140 -28.40 -27.29 27.56
C LYS B 140 -26.98 -27.13 27.08
N SER B 141 -26.14 -26.46 27.86
CA SER B 141 -24.79 -26.14 27.42
C SER B 141 -23.91 -27.35 27.13
N VAL B 142 -23.14 -27.26 26.04
CA VAL B 142 -22.24 -28.32 25.62
C VAL B 142 -21.23 -28.63 26.72
N HIS B 143 -21.14 -29.90 27.10
CA HIS B 143 -20.30 -30.29 28.21
C HIS B 143 -19.57 -31.61 27.99
N GLU B 144 -20.03 -32.40 27.03
CA GLU B 144 -19.44 -33.71 26.74
C GLU B 144 -18.43 -33.64 25.58
N PRO B 145 -17.21 -34.13 25.80
CA PRO B 145 -16.16 -33.94 24.80
C PRO B 145 -16.37 -34.82 23.56
N LEU B 146 -16.12 -34.27 22.38
CA LEU B 146 -16.12 -35.05 21.16
C LEU B 146 -14.68 -35.18 20.70
N GLN B 147 -14.00 -36.22 21.15
CA GLN B 147 -12.58 -36.35 20.85
C GLN B 147 -12.37 -36.58 19.37
N THR B 148 -11.63 -35.69 18.73
CA THR B 148 -11.29 -35.85 17.31
C THR B 148 -10.13 -36.82 17.11
N GLY B 149 -9.39 -37.05 18.18
CA GLY B 149 -8.24 -37.93 18.14
C GLY B 149 -7.03 -37.12 17.75
N ILE B 150 -7.27 -35.94 17.19
CA ILE B 150 -6.19 -35.07 16.76
C ILE B 150 -5.68 -34.24 17.94
N LYS B 151 -4.39 -34.39 18.24
CA LYS B 151 -3.76 -33.72 19.36
C LYS B 151 -4.02 -32.23 19.33
N ALA B 152 -3.72 -31.60 18.20
CA ALA B 152 -3.80 -30.14 18.09
C ALA B 152 -5.18 -29.59 18.39
N ILE B 153 -6.21 -30.36 18.03
CA ILE B 153 -7.60 -29.94 18.19
C ILE B 153 -8.17 -30.32 19.55
N ASP B 154 -7.81 -31.50 20.04
CA ASP B 154 -8.37 -31.99 21.28
C ASP B 154 -7.80 -31.25 22.49
N SER B 155 -6.66 -30.60 22.30
CA SER B 155 -5.99 -29.89 23.40
C SER B 155 -6.28 -28.41 23.38
N MET B 156 -6.13 -27.82 22.20
CA MET B 156 -6.55 -26.46 21.94
C MET B 156 -7.57 -26.58 20.83
N ILE B 157 -8.61 -25.77 20.89
CA ILE B 157 -9.76 -25.94 19.99
C ILE B 157 -10.59 -27.20 20.24
N PRO B 158 -10.79 -27.60 21.51
CA PRO B 158 -11.56 -28.80 21.89
C PRO B 158 -13.03 -28.75 21.49
N ILE B 159 -13.58 -29.81 20.91
CA ILE B 159 -14.95 -29.81 20.42
C ILE B 159 -15.89 -30.61 21.30
N GLY B 160 -17.02 -30.01 21.68
CA GLY B 160 -18.00 -30.69 22.50
C GLY B 160 -19.15 -31.23 21.66
N ARG B 161 -19.97 -32.08 22.26
CA ARG B 161 -21.12 -32.64 21.56
C ARG B 161 -22.25 -31.64 21.56
N GLY B 162 -22.75 -31.33 20.37
CA GLY B 162 -23.84 -30.37 20.21
C GLY B 162 -23.26 -29.07 19.73
N GLN B 163 -21.96 -29.08 19.48
CA GLN B 163 -21.23 -27.90 19.06
C GLN B 163 -21.24 -27.75 17.54
N ARG B 164 -21.14 -26.52 17.08
CA ARG B 164 -20.86 -26.30 15.66
C ARG B 164 -19.46 -25.73 15.51
N GLU B 165 -18.52 -26.53 15.02
CA GLU B 165 -17.14 -26.09 14.91
C GLU B 165 -16.75 -25.98 13.45
N LEU B 166 -16.46 -24.77 13.00
CA LEU B 166 -16.12 -24.54 11.59
C LEU B 166 -14.73 -25.04 11.26
N ILE B 167 -14.58 -25.71 10.12
CA ILE B 167 -13.26 -26.09 9.68
C ILE B 167 -13.06 -25.39 8.38
N ILE B 168 -12.14 -24.44 8.38
CA ILE B 168 -11.99 -23.54 7.23
C ILE B 168 -10.55 -23.52 6.68
N GLY B 169 -10.40 -23.52 5.37
CA GLY B 169 -9.08 -23.50 4.75
C GLY B 169 -9.09 -23.58 3.24
N ASP B 170 -7.95 -23.29 2.61
CA ASP B 170 -7.81 -23.39 1.15
C ASP B 170 -7.98 -24.82 0.71
N ARG B 171 -8.14 -25.02 -0.59
CA ARG B 171 -8.15 -26.37 -1.13
C ARG B 171 -6.81 -27.03 -0.83
N GLN B 172 -6.81 -28.35 -0.64
CA GLN B 172 -5.59 -29.09 -0.34
C GLN B 172 -4.86 -28.52 0.87
N THR B 173 -5.57 -28.42 1.98
CA THR B 173 -4.94 -28.19 3.28
C THR B 173 -5.33 -29.26 4.29
N GLY B 174 -6.09 -30.24 3.81
CA GLY B 174 -6.41 -31.43 4.58
C GLY B 174 -7.63 -31.32 5.47
N LYS B 175 -8.63 -30.55 5.03
CA LYS B 175 -9.91 -30.49 5.73
C LYS B 175 -10.56 -31.87 5.80
N THR B 176 -10.78 -32.47 4.65
CA THR B 176 -11.45 -33.75 4.66
C THR B 176 -10.71 -34.74 5.54
N THR B 177 -9.39 -34.70 5.49
CA THR B 177 -8.61 -35.66 6.27
C THR B 177 -8.95 -35.53 7.75
N ILE B 178 -9.32 -34.33 8.17
CA ILE B 178 -9.60 -34.08 9.59
C ILE B 178 -10.97 -34.60 10.02
N ALA B 179 -11.93 -34.51 9.10
CA ALA B 179 -13.23 -35.09 9.32
C ALA B 179 -13.06 -36.59 9.45
N ILE B 180 -12.31 -37.20 8.53
CA ILE B 180 -12.09 -38.63 8.52
C ILE B 180 -11.45 -39.13 9.81
N ASP B 181 -10.34 -38.53 10.20
CA ASP B 181 -9.70 -38.90 11.46
C ASP B 181 -10.70 -38.81 12.62
N THR B 182 -11.46 -37.73 12.68
CA THR B 182 -12.46 -37.54 13.72
C THR B 182 -13.53 -38.61 13.68
N ILE B 183 -14.06 -38.89 12.50
CA ILE B 183 -15.01 -39.98 12.32
C ILE B 183 -14.39 -41.31 12.74
N ILE B 184 -13.22 -41.62 12.19
CA ILE B 184 -12.49 -42.83 12.55
C ILE B 184 -12.38 -42.94 14.08
N ASN B 185 -12.12 -41.81 14.72
CA ASN B 185 -11.90 -41.80 16.16
C ASN B 185 -13.15 -42.12 16.95
N GLN B 186 -14.28 -42.22 16.29
CA GLN B 186 -15.53 -42.54 16.99
C GLN B 186 -15.72 -44.05 17.05
N LYS B 187 -14.72 -44.81 16.63
CA LYS B 187 -14.76 -46.25 16.77
C LYS B 187 -14.97 -46.60 18.23
N GLY B 188 -14.65 -45.67 19.11
CA GLY B 188 -15.05 -45.78 20.51
C GLY B 188 -16.52 -46.15 20.59
N GLN B 189 -17.37 -45.22 20.17
CA GLN B 189 -18.73 -45.52 19.72
C GLN B 189 -19.88 -45.07 20.63
N ASP B 190 -19.84 -43.80 21.04
CA ASP B 190 -21.05 -43.20 21.57
C ASP B 190 -21.74 -42.50 20.39
N VAL B 191 -21.00 -42.30 19.29
CA VAL B 191 -21.43 -41.37 18.25
C VAL B 191 -21.46 -41.93 16.84
N ILE B 192 -22.54 -41.60 16.13
CA ILE B 192 -22.78 -42.01 14.76
C ILE B 192 -22.39 -40.87 13.85
N CYS B 193 -21.69 -41.17 12.76
CA CYS B 193 -21.16 -40.09 11.93
C CYS B 193 -21.81 -40.00 10.56
N ILE B 194 -22.03 -38.77 10.11
CA ILE B 194 -22.59 -38.51 8.80
C ILE B 194 -21.60 -37.68 7.98
N TYR B 195 -20.94 -38.30 7.03
CA TYR B 195 -20.12 -37.53 6.12
C TYR B 195 -20.99 -37.09 4.96
N VAL B 196 -21.25 -35.79 4.88
CA VAL B 196 -22.01 -35.21 3.78
C VAL B 196 -21.00 -34.56 2.85
N ALA B 197 -20.89 -35.07 1.62
CA ALA B 197 -20.00 -34.50 0.64
C ALA B 197 -20.76 -33.61 -0.34
N ILE B 198 -20.58 -32.30 -0.26
CA ILE B 198 -21.26 -31.37 -1.18
C ILE B 198 -20.36 -30.84 -2.30
N GLY B 199 -20.61 -31.25 -3.53
CA GLY B 199 -19.83 -30.74 -4.64
C GLY B 199 -18.39 -31.24 -4.69
N GLN B 200 -18.08 -32.29 -3.93
CA GLN B 200 -16.77 -32.90 -4.05
C GLN B 200 -16.69 -33.74 -5.32
N LYS B 201 -15.49 -34.16 -5.69
CA LYS B 201 -15.33 -35.09 -6.79
C LYS B 201 -15.73 -36.47 -6.29
N GLN B 202 -16.60 -37.13 -7.03
CA GLN B 202 -17.11 -38.45 -6.69
C GLN B 202 -15.97 -39.37 -6.30
N SER B 203 -14.89 -39.28 -7.05
CA SER B 203 -13.69 -40.07 -6.81
C SER B 203 -13.12 -39.84 -5.42
N THR B 204 -13.19 -38.60 -4.95
CA THR B 204 -12.67 -38.28 -3.64
C THR B 204 -13.52 -38.92 -2.58
N VAL B 205 -14.84 -38.85 -2.79
CA VAL B 205 -15.79 -39.42 -1.84
C VAL B 205 -15.63 -40.92 -1.84
N ALA B 206 -15.53 -41.52 -3.02
CA ALA B 206 -15.30 -42.95 -3.16
C ALA B 206 -14.05 -43.35 -2.42
N GLY B 207 -13.04 -42.49 -2.46
CA GLY B 207 -11.84 -42.72 -1.70
C GLY B 207 -12.06 -42.58 -0.20
N VAL B 208 -12.82 -41.57 0.20
CA VAL B 208 -13.18 -41.37 1.61
C VAL B 208 -13.93 -42.56 2.19
N VAL B 209 -14.86 -43.12 1.41
CA VAL B 209 -15.64 -44.27 1.84
C VAL B 209 -14.71 -45.46 2.04
N GLU B 210 -13.72 -45.58 1.15
CA GLU B 210 -12.81 -46.73 1.17
C GLU B 210 -11.88 -46.63 2.35
N THR B 211 -11.46 -45.42 2.66
CA THR B 211 -10.62 -45.17 3.82
C THR B 211 -11.39 -45.50 5.09
N LEU B 212 -12.67 -45.15 5.09
CA LEU B 212 -13.52 -45.45 6.23
C LEU B 212 -13.64 -46.96 6.42
N ARG B 213 -13.82 -47.66 5.31
CA ARG B 213 -13.90 -49.11 5.33
C ARG B 213 -12.65 -49.71 5.95
N GLN B 214 -11.49 -49.33 5.43
CA GLN B 214 -10.23 -49.90 5.86
C GLN B 214 -9.94 -49.63 7.32
N HIS B 215 -10.63 -48.65 7.91
CA HIS B 215 -10.42 -48.35 9.32
C HIS B 215 -11.59 -48.83 10.15
N ASP B 216 -12.45 -49.64 9.53
CA ASP B 216 -13.51 -50.30 10.25
C ASP B 216 -14.47 -49.26 10.80
N ALA B 217 -14.47 -48.08 10.19
CA ALA B 217 -15.25 -46.98 10.72
C ALA B 217 -16.53 -46.71 9.93
N LEU B 218 -16.85 -47.56 8.97
CA LEU B 218 -17.99 -47.27 8.11
C LEU B 218 -19.26 -47.86 8.69
N ASP B 219 -19.12 -48.76 9.66
CA ASP B 219 -20.27 -49.44 10.29
C ASP B 219 -21.18 -48.42 10.95
N TYR B 220 -20.58 -47.37 11.48
CA TYR B 220 -21.35 -46.34 12.16
C TYR B 220 -21.39 -45.02 11.40
N THR B 221 -21.19 -45.07 10.08
CA THR B 221 -21.15 -43.86 9.29
C THR B 221 -22.07 -43.90 8.09
N ILE B 222 -22.81 -42.82 7.92
CA ILE B 222 -23.66 -42.61 6.76
C ILE B 222 -22.93 -41.67 5.84
N VAL B 223 -22.91 -41.97 4.55
CA VAL B 223 -22.36 -40.99 3.63
C VAL B 223 -23.43 -40.43 2.72
N VAL B 224 -23.75 -39.14 2.89
CA VAL B 224 -24.64 -38.45 1.97
C VAL B 224 -23.81 -37.68 0.98
N THR B 225 -24.04 -37.88 -0.31
CA THR B 225 -23.18 -37.30 -1.33
C THR B 225 -23.91 -36.77 -2.55
N ALA B 226 -23.56 -35.55 -2.94
CA ALA B 226 -23.99 -34.93 -4.20
C ALA B 226 -22.76 -34.34 -4.93
N SER B 227 -22.14 -35.13 -5.80
CA SER B 227 -20.85 -34.74 -6.38
C SER B 227 -20.96 -33.52 -7.30
N ALA B 228 -19.81 -33.14 -7.85
CA ALA B 228 -19.65 -31.93 -8.63
C ALA B 228 -20.54 -31.89 -9.86
N SER B 229 -20.99 -33.05 -10.30
CA SER B 229 -21.69 -33.14 -11.59
C SER B 229 -23.19 -33.17 -11.39
N GLU B 230 -23.61 -33.40 -10.15
CA GLU B 230 -25.02 -33.49 -9.83
C GLU B 230 -25.70 -32.16 -10.05
N PRO B 231 -27.04 -32.17 -10.13
CA PRO B 231 -27.89 -30.98 -10.20
C PRO B 231 -27.69 -30.09 -8.99
N ALA B 232 -27.68 -28.77 -9.19
CA ALA B 232 -27.46 -27.84 -8.10
C ALA B 232 -28.41 -28.04 -6.93
N PRO B 233 -29.72 -28.31 -7.22
CA PRO B 233 -30.70 -28.42 -6.13
C PRO B 233 -30.35 -29.59 -5.26
N LEU B 234 -29.63 -30.51 -5.84
CA LEU B 234 -29.22 -31.68 -5.11
C LEU B 234 -28.10 -31.34 -4.17
N LEU B 235 -27.12 -30.54 -4.65
CA LEU B 235 -26.08 -30.04 -3.77
C LEU B 235 -26.66 -29.17 -2.67
N TYR B 236 -27.64 -28.35 -3.06
CA TYR B 236 -28.43 -27.54 -2.16
C TYR B 236 -29.02 -28.33 -1.00
N LEU B 237 -29.61 -29.49 -1.30
CA LEU B 237 -30.29 -30.26 -0.27
C LEU B 237 -29.35 -31.08 0.58
N ALA B 238 -28.25 -31.51 0.00
CA ALA B 238 -27.33 -32.41 0.68
C ALA B 238 -27.17 -32.19 2.19
N PRO B 239 -26.77 -30.99 2.61
CA PRO B 239 -26.57 -30.84 4.06
C PRO B 239 -27.89 -31.04 4.86
N TYR B 240 -29.01 -30.62 4.31
CA TYR B 240 -30.24 -30.74 5.01
C TYR B 240 -30.63 -32.22 5.14
N ALA B 241 -30.28 -33.03 4.17
CA ALA B 241 -30.43 -34.48 4.30
C ALA B 241 -29.54 -35.02 5.40
N GLY B 242 -28.25 -34.77 5.31
CA GLY B 242 -27.30 -35.31 6.27
C GLY B 242 -27.60 -34.85 7.67
N CYS B 243 -28.14 -33.65 7.79
CA CYS B 243 -28.55 -33.10 9.08
C CYS B 243 -29.80 -33.84 9.60
N ALA B 244 -30.77 -34.06 8.71
CA ALA B 244 -31.96 -34.81 9.04
C ALA B 244 -31.61 -36.21 9.54
N MET B 245 -30.59 -36.79 8.93
CA MET B 245 -30.13 -38.09 9.35
C MET B 245 -29.51 -38.08 10.74
N GLY B 246 -28.86 -36.97 11.09
CA GLY B 246 -28.24 -36.84 12.38
C GLY B 246 -29.28 -36.52 13.43
N GLU B 247 -30.35 -35.85 12.99
CA GLU B 247 -31.41 -35.40 13.90
C GLU B 247 -32.20 -36.56 14.40
N TYR B 248 -32.34 -37.61 13.58
CA TYR B 248 -33.08 -38.80 14.00
C TYR B 248 -32.47 -39.40 15.25
N PHE B 249 -31.16 -39.28 15.35
CA PHE B 249 -30.43 -39.88 16.46
C PHE B 249 -30.40 -38.94 17.66
N MET B 250 -30.27 -37.65 17.40
CA MET B 250 -30.26 -36.66 18.47
C MET B 250 -31.58 -36.71 19.20
N TYR B 251 -32.68 -36.73 18.46
CA TYR B 251 -34.00 -36.67 19.05
C TYR B 251 -34.40 -37.99 19.63
N LYS B 252 -33.51 -38.96 19.48
CA LYS B 252 -33.72 -40.33 19.88
C LYS B 252 -33.00 -40.50 21.19
N GLY B 253 -32.15 -39.54 21.51
CA GLY B 253 -31.34 -39.62 22.71
C GLY B 253 -29.90 -40.00 22.42
N LYS B 254 -29.61 -40.38 21.18
CA LYS B 254 -28.24 -40.73 20.83
C LYS B 254 -27.39 -39.53 20.43
N HIS B 255 -26.16 -39.80 19.99
CA HIS B 255 -25.23 -38.76 19.61
C HIS B 255 -24.67 -38.91 18.20
N ALA B 256 -24.89 -37.89 17.38
CA ALA B 256 -24.43 -37.89 16.01
C ALA B 256 -23.44 -36.77 15.76
N LEU B 257 -22.52 -37.01 14.84
CA LEU B 257 -21.61 -36.00 14.33
C LEU B 257 -21.80 -35.89 12.84
N VAL B 258 -22.19 -34.72 12.38
CA VAL B 258 -22.33 -34.53 10.95
C VAL B 258 -21.25 -33.59 10.43
N VAL B 259 -20.65 -33.95 9.30
CA VAL B 259 -19.64 -33.14 8.65
C VAL B 259 -20.20 -32.71 7.32
N TYR B 260 -20.31 -31.42 7.10
CA TYR B 260 -20.70 -30.93 5.78
C TYR B 260 -19.47 -30.51 5.00
N ASP B 261 -18.94 -31.42 4.20
CA ASP B 261 -17.75 -31.16 3.40
C ASP B 261 -18.05 -30.22 2.25
N ASP B 262 -17.92 -28.94 2.59
CA ASP B 262 -18.06 -27.81 1.71
C ASP B 262 -19.44 -27.16 1.68
N LEU B 263 -19.66 -26.28 2.67
CA LEU B 263 -20.82 -25.39 2.70
C LEU B 263 -20.58 -24.28 1.71
N SER B 264 -19.33 -24.18 1.25
CA SER B 264 -19.01 -23.28 0.18
C SER B 264 -19.70 -23.75 -1.09
N LYS B 265 -19.51 -25.03 -1.39
CA LYS B 265 -20.09 -25.57 -2.58
C LYS B 265 -21.59 -25.58 -2.52
N GLN B 266 -22.15 -25.71 -1.32
CA GLN B 266 -23.59 -25.56 -1.14
C GLN B 266 -24.06 -24.14 -1.47
N ALA B 267 -23.44 -23.15 -0.85
CA ALA B 267 -23.80 -21.76 -1.09
C ALA B 267 -23.84 -21.43 -2.58
N ALA B 268 -22.80 -21.86 -3.31
CA ALA B 268 -22.74 -21.64 -4.75
C ALA B 268 -23.85 -22.39 -5.45
N ALA B 269 -24.10 -23.62 -4.99
CA ALA B 269 -25.22 -24.42 -5.51
C ALA B 269 -26.52 -23.69 -5.32
N TYR B 270 -26.71 -23.15 -4.14
CA TYR B 270 -27.93 -22.45 -3.81
C TYR B 270 -28.09 -21.21 -4.64
N ARG B 271 -26.98 -20.55 -4.93
CA ARG B 271 -27.03 -19.32 -5.69
C ARG B 271 -27.46 -19.58 -7.11
N GLU B 272 -27.01 -20.70 -7.66
CA GLU B 272 -27.39 -21.10 -9.01
C GLU B 272 -28.89 -21.27 -9.11
N LEU B 273 -29.42 -22.05 -8.18
CA LEU B 273 -30.85 -22.30 -8.08
C LEU B 273 -31.64 -21.01 -7.96
N SER B 274 -31.07 -19.99 -7.30
CA SER B 274 -31.75 -18.71 -7.08
C SER B 274 -32.19 -17.95 -8.34
N LEU B 275 -31.26 -17.41 -9.13
CA LEU B 275 -31.75 -16.72 -10.34
C LEU B 275 -31.79 -17.69 -11.54
N LEU B 276 -31.83 -18.97 -11.25
CA LEU B 276 -32.46 -19.81 -12.25
C LEU B 276 -33.93 -19.52 -12.03
N LEU B 277 -34.32 -19.47 -10.77
CA LEU B 277 -35.65 -19.00 -10.36
C LEU B 277 -35.76 -17.48 -10.45
N ARG B 278 -34.67 -16.85 -10.87
CA ARG B 278 -34.60 -15.42 -11.13
C ARG B 278 -34.88 -14.56 -9.90
N ARG B 279 -34.44 -15.04 -8.74
CA ARG B 279 -34.46 -14.22 -7.54
C ARG B 279 -33.44 -13.09 -7.68
N PRO B 280 -33.74 -11.91 -7.12
CA PRO B 280 -32.80 -10.79 -7.28
C PRO B 280 -31.45 -11.11 -6.62
N PRO B 281 -30.34 -10.83 -7.33
CA PRO B 281 -29.03 -11.02 -6.70
C PRO B 281 -28.91 -10.12 -5.47
N GLY B 282 -28.27 -10.65 -4.43
CA GLY B 282 -28.17 -9.93 -3.16
C GLY B 282 -26.79 -9.41 -2.81
N ARG B 283 -26.47 -9.40 -1.52
CA ARG B 283 -25.17 -8.94 -1.06
C ARG B 283 -24.09 -9.91 -1.52
N GLU B 284 -23.00 -9.36 -2.04
CA GLU B 284 -21.98 -10.13 -2.77
C GLU B 284 -22.59 -10.87 -3.94
N ALA B 285 -21.90 -11.88 -4.42
CA ALA B 285 -22.38 -12.61 -5.58
C ALA B 285 -23.63 -13.42 -5.25
N TYR B 286 -23.89 -13.57 -3.95
CA TYR B 286 -24.93 -14.47 -3.44
C TYR B 286 -26.27 -13.82 -3.10
N PRO B 287 -27.32 -14.66 -2.99
CA PRO B 287 -28.66 -14.32 -2.48
C PRO B 287 -28.64 -13.63 -1.13
N GLY B 288 -29.75 -12.97 -0.77
CA GLY B 288 -29.84 -12.28 0.51
C GLY B 288 -29.97 -13.29 1.63
N ASP B 289 -30.55 -14.43 1.29
CA ASP B 289 -30.83 -15.45 2.28
C ASP B 289 -29.75 -16.50 2.34
N VAL B 290 -28.59 -16.22 1.73
CA VAL B 290 -27.48 -17.16 1.78
C VAL B 290 -26.96 -17.33 3.21
N PHE B 291 -27.14 -16.33 4.07
CA PHE B 291 -26.76 -16.49 5.46
C PHE B 291 -27.75 -17.46 6.10
N TYR B 292 -29.03 -17.13 5.96
CA TYR B 292 -30.11 -17.95 6.45
C TYR B 292 -29.92 -19.39 6.01
N LEU B 293 -29.60 -19.58 4.72
CA LEU B 293 -29.26 -20.90 4.16
C LEU B 293 -28.41 -21.73 5.12
N HIS B 294 -27.27 -21.17 5.52
CA HIS B 294 -26.41 -21.85 6.47
C HIS B 294 -26.85 -21.77 7.91
N SER B 295 -27.43 -20.64 8.35
CA SER B 295 -27.76 -20.53 9.77
C SER B 295 -28.90 -21.45 10.09
N ARG B 296 -29.91 -21.45 9.23
CA ARG B 296 -31.04 -22.36 9.37
C ARG B 296 -30.55 -23.79 9.59
N LEU B 297 -29.56 -24.16 8.78
CA LEU B 297 -28.99 -25.50 8.79
C LEU B 297 -28.28 -25.86 10.09
N LEU B 298 -27.16 -25.23 10.38
CA LEU B 298 -26.42 -25.74 11.53
C LEU B 298 -26.86 -25.05 12.81
N GLU B 299 -28.10 -24.56 12.81
CA GLU B 299 -28.81 -24.25 14.04
C GLU B 299 -29.49 -25.52 14.56
N ARG B 300 -29.68 -26.48 13.65
CA ARG B 300 -30.35 -27.73 13.94
C ARG B 300 -29.40 -28.71 14.63
N ALA B 301 -28.11 -28.41 14.58
CA ALA B 301 -27.13 -29.12 15.37
C ALA B 301 -27.26 -28.53 16.75
N ALA B 302 -27.36 -29.38 17.76
CA ALA B 302 -27.63 -28.88 19.10
C ALA B 302 -27.21 -29.86 20.16
N LYS B 303 -27.31 -29.41 21.42
CA LYS B 303 -27.13 -30.25 22.59
C LYS B 303 -28.40 -30.13 23.40
N LEU B 304 -29.19 -31.19 23.42
CA LEU B 304 -30.53 -31.10 23.97
C LEU B 304 -30.55 -31.15 25.49
N SER B 305 -31.51 -30.45 26.09
CA SER B 305 -31.73 -30.49 27.51
C SER B 305 -32.05 -31.92 27.90
N ASP B 306 -31.78 -32.24 29.16
CA ASP B 306 -32.06 -33.58 29.64
C ASP B 306 -33.52 -33.89 29.47
N GLU B 307 -34.38 -32.90 29.70
CA GLU B 307 -35.81 -33.06 29.48
C GLU B 307 -36.06 -33.58 28.06
N LYS B 308 -35.34 -33.04 27.08
CA LYS B 308 -35.56 -33.40 25.69
C LYS B 308 -34.74 -34.62 25.29
N GLY B 309 -34.08 -35.25 26.25
CA GLY B 309 -33.41 -36.52 26.00
C GLY B 309 -31.90 -36.50 26.04
N GLY B 310 -31.34 -35.30 26.08
CA GLY B 310 -29.90 -35.16 26.15
C GLY B 310 -29.15 -35.62 24.90
N GLY B 311 -29.88 -35.93 23.84
CA GLY B 311 -29.24 -36.27 22.59
C GLY B 311 -28.44 -35.09 22.12
N SER B 312 -27.49 -35.32 21.22
CA SER B 312 -26.74 -34.22 20.63
C SER B 312 -26.51 -34.48 19.14
N LEU B 313 -26.30 -33.41 18.39
CA LEU B 313 -25.81 -33.49 17.01
C LEU B 313 -24.70 -32.46 16.88
N THR B 314 -23.50 -32.93 16.59
CA THR B 314 -22.34 -32.07 16.45
C THR B 314 -22.06 -31.86 14.98
N ALA B 315 -21.66 -30.65 14.59
CA ALA B 315 -21.46 -30.39 13.19
C ALA B 315 -20.10 -29.78 12.88
N LEU B 316 -19.45 -30.31 11.86
CA LEU B 316 -18.21 -29.74 11.38
C LEU B 316 -18.45 -29.23 9.98
N PRO B 317 -18.94 -27.99 9.87
CA PRO B 317 -19.06 -27.39 8.53
C PRO B 317 -17.66 -27.20 7.97
N PHE B 318 -17.50 -27.28 6.65
CA PHE B 318 -16.27 -26.85 6.00
C PHE B 318 -16.58 -25.65 5.17
N ILE B 319 -15.71 -24.66 5.26
CA ILE B 319 -15.70 -23.58 4.29
C ILE B 319 -14.40 -23.76 3.55
N GLU B 320 -14.45 -23.58 2.23
CA GLU B 320 -13.23 -23.63 1.48
C GLU B 320 -12.88 -22.24 1.01
N THR B 321 -11.80 -21.70 1.57
CA THR B 321 -11.33 -20.37 1.17
C THR B 321 -10.52 -20.35 -0.12
N GLN B 322 -10.40 -19.18 -0.72
CA GLN B 322 -9.55 -19.01 -1.86
C GLN B 322 -8.41 -18.10 -1.41
N ALA B 323 -7.16 -18.54 -1.61
CA ALA B 323 -6.02 -17.68 -1.29
C ALA B 323 -6.06 -17.28 0.17
N GLY B 324 -6.58 -18.16 1.01
CA GLY B 324 -6.68 -17.90 2.43
C GLY B 324 -7.54 -16.72 2.82
N ASP B 325 -8.40 -16.26 1.91
CA ASP B 325 -9.28 -15.14 2.18
C ASP B 325 -10.45 -15.51 3.09
N VAL B 326 -10.23 -15.29 4.39
CA VAL B 326 -11.17 -15.68 5.42
C VAL B 326 -12.14 -14.54 5.65
N SER B 327 -11.87 -13.41 5.03
CA SER B 327 -12.67 -12.24 5.29
C SER B 327 -13.78 -12.19 4.27
N ALA B 328 -13.80 -13.17 3.38
CA ALA B 328 -14.83 -13.23 2.36
C ALA B 328 -16.21 -13.38 2.96
N TYR B 329 -17.23 -13.09 2.15
CA TYR B 329 -18.63 -13.15 2.55
C TYR B 329 -19.03 -14.48 3.21
N ILE B 330 -19.13 -15.54 2.43
CA ILE B 330 -19.59 -16.80 2.97
C ILE B 330 -18.77 -17.22 4.20
N PRO B 331 -17.43 -17.14 4.12
CA PRO B 331 -16.65 -17.53 5.29
C PRO B 331 -17.02 -16.72 6.52
N THR B 332 -17.10 -15.40 6.41
CA THR B 332 -17.43 -14.61 7.59
C THR B 332 -18.83 -14.92 8.09
N ASN B 333 -19.73 -15.27 7.19
CA ASN B 333 -21.09 -15.64 7.59
C ASN B 333 -21.06 -16.82 8.51
N VAL B 334 -20.63 -17.95 7.97
CA VAL B 334 -20.59 -19.19 8.70
C VAL B 334 -19.81 -19.04 9.98
N ILE B 335 -18.83 -18.13 10.00
CA ILE B 335 -18.03 -17.93 11.21
C ILE B 335 -18.93 -17.35 12.31
N SER B 336 -19.80 -16.44 11.89
CA SER B 336 -20.68 -15.78 12.82
C SER B 336 -21.83 -16.71 13.15
N ILE B 337 -21.81 -17.91 12.57
CA ILE B 337 -22.83 -18.89 12.85
C ILE B 337 -22.34 -19.94 13.84
N THR B 338 -21.22 -20.59 13.52
CA THR B 338 -20.68 -21.67 14.35
C THR B 338 -20.25 -21.19 15.71
N ASP B 339 -19.58 -22.07 16.45
CA ASP B 339 -19.10 -21.77 17.80
C ASP B 339 -17.58 -21.80 17.89
N GLY B 340 -16.89 -21.33 16.86
CA GLY B 340 -15.45 -21.45 16.84
C GLY B 340 -15.04 -21.99 15.50
N GLN B 341 -13.76 -21.87 15.19
CA GLN B 341 -13.31 -22.39 13.91
C GLN B 341 -11.90 -22.92 13.99
N ILE B 342 -11.66 -24.03 13.31
CA ILE B 342 -10.32 -24.51 13.06
C ILE B 342 -9.83 -24.01 11.70
N PHE B 343 -8.82 -23.14 11.73
CA PHE B 343 -8.20 -22.63 10.51
C PHE B 343 -7.05 -23.52 10.06
N LEU B 344 -7.04 -23.85 8.77
CA LEU B 344 -5.98 -24.66 8.17
C LEU B 344 -5.07 -23.80 7.29
N GLU B 345 -3.89 -23.49 7.81
CA GLU B 345 -2.92 -22.68 7.08
C GLU B 345 -2.44 -23.45 5.85
N SER B 346 -2.54 -22.82 4.69
CA SER B 346 -2.00 -23.39 3.48
C SER B 346 -0.47 -23.47 3.55
N ASP B 347 0.17 -22.43 4.07
CA ASP B 347 1.62 -22.43 4.25
C ASP B 347 2.09 -23.69 4.98
N LEU B 348 1.44 -23.98 6.11
CA LEU B 348 1.83 -25.08 6.97
C LEU B 348 1.76 -26.38 6.20
N PHE B 349 0.67 -26.57 5.47
CA PHE B 349 0.44 -27.83 4.76
C PHE B 349 1.49 -28.15 3.70
N TYR B 350 2.09 -27.12 3.11
CA TYR B 350 3.10 -27.37 2.10
C TYR B 350 4.47 -27.22 2.74
N SER B 351 4.45 -27.14 4.06
CA SER B 351 5.67 -27.31 4.86
C SER B 351 5.61 -28.69 5.47
N GLY B 352 4.72 -29.52 4.95
CA GLY B 352 4.54 -30.88 5.45
C GLY B 352 3.99 -30.98 6.86
N VAL B 353 3.84 -29.83 7.53
CA VAL B 353 3.22 -29.78 8.86
C VAL B 353 1.78 -30.28 8.80
N ARG B 354 1.48 -31.29 9.60
CA ARG B 354 0.14 -31.88 9.61
C ARG B 354 -0.29 -32.33 11.00
N PRO B 355 -1.54 -32.01 11.38
CA PRO B 355 -2.46 -31.25 10.52
C PRO B 355 -1.98 -29.81 10.33
N ALA B 356 -2.33 -29.19 9.21
CA ALA B 356 -1.89 -27.84 8.97
C ALA B 356 -2.75 -26.84 9.74
N VAL B 357 -2.99 -27.16 11.01
CA VAL B 357 -3.79 -26.28 11.85
C VAL B 357 -3.04 -25.05 12.32
N ASN B 358 -3.72 -23.92 12.29
CA ASN B 358 -3.19 -22.68 12.81
C ASN B 358 -3.77 -22.42 14.19
N VAL B 359 -3.17 -23.05 15.19
CA VAL B 359 -3.65 -22.97 16.56
C VAL B 359 -3.77 -21.55 17.08
N GLY B 360 -2.92 -20.66 16.57
CA GLY B 360 -2.98 -19.27 16.94
C GLY B 360 -4.36 -18.67 16.76
N ILE B 361 -4.82 -18.59 15.52
CA ILE B 361 -6.09 -17.92 15.20
C ILE B 361 -7.30 -18.86 15.29
N SER B 362 -7.04 -20.12 15.62
CA SER B 362 -8.06 -21.15 15.67
C SER B 362 -8.67 -21.23 17.06
N VAL B 363 -9.98 -21.38 17.17
CA VAL B 363 -10.62 -21.45 18.49
C VAL B 363 -11.90 -22.27 18.63
N SER B 364 -12.19 -22.58 19.90
CA SER B 364 -13.41 -23.23 20.31
C SER B 364 -14.07 -22.32 21.33
N ARG B 365 -15.17 -21.70 20.95
CA ARG B 365 -15.86 -20.80 21.86
C ARG B 365 -16.44 -21.58 23.04
N VAL B 366 -16.72 -22.86 22.82
CA VAL B 366 -17.22 -23.74 23.89
C VAL B 366 -16.12 -23.99 24.91
N GLY B 367 -14.90 -24.14 24.41
CA GLY B 367 -13.75 -24.22 25.29
C GLY B 367 -13.68 -25.50 26.08
N GLY B 368 -12.94 -25.45 27.18
CA GLY B 368 -12.60 -26.63 27.96
C GLY B 368 -13.81 -27.19 28.67
N ALA B 369 -14.97 -26.56 28.45
CA ALA B 369 -16.23 -27.09 28.94
C ALA B 369 -16.44 -28.49 28.34
N ALA B 370 -15.95 -28.66 27.13
CA ALA B 370 -15.97 -29.95 26.47
C ALA B 370 -14.54 -30.45 26.42
N GLN B 371 -14.03 -30.86 27.55
CA GLN B 371 -12.63 -31.24 27.66
C GLN B 371 -12.40 -31.84 29.03
N ILE B 372 -12.06 -33.11 29.08
CA ILE B 372 -11.84 -33.80 30.35
C ILE B 372 -10.83 -33.07 31.22
N LYS B 373 -10.97 -33.24 32.54
CA LYS B 373 -10.12 -32.54 33.50
C LYS B 373 -8.62 -32.69 33.19
N ALA B 374 -8.21 -33.93 32.93
CA ALA B 374 -6.82 -34.23 32.62
C ALA B 374 -6.29 -33.36 31.48
N MET B 375 -6.99 -33.39 30.35
CA MET B 375 -6.56 -32.65 29.17
C MET B 375 -6.69 -31.16 29.44
N LYS B 376 -7.85 -30.78 29.97
CA LYS B 376 -8.14 -29.40 30.33
C LYS B 376 -6.98 -28.83 31.13
N LYS B 377 -6.33 -29.69 31.89
CA LYS B 377 -5.18 -29.29 32.68
C LYS B 377 -3.91 -29.15 31.85
N VAL B 378 -3.40 -30.28 31.36
CA VAL B 378 -2.13 -30.31 30.61
C VAL B 378 -2.10 -29.36 29.41
N ALA B 379 -3.28 -29.05 28.88
CA ALA B 379 -3.39 -28.15 27.76
C ALA B 379 -3.22 -26.72 28.21
N GLY B 380 -3.86 -26.39 29.33
CA GLY B 380 -3.88 -25.03 29.84
C GLY B 380 -2.55 -24.31 29.69
N THR B 381 -1.48 -24.98 30.12
CA THR B 381 -0.14 -24.43 30.01
C THR B 381 0.28 -24.32 28.55
N LEU B 382 -0.04 -25.36 27.79
CA LEU B 382 0.35 -25.49 26.39
C LEU B 382 -0.17 -24.38 25.48
N ARG B 383 -1.35 -23.85 25.77
CA ARG B 383 -1.83 -22.67 25.05
C ARG B 383 -0.77 -21.57 25.12
N LEU B 384 -0.36 -21.24 26.35
CA LEU B 384 0.69 -20.25 26.58
C LEU B 384 2.00 -20.66 25.92
N ASP B 385 2.40 -21.91 26.17
CA ASP B 385 3.68 -22.42 25.71
C ASP B 385 4.07 -22.01 24.29
N LEU B 386 3.28 -22.37 23.29
CA LEU B 386 3.64 -22.02 21.92
C LEU B 386 3.07 -20.68 21.47
N ALA B 387 2.35 -20.01 22.37
CA ALA B 387 2.00 -18.61 22.15
C ALA B 387 3.29 -17.79 22.22
N GLN B 388 4.10 -18.09 23.23
CA GLN B 388 5.42 -17.48 23.41
C GLN B 388 6.37 -17.86 22.29
N TYR B 389 6.29 -19.12 21.87
CA TYR B 389 7.11 -19.65 20.80
C TYR B 389 6.76 -19.06 19.44
N ARG B 390 5.60 -18.42 19.36
CA ARG B 390 5.16 -17.76 18.14
C ARG B 390 5.98 -16.49 17.87
N GLU B 391 6.22 -15.72 18.93
CA GLU B 391 6.97 -14.47 18.86
C GLU B 391 8.44 -14.76 18.57
N LEU B 392 9.06 -15.52 19.47
CA LEU B 392 10.47 -15.86 19.35
C LEU B 392 10.74 -16.76 18.15
N GLN B 393 9.68 -17.19 17.48
CA GLN B 393 9.81 -17.97 16.25
C GLN B 393 10.74 -17.27 15.27
N ALA B 394 10.57 -15.96 15.16
CA ALA B 394 11.33 -15.12 14.22
C ALA B 394 12.84 -15.34 14.28
N PHE B 395 13.35 -15.61 15.48
CA PHE B 395 14.77 -15.84 15.69
C PHE B 395 15.11 -17.28 15.34
N ALA B 396 14.60 -17.73 14.20
CA ALA B 396 14.63 -19.12 13.78
C ALA B 396 15.99 -19.81 13.94
N GLN B 397 16.83 -19.70 12.92
CA GLN B 397 18.11 -20.39 12.94
C GLN B 397 19.21 -19.45 13.46
N PHE B 398 18.96 -18.86 14.62
CA PHE B 398 19.90 -17.94 15.24
C PHE B 398 19.86 -18.05 16.76
N GLY B 399 20.29 -19.20 17.29
CA GLY B 399 20.28 -19.43 18.71
C GLY B 399 21.44 -18.74 19.42
N SER B 400 21.22 -17.49 19.82
CA SER B 400 22.29 -16.66 20.38
C SER B 400 21.98 -16.05 21.76
N ASP B 401 20.70 -15.86 22.06
CA ASP B 401 20.31 -15.12 23.27
C ASP B 401 20.69 -15.80 24.58
N LEU B 402 21.26 -17.00 24.48
CA LEU B 402 21.88 -17.67 25.63
C LEU B 402 20.90 -18.21 26.67
N ASP B 403 20.67 -17.42 27.73
CA ASP B 403 20.05 -17.93 28.94
C ASP B 403 18.71 -17.30 29.31
N LYS B 404 18.41 -16.15 28.72
CA LYS B 404 17.20 -15.40 29.06
C LYS B 404 15.91 -16.08 28.59
N ALA B 405 15.04 -15.32 27.92
CA ALA B 405 13.88 -15.89 27.25
C ALA B 405 14.39 -16.59 26.00
N THR B 406 15.16 -17.65 26.21
CA THR B 406 16.01 -18.19 25.16
C THR B 406 15.61 -19.60 24.78
N GLN B 407 16.57 -20.53 24.91
CA GLN B 407 16.33 -21.93 24.66
C GLN B 407 15.48 -22.52 25.78
N ALA B 408 15.12 -21.69 26.75
CA ALA B 408 14.16 -22.08 27.78
C ALA B 408 12.76 -22.07 27.17
N LYS B 409 12.41 -20.93 26.57
CA LYS B 409 11.15 -20.79 25.85
C LYS B 409 11.27 -21.41 24.46
N LEU B 410 12.06 -20.76 23.61
CA LEU B 410 12.20 -21.16 22.21
C LEU B 410 12.49 -22.65 22.04
N ASN B 411 13.60 -23.10 22.60
CA ASN B 411 14.04 -24.46 22.39
C ASN B 411 12.97 -25.49 22.76
N ARG B 412 12.25 -25.22 23.85
CA ARG B 412 11.20 -26.14 24.30
C ARG B 412 9.90 -25.93 23.54
N GLY B 413 9.82 -24.82 22.80
CA GLY B 413 8.69 -24.55 21.95
C GLY B 413 8.77 -25.40 20.71
N GLU B 414 9.97 -25.50 20.15
CA GLU B 414 10.21 -26.37 19.00
C GLU B 414 9.80 -27.79 19.32
N ARG B 415 9.91 -28.15 20.60
CA ARG B 415 9.58 -29.49 21.03
C ARG B 415 8.08 -29.71 21.06
N THR B 416 7.35 -28.71 21.53
CA THR B 416 5.90 -28.78 21.59
C THR B 416 5.30 -28.94 20.19
N VAL B 417 5.78 -28.14 19.25
CA VAL B 417 5.32 -28.18 17.86
C VAL B 417 5.49 -29.56 17.26
N GLU B 418 6.41 -30.35 17.80
CA GLU B 418 6.59 -31.69 17.28
C GLU B 418 5.48 -32.63 17.74
N ILE B 419 5.04 -32.49 18.97
CA ILE B 419 4.00 -33.39 19.46
C ILE B 419 2.64 -33.03 18.89
N LEU B 420 2.54 -31.85 18.28
CA LEU B 420 1.29 -31.43 17.67
C LEU B 420 1.15 -32.10 16.32
N LYS B 421 2.27 -32.33 15.66
CA LYS B 421 2.28 -33.01 14.39
C LYS B 421 1.68 -34.39 14.57
N GLN B 422 1.11 -34.94 13.50
CA GLN B 422 0.33 -36.16 13.61
C GLN B 422 -0.03 -36.72 12.24
N ASP B 423 0.31 -37.98 12.02
CA ASP B 423 0.04 -38.65 10.74
C ASP B 423 -1.45 -38.74 10.36
N GLU B 424 -1.73 -38.75 9.06
CA GLU B 424 -3.09 -38.91 8.59
C GLU B 424 -3.68 -40.20 9.11
N HIS B 425 -4.98 -40.17 9.37
CA HIS B 425 -5.74 -41.35 9.76
C HIS B 425 -5.14 -42.07 10.95
N LYS B 426 -4.62 -41.29 11.91
CA LYS B 426 -4.06 -41.84 13.13
C LYS B 426 -4.61 -41.09 14.34
N PRO B 427 -5.93 -41.13 14.53
CA PRO B 427 -6.49 -40.48 15.72
C PRO B 427 -5.87 -41.12 16.97
N MET B 428 -5.50 -40.31 17.94
CA MET B 428 -4.94 -40.81 19.18
C MET B 428 -6.02 -40.75 20.26
N PRO B 429 -6.19 -41.81 21.06
CA PRO B 429 -7.08 -41.82 22.24
C PRO B 429 -6.68 -40.75 23.25
N VAL B 430 -7.68 -40.09 23.84
CA VAL B 430 -7.42 -38.97 24.74
C VAL B 430 -6.29 -39.32 25.69
N GLU B 431 -6.45 -40.43 26.40
CA GLU B 431 -5.46 -40.85 27.39
C GLU B 431 -4.04 -40.68 26.85
N GLU B 432 -3.77 -41.32 25.71
CA GLU B 432 -2.46 -41.25 25.07
C GLU B 432 -2.09 -39.82 24.72
N GLN B 433 -3.04 -39.08 24.15
CA GLN B 433 -2.82 -37.66 23.91
C GLN B 433 -2.32 -36.96 25.17
N VAL B 434 -2.97 -37.27 26.29
CA VAL B 434 -2.75 -36.53 27.54
C VAL B 434 -1.40 -36.79 28.15
N ILE B 435 -1.01 -38.06 28.15
CA ILE B 435 0.33 -38.42 28.60
C ILE B 435 1.36 -37.74 27.71
N SER B 436 1.24 -38.00 26.42
CA SER B 436 2.13 -37.39 25.45
C SER B 436 2.31 -35.89 25.69
N ILE B 437 1.22 -35.14 25.79
CA ILE B 437 1.32 -33.72 26.04
C ILE B 437 2.04 -33.45 27.36
N TYR B 438 1.55 -34.07 28.44
CA TYR B 438 2.13 -33.92 29.77
C TYR B 438 3.63 -34.19 29.78
N ALA B 439 4.05 -35.21 29.03
CA ALA B 439 5.44 -35.53 28.89
C ALA B 439 6.25 -34.30 28.48
N VAL B 440 5.95 -33.76 27.31
CA VAL B 440 6.72 -32.62 26.81
C VAL B 440 6.52 -31.38 27.69
N THR B 441 5.28 -31.15 28.11
CA THR B 441 4.93 -29.92 28.80
C THR B 441 5.61 -29.85 30.17
N ASN B 442 5.97 -31.01 30.71
CA ASN B 442 6.69 -31.06 31.98
C ASN B 442 8.19 -31.25 31.77
N GLY B 443 8.66 -30.94 30.56
CA GLY B 443 10.08 -30.86 30.29
C GLY B 443 10.79 -32.18 30.07
N PHE B 444 10.04 -33.27 30.01
CA PHE B 444 10.65 -34.58 29.86
C PHE B 444 11.24 -34.79 28.48
N MET B 445 11.09 -33.78 27.62
CA MET B 445 11.62 -33.83 26.26
C MET B 445 12.79 -32.87 26.12
N ASP B 446 12.97 -32.03 27.14
CA ASP B 446 13.93 -30.92 27.05
C ASP B 446 15.37 -31.39 26.96
N ASP B 447 15.69 -32.48 27.66
CA ASP B 447 17.02 -33.07 27.57
C ASP B 447 17.14 -33.89 26.29
N ILE B 448 15.98 -34.21 25.72
CA ILE B 448 15.88 -34.94 24.46
C ILE B 448 15.98 -33.97 23.28
N PRO B 449 16.47 -34.46 22.13
CA PRO B 449 16.69 -33.64 20.93
C PRO B 449 15.43 -33.00 20.38
N VAL B 450 15.41 -32.69 19.09
CA VAL B 450 14.21 -32.16 18.46
C VAL B 450 13.79 -33.01 17.26
N GLU B 451 14.77 -33.51 16.52
CA GLU B 451 14.52 -34.52 15.49
C GLU B 451 14.15 -35.83 16.17
N ASP B 452 14.17 -35.81 17.50
CA ASP B 452 13.91 -37.01 18.29
C ASP B 452 12.60 -36.95 19.09
N VAL B 453 11.88 -35.84 19.00
CA VAL B 453 10.66 -35.69 19.80
C VAL B 453 9.58 -36.64 19.31
N ARG B 454 9.34 -36.65 18.01
CA ARG B 454 8.26 -37.45 17.43
C ARG B 454 8.32 -38.93 17.84
N ARG B 455 9.50 -39.53 17.75
CA ARG B 455 9.65 -40.95 18.10
C ARG B 455 9.58 -41.19 19.60
N PHE B 456 10.18 -40.28 20.36
CA PHE B 456 10.15 -40.34 21.82
C PHE B 456 8.72 -40.34 22.33
N GLU B 457 7.81 -39.76 21.55
CA GLU B 457 6.39 -39.76 21.90
C GLU B 457 5.78 -41.08 21.51
N GLU B 458 5.99 -41.48 20.26
CA GLU B 458 5.43 -42.72 19.75
C GLU B 458 5.85 -43.89 20.62
N GLU B 459 7.07 -43.83 21.14
CA GLU B 459 7.62 -44.93 21.91
C GLU B 459 7.32 -44.79 23.41
N LEU B 460 7.03 -43.58 23.85
CA LEU B 460 6.64 -43.38 25.24
C LEU B 460 5.28 -44.02 25.46
N LEU B 461 4.37 -43.81 24.51
CA LEU B 461 3.00 -44.32 24.61
C LEU B 461 2.95 -45.85 24.51
N SER B 462 3.64 -46.40 23.51
CA SER B 462 3.68 -47.84 23.35
C SER B 462 4.19 -48.52 24.62
N PHE B 463 4.98 -47.77 25.38
CA PHE B 463 5.57 -48.23 26.63
C PHE B 463 4.52 -48.32 27.73
N MET B 464 3.61 -47.34 27.76
CA MET B 464 2.52 -47.28 28.73
C MET B 464 1.44 -48.30 28.43
N ARG B 465 1.05 -48.39 27.15
CA ARG B 465 -0.04 -49.25 26.75
C ARG B 465 0.19 -50.69 27.21
N ALA B 466 1.45 -51.07 27.29
CA ALA B 466 1.81 -52.43 27.66
C ALA B 466 2.25 -52.55 29.12
N ASN B 467 2.60 -51.43 29.74
CA ASN B 467 3.11 -51.44 31.10
C ASN B 467 2.26 -50.64 32.06
N LYS B 468 2.31 -49.32 31.91
CA LYS B 468 1.66 -48.42 32.85
C LYS B 468 0.18 -48.22 32.52
N ASP B 469 -0.49 -49.28 32.04
CA ASP B 469 -1.91 -49.15 31.71
C ASP B 469 -2.73 -48.68 32.91
N SER B 470 -2.24 -48.98 34.11
CA SER B 470 -2.86 -48.50 35.34
C SER B 470 -3.10 -47.01 35.22
N LEU B 471 -2.05 -46.29 34.88
CA LEU B 471 -2.15 -44.84 34.71
C LEU B 471 -3.11 -44.46 33.58
N LEU B 472 -3.04 -45.19 32.47
CA LEU B 472 -3.87 -44.90 31.30
C LEU B 472 -5.34 -45.12 31.58
N ASP B 473 -5.67 -46.29 32.14
CA ASP B 473 -7.07 -46.60 32.40
C ASP B 473 -7.61 -45.66 33.46
N HIS B 474 -6.71 -45.19 34.33
CA HIS B 474 -7.10 -44.24 35.35
C HIS B 474 -7.68 -42.97 34.71
N ILE B 475 -7.18 -42.65 33.52
CA ILE B 475 -7.65 -41.48 32.80
C ILE B 475 -8.90 -41.84 32.00
N ARG B 476 -9.03 -43.12 31.64
CA ARG B 476 -10.25 -43.54 30.97
C ARG B 476 -11.44 -43.54 31.95
N GLN B 477 -11.15 -43.61 33.24
CA GLN B 477 -12.17 -43.57 34.28
C GLN B 477 -12.07 -42.27 35.03
N THR B 478 -13.12 -41.45 34.93
CA THR B 478 -13.08 -40.06 35.41
C THR B 478 -11.66 -39.52 35.23
N GLY B 479 -11.36 -39.16 33.99
CA GLY B 479 -9.99 -38.91 33.59
C GLY B 479 -9.44 -37.56 34.00
N GLU B 480 -8.73 -37.53 35.11
CA GLU B 480 -8.03 -36.33 35.51
C GLU B 480 -6.53 -36.59 35.60
N LEU B 481 -6.15 -37.85 35.38
CA LEU B 481 -4.75 -38.23 35.23
C LEU B 481 -4.00 -38.62 36.51
N PRO B 482 -4.37 -38.02 37.66
CA PRO B 482 -3.51 -37.77 38.82
C PRO B 482 -2.39 -38.78 39.08
N ASP B 483 -2.23 -39.14 40.36
CA ASP B 483 -1.09 -39.93 40.79
C ASP B 483 0.18 -39.39 40.13
N THR B 484 0.27 -38.07 40.02
CA THR B 484 1.46 -37.42 39.48
C THR B 484 2.63 -37.72 40.41
N LYS B 485 3.85 -37.53 39.89
CA LYS B 485 5.07 -37.94 40.58
C LYS B 485 5.25 -39.45 40.46
N GLU B 486 4.16 -40.20 40.64
CA GLU B 486 4.14 -41.60 40.26
C GLU B 486 4.14 -41.62 38.74
N LEU B 487 3.43 -40.63 38.19
CA LEU B 487 3.40 -40.41 36.75
C LEU B 487 4.80 -40.04 36.28
N ASP B 488 5.40 -39.03 36.93
CA ASP B 488 6.74 -38.57 36.58
C ASP B 488 7.76 -39.69 36.71
N ALA B 489 7.59 -40.52 37.74
CA ALA B 489 8.45 -41.66 37.97
C ALA B 489 8.29 -42.69 36.85
N ALA B 490 7.03 -43.06 36.58
CA ALA B 490 6.70 -43.98 35.49
C ALA B 490 7.25 -43.50 34.15
N ILE B 491 7.23 -42.19 33.94
CA ILE B 491 7.84 -41.63 32.74
C ILE B 491 9.35 -41.81 32.78
N GLU B 492 9.97 -41.38 33.88
CA GLU B 492 11.43 -41.42 33.98
C GLU B 492 11.97 -42.85 33.91
N GLU B 493 11.11 -43.83 34.17
CA GLU B 493 11.49 -45.24 34.05
C GLU B 493 11.43 -45.71 32.59
N PHE B 494 11.04 -44.79 31.71
CA PHE B 494 11.14 -44.99 30.27
C PHE B 494 12.10 -43.94 29.75
N LYS B 495 12.15 -42.83 30.47
CA LYS B 495 12.98 -41.69 30.14
C LYS B 495 14.45 -42.08 30.22
N LYS B 496 15.29 -41.07 30.49
CA LYS B 496 16.73 -41.22 30.47
C LYS B 496 17.20 -41.31 29.02
N GLY B 497 16.24 -41.21 28.11
CA GLY B 497 16.51 -41.32 26.68
C GLY B 497 16.96 -42.71 26.29
N PHE B 498 18.22 -43.02 26.60
CA PHE B 498 18.91 -44.25 26.20
C PHE B 498 18.94 -44.53 24.68
N THR B 499 18.43 -43.59 23.89
CA THR B 499 18.51 -43.70 22.43
C THR B 499 18.23 -42.38 21.69
N PRO B 500 18.91 -41.30 22.10
CA PRO B 500 18.75 -40.00 21.43
C PRO B 500 19.71 -39.84 20.24
N GLU C 27 -62.19 13.85 -10.89
CA GLU C 27 -62.43 14.18 -9.50
C GLU C 27 -62.14 13.01 -8.58
N VAL C 28 -62.90 11.93 -8.71
CA VAL C 28 -62.71 10.80 -7.83
C VAL C 28 -62.17 9.59 -8.58
N GLY C 29 -61.05 9.09 -8.07
CA GLY C 29 -60.50 7.82 -8.51
C GLY C 29 -60.54 6.79 -7.39
N THR C 30 -59.98 5.61 -7.63
CA THR C 30 -59.99 4.54 -6.63
C THR C 30 -58.76 3.61 -6.75
N VAL C 31 -58.17 3.30 -5.61
CA VAL C 31 -56.97 2.46 -5.55
C VAL C 31 -57.23 1.03 -5.99
N ILE C 32 -56.32 0.49 -6.78
CA ILE C 32 -56.46 -0.87 -7.27
C ILE C 32 -55.30 -1.76 -6.87
N GLN C 33 -54.14 -1.16 -6.59
CA GLN C 33 -53.04 -1.87 -5.94
C GLN C 33 -52.23 -0.90 -5.10
N VAL C 34 -51.90 -1.29 -3.88
CA VAL C 34 -51.10 -0.44 -3.00
C VAL C 34 -50.01 -1.30 -2.46
N GLY C 35 -48.84 -0.72 -2.32
CA GLY C 35 -47.73 -1.43 -1.73
C GLY C 35 -46.57 -0.52 -1.41
N ASP C 36 -46.03 -0.68 -0.21
CA ASP C 36 -44.85 0.07 0.19
C ASP C 36 -45.10 1.56 0.04
N GLY C 37 -46.35 1.97 0.23
CA GLY C 37 -46.71 3.37 0.15
C GLY C 37 -46.92 3.90 -1.26
N ILE C 38 -46.89 3.02 -2.25
CA ILE C 38 -47.10 3.45 -3.62
C ILE C 38 -48.38 2.81 -4.14
N ALA C 39 -49.22 3.58 -4.82
CA ALA C 39 -50.52 3.08 -5.23
C ALA C 39 -50.81 3.28 -6.71
N ARG C 40 -51.43 2.29 -7.34
CA ARG C 40 -52.00 2.49 -8.66
C ARG C 40 -53.49 2.85 -8.51
N VAL C 41 -53.83 4.13 -8.73
CA VAL C 41 -55.19 4.60 -8.60
C VAL C 41 -55.86 4.61 -9.95
N HIS C 42 -57.15 4.28 -10.02
CA HIS C 42 -57.84 4.30 -11.30
C HIS C 42 -58.96 5.34 -11.38
N GLY C 43 -59.02 6.02 -12.51
CA GLY C 43 -60.17 6.84 -12.82
C GLY C 43 -60.03 8.27 -12.32
N LEU C 44 -58.79 8.75 -12.29
CA LEU C 44 -58.57 10.15 -11.96
C LEU C 44 -58.34 10.92 -13.24
N GLU C 45 -59.17 10.61 -14.23
CA GLU C 45 -59.02 11.05 -15.62
C GLU C 45 -58.23 12.33 -15.82
N LYS C 46 -58.68 13.43 -15.23
CA LYS C 46 -58.07 14.73 -15.55
C LYS C 46 -57.08 15.24 -14.52
N VAL C 47 -56.52 14.35 -13.68
CA VAL C 47 -55.53 14.79 -12.70
C VAL C 47 -54.37 15.29 -13.47
N MET C 48 -53.67 16.24 -12.88
CA MET C 48 -52.48 16.79 -13.50
C MET C 48 -51.33 16.07 -12.88
N ALA C 49 -50.21 16.03 -13.61
CA ALA C 49 -48.97 15.46 -13.12
C ALA C 49 -48.50 16.29 -11.93
N GLY C 50 -48.23 15.62 -10.81
CA GLY C 50 -47.84 16.32 -9.60
C GLY C 50 -48.97 16.99 -8.81
N GLU C 51 -50.22 16.58 -9.06
CA GLU C 51 -51.36 17.11 -8.34
C GLU C 51 -51.47 16.50 -6.94
N LEU C 52 -51.83 17.34 -5.98
CA LEU C 52 -52.13 16.88 -4.63
C LEU C 52 -53.44 16.10 -4.64
N LEU C 53 -53.48 14.98 -3.91
CA LEU C 53 -54.67 14.16 -3.87
C LEU C 53 -55.00 13.82 -2.42
N GLU C 54 -56.29 13.65 -2.13
CA GLU C 54 -56.71 13.26 -0.79
C GLU C 54 -57.41 11.91 -0.76
N PHE C 55 -56.95 11.02 0.11
CA PHE C 55 -57.60 9.73 0.27
C PHE C 55 -58.82 9.81 1.21
N GLU C 56 -59.73 8.85 1.06
CA GLU C 56 -60.87 8.68 1.95
C GLU C 56 -60.59 9.11 3.39
N ASN C 57 -59.47 8.64 3.93
CA ASN C 57 -59.16 8.85 5.33
C ASN C 57 -58.39 10.13 5.60
N GLY C 58 -58.37 11.02 4.62
CA GLY C 58 -57.76 12.30 4.82
C GLY C 58 -56.27 12.36 4.55
N VAL C 59 -55.63 11.20 4.42
CA VAL C 59 -54.22 11.14 4.06
C VAL C 59 -54.03 11.68 2.65
N MET C 60 -52.99 12.47 2.44
CA MET C 60 -52.71 13.04 1.13
C MET C 60 -51.76 12.16 0.30
N GLY C 61 -51.82 12.34 -1.01
CA GLY C 61 -50.94 11.63 -1.92
C GLY C 61 -50.65 12.61 -3.04
N MET C 62 -49.72 12.25 -3.92
CA MET C 62 -49.47 13.09 -5.10
C MET C 62 -49.47 12.28 -6.35
N ALA C 63 -50.00 12.86 -7.41
CA ALA C 63 -50.05 12.17 -8.67
C ALA C 63 -48.63 12.20 -9.19
N GLN C 64 -47.97 11.06 -9.13
CA GLN C 64 -46.59 10.97 -9.55
C GLN C 64 -46.56 10.68 -11.04
N ASN C 65 -47.24 9.63 -11.47
CA ASN C 65 -47.25 9.27 -12.86
C ASN C 65 -48.64 9.19 -13.35
N LEU C 66 -48.80 9.54 -14.62
CA LEU C 66 -50.05 9.37 -15.30
C LEU C 66 -49.84 8.22 -16.25
N GLU C 67 -49.93 7.00 -15.74
CA GLU C 67 -49.82 5.86 -16.62
C GLU C 67 -50.97 5.98 -17.60
N GLU C 68 -50.94 5.19 -18.67
CA GLU C 68 -51.97 5.29 -19.71
C GLU C 68 -53.40 5.20 -19.19
N ASP C 69 -53.68 4.17 -18.39
CA ASP C 69 -55.04 3.91 -17.95
C ASP C 69 -55.13 3.86 -16.43
N ASN C 70 -54.17 4.50 -15.78
CA ASN C 70 -54.23 4.70 -14.33
C ASN C 70 -53.15 5.64 -13.84
N VAL C 71 -53.34 6.23 -12.68
CA VAL C 71 -52.37 7.16 -12.10
C VAL C 71 -51.54 6.47 -11.04
N GLY C 72 -50.26 6.80 -11.01
CA GLY C 72 -49.39 6.29 -9.97
C GLY C 72 -49.36 7.33 -8.88
N VAL C 73 -49.95 7.02 -7.74
CA VAL C 73 -50.03 7.98 -6.65
C VAL C 73 -49.06 7.56 -5.59
N VAL C 74 -48.37 8.56 -5.03
CA VAL C 74 -47.47 8.34 -3.91
C VAL C 74 -48.14 8.84 -2.61
N ILE C 75 -48.41 7.90 -1.70
CA ILE C 75 -49.03 8.18 -0.43
C ILE C 75 -48.07 8.94 0.45
N LEU C 76 -48.55 10.06 0.99
CA LEU C 76 -47.68 11.03 1.69
C LEU C 76 -47.91 11.04 3.20
N GLY C 77 -48.24 9.88 3.74
CA GLY C 77 -48.53 9.79 5.15
C GLY C 77 -48.90 8.36 5.44
N PRO C 78 -49.54 8.14 6.58
CA PRO C 78 -49.93 6.79 7.03
C PRO C 78 -50.53 6.00 5.89
N TYR C 79 -49.84 4.93 5.50
CA TYR C 79 -50.18 4.17 4.31
C TYR C 79 -50.99 2.93 4.68
N THR C 80 -51.10 2.69 5.97
CA THR C 80 -51.60 1.45 6.50
C THR C 80 -53.12 1.24 6.30
N GLU C 81 -53.91 2.28 6.52
CA GLU C 81 -55.36 2.14 6.37
C GLU C 81 -55.79 2.42 4.94
N ILE C 82 -54.82 2.66 4.08
CA ILE C 82 -55.07 2.78 2.66
C ILE C 82 -54.85 1.43 1.97
N ARG C 83 -55.96 0.81 1.56
CA ARG C 83 -55.93 -0.50 0.93
C ARG C 83 -56.65 -0.42 -0.39
N GLU C 84 -56.70 -1.53 -1.12
CA GLU C 84 -57.36 -1.54 -2.43
C GLU C 84 -58.82 -1.23 -2.25
N GLY C 85 -59.38 -0.55 -3.24
CA GLY C 85 -60.77 -0.11 -3.19
C GLY C 85 -60.92 1.24 -2.55
N THR C 86 -59.85 1.73 -1.92
CA THR C 86 -59.89 3.03 -1.25
C THR C 86 -60.08 4.15 -2.27
N GLN C 87 -60.96 5.09 -1.98
CA GLN C 87 -61.23 6.17 -2.90
C GLN C 87 -60.22 7.30 -2.77
N VAL C 88 -59.89 7.91 -3.90
CA VAL C 88 -58.99 9.06 -3.92
C VAL C 88 -59.68 10.23 -4.58
N LYS C 89 -59.49 11.42 -4.03
CA LYS C 89 -60.16 12.62 -4.50
C LYS C 89 -59.10 13.52 -5.14
N ARG C 90 -59.51 14.29 -6.14
CA ARG C 90 -58.63 15.31 -6.66
C ARG C 90 -58.70 16.54 -5.79
N THR C 91 -57.60 17.28 -5.80
CA THR C 91 -57.48 18.49 -5.01
C THR C 91 -57.55 19.69 -5.94
N GLY C 92 -57.17 19.49 -7.18
CA GLY C 92 -57.15 20.55 -8.15
C GLY C 92 -55.91 21.43 -8.02
N ARG C 93 -55.05 21.10 -7.06
CA ARG C 93 -53.85 21.86 -6.83
C ARG C 93 -52.58 21.02 -7.07
N ILE C 94 -51.59 21.61 -7.75
CA ILE C 94 -50.27 20.97 -7.89
C ILE C 94 -49.60 21.02 -6.54
N MET C 95 -48.68 20.09 -6.28
CA MET C 95 -48.00 20.04 -4.99
C MET C 95 -47.64 21.44 -4.51
N GLU C 96 -48.18 21.80 -3.35
CA GLU C 96 -48.03 23.13 -2.81
C GLU C 96 -48.11 23.08 -1.29
N VAL C 97 -47.58 24.10 -0.64
CA VAL C 97 -47.58 24.17 0.82
C VAL C 97 -47.98 25.54 1.32
N PRO C 98 -48.62 25.58 2.48
CA PRO C 98 -48.87 26.84 3.19
C PRO C 98 -47.58 27.64 3.22
N VAL C 99 -47.71 28.95 3.11
CA VAL C 99 -46.55 29.82 2.99
C VAL C 99 -46.89 31.17 3.63
N GLY C 100 -45.89 31.81 4.23
CA GLY C 100 -46.08 33.15 4.76
C GLY C 100 -45.74 33.29 6.23
N GLU C 101 -45.81 34.52 6.72
CA GLU C 101 -45.45 34.85 8.09
C GLU C 101 -46.31 34.09 9.10
N ALA C 102 -47.41 33.56 8.62
CA ALA C 102 -48.30 32.75 9.43
C ALA C 102 -47.58 31.50 9.96
N LEU C 103 -46.39 31.21 9.43
CA LEU C 103 -45.72 29.94 9.74
C LEU C 103 -44.62 30.15 10.74
N LEU C 104 -44.13 31.38 10.84
CA LEU C 104 -43.05 31.66 11.76
C LEU C 104 -43.43 31.11 13.12
N GLY C 105 -42.54 30.34 13.72
CA GLY C 105 -42.78 29.81 15.04
C GLY C 105 -43.50 28.48 15.07
N ARG C 106 -43.99 28.01 13.94
CA ARG C 106 -44.73 26.75 13.96
C ARG C 106 -43.91 25.56 13.46
N VAL C 107 -44.13 24.40 14.08
CA VAL C 107 -43.48 23.18 13.66
C VAL C 107 -44.41 22.38 12.74
N VAL C 108 -43.90 22.04 11.56
CA VAL C 108 -44.75 21.64 10.47
C VAL C 108 -44.12 20.47 9.73
N ASN C 109 -44.91 19.70 8.99
CA ASN C 109 -44.31 18.74 8.10
C ASN C 109 -44.38 19.25 6.67
N PRO C 110 -43.78 18.52 5.71
CA PRO C 110 -43.66 19.09 4.36
C PRO C 110 -44.97 19.44 3.68
N LEU C 111 -46.09 18.88 4.13
CA LEU C 111 -47.36 19.24 3.53
C LEU C 111 -47.83 20.55 4.14
N GLY C 112 -47.18 20.93 5.22
CA GLY C 112 -47.48 22.19 5.87
C GLY C 112 -48.44 21.98 7.01
N GLN C 113 -48.79 20.73 7.31
CA GLN C 113 -49.67 20.50 8.44
C GLN C 113 -48.90 20.52 9.75
N PRO C 114 -49.48 21.18 10.77
CA PRO C 114 -48.84 21.51 12.04
C PRO C 114 -48.55 20.26 12.87
N LEU C 115 -47.44 20.24 13.58
CA LEU C 115 -47.09 19.10 14.41
C LEU C 115 -46.97 19.51 15.88
N ASP C 116 -46.87 20.80 16.13
CA ASP C 116 -46.69 21.33 17.48
C ASP C 116 -47.98 21.55 18.24
N GLY C 117 -49.09 21.23 17.58
CA GLY C 117 -50.43 21.32 18.16
C GLY C 117 -50.86 22.70 18.57
N ARG C 118 -50.28 23.73 17.96
CA ARG C 118 -50.62 25.09 18.34
C ARG C 118 -51.65 25.63 17.38
N GLY C 119 -52.58 24.78 16.98
CA GLY C 119 -53.70 25.23 16.17
C GLY C 119 -53.57 24.83 14.72
N PRO C 120 -54.36 25.46 13.83
CA PRO C 120 -54.19 25.37 12.39
C PRO C 120 -53.22 26.45 11.96
N ILE C 121 -52.75 26.39 10.72
CA ILE C 121 -51.97 27.50 10.18
C ILE C 121 -52.91 28.45 9.43
N GLU C 122 -53.13 29.63 10.00
CA GLU C 122 -54.08 30.57 9.42
C GLU C 122 -53.45 31.40 8.32
N THR C 123 -53.29 30.82 7.15
CA THR C 123 -52.80 31.54 5.97
C THR C 123 -53.59 31.19 4.71
N ALA C 124 -53.55 32.08 3.73
CA ALA C 124 -54.23 31.84 2.46
C ALA C 124 -53.28 31.90 1.29
N GLU C 125 -51.99 32.06 1.56
CA GLU C 125 -50.99 32.10 0.50
C GLU C 125 -50.17 30.81 0.43
N TYR C 126 -50.17 30.18 -0.75
CA TYR C 126 -49.46 28.93 -0.96
C TYR C 126 -48.40 29.06 -2.04
N ARG C 127 -47.60 28.00 -2.19
CA ARG C 127 -46.52 27.94 -3.18
C ARG C 127 -46.26 26.50 -3.56
N PRO C 128 -45.87 26.26 -4.82
CA PRO C 128 -45.58 24.89 -5.27
C PRO C 128 -44.28 24.43 -4.66
N ILE C 129 -44.16 23.15 -4.31
CA ILE C 129 -42.93 22.71 -3.69
C ILE C 129 -41.90 22.55 -4.80
N GLU C 130 -42.38 22.40 -6.03
CA GLU C 130 -41.49 22.49 -7.17
C GLU C 130 -41.76 23.75 -7.96
N SER C 131 -40.76 24.61 -8.05
CA SER C 131 -40.85 25.76 -8.93
C SER C 131 -39.47 26.13 -9.47
N PRO C 132 -39.43 26.87 -10.60
CA PRO C 132 -38.19 27.30 -11.26
C PRO C 132 -37.24 28.10 -10.36
N ALA C 133 -35.95 27.95 -10.60
CA ALA C 133 -34.95 28.75 -9.92
C ALA C 133 -34.80 30.03 -10.71
N PRO C 134 -34.38 31.11 -10.04
CA PRO C 134 -34.06 32.39 -10.66
C PRO C 134 -33.05 32.23 -11.80
N GLY C 135 -33.38 32.74 -12.99
CA GLY C 135 -32.52 32.66 -14.15
C GLY C 135 -31.19 33.38 -13.97
N VAL C 136 -30.29 33.23 -14.94
CA VAL C 136 -28.98 33.83 -14.78
C VAL C 136 -29.12 35.34 -14.81
N MET C 137 -30.29 35.83 -15.22
CA MET C 137 -30.49 37.27 -15.32
C MET C 137 -31.28 37.83 -14.15
N ASP C 138 -31.77 36.94 -13.30
CA ASP C 138 -32.62 37.35 -12.18
C ASP C 138 -31.78 37.65 -10.96
N ARG C 139 -30.49 37.45 -11.09
CA ARG C 139 -29.64 37.44 -9.91
C ARG C 139 -28.57 38.49 -9.97
N LYS C 140 -28.00 38.75 -8.80
CA LYS C 140 -26.86 39.63 -8.67
C LYS C 140 -25.95 39.01 -7.63
N SER C 141 -24.66 39.29 -7.74
CA SER C 141 -23.65 38.65 -6.91
C SER C 141 -23.88 38.88 -5.42
N VAL C 142 -23.70 37.82 -4.64
CA VAL C 142 -23.79 37.88 -3.19
C VAL C 142 -22.83 38.90 -2.59
N HIS C 143 -23.38 39.82 -1.79
CA HIS C 143 -22.59 40.92 -1.26
C HIS C 143 -22.91 41.28 0.19
N GLU C 144 -24.05 40.78 0.69
CA GLU C 144 -24.50 41.09 2.04
C GLU C 144 -24.16 39.97 2.99
N PRO C 145 -23.49 40.27 4.11
CA PRO C 145 -23.03 39.20 5.00
C PRO C 145 -24.17 38.54 5.74
N LEU C 146 -24.11 37.23 5.88
CA LEU C 146 -25.00 36.50 6.78
C LEU C 146 -24.20 36.03 7.99
N GLN C 147 -24.19 36.84 9.03
CA GLN C 147 -23.35 36.53 10.16
C GLN C 147 -23.89 35.29 10.86
N THR C 148 -23.06 34.26 10.94
CA THR C 148 -23.46 33.06 11.71
C THR C 148 -23.26 33.26 13.22
N GLY C 149 -22.47 34.26 13.59
CA GLY C 149 -22.12 34.49 14.98
C GLY C 149 -20.91 33.66 15.37
N ILE C 150 -20.63 32.65 14.58
CA ILE C 150 -19.51 31.78 14.89
C ILE C 150 -18.24 32.38 14.34
N LYS C 151 -17.28 32.60 15.25
CA LYS C 151 -16.01 33.25 14.92
C LYS C 151 -15.32 32.57 13.76
N ALA C 152 -15.15 31.25 13.85
CA ALA C 152 -14.41 30.48 12.85
C ALA C 152 -15.01 30.59 11.48
N ILE C 153 -16.33 30.74 11.40
CA ILE C 153 -17.01 30.82 10.11
C ILE C 153 -17.16 32.24 9.59
N ASP C 154 -17.42 33.18 10.48
CA ASP C 154 -17.62 34.53 10.03
C ASP C 154 -16.32 35.16 9.56
N SER C 155 -15.19 34.62 9.98
CA SER C 155 -13.89 35.22 9.68
C SER C 155 -13.26 34.54 8.48
N MET C 156 -13.23 33.23 8.55
CA MET C 156 -12.81 32.41 7.44
C MET C 156 -14.02 31.57 7.13
N ILE C 157 -14.30 31.35 5.86
CA ILE C 157 -15.56 30.73 5.43
C ILE C 157 -16.81 31.61 5.59
N PRO C 158 -16.68 32.94 5.41
CA PRO C 158 -17.80 33.86 5.55
C PRO C 158 -18.97 33.55 4.61
N ILE C 159 -20.18 33.65 5.12
CA ILE C 159 -21.37 33.34 4.31
C ILE C 159 -22.17 34.58 3.95
N GLY C 160 -22.54 34.70 2.68
CA GLY C 160 -23.33 35.82 2.22
C GLY C 160 -24.77 35.42 2.00
N ARG C 161 -25.62 36.41 1.76
CA ARG C 161 -27.03 36.15 1.58
C ARG C 161 -27.29 35.83 0.13
N GLY C 162 -27.90 34.68 -0.11
CA GLY C 162 -28.15 34.18 -1.44
C GLY C 162 -27.18 33.06 -1.74
N GLN C 163 -26.34 32.76 -0.75
CA GLN C 163 -25.28 31.79 -0.90
C GLN C 163 -25.76 30.39 -0.56
N ARG C 164 -25.15 29.38 -1.16
CA ARG C 164 -25.36 27.99 -0.74
C ARG C 164 -24.07 27.48 -0.15
N GLU C 165 -24.03 27.37 1.16
CA GLU C 165 -22.81 26.95 1.83
C GLU C 165 -23.00 25.58 2.45
N LEU C 166 -22.26 24.60 1.95
CA LEU C 166 -22.43 23.24 2.44
C LEU C 166 -21.86 23.10 3.84
N ILE C 167 -22.55 22.37 4.70
CA ILE C 167 -22.01 22.01 6.01
C ILE C 167 -21.95 20.50 6.07
N ILE C 168 -20.74 19.96 6.09
CA ILE C 168 -20.56 18.53 5.89
C ILE C 168 -19.74 17.94 7.02
N GLY C 169 -20.15 16.80 7.55
CA GLY C 169 -19.38 16.15 8.59
C GLY C 169 -19.96 14.81 9.03
N ASP C 170 -19.18 14.02 9.75
CA ASP C 170 -19.67 12.78 10.34
C ASP C 170 -20.85 13.07 11.27
N ARG C 171 -21.56 12.03 11.68
CA ARG C 171 -22.55 12.16 12.72
C ARG C 171 -21.85 12.58 14.04
N GLN C 172 -22.54 13.37 14.85
CA GLN C 172 -21.98 13.86 16.12
C GLN C 172 -20.69 14.62 15.89
N THR C 173 -20.74 15.64 15.05
CA THR C 173 -19.65 16.61 14.96
C THR C 173 -20.19 18.02 15.12
N GLY C 174 -21.49 18.10 15.42
CA GLY C 174 -22.14 19.36 15.76
C GLY C 174 -22.65 20.18 14.59
N LYS C 175 -23.10 19.53 13.52
CA LYS C 175 -23.65 20.23 12.37
C LYS C 175 -24.88 20.99 12.80
N THR C 176 -25.82 20.28 13.40
CA THR C 176 -27.06 20.91 13.79
C THR C 176 -26.79 22.10 14.70
N THR C 177 -25.89 21.91 15.64
CA THR C 177 -25.57 22.99 16.56
C THR C 177 -25.15 24.26 15.80
N ILE C 178 -24.54 24.09 14.65
CA ILE C 178 -24.09 25.24 13.87
C ILE C 178 -25.25 25.97 13.21
N ALA C 179 -26.23 25.20 12.76
CA ALA C 179 -27.39 25.79 12.14
C ALA C 179 -28.11 26.59 13.20
N ILE C 180 -28.23 26.01 14.39
CA ILE C 180 -28.94 26.64 15.50
C ILE C 180 -28.30 27.97 15.90
N ASP C 181 -27.00 27.95 16.17
CA ASP C 181 -26.27 29.17 16.49
C ASP C 181 -26.52 30.21 15.44
N THR C 182 -26.36 29.83 14.17
CA THR C 182 -26.60 30.74 13.06
C THR C 182 -28.02 31.31 13.08
N ILE C 183 -28.99 30.43 13.24
CA ILE C 183 -30.40 30.83 13.34
C ILE C 183 -30.62 31.80 14.53
N ILE C 184 -30.20 31.35 15.70
CA ILE C 184 -30.23 32.18 16.90
C ILE C 184 -29.60 33.55 16.64
N ASN C 185 -28.47 33.58 15.93
CA ASN C 185 -27.80 34.84 15.62
C ASN C 185 -28.59 35.79 14.72
N GLN C 186 -29.71 35.32 14.18
CA GLN C 186 -30.56 36.18 13.35
C GLN C 186 -31.57 36.95 14.20
N LYS C 187 -31.46 36.84 15.51
CA LYS C 187 -32.26 37.67 16.41
C LYS C 187 -32.04 39.13 16.08
N GLY C 188 -30.95 39.43 15.39
CA GLY C 188 -30.76 40.76 14.82
C GLY C 188 -32.02 41.12 14.05
N GLN C 189 -32.23 40.39 12.96
CA GLN C 189 -33.56 40.26 12.34
C GLN C 189 -33.77 40.95 10.99
N ASP C 190 -32.86 40.73 10.06
CA ASP C 190 -33.18 41.03 8.68
C ASP C 190 -33.72 39.73 8.07
N VAL C 191 -33.46 38.61 8.76
CA VAL C 191 -33.60 37.27 8.15
C VAL C 191 -34.48 36.26 8.90
N ILE C 192 -35.34 35.62 8.12
CA ILE C 192 -36.26 34.60 8.60
C ILE C 192 -35.68 33.21 8.36
N CYS C 193 -35.74 32.35 9.37
CA CYS C 193 -35.05 31.07 9.30
C CYS C 193 -35.96 29.86 9.15
N ILE C 194 -35.55 28.94 8.29
CA ILE C 194 -36.30 27.72 8.08
C ILE C 194 -35.42 26.53 8.42
N TYR C 195 -35.67 25.92 9.56
CA TYR C 195 -34.98 24.70 9.89
C TYR C 195 -35.78 23.55 9.32
N VAL C 196 -35.23 22.90 8.28
CA VAL C 196 -35.82 21.71 7.68
C VAL C 196 -35.09 20.50 8.16
N ALA C 197 -35.77 19.64 8.91
CA ALA C 197 -35.14 18.45 9.45
C ALA C 197 -35.54 17.21 8.66
N ILE C 198 -34.62 16.66 7.87
CA ILE C 198 -34.90 15.50 7.04
C ILE C 198 -34.36 14.19 7.64
N GLY C 199 -35.25 13.34 8.11
CA GLY C 199 -34.86 12.05 8.60
C GLY C 199 -34.11 12.13 9.89
N GLN C 200 -34.25 13.23 10.60
CA GLN C 200 -33.65 13.29 11.92
C GLN C 200 -34.56 12.56 12.89
N LYS C 201 -34.05 12.23 14.07
CA LYS C 201 -34.91 11.74 15.14
C LYS C 201 -35.82 12.86 15.65
N GLN C 202 -37.12 12.56 15.75
CA GLN C 202 -38.13 13.51 16.18
C GLN C 202 -37.72 14.18 17.49
N SER C 203 -37.19 13.37 18.40
CA SER C 203 -36.70 13.87 19.65
C SER C 203 -35.63 14.94 19.48
N THR C 204 -34.75 14.77 18.51
CA THR C 204 -33.71 15.76 18.27
C THR C 204 -34.33 17.04 17.78
N VAL C 205 -35.31 16.91 16.91
CA VAL C 205 -35.97 18.08 16.37
C VAL C 205 -36.71 18.79 17.47
N ALA C 206 -37.42 18.00 18.27
CA ALA C 206 -38.14 18.53 19.42
C ALA C 206 -37.19 19.27 20.32
N GLY C 207 -35.99 18.74 20.48
CA GLY C 207 -34.98 19.44 21.24
C GLY C 207 -34.52 20.74 20.58
N VAL C 208 -34.34 20.70 19.27
CA VAL C 208 -33.93 21.88 18.51
C VAL C 208 -34.98 23.00 18.65
N VAL C 209 -36.25 22.61 18.61
CA VAL C 209 -37.32 23.58 18.69
C VAL C 209 -37.32 24.20 20.08
N GLU C 210 -37.00 23.40 21.07
CA GLU C 210 -36.97 23.89 22.44
C GLU C 210 -35.80 24.83 22.68
N THR C 211 -34.65 24.50 22.11
CA THR C 211 -33.48 25.36 22.18
C THR C 211 -33.77 26.69 21.52
N LEU C 212 -34.46 26.63 20.39
CA LEU C 212 -34.81 27.84 19.67
C LEU C 212 -35.70 28.72 20.53
N ARG C 213 -36.66 28.08 21.20
CA ARG C 213 -37.57 28.76 22.11
C ARG C 213 -36.81 29.47 23.22
N GLN C 214 -35.93 28.74 23.89
CA GLN C 214 -35.20 29.29 25.02
C GLN C 214 -34.27 30.43 24.62
N HIS C 215 -33.99 30.56 23.34
CA HIS C 215 -33.14 31.64 22.89
C HIS C 215 -33.95 32.70 22.15
N ASP C 216 -35.26 32.62 22.28
CA ASP C 216 -36.15 33.65 21.79
C ASP C 216 -36.04 33.75 20.28
N ALA C 217 -35.57 32.66 19.67
CA ALA C 217 -35.26 32.65 18.25
C ALA C 217 -36.32 31.95 17.40
N LEU C 218 -37.40 31.52 18.02
CA LEU C 218 -38.40 30.75 17.29
C LEU C 218 -39.48 31.63 16.67
N ASP C 219 -39.50 32.90 17.07
CA ASP C 219 -40.50 33.84 16.55
C ASP C 219 -40.31 34.04 15.07
N TYR C 220 -39.06 33.96 14.63
CA TYR C 220 -38.75 34.17 13.23
C TYR C 220 -38.34 32.90 12.54
N THR C 221 -38.70 31.76 13.11
CA THR C 221 -38.27 30.47 12.57
C THR C 221 -39.39 29.52 12.23
N ILE C 222 -39.37 28.97 11.03
CA ILE C 222 -40.29 27.91 10.63
C ILE C 222 -39.53 26.59 10.77
N VAL C 223 -40.18 25.57 11.32
CA VAL C 223 -39.55 24.27 11.37
C VAL C 223 -40.30 23.29 10.47
N VAL C 224 -39.70 22.87 9.36
CA VAL C 224 -40.29 21.82 8.54
C VAL C 224 -39.64 20.50 8.88
N THR C 225 -40.43 19.47 9.18
CA THR C 225 -39.83 18.24 9.69
C THR C 225 -40.51 16.98 9.17
N ALA C 226 -39.69 16.02 8.73
CA ALA C 226 -40.13 14.67 8.35
C ALA C 226 -39.17 13.66 8.99
N SER C 227 -39.51 13.19 10.18
CA SER C 227 -38.56 12.40 10.98
C SER C 227 -38.27 11.04 10.39
N ALA C 228 -37.40 10.30 11.09
CA ALA C 228 -36.87 9.04 10.61
C ALA C 228 -37.94 8.02 10.31
N SER C 229 -39.12 8.18 10.90
CA SER C 229 -40.13 7.14 10.82
C SER C 229 -41.14 7.46 9.74
N GLU C 230 -41.09 8.68 9.25
CA GLU C 230 -42.04 9.12 8.24
C GLU C 230 -41.83 8.36 6.95
N PRO C 231 -42.84 8.35 6.08
CA PRO C 231 -42.77 7.89 4.70
C PRO C 231 -41.68 8.58 3.90
N ALA C 232 -40.93 7.79 3.12
CA ALA C 232 -39.81 8.31 2.33
C ALA C 232 -40.19 9.49 1.44
N PRO C 233 -41.36 9.45 0.80
CA PRO C 233 -41.72 10.55 -0.10
C PRO C 233 -41.84 11.85 0.68
N LEU C 234 -42.15 11.72 1.96
CA LEU C 234 -42.27 12.87 2.84
C LEU C 234 -40.90 13.44 3.16
N LEU C 235 -39.92 12.57 3.41
CA LEU C 235 -38.53 13.04 3.55
C LEU C 235 -38.05 13.65 2.25
N TYR C 236 -38.45 13.03 1.14
CA TYR C 236 -38.15 13.51 -0.20
C TYR C 236 -38.58 14.94 -0.40
N LEU C 237 -39.79 15.25 0.01
CA LEU C 237 -40.36 16.58 -0.24
C LEU C 237 -39.88 17.64 0.74
N ALA C 238 -39.56 17.24 1.97
CA ALA C 238 -39.20 18.20 3.03
C ALA C 238 -38.38 19.40 2.56
N PRO C 239 -37.21 19.17 1.94
CA PRO C 239 -36.43 20.34 1.54
C PRO C 239 -37.18 21.24 0.55
N TYR C 240 -37.88 20.66 -0.41
CA TYR C 240 -38.63 21.46 -1.36
C TYR C 240 -39.74 22.29 -0.69
N ALA C 241 -40.31 21.77 0.40
CA ALA C 241 -41.24 22.55 1.20
C ALA C 241 -40.50 23.72 1.88
N GLY C 242 -39.49 23.41 2.68
CA GLY C 242 -38.76 24.42 3.39
C GLY C 242 -38.21 25.49 2.48
N CYS C 243 -37.82 25.10 1.28
CA CYS C 243 -37.29 26.01 0.29
C CYS C 243 -38.41 26.91 -0.22
N ALA C 244 -39.58 26.31 -0.48
CA ALA C 244 -40.74 27.06 -0.96
C ALA C 244 -41.15 28.10 0.08
N MET C 245 -40.98 27.74 1.35
CA MET C 245 -41.27 28.67 2.42
C MET C 245 -40.30 29.83 2.45
N GLY C 246 -39.06 29.59 2.09
CA GLY C 246 -38.09 30.66 2.07
C GLY C 246 -38.28 31.48 0.83
N GLU C 247 -38.78 30.85 -0.23
CA GLU C 247 -38.94 31.50 -1.51
C GLU C 247 -39.99 32.58 -1.45
N TYR C 248 -41.00 32.38 -0.62
CA TYR C 248 -42.07 33.37 -0.43
C TYR C 248 -41.52 34.69 0.05
N PHE C 249 -40.54 34.62 0.92
CA PHE C 249 -39.88 35.81 1.45
C PHE C 249 -38.87 36.43 0.49
N MET C 250 -38.09 35.60 -0.19
CA MET C 250 -37.14 36.08 -1.18
C MET C 250 -37.82 36.86 -2.29
N TYR C 251 -38.90 36.31 -2.82
CA TYR C 251 -39.58 36.91 -3.94
C TYR C 251 -40.44 38.06 -3.48
N LYS C 252 -40.41 38.26 -2.17
CA LYS C 252 -41.20 39.29 -1.50
C LYS C 252 -40.29 40.47 -1.24
N GLY C 253 -39.00 40.24 -1.37
CA GLY C 253 -38.04 41.27 -1.10
C GLY C 253 -37.33 41.07 0.21
N LYS C 254 -37.80 40.13 1.02
CA LYS C 254 -37.17 39.84 2.30
C LYS C 254 -36.00 38.86 2.20
N HIS C 255 -35.44 38.49 3.35
CA HIS C 255 -34.28 37.61 3.39
C HIS C 255 -34.50 36.38 4.25
N ALA C 256 -34.37 35.22 3.65
CA ALA C 256 -34.56 33.98 4.38
C ALA C 256 -33.30 33.12 4.37
N LEU C 257 -33.12 32.35 5.44
CA LEU C 257 -32.04 31.38 5.53
C LEU C 257 -32.66 30.02 5.77
N VAL C 258 -32.44 29.09 4.86
CA VAL C 258 -32.98 27.77 5.03
C VAL C 258 -31.88 26.78 5.31
N VAL C 259 -32.11 25.92 6.28
CA VAL C 259 -31.17 24.88 6.62
C VAL C 259 -31.77 23.51 6.31
N TYR C 260 -31.19 22.73 5.41
CA TYR C 260 -31.67 21.37 5.17
C TYR C 260 -30.83 20.37 5.94
N ASP C 261 -31.26 20.07 7.16
CA ASP C 261 -30.57 19.14 8.03
C ASP C 261 -30.64 17.73 7.47
N ASP C 262 -29.65 17.43 6.63
CA ASP C 262 -29.41 16.11 6.04
C ASP C 262 -30.01 15.91 4.70
N LEU C 263 -29.33 16.42 3.69
CA LEU C 263 -29.64 16.16 2.30
C LEU C 263 -29.19 14.73 2.03
N SER C 264 -28.43 14.19 2.95
CA SER C 264 -28.03 12.81 2.86
C SER C 264 -29.25 11.96 2.99
N LYS C 265 -30.00 12.22 4.05
CA LYS C 265 -31.20 11.47 4.34
C LYS C 265 -32.24 11.68 3.27
N GLN C 266 -32.23 12.83 2.63
CA GLN C 266 -33.15 13.06 1.53
C GLN C 266 -32.76 12.17 0.37
N ALA C 267 -31.50 12.19 -0.02
CA ALA C 267 -31.03 11.36 -1.13
C ALA C 267 -31.43 9.90 -0.94
N ALA C 268 -31.14 9.35 0.22
CA ALA C 268 -31.53 7.98 0.52
C ALA C 268 -33.03 7.83 0.42
N ALA C 269 -33.78 8.78 0.96
CA ALA C 269 -35.24 8.80 0.87
C ALA C 269 -35.70 8.75 -0.57
N TYR C 270 -35.05 9.55 -1.41
CA TYR C 270 -35.38 9.63 -2.83
C TYR C 270 -35.09 8.32 -3.54
N ARG C 271 -34.02 7.68 -3.11
CA ARG C 271 -33.61 6.47 -3.76
C ARG C 271 -34.59 5.36 -3.49
N GLU C 272 -35.18 5.38 -2.28
CA GLU C 272 -36.18 4.39 -1.89
C GLU C 272 -37.34 4.54 -2.81
N LEU C 273 -37.81 5.76 -2.91
CA LEU C 273 -38.96 6.07 -3.73
C LEU C 273 -38.74 5.66 -5.19
N SER C 274 -37.49 5.69 -5.63
CA SER C 274 -37.17 5.36 -7.01
C SER C 274 -37.50 3.93 -7.45
N LEU C 275 -36.80 2.91 -6.98
CA LEU C 275 -37.17 1.57 -7.43
C LEU C 275 -38.22 0.94 -6.51
N LEU C 276 -38.94 1.77 -5.77
CA LEU C 276 -40.26 1.33 -5.37
C LEU C 276 -41.04 1.52 -6.66
N LEU C 277 -40.83 2.66 -7.30
CA LEU C 277 -41.40 2.90 -8.60
C LEU C 277 -40.61 2.14 -9.66
N ARG C 278 -39.62 1.40 -9.19
CA ARG C 278 -38.81 0.54 -10.03
C ARG C 278 -38.04 1.26 -11.14
N ARG C 279 -37.53 2.44 -10.83
CA ARG C 279 -36.63 3.14 -11.73
C ARG C 279 -35.30 2.41 -11.73
N PRO C 280 -34.61 2.40 -12.89
CA PRO C 280 -33.34 1.65 -12.95
C PRO C 280 -32.33 2.26 -11.99
N PRO C 281 -31.64 1.42 -11.20
CA PRO C 281 -30.55 1.94 -10.37
C PRO C 281 -29.47 2.59 -11.24
N GLY C 282 -28.95 3.74 -10.78
CA GLY C 282 -27.98 4.52 -11.54
C GLY C 282 -26.58 4.49 -10.97
N ARG C 283 -25.86 5.59 -11.13
CA ARG C 283 -24.48 5.67 -10.67
C ARG C 283 -24.44 5.59 -9.15
N GLU C 284 -23.52 4.80 -8.62
CA GLU C 284 -23.52 4.42 -7.21
C GLU C 284 -24.85 3.79 -6.80
N ALA C 285 -25.11 3.74 -5.50
CA ALA C 285 -26.32 3.09 -5.03
C ALA C 285 -27.57 3.86 -5.46
N TYR C 286 -27.34 5.10 -5.92
CA TYR C 286 -28.41 6.07 -6.16
C TYR C 286 -28.88 6.21 -7.61
N PRO C 287 -30.06 6.82 -7.79
CA PRO C 287 -30.66 7.18 -9.09
C PRO C 287 -29.71 8.02 -9.93
N GLY C 288 -30.00 8.15 -11.22
CA GLY C 288 -29.19 8.97 -12.09
C GLY C 288 -29.46 10.43 -11.79
N ASP C 289 -30.68 10.69 -11.38
CA ASP C 289 -31.11 12.04 -11.16
C ASP C 289 -30.91 12.50 -9.73
N VAL C 290 -30.14 11.75 -8.95
CA VAL C 290 -29.89 12.13 -7.56
C VAL C 290 -29.08 13.44 -7.46
N PHE C 291 -28.23 13.72 -8.45
CA PHE C 291 -27.59 15.02 -8.51
C PHE C 291 -28.64 16.09 -8.75
N TYR C 292 -29.42 15.93 -9.82
CA TYR C 292 -30.51 16.85 -10.16
C TYR C 292 -31.43 17.12 -8.97
N LEU C 293 -31.78 16.06 -8.23
CA LEU C 293 -32.51 16.15 -6.98
C LEU C 293 -32.01 17.30 -6.14
N HIS C 294 -30.73 17.27 -5.80
CA HIS C 294 -30.13 18.34 -5.04
C HIS C 294 -29.87 19.63 -5.81
N SER C 295 -29.35 19.57 -7.02
CA SER C 295 -29.06 20.80 -7.74
C SER C 295 -30.34 21.60 -8.00
N ARG C 296 -31.37 20.90 -8.48
CA ARG C 296 -32.67 21.51 -8.70
C ARG C 296 -33.05 22.32 -7.48
N LEU C 297 -32.84 21.71 -6.32
CA LEU C 297 -33.24 22.27 -5.05
C LEU C 297 -32.48 23.54 -4.66
N LEU C 298 -31.20 23.42 -4.34
CA LEU C 298 -30.55 24.59 -3.82
C LEU C 298 -29.99 25.45 -4.95
N GLU C 299 -30.58 25.33 -6.12
CA GLU C 299 -30.42 26.33 -7.15
C GLU C 299 -31.48 27.41 -6.92
N ARG C 300 -32.48 27.06 -6.12
CA ARG C 300 -33.61 27.93 -5.86
C ARG C 300 -33.29 28.94 -4.74
N ALA C 301 -32.19 28.66 -4.03
CA ALA C 301 -31.59 29.63 -3.13
C ALA C 301 -30.85 30.56 -4.03
N ALA C 302 -31.02 31.85 -3.84
CA ALA C 302 -30.41 32.80 -4.74
C ALA C 302 -30.28 34.17 -4.10
N LYS C 303 -29.61 35.08 -4.80
CA LYS C 303 -29.58 36.48 -4.42
C LYS C 303 -30.11 37.26 -5.61
N LEU C 304 -31.29 37.85 -5.44
CA LEU C 304 -31.98 38.43 -6.58
C LEU C 304 -31.46 39.79 -7.01
N SER C 305 -31.54 40.05 -8.31
CA SER C 305 -31.15 41.35 -8.84
C SER C 305 -32.05 42.36 -8.20
N ASP C 306 -31.61 43.62 -8.17
CA ASP C 306 -32.42 44.68 -7.59
C ASP C 306 -33.73 44.79 -8.34
N GLU C 307 -33.67 44.64 -9.65
CA GLU C 307 -34.86 44.63 -10.48
C GLU C 307 -35.88 43.64 -9.92
N LYS C 308 -35.41 42.47 -9.51
CA LYS C 308 -36.32 41.42 -9.05
C LYS C 308 -36.57 41.54 -7.55
N GLY C 309 -36.14 42.65 -6.96
CA GLY C 309 -36.48 42.94 -5.58
C GLY C 309 -35.37 42.81 -4.56
N GLY C 310 -34.23 42.29 -4.97
CA GLY C 310 -33.10 42.17 -4.06
C GLY C 310 -33.31 41.23 -2.87
N GLY C 311 -34.40 40.48 -2.88
CA GLY C 311 -34.60 39.45 -1.87
C GLY C 311 -33.53 38.39 -1.98
N SER C 312 -33.32 37.64 -0.92
CA SER C 312 -32.36 36.56 -0.96
C SER C 312 -32.89 35.33 -0.23
N LEU C 313 -32.38 34.17 -0.60
CA LEU C 313 -32.59 32.95 0.18
C LEU C 313 -31.25 32.27 0.32
N THR C 314 -30.79 32.11 1.55
CA THR C 314 -29.49 31.53 1.81
C THR C 314 -29.72 30.11 2.27
N ALA C 315 -28.88 29.17 1.87
CA ALA C 315 -29.13 27.78 2.24
C ALA C 315 -27.93 27.09 2.87
N LEU C 316 -28.15 26.38 3.96
CA LEU C 316 -27.09 25.60 4.56
C LEU C 316 -27.46 24.13 4.45
N PRO C 317 -27.11 23.50 3.33
CA PRO C 317 -27.35 22.07 3.20
C PRO C 317 -26.41 21.36 4.17
N PHE C 318 -26.82 20.21 4.67
CA PHE C 318 -25.96 19.35 5.45
C PHE C 318 -25.78 18.07 4.68
N ILE C 319 -24.58 17.58 4.66
CA ILE C 319 -24.33 16.25 4.17
C ILE C 319 -23.76 15.56 5.37
N GLU C 320 -24.12 14.33 5.57
CA GLU C 320 -23.58 13.61 6.68
C GLU C 320 -22.69 12.52 6.17
N THR C 321 -21.39 12.65 6.43
CA THR C 321 -20.43 11.69 5.93
C THR C 321 -20.35 10.46 6.81
N GLN C 322 -19.76 9.39 6.30
CA GLN C 322 -19.46 8.23 7.11
C GLN C 322 -17.95 8.12 7.14
N ALA C 323 -17.38 7.98 8.34
CA ALA C 323 -15.94 7.83 8.47
C ALA C 323 -15.19 8.95 7.75
N GLY C 324 -15.80 10.12 7.72
CA GLY C 324 -15.20 11.29 7.11
C GLY C 324 -14.99 11.17 5.62
N ASP C 325 -15.66 10.19 5.01
CA ASP C 325 -15.51 9.99 3.57
C ASP C 325 -16.22 11.10 2.81
N VAL C 326 -15.47 12.13 2.42
CA VAL C 326 -16.00 13.28 1.71
C VAL C 326 -15.92 13.07 0.22
N SER C 327 -15.25 11.99 -0.17
CA SER C 327 -15.05 11.72 -1.59
C SER C 327 -16.21 10.89 -2.11
N ALA C 328 -17.11 10.53 -1.20
CA ALA C 328 -18.29 9.76 -1.58
C ALA C 328 -19.19 10.49 -2.59
N TYR C 329 -20.06 9.74 -3.23
CA TYR C 329 -20.90 10.22 -4.31
C TYR C 329 -21.72 11.44 -3.90
N ILE C 330 -22.69 11.25 -3.03
CA ILE C 330 -23.56 12.36 -2.67
C ILE C 330 -22.78 13.58 -2.15
N PRO C 331 -21.85 13.38 -1.20
CA PRO C 331 -21.03 14.51 -0.77
C PRO C 331 -20.38 15.23 -1.97
N THR C 332 -19.64 14.54 -2.84
CA THR C 332 -19.00 15.23 -3.94
C THR C 332 -20.02 15.95 -4.82
N ASN C 333 -21.23 15.42 -4.92
CA ASN C 333 -22.23 16.02 -5.77
C ASN C 333 -22.55 17.37 -5.23
N VAL C 334 -23.05 17.37 -4.01
CA VAL C 334 -23.52 18.57 -3.37
C VAL C 334 -22.41 19.58 -3.32
N ILE C 335 -21.18 19.11 -3.16
CA ILE C 335 -20.03 20.00 -3.14
C ILE C 335 -19.94 20.77 -4.46
N SER C 336 -20.15 20.06 -5.55
CA SER C 336 -20.07 20.68 -6.87
C SER C 336 -21.31 21.52 -7.15
N ILE C 337 -22.23 21.55 -6.19
CA ILE C 337 -23.45 22.33 -6.34
C ILE C 337 -23.39 23.65 -5.54
N THR C 338 -23.05 23.55 -4.27
CA THR C 338 -22.96 24.70 -3.38
C THR C 338 -21.84 25.67 -3.76
N ASP C 339 -21.63 26.68 -2.92
CA ASP C 339 -20.62 27.69 -3.13
C ASP C 339 -19.56 27.66 -2.05
N GLY C 340 -19.14 26.48 -1.65
CA GLY C 340 -18.17 26.40 -0.58
C GLY C 340 -18.71 25.41 0.42
N GLN C 341 -17.86 24.96 1.32
CA GLN C 341 -18.31 24.02 2.30
C GLN C 341 -17.56 24.22 3.60
N ILE C 342 -18.28 24.12 4.70
CA ILE C 342 -17.66 24.02 6.01
C ILE C 342 -17.52 22.57 6.43
N PHE C 343 -16.29 22.10 6.57
CA PHE C 343 -16.03 20.71 6.95
C PHE C 343 -15.91 20.62 8.45
N LEU C 344 -16.56 19.62 9.04
CA LEU C 344 -16.47 19.36 10.47
C LEU C 344 -15.65 18.11 10.78
N GLU C 345 -14.42 18.33 11.21
CA GLU C 345 -13.53 17.25 11.58
C GLU C 345 -14.09 16.48 12.75
N SER C 346 -14.20 15.17 12.59
CA SER C 346 -14.59 14.32 13.70
C SER C 346 -13.51 14.26 14.78
N ASP C 347 -12.24 14.27 14.38
CA ASP C 347 -11.15 14.28 15.33
C ASP C 347 -11.24 15.46 16.28
N LEU C 348 -11.45 16.64 15.72
CA LEU C 348 -11.56 17.87 16.50
C LEU C 348 -12.67 17.80 17.53
N PHE C 349 -13.84 17.35 17.09
CA PHE C 349 -15.00 17.27 17.98
C PHE C 349 -14.82 16.39 19.19
N TYR C 350 -14.02 15.34 19.07
CA TYR C 350 -13.80 14.49 20.22
C TYR C 350 -12.51 14.86 20.91
N SER C 351 -11.95 15.99 20.50
CA SER C 351 -10.91 16.68 21.24
C SER C 351 -11.53 17.86 21.96
N GLY C 352 -12.86 17.87 22.02
CA GLY C 352 -13.59 18.95 22.65
C GLY C 352 -13.52 20.27 21.92
N VAL C 353 -12.71 20.36 20.87
CA VAL C 353 -12.61 21.58 20.08
C VAL C 353 -13.97 21.89 19.44
N ARG C 354 -14.48 23.08 19.69
CA ARG C 354 -15.77 23.47 19.13
C ARG C 354 -15.82 24.93 18.73
N PRO C 355 -16.39 25.23 17.56
CA PRO C 355 -16.93 24.19 16.68
C PRO C 355 -15.80 23.34 16.08
N ALA C 356 -16.07 22.08 15.78
CA ALA C 356 -15.05 21.20 15.22
C ALA C 356 -14.84 21.53 13.76
N VAL C 357 -14.71 22.81 13.45
CA VAL C 357 -14.46 23.22 12.07
C VAL C 357 -13.02 23.00 11.63
N ASN C 358 -12.86 22.51 10.40
CA ASN C 358 -11.56 22.34 9.81
C ASN C 358 -11.32 23.47 8.83
N VAL C 359 -10.80 24.58 9.36
CA VAL C 359 -10.66 25.81 8.60
C VAL C 359 -9.73 25.62 7.43
N GLY C 360 -8.81 24.69 7.60
CA GLY C 360 -7.88 24.36 6.53
C GLY C 360 -8.58 24.09 5.22
N ILE C 361 -9.37 23.02 5.19
CA ILE C 361 -9.98 22.54 3.95
C ILE C 361 -11.36 23.14 3.71
N SER C 362 -11.80 23.95 4.65
CA SER C 362 -13.12 24.56 4.58
C SER C 362 -13.06 25.88 3.82
N VAL C 363 -14.06 26.15 2.99
CA VAL C 363 -14.06 27.43 2.23
C VAL C 363 -15.41 28.05 1.90
N SER C 364 -15.33 29.34 1.57
CA SER C 364 -16.44 30.10 1.01
C SER C 364 -16.00 30.63 -0.35
N ARG C 365 -16.58 30.12 -1.42
CA ARG C 365 -16.18 30.57 -2.75
C ARG C 365 -16.62 32.01 -2.95
N VAL C 366 -17.67 32.40 -2.24
CA VAL C 366 -18.14 33.79 -2.26
C VAL C 366 -17.09 34.71 -1.62
N GLY C 367 -16.50 34.25 -0.53
CA GLY C 367 -15.38 34.96 0.07
C GLY C 367 -15.77 36.24 0.75
N GLY C 368 -14.79 37.12 0.95
CA GLY C 368 -15.00 38.33 1.71
C GLY C 368 -15.94 39.31 1.05
N ALA C 369 -16.50 38.91 -0.09
CA ALA C 369 -17.51 39.71 -0.77
C ALA C 369 -18.69 39.83 0.17
N ALA C 370 -18.89 38.79 0.96
CA ALA C 370 -19.92 38.81 1.98
C ALA C 370 -19.23 38.89 3.32
N GLN C 371 -18.66 40.06 3.63
CA GLN C 371 -17.85 40.21 4.82
C GLN C 371 -17.54 41.69 4.96
N ILE C 372 -18.03 42.31 6.04
CA ILE C 372 -17.80 43.72 6.30
C ILE C 372 -16.31 44.07 6.29
N LYS C 373 -16.01 45.30 5.91
CA LYS C 373 -14.63 45.75 5.77
C LYS C 373 -13.77 45.40 6.99
N ALA C 374 -14.30 45.68 8.18
CA ALA C 374 -13.57 45.44 9.41
C ALA C 374 -13.09 44.00 9.50
N MET C 375 -14.02 43.08 9.34
CA MET C 375 -13.72 41.67 9.49
C MET C 375 -12.87 41.22 8.34
N LYS C 376 -13.26 41.61 7.14
CA LYS C 376 -12.51 41.29 5.93
C LYS C 376 -11.05 41.68 6.11
N LYS C 377 -10.80 42.69 6.94
CA LYS C 377 -9.44 43.11 7.25
C LYS C 377 -8.77 42.19 8.27
N VAL C 378 -9.25 42.24 9.52
CA VAL C 378 -8.62 41.49 10.62
C VAL C 378 -8.49 40.01 10.33
N ALA C 379 -9.34 39.51 9.45
CA ALA C 379 -9.34 38.11 9.08
C ALA C 379 -8.23 37.82 8.13
N GLY C 380 -8.05 38.71 7.15
CA GLY C 380 -7.06 38.52 6.11
C GLY C 380 -5.76 37.95 6.61
N THR C 381 -5.22 38.55 7.67
CA THR C 381 -3.98 38.10 8.25
C THR C 381 -4.15 36.73 8.88
N LEU C 382 -5.27 36.57 9.59
CA LEU C 382 -5.62 35.34 10.31
C LEU C 382 -5.66 34.07 9.46
N ARG C 383 -6.10 34.18 8.21
CA ARG C 383 -6.01 33.05 7.30
C ARG C 383 -4.57 32.52 7.26
N LEU C 384 -3.63 33.42 7.00
CA LEU C 384 -2.20 33.09 6.99
C LEU C 384 -1.76 32.57 8.35
N ASP C 385 -2.10 33.32 9.38
CA ASP C 385 -1.68 33.04 10.75
C ASP C 385 -1.66 31.56 11.11
N LEU C 386 -2.83 30.92 11.08
CA LEU C 386 -2.89 29.51 11.50
C LEU C 386 -2.68 28.55 10.34
N ALA C 387 -2.49 29.09 9.15
CA ALA C 387 -1.99 28.29 8.05
C ALA C 387 -0.55 27.88 8.37
N GLN C 388 0.24 28.85 8.84
CA GLN C 388 1.61 28.60 9.28
C GLN C 388 1.63 27.69 10.51
N TYR C 389 0.67 27.92 11.41
CA TYR C 389 0.56 27.16 12.65
C TYR C 389 0.18 25.71 12.39
N ARG C 390 -0.29 25.44 11.18
CA ARG C 390 -0.69 24.09 10.79
C ARG C 390 0.55 23.20 10.57
N GLU C 391 1.55 23.76 9.91
CA GLU C 391 2.80 23.06 9.64
C GLU C 391 3.56 22.82 10.93
N LEU C 392 3.90 23.90 11.61
CA LEU C 392 4.67 23.84 12.83
C LEU C 392 3.91 23.16 13.96
N GLN C 393 2.63 22.87 13.71
CA GLN C 393 1.81 22.13 14.65
C GLN C 393 2.52 20.85 15.11
N ALA C 394 3.13 20.16 14.15
CA ALA C 394 3.81 18.88 14.39
C ALA C 394 4.79 18.93 15.56
N PHE C 395 5.45 20.06 15.76
CA PHE C 395 6.42 20.23 16.84
C PHE C 395 5.67 20.57 18.13
N ALA C 396 4.61 19.82 18.38
CA ALA C 396 3.66 20.08 19.47
C ALA C 396 4.30 20.41 20.81
N GLN C 397 4.59 19.40 21.61
CA GLN C 397 5.13 19.62 22.96
C GLN C 397 6.65 19.54 22.94
N PHE C 398 7.26 20.31 22.05
CA PHE C 398 8.71 20.36 21.90
C PHE C 398 9.19 21.75 21.53
N GLY C 399 9.00 22.71 22.43
CA GLY C 399 9.40 24.09 22.19
C GLY C 399 10.90 24.29 22.33
N SER C 400 11.62 24.08 21.24
CA SER C 400 13.08 24.11 21.27
C SER C 400 13.72 25.08 20.27
N ASP C 401 13.03 25.38 19.18
CA ASP C 401 13.64 26.14 18.07
C ASP C 401 14.02 27.58 18.43
N LEU C 402 13.69 27.98 19.65
CA LEU C 402 14.17 29.25 20.20
C LEU C 402 13.53 30.50 19.58
N ASP C 403 14.22 31.09 18.60
CA ASP C 403 13.94 32.46 18.17
C ASP C 403 13.47 32.61 16.71
N LYS C 404 13.70 31.57 15.92
CA LYS C 404 13.41 31.63 14.48
C LYS C 404 11.91 31.65 14.18
N ALA C 405 11.49 30.77 13.27
CA ALA C 405 10.06 30.55 13.02
C ALA C 405 9.53 29.72 14.17
N THR C 406 9.55 30.32 15.36
CA THR C 406 9.45 29.58 16.61
C THR C 406 8.21 29.93 17.37
N GLN C 407 8.41 30.38 18.60
CA GLN C 407 7.32 30.82 19.46
C GLN C 407 6.77 32.16 18.95
N ALA C 408 7.37 32.67 17.88
CA ALA C 408 6.84 33.83 17.18
C ALA C 408 5.62 33.41 16.38
N LYS C 409 5.79 32.37 15.55
CA LYS C 409 4.69 31.79 14.78
C LYS C 409 3.88 30.82 15.66
N LEU C 410 4.51 29.70 15.99
CA LEU C 410 3.88 28.64 16.75
C LEU C 410 3.16 29.17 17.99
N ASN C 411 3.90 29.78 18.91
CA ASN C 411 3.34 30.18 20.19
C ASN C 411 2.12 31.08 20.02
N ARG C 412 2.17 31.95 19.02
CA ARG C 412 1.05 32.86 18.76
C ARG C 412 -0.04 32.21 17.92
N GLY C 413 0.26 31.06 17.33
CA GLY C 413 -0.75 30.29 16.64
C GLY C 413 -1.65 29.57 17.63
N GLU C 414 -1.04 29.00 18.67
CA GLU C 414 -1.78 28.38 19.75
C GLU C 414 -2.81 29.36 20.32
N ARG C 415 -2.47 30.64 20.27
CA ARG C 415 -3.32 31.68 20.82
C ARG C 415 -4.51 31.92 19.93
N THR C 416 -4.27 31.88 18.63
CA THR C 416 -5.33 32.11 17.66
C THR C 416 -6.38 31.01 17.70
N VAL C 417 -5.92 29.77 17.73
CA VAL C 417 -6.82 28.62 17.86
C VAL C 417 -7.74 28.71 19.10
N GLU C 418 -7.31 29.42 20.13
CA GLU C 418 -8.16 29.58 21.29
C GLU C 418 -9.32 30.54 21.01
N ILE C 419 -9.08 31.59 20.24
CA ILE C 419 -10.17 32.54 20.00
C ILE C 419 -11.13 31.99 18.96
N LEU C 420 -10.74 30.89 18.32
CA LEU C 420 -11.63 30.28 17.36
C LEU C 420 -12.67 29.43 18.08
N LYS C 421 -12.25 28.86 19.21
CA LYS C 421 -13.11 28.02 20.02
C LYS C 421 -14.29 28.86 20.45
N GLN C 422 -15.41 28.22 20.74
CA GLN C 422 -16.65 28.94 20.97
C GLN C 422 -17.75 28.00 21.49
N ASP C 423 -18.33 28.37 22.63
CA ASP C 423 -19.40 27.60 23.25
C ASP C 423 -20.63 27.42 22.36
N GLU C 424 -21.34 26.31 22.57
CA GLU C 424 -22.58 26.07 21.88
C GLU C 424 -23.58 27.18 22.19
N HIS C 425 -24.34 27.56 21.16
CA HIS C 425 -25.47 28.48 21.32
C HIS C 425 -25.03 29.81 21.90
N LYS C 426 -23.86 30.26 21.47
CA LYS C 426 -23.34 31.55 21.89
C LYS C 426 -22.84 32.35 20.70
N PRO C 427 -23.74 32.61 19.72
CA PRO C 427 -23.32 33.42 18.58
C PRO C 427 -22.79 34.74 19.11
N MET C 428 -21.70 35.22 18.50
CA MET C 428 -21.08 36.48 18.89
C MET C 428 -21.35 37.51 17.80
N PRO C 429 -21.81 38.71 18.19
CA PRO C 429 -22.07 39.80 17.23
C PRO C 429 -20.80 40.15 16.49
N VAL C 430 -20.90 40.44 15.20
CA VAL C 430 -19.72 40.74 14.39
C VAL C 430 -18.75 41.64 15.12
N GLU C 431 -19.24 42.80 15.57
CA GLU C 431 -18.41 43.78 16.27
C GLU C 431 -17.51 43.10 17.30
N GLU C 432 -18.10 42.36 18.22
CA GLU C 432 -17.34 41.69 19.25
C GLU C 432 -16.36 40.69 18.64
N GLN C 433 -16.81 39.90 17.67
CA GLN C 433 -15.91 39.00 16.93
C GLN C 433 -14.68 39.76 16.44
N VAL C 434 -14.90 40.94 15.87
CA VAL C 434 -13.84 41.68 15.18
C VAL C 434 -12.76 42.24 16.11
N ILE C 435 -13.21 42.82 17.22
CA ILE C 435 -12.28 43.28 18.24
C ILE C 435 -11.51 42.07 18.75
N SER C 436 -12.26 41.05 19.18
CA SER C 436 -11.65 39.83 19.71
C SER C 436 -10.55 39.32 18.77
N ILE C 437 -10.87 39.17 17.49
CA ILE C 437 -9.86 38.74 16.54
C ILE C 437 -8.68 39.71 16.47
N TYR C 438 -8.99 40.98 16.19
CA TYR C 438 -7.97 42.03 16.16
C TYR C 438 -7.07 42.02 17.39
N ALA C 439 -7.67 41.80 18.56
CA ALA C 439 -6.90 41.75 19.79
C ALA C 439 -5.76 40.76 19.63
N VAL C 440 -6.08 39.50 19.38
CA VAL C 440 -5.05 38.48 19.30
C VAL C 440 -4.15 38.67 18.11
N THR C 441 -4.74 39.06 16.99
CA THR C 441 -4.02 39.12 15.74
C THR C 441 -2.96 40.25 15.75
N ASN C 442 -3.16 41.24 16.61
CA ASN C 442 -2.19 42.30 16.80
C ASN C 442 -1.33 42.09 18.05
N GLY C 443 -1.26 40.84 18.51
CA GLY C 443 -0.30 40.43 19.51
C GLY C 443 -0.66 40.76 20.94
N PHE C 444 -1.85 41.31 21.16
CA PHE C 444 -2.24 41.73 22.49
C PHE C 444 -2.44 40.54 23.43
N MET C 445 -2.29 39.34 22.89
CA MET C 445 -2.45 38.10 23.64
C MET C 445 -1.10 37.41 23.86
N ASP C 446 -0.10 37.90 23.13
CA ASP C 446 1.22 37.26 23.12
C ASP C 446 1.96 37.29 24.47
N ASP C 447 1.80 38.38 25.22
CA ASP C 447 2.37 38.46 26.55
C ASP C 447 1.49 37.67 27.52
N ILE C 448 0.26 37.43 27.10
CA ILE C 448 -0.72 36.66 27.86
C ILE C 448 -0.52 35.17 27.62
N PRO C 449 -0.85 34.33 28.62
CA PRO C 449 -0.67 32.87 28.57
C PRO C 449 -1.42 32.21 27.41
N VAL C 450 -1.72 30.92 27.54
CA VAL C 450 -2.53 30.23 26.54
C VAL C 450 -3.78 29.62 27.17
N GLU C 451 -3.64 29.08 28.38
CA GLU C 451 -4.80 28.66 29.16
C GLU C 451 -5.59 29.92 29.59
N ASP C 452 -5.05 31.07 29.22
CA ASP C 452 -5.61 32.35 29.60
C ASP C 452 -6.20 33.15 28.43
N VAL C 453 -6.13 32.60 27.23
CA VAL C 453 -6.64 33.33 26.08
C VAL C 453 -8.15 33.45 26.09
N ARG C 454 -8.82 32.32 26.29
CA ARG C 454 -10.27 32.26 26.23
C ARG C 454 -10.92 33.31 27.14
N ARG C 455 -10.45 33.41 28.38
CA ARG C 455 -11.06 34.34 29.35
C ARG C 455 -10.71 35.79 29.04
N PHE C 456 -9.46 36.01 28.65
CA PHE C 456 -8.98 37.31 28.24
C PHE C 456 -9.82 37.87 27.11
N GLU C 457 -10.41 36.99 26.31
CA GLU C 457 -11.30 37.41 25.24
C GLU C 457 -12.66 37.74 25.80
N GLU C 458 -13.20 36.80 26.58
CA GLU C 458 -14.53 36.95 27.17
C GLU C 458 -14.60 38.23 27.97
N GLU C 459 -13.46 38.57 28.59
CA GLU C 459 -13.41 39.70 29.51
C GLU C 459 -12.99 40.98 28.82
N LEU C 460 -12.34 40.85 27.68
CA LEU C 460 -12.00 42.02 26.86
C LEU C 460 -13.27 42.63 26.28
N LEU C 461 -14.15 41.78 25.77
CA LEU C 461 -15.41 42.21 25.18
C LEU C 461 -16.37 42.82 26.20
N SER C 462 -16.59 42.13 27.31
CA SER C 462 -17.46 42.64 28.35
C SER C 462 -17.03 44.02 28.79
N PHE C 463 -15.74 44.28 28.63
CA PHE C 463 -15.10 45.56 28.97
C PHE C 463 -15.50 46.69 28.01
N MET C 464 -15.52 46.37 26.72
CA MET C 464 -15.94 47.27 25.66
C MET C 464 -17.44 47.53 25.69
N ARG C 465 -18.25 46.48 25.82
CA ARG C 465 -19.70 46.62 25.76
C ARG C 465 -20.19 47.66 26.76
N ALA C 466 -19.46 47.81 27.86
CA ALA C 466 -19.87 48.71 28.92
C ALA C 466 -19.08 50.02 28.89
N ASN C 467 -17.93 50.01 28.24
CA ASN C 467 -17.07 51.20 28.21
C ASN C 467 -16.85 51.78 26.81
N LYS C 468 -16.06 51.08 26.02
CA LYS C 468 -15.70 51.51 24.67
C LYS C 468 -16.77 51.23 23.62
N ASP C 469 -18.05 51.35 23.98
CA ASP C 469 -19.12 51.09 23.02
C ASP C 469 -18.98 52.02 21.81
N SER C 470 -18.35 53.17 22.02
CA SER C 470 -18.09 54.10 20.93
C SER C 470 -17.44 53.34 19.79
N LEU C 471 -16.38 52.61 20.11
CA LEU C 471 -15.65 51.81 19.13
C LEU C 471 -16.52 50.71 18.54
N LEU C 472 -17.31 50.04 19.39
CA LEU C 472 -18.17 48.95 18.95
C LEU C 472 -19.25 49.44 18.00
N ASP C 473 -19.98 50.50 18.39
CA ASP C 473 -21.07 50.99 17.56
C ASP C 473 -20.51 51.56 16.28
N HIS C 474 -19.25 52.00 16.34
CA HIS C 474 -18.60 52.49 15.15
C HIS C 474 -18.50 51.41 14.09
N ILE C 475 -18.40 50.18 14.53
CA ILE C 475 -18.33 49.05 13.62
C ILE C 475 -19.74 48.62 13.21
N ARG C 476 -20.72 48.87 14.08
CA ARG C 476 -22.10 48.58 13.72
C ARG C 476 -22.57 49.54 12.62
N GLN C 477 -21.91 50.68 12.52
CA GLN C 477 -22.25 51.68 11.50
C GLN C 477 -21.14 51.74 10.46
N THR C 478 -21.46 51.35 9.23
CA THR C 478 -20.43 51.14 8.21
C THR C 478 -19.16 50.62 8.86
N GLY C 479 -19.19 49.34 9.18
CA GLY C 479 -18.22 48.78 10.10
C GLY C 479 -16.90 48.47 9.46
N GLU C 480 -15.94 49.38 9.63
CA GLU C 480 -14.58 49.10 9.20
C GLU C 480 -13.62 49.17 10.38
N LEU C 481 -14.16 49.56 11.52
CA LEU C 481 -13.46 49.46 12.80
C LEU C 481 -12.66 50.70 13.24
N PRO C 482 -12.14 51.46 12.26
CA PRO C 482 -10.93 52.30 12.34
C PRO C 482 -10.61 52.90 13.71
N ASP C 483 -10.24 54.17 13.70
CA ASP C 483 -9.72 54.83 14.90
C ASP C 483 -8.73 53.91 15.59
N THR C 484 -7.96 53.17 14.80
CA THR C 484 -6.92 52.31 15.35
C THR C 484 -5.91 53.17 16.12
N LYS C 485 -5.11 52.52 16.96
CA LYS C 485 -4.22 53.21 17.89
C LYS C 485 -5.04 53.77 19.04
N GLU C 486 -6.19 54.36 18.73
CA GLU C 486 -7.17 54.67 19.76
C GLU C 486 -7.74 53.34 20.19
N LEU C 487 -7.88 52.46 19.22
CA LEU C 487 -8.29 51.09 19.43
C LEU C 487 -7.25 50.37 20.28
N ASP C 488 -5.99 50.44 19.86
CA ASP C 488 -4.89 49.82 20.59
C ASP C 488 -4.76 50.37 22.00
N ALA C 489 -4.99 51.67 22.14
CA ALA C 489 -4.94 52.32 23.44
C ALA C 489 -6.08 51.82 24.32
N ALA C 490 -7.30 51.85 23.77
CA ALA C 490 -8.49 51.34 24.45
C ALA C 490 -8.30 49.90 24.89
N ILE C 491 -7.60 49.12 24.06
CA ILE C 491 -7.27 47.76 24.43
C ILE C 491 -6.30 47.73 25.59
N GLU C 492 -5.18 48.41 25.42
CA GLU C 492 -4.16 48.44 26.44
C GLU C 492 -4.63 48.97 27.80
N GLU C 493 -5.72 49.75 27.78
CA GLU C 493 -6.33 50.24 29.02
C GLU C 493 -7.19 49.16 29.68
N PHE C 494 -7.28 48.01 29.03
CA PHE C 494 -7.86 46.84 29.63
C PHE C 494 -6.74 45.82 29.76
N LYS C 495 -5.78 45.94 28.87
CA LYS C 495 -4.64 45.04 28.79
C LYS C 495 -3.78 45.17 30.03
N LYS C 496 -2.50 44.85 29.86
CA LYS C 496 -1.56 44.79 30.98
C LYS C 496 -1.82 43.52 31.78
N GLY C 497 -2.79 42.74 31.29
CA GLY C 497 -3.18 41.50 31.95
C GLY C 497 -3.82 41.76 33.28
N PHE C 498 -2.99 42.05 34.28
CA PHE C 498 -3.36 42.20 35.68
C PHE C 498 -4.07 41.00 36.32
N THR C 499 -4.17 39.91 35.57
CA THR C 499 -4.73 38.67 36.10
C THR C 499 -4.42 37.45 35.21
N PRO C 500 -3.13 37.23 34.88
CA PRO C 500 -2.71 36.06 34.09
C PRO C 500 -2.34 34.85 34.96
N ASN D 2 -49.36 15.84 -37.37
CA ASN D 2 -49.29 17.21 -36.87
C ASN D 2 -49.68 17.35 -35.40
N LYS D 3 -50.96 17.12 -35.09
CA LYS D 3 -51.45 17.26 -33.72
C LYS D 3 -51.59 15.92 -32.98
N GLY D 4 -51.26 15.94 -31.69
CA GLY D 4 -51.34 14.74 -30.89
C GLY D 4 -51.91 15.07 -29.52
N ARG D 5 -52.17 14.04 -28.73
CA ARG D 5 -52.70 14.24 -27.40
C ARG D 5 -51.87 13.41 -26.44
N ILE D 6 -51.58 13.97 -25.27
CA ILE D 6 -50.70 13.34 -24.29
C ILE D 6 -51.30 12.08 -23.71
N ILE D 7 -50.55 10.98 -23.81
CA ILE D 7 -50.97 9.71 -23.27
C ILE D 7 -50.41 9.47 -21.86
N GLN D 8 -49.13 9.82 -21.67
CA GLN D 8 -48.46 9.57 -20.40
C GLN D 8 -47.55 10.73 -20.01
N VAL D 9 -47.41 10.97 -18.71
CA VAL D 9 -46.46 11.96 -18.21
C VAL D 9 -45.72 11.37 -17.03
N MET D 10 -44.47 11.03 -17.24
CA MET D 10 -43.70 10.49 -16.14
C MET D 10 -42.40 11.23 -16.06
N GLY D 11 -42.39 12.30 -15.28
CA GLY D 11 -41.22 13.14 -15.17
C GLY D 11 -41.02 13.86 -16.47
N PRO D 12 -39.76 14.03 -16.86
CA PRO D 12 -39.43 14.75 -18.08
C PRO D 12 -39.87 13.97 -19.30
N VAL D 13 -40.47 12.81 -19.08
CA VAL D 13 -40.88 11.98 -20.20
C VAL D 13 -42.37 12.09 -20.46
N VAL D 14 -42.71 12.42 -21.70
CA VAL D 14 -44.09 12.58 -22.07
C VAL D 14 -44.42 11.70 -23.28
N ASP D 15 -45.44 10.86 -23.16
CA ASP D 15 -45.83 9.99 -24.25
C ASP D 15 -47.03 10.58 -24.94
N ILE D 16 -46.92 10.76 -26.25
CA ILE D 16 -47.94 11.47 -27.00
C ILE D 16 -48.47 10.63 -28.17
N GLN D 17 -49.78 10.43 -28.23
CA GLN D 17 -50.35 9.72 -29.35
C GLN D 17 -50.74 10.66 -30.47
N PHE D 18 -50.25 10.36 -31.67
CA PHE D 18 -50.61 11.12 -32.85
C PHE D 18 -51.56 10.30 -33.71
N GLU D 19 -51.89 10.81 -34.89
CA GLU D 19 -52.74 10.07 -35.81
C GLU D 19 -51.86 9.26 -36.73
N SER D 20 -52.38 8.15 -37.24
CA SER D 20 -51.57 7.21 -38.03
C SER D 20 -50.91 7.88 -39.22
N GLY D 21 -49.60 7.68 -39.34
CA GLY D 21 -48.85 8.26 -40.44
C GLY D 21 -48.54 9.76 -40.29
N GLN D 22 -48.94 10.32 -39.15
CA GLN D 22 -48.70 11.73 -38.87
C GLN D 22 -47.61 11.92 -37.81
N LEU D 23 -46.79 10.89 -37.62
CA LEU D 23 -45.82 10.88 -36.52
C LEU D 23 -44.54 11.66 -36.81
N PRO D 24 -44.03 12.37 -35.79
CA PRO D 24 -42.88 13.26 -35.84
C PRO D 24 -41.60 12.50 -36.08
N ASP D 25 -40.70 13.05 -36.90
CA ASP D 25 -39.34 12.54 -37.01
C ASP D 25 -38.75 12.69 -35.62
N ILE D 26 -37.76 11.87 -35.28
CA ILE D 26 -37.23 11.98 -33.94
C ILE D 26 -36.36 13.22 -33.83
N TYR D 27 -36.35 13.81 -32.63
CA TYR D 27 -35.69 15.10 -32.36
C TYR D 27 -36.58 16.28 -32.72
N ASN D 28 -37.78 15.98 -33.18
CA ASN D 28 -38.73 17.03 -33.53
C ASN D 28 -39.32 17.70 -32.30
N ALA D 29 -39.26 19.03 -32.30
CA ALA D 29 -39.89 19.78 -31.24
C ALA D 29 -41.41 19.63 -31.36
N ILE D 30 -42.01 19.16 -30.29
CA ILE D 30 -43.45 19.10 -30.18
C ILE D 30 -43.76 20.08 -29.08
N THR D 31 -44.62 21.06 -29.35
CA THR D 31 -45.01 21.99 -28.31
C THR D 31 -46.30 21.54 -27.64
N ILE D 32 -46.38 21.78 -26.34
CA ILE D 32 -47.55 21.47 -25.59
C ILE D 32 -47.94 22.74 -24.89
N GLU D 33 -49.23 23.04 -24.86
CA GLU D 33 -49.66 24.27 -24.23
C GLU D 33 -50.59 23.90 -23.11
N ARG D 34 -51.29 24.88 -22.55
CA ARG D 34 -52.16 24.66 -21.42
C ARG D 34 -51.32 24.16 -20.25
N PRO D 35 -51.93 24.00 -19.06
CA PRO D 35 -53.23 24.49 -18.62
C PRO D 35 -53.21 25.68 -17.65
N GLN D 36 -52.04 26.11 -17.19
CA GLN D 36 -51.92 27.29 -16.34
C GLN D 36 -51.29 28.56 -16.97
N GLY D 37 -50.34 28.39 -17.91
CA GLY D 37 -49.78 29.51 -18.65
C GLY D 37 -48.92 29.27 -19.88
N GLY D 38 -47.66 28.89 -19.66
CA GLY D 38 -46.66 28.93 -20.72
C GLY D 38 -46.78 28.02 -21.93
N THR D 39 -45.66 27.48 -22.38
CA THR D 39 -45.65 26.49 -23.44
C THR D 39 -44.46 25.58 -23.23
N LEU D 40 -44.75 24.31 -22.99
CA LEU D 40 -43.72 23.28 -22.81
C LEU D 40 -43.27 22.71 -24.14
N THR D 41 -41.96 22.63 -24.32
CA THR D 41 -41.46 21.97 -25.50
C THR D 41 -40.82 20.63 -25.15
N VAL D 42 -41.30 19.58 -25.81
CA VAL D 42 -40.72 18.27 -25.66
C VAL D 42 -40.11 17.82 -26.99
N GLU D 43 -39.13 16.95 -26.90
CA GLU D 43 -38.38 16.52 -28.08
C GLU D 43 -38.68 15.04 -28.32
N ALA D 44 -39.13 14.72 -29.53
CA ALA D 44 -39.40 13.33 -29.88
C ALA D 44 -38.16 12.44 -29.69
N ALA D 45 -38.35 11.29 -29.06
CA ALA D 45 -37.23 10.43 -28.71
C ALA D 45 -37.41 9.03 -29.27
N VAL D 46 -38.56 8.44 -29.04
CA VAL D 46 -38.78 7.05 -29.46
C VAL D 46 -40.18 6.82 -29.95
N HIS D 47 -40.33 6.14 -31.07
CA HIS D 47 -41.64 5.69 -31.53
C HIS D 47 -41.94 4.35 -30.88
N LEU D 48 -42.82 4.37 -29.89
CA LEU D 48 -43.09 3.19 -29.09
C LEU D 48 -44.00 2.24 -29.87
N GLY D 49 -44.72 2.78 -30.86
CA GLY D 49 -45.69 1.99 -31.61
C GLY D 49 -47.09 2.41 -31.22
N ASP D 50 -48.08 1.96 -31.99
CA ASP D 50 -49.48 2.36 -31.76
C ASP D 50 -49.60 3.87 -31.86
N ASN D 51 -48.81 4.45 -32.76
CA ASN D 51 -48.78 5.89 -32.98
C ASN D 51 -48.42 6.72 -31.76
N VAL D 52 -47.98 6.07 -30.69
CA VAL D 52 -47.39 6.81 -29.60
C VAL D 52 -45.92 7.09 -29.85
N VAL D 53 -45.51 8.30 -29.50
CA VAL D 53 -44.12 8.67 -29.50
C VAL D 53 -43.73 9.29 -28.16
N ARG D 54 -42.68 8.75 -27.59
CA ARG D 54 -42.20 9.20 -26.29
C ARG D 54 -41.24 10.36 -26.46
N CYS D 55 -41.33 11.34 -25.56
CA CYS D 55 -40.49 12.52 -25.67
C CYS D 55 -39.78 12.90 -24.38
N VAL D 56 -38.82 13.79 -24.50
CA VAL D 56 -38.13 14.35 -23.35
C VAL D 56 -38.48 15.84 -23.22
N ALA D 57 -38.81 16.28 -22.02
CA ALA D 57 -39.21 17.68 -21.87
C ALA D 57 -37.98 18.57 -21.84
N MET D 58 -38.21 19.87 -22.05
CA MET D 58 -37.16 20.86 -21.97
C MET D 58 -37.42 21.79 -20.80
N ALA D 59 -38.51 21.54 -20.10
CA ALA D 59 -38.86 22.31 -18.93
C ALA D 59 -39.66 21.36 -18.07
N SER D 60 -40.13 21.85 -16.92
CA SER D 60 -40.89 21.02 -16.00
C SER D 60 -42.17 20.55 -16.66
N THR D 61 -42.61 19.36 -16.29
CA THR D 61 -43.88 18.86 -16.78
C THR D 61 -44.91 18.78 -15.65
N ASP D 62 -44.71 19.57 -14.61
CA ASP D 62 -45.74 19.68 -13.59
C ASP D 62 -46.99 20.25 -14.19
N GLY D 63 -48.13 19.75 -13.78
CA GLY D 63 -49.37 20.35 -14.21
C GLY D 63 -49.90 19.82 -15.52
N LEU D 64 -49.04 19.24 -16.33
CA LEU D 64 -49.49 18.56 -17.53
C LEU D 64 -50.60 17.59 -17.20
N VAL D 65 -51.57 17.50 -18.09
CA VAL D 65 -52.73 16.64 -17.87
C VAL D 65 -52.85 15.72 -19.08
N ARG D 66 -53.24 14.47 -18.86
CA ARG D 66 -53.39 13.54 -19.96
C ARG D 66 -54.51 14.01 -20.90
N GLY D 67 -54.22 14.00 -22.19
CA GLY D 67 -55.19 14.42 -23.16
C GLY D 67 -54.84 15.76 -23.77
N LEU D 68 -54.00 16.55 -23.09
CA LEU D 68 -53.67 17.88 -23.60
C LEU D 68 -53.19 17.77 -25.04
N GLU D 69 -53.61 18.71 -25.88
CA GLU D 69 -53.15 18.70 -27.26
C GLU D 69 -51.68 19.03 -27.38
N ALA D 70 -51.00 18.35 -28.29
CA ALA D 70 -49.60 18.62 -28.60
C ALA D 70 -49.46 18.81 -30.10
N VAL D 71 -48.49 19.63 -30.49
CA VAL D 71 -48.32 19.96 -31.89
C VAL D 71 -46.87 19.72 -32.31
N ASP D 72 -46.71 18.82 -33.29
CA ASP D 72 -45.41 18.55 -33.88
C ASP D 72 -45.04 19.78 -34.69
N THR D 73 -43.90 20.40 -34.40
CA THR D 73 -43.53 21.61 -35.11
C THR D 73 -42.99 21.27 -36.50
N GLY D 74 -42.71 20.00 -36.71
CA GLY D 74 -42.19 19.54 -37.99
C GLY D 74 -40.68 19.72 -38.13
N ALA D 75 -40.02 20.10 -37.06
CA ALA D 75 -38.59 20.28 -37.10
C ALA D 75 -37.99 20.16 -35.72
N PRO D 76 -36.67 19.92 -35.65
CA PRO D 76 -36.01 19.90 -34.34
C PRO D 76 -36.11 21.28 -33.73
N ILE D 77 -35.78 21.37 -32.44
CA ILE D 77 -35.72 22.65 -31.77
C ILE D 77 -34.86 23.55 -32.63
N SER D 78 -35.47 24.61 -33.15
CA SER D 78 -34.75 25.55 -33.99
C SER D 78 -34.51 26.89 -33.30
N VAL D 79 -33.31 27.41 -33.47
CA VAL D 79 -32.87 28.57 -32.73
C VAL D 79 -32.35 29.66 -33.64
N PRO D 80 -32.50 30.92 -33.21
CA PRO D 80 -32.04 32.12 -33.93
C PRO D 80 -30.55 32.05 -34.21
N VAL D 81 -30.11 32.65 -35.30
CA VAL D 81 -28.69 32.66 -35.65
C VAL D 81 -28.27 34.03 -36.21
N GLY D 82 -26.95 34.22 -36.38
CA GLY D 82 -26.45 35.44 -36.99
C GLY D 82 -26.27 36.63 -36.06
N LYS D 83 -26.01 37.79 -36.66
CA LYS D 83 -25.84 39.05 -35.92
C LYS D 83 -26.80 39.20 -34.74
N ALA D 84 -28.05 38.78 -34.94
CA ALA D 84 -29.10 39.00 -33.95
C ALA D 84 -28.82 38.39 -32.58
N THR D 85 -27.97 37.36 -32.55
CA THR D 85 -27.72 36.65 -31.31
C THR D 85 -26.53 37.18 -30.51
N LEU D 86 -25.75 38.07 -31.13
CA LEU D 86 -24.56 38.61 -30.48
C LEU D 86 -24.94 39.52 -29.33
N GLY D 87 -24.35 39.27 -28.16
CA GLY D 87 -24.67 40.04 -26.98
C GLY D 87 -25.91 39.58 -26.23
N ARG D 88 -26.63 38.63 -26.81
CA ARG D 88 -27.85 38.12 -26.21
C ARG D 88 -27.61 36.79 -25.50
N VAL D 89 -28.33 36.53 -24.41
CA VAL D 89 -28.25 35.24 -23.73
C VAL D 89 -29.55 34.44 -23.86
N PHE D 90 -29.39 33.16 -24.15
CA PHE D 90 -30.53 32.32 -24.48
C PHE D 90 -30.59 31.09 -23.60
N ASN D 91 -31.71 30.38 -23.66
CA ASN D 91 -31.81 29.03 -23.14
C ASN D 91 -31.85 28.03 -24.28
N VAL D 92 -32.01 26.76 -23.96
CA VAL D 92 -32.05 25.71 -24.97
C VAL D 92 -33.00 25.96 -26.13
N LEU D 93 -34.12 26.61 -25.85
CA LEU D 93 -35.16 26.78 -26.85
C LEU D 93 -34.87 27.92 -27.79
N GLY D 94 -33.74 28.57 -27.56
CA GLY D 94 -33.38 29.73 -28.35
C GLY D 94 -34.21 30.92 -27.95
N GLU D 95 -34.70 30.91 -26.71
CA GLU D 95 -35.43 32.03 -26.17
C GLU D 95 -34.48 32.94 -25.37
N PRO D 96 -34.67 34.27 -25.48
CA PRO D 96 -33.83 35.20 -24.73
C PRO D 96 -34.15 35.16 -23.24
N ILE D 97 -33.16 34.78 -22.43
CA ILE D 97 -33.38 34.72 -21.00
C ILE D 97 -32.82 35.97 -20.30
N ASP D 98 -32.52 37.01 -21.09
CA ASP D 98 -31.92 38.23 -20.55
C ASP D 98 -32.84 39.43 -20.52
N GLU D 99 -34.14 39.21 -20.78
CA GLU D 99 -35.12 40.29 -20.83
C GLU D 99 -34.55 41.47 -21.59
N GLN D 100 -34.43 41.36 -22.90
CA GLN D 100 -33.77 42.39 -23.68
C GLN D 100 -34.42 42.57 -25.02
N GLY D 101 -35.63 42.06 -25.15
CA GLY D 101 -36.35 42.11 -26.41
C GLY D 101 -36.41 40.70 -26.98
N GLU D 102 -37.03 40.54 -28.14
CA GLU D 102 -36.92 39.26 -28.83
C GLU D 102 -35.77 39.43 -29.80
N VAL D 103 -35.27 38.31 -30.31
CA VAL D 103 -34.17 38.31 -31.27
C VAL D 103 -34.72 38.52 -32.66
N ASN D 104 -34.28 39.59 -33.31
CA ASN D 104 -34.75 39.90 -34.65
C ASN D 104 -33.95 39.12 -35.67
N ALA D 105 -33.74 37.83 -35.39
CA ALA D 105 -32.95 36.99 -36.24
C ALA D 105 -33.68 36.69 -37.55
N GLU D 106 -32.90 36.65 -38.63
CA GLU D 106 -33.43 36.38 -39.97
C GLU D 106 -33.87 34.92 -40.09
N GLU D 107 -33.04 34.01 -39.59
CA GLU D 107 -33.29 32.59 -39.67
C GLU D 107 -33.21 31.89 -38.31
N ARG D 108 -33.73 30.67 -38.25
CA ARG D 108 -33.66 29.85 -37.07
C ARG D 108 -33.33 28.43 -37.51
N HIS D 109 -32.15 27.95 -37.13
CA HIS D 109 -31.68 26.62 -37.55
C HIS D 109 -31.99 25.55 -36.51
N PRO D 110 -32.23 24.31 -36.95
CA PRO D 110 -32.44 23.20 -36.02
C PRO D 110 -31.13 22.92 -35.31
N ILE D 111 -31.21 22.49 -34.05
CA ILE D 111 -30.01 22.23 -33.29
C ILE D 111 -29.52 20.81 -33.57
N HIS D 112 -30.35 20.01 -34.22
CA HIS D 112 -29.96 18.66 -34.57
C HIS D 112 -29.66 18.61 -36.05
N ARG D 113 -28.50 18.05 -36.38
CA ARG D 113 -28.06 17.97 -37.76
C ARG D 113 -26.77 17.14 -37.87
N PRO D 114 -26.47 16.65 -39.08
CA PRO D 114 -25.32 15.77 -39.27
C PRO D 114 -24.08 16.61 -39.31
N ALA D 115 -22.95 16.01 -39.04
CA ALA D 115 -21.70 16.75 -39.10
C ALA D 115 -21.31 16.97 -40.56
N PRO D 116 -20.49 18.00 -40.81
CA PRO D 116 -20.04 18.27 -42.18
C PRO D 116 -19.56 16.99 -42.83
N GLU D 117 -19.81 16.84 -44.13
CA GLU D 117 -19.48 15.59 -44.79
C GLU D 117 -18.01 15.50 -45.13
N PHE D 118 -17.53 14.29 -45.36
CA PHE D 118 -16.12 14.04 -45.60
C PHE D 118 -15.45 15.02 -46.56
N GLU D 119 -16.10 15.35 -47.67
CA GLU D 119 -15.43 16.22 -48.64
C GLU D 119 -15.46 17.71 -48.29
N GLU D 120 -16.29 18.10 -47.33
CA GLU D 120 -16.30 19.48 -46.87
C GLU D 120 -15.21 19.71 -45.83
N LEU D 121 -14.56 18.63 -45.40
CA LEU D 121 -13.56 18.73 -44.35
C LEU D 121 -12.24 19.28 -44.83
N SER D 122 -11.68 20.24 -44.10
CA SER D 122 -10.32 20.67 -44.36
C SER D 122 -9.39 19.52 -44.01
N THR D 123 -8.34 19.34 -44.80
CA THR D 123 -7.51 18.15 -44.68
C THR D 123 -6.11 18.44 -44.14
N ALA D 124 -5.88 19.69 -43.74
CA ALA D 124 -4.59 20.05 -43.16
C ALA D 124 -4.82 20.83 -41.86
N ASP D 125 -4.00 20.53 -40.85
CA ASP D 125 -4.09 21.22 -39.57
C ASP D 125 -3.53 22.62 -39.63
N GLU D 126 -4.20 23.57 -38.97
CA GLU D 126 -3.64 24.91 -38.90
C GLU D 126 -3.79 25.42 -37.48
N ILE D 127 -2.78 26.13 -37.02
CA ILE D 127 -2.81 26.68 -35.68
C ILE D 127 -3.81 27.81 -35.66
N LEU D 128 -4.68 27.79 -34.67
CA LEU D 128 -5.52 28.93 -34.40
C LEU D 128 -4.69 29.84 -33.52
N GLU D 129 -4.21 30.95 -34.11
CA GLU D 129 -3.37 31.89 -33.38
C GLU D 129 -4.21 32.63 -32.38
N THR D 130 -3.95 32.38 -31.11
CA THR D 130 -4.56 33.13 -30.04
C THR D 130 -3.62 34.28 -29.69
N GLY D 131 -4.06 35.22 -28.88
CA GLY D 131 -3.10 36.22 -28.43
C GLY D 131 -1.92 35.59 -27.67
N ILE D 132 -2.26 34.63 -26.82
CA ILE D 132 -1.42 34.22 -25.70
C ILE D 132 -0.18 33.43 -26.08
N LYS D 133 0.98 33.87 -25.57
CA LYS D 133 2.28 33.27 -25.83
C LYS D 133 2.41 31.81 -25.40
N VAL D 134 1.94 31.48 -24.20
CA VAL D 134 2.17 30.13 -23.68
C VAL D 134 1.37 29.07 -24.41
N ILE D 135 0.14 29.38 -24.79
CA ILE D 135 -0.64 28.38 -25.48
C ILE D 135 -0.21 28.29 -26.93
N ASP D 136 0.19 29.41 -27.52
CA ASP D 136 0.62 29.39 -28.92
C ASP D 136 1.97 28.72 -29.09
N LEU D 137 2.86 28.93 -28.15
CA LEU D 137 4.17 28.33 -28.27
C LEU D 137 4.11 26.86 -27.91
N LEU D 138 3.49 26.57 -26.77
CA LEU D 138 3.69 25.29 -26.13
C LEU D 138 2.53 24.31 -26.30
N ALA D 139 1.32 24.83 -26.48
CA ALA D 139 0.14 23.97 -26.58
C ALA D 139 -0.89 24.57 -27.53
N PRO D 140 -0.50 24.75 -28.78
CA PRO D 140 -1.26 25.43 -29.84
C PRO D 140 -2.70 24.94 -30.00
N TYR D 141 -3.61 25.87 -30.24
CA TYR D 141 -4.98 25.50 -30.59
C TYR D 141 -5.03 25.31 -32.08
N ALA D 142 -5.70 24.26 -32.53
CA ALA D 142 -5.88 24.05 -33.96
C ALA D 142 -7.29 24.46 -34.37
N LYS D 143 -7.44 25.06 -35.54
CA LYS D 143 -8.77 25.39 -36.00
C LYS D 143 -9.55 24.10 -36.16
N GLY D 144 -10.78 24.10 -35.67
CA GLY D 144 -11.61 22.91 -35.68
C GLY D 144 -11.07 21.96 -34.64
N GLY D 145 -10.49 22.54 -33.60
CA GLY D 145 -9.90 21.74 -32.54
C GLY D 145 -10.74 21.79 -31.28
N LYS D 146 -10.58 20.78 -30.46
CA LYS D 146 -11.20 20.80 -29.17
C LYS D 146 -10.10 20.87 -28.14
N ILE D 147 -10.24 21.77 -27.20
CA ILE D 147 -9.22 21.95 -26.22
C ILE D 147 -9.90 21.74 -24.89
N GLY D 148 -9.28 20.93 -24.04
CA GLY D 148 -9.74 20.77 -22.67
C GLY D 148 -9.10 21.83 -21.81
N LEU D 149 -9.91 22.68 -21.19
CA LEU D 149 -9.41 23.72 -20.30
C LEU D 149 -9.62 23.26 -18.85
N PHE D 150 -8.54 23.01 -18.14
CA PHE D 150 -8.64 22.52 -16.77
C PHE D 150 -8.28 23.63 -15.79
N GLY D 151 -9.27 24.09 -15.03
CA GLY D 151 -9.11 25.25 -14.17
C GLY D 151 -10.02 25.23 -12.98
N GLY D 152 -9.90 26.25 -12.14
CA GLY D 152 -10.59 26.26 -10.86
C GLY D 152 -11.07 27.66 -10.49
N ALA D 153 -11.30 28.46 -11.54
CA ALA D 153 -11.85 29.82 -11.41
C ALA D 153 -10.87 30.79 -10.75
N GLY D 154 -10.35 30.40 -9.58
CA GLY D 154 -9.36 31.19 -8.87
C GLY D 154 -8.08 31.24 -9.67
N VAL D 155 -7.98 30.35 -10.65
CA VAL D 155 -6.85 30.34 -11.56
C VAL D 155 -7.14 31.17 -12.81
N GLY D 156 -8.26 31.87 -12.80
CA GLY D 156 -8.57 32.82 -13.84
C GLY D 156 -8.99 32.17 -15.14
N LYS D 157 -9.85 31.17 -15.03
CA LYS D 157 -10.36 30.49 -16.21
C LYS D 157 -11.20 31.41 -17.08
N THR D 158 -11.96 32.30 -16.47
CA THR D 158 -12.88 33.11 -17.26
C THR D 158 -12.13 34.28 -17.86
N VAL D 159 -11.10 34.73 -17.17
CA VAL D 159 -10.25 35.76 -17.72
C VAL D 159 -9.61 35.19 -18.98
N LEU D 160 -9.22 33.91 -18.95
CA LEU D 160 -8.70 33.24 -20.13
C LEU D 160 -9.75 33.20 -21.24
N ILE D 161 -10.92 32.69 -20.92
CA ILE D 161 -12.00 32.64 -21.89
C ILE D 161 -12.18 34.01 -22.56
N GLN D 162 -12.22 35.08 -21.77
CA GLN D 162 -12.46 36.39 -22.33
C GLN D 162 -11.32 36.90 -23.22
N GLU D 163 -10.08 36.66 -22.80
CA GLU D 163 -8.96 37.07 -23.62
C GLU D 163 -9.01 36.34 -24.96
N LEU D 164 -9.30 35.04 -24.90
CA LEU D 164 -9.54 34.25 -26.09
C LEU D 164 -10.62 34.88 -26.95
N ILE D 165 -11.77 35.19 -26.37
CA ILE D 165 -12.86 35.73 -27.18
C ILE D 165 -12.40 37.01 -27.82
N ASN D 166 -11.83 37.89 -27.00
CA ASN D 166 -11.27 39.15 -27.44
C ASN D 166 -10.24 39.01 -28.54
N ASN D 167 -9.23 38.19 -28.30
CA ASN D 167 -8.13 38.09 -29.23
C ASN D 167 -8.51 37.43 -30.54
N VAL D 168 -9.50 36.55 -30.51
CA VAL D 168 -9.92 35.93 -31.75
C VAL D 168 -10.78 36.90 -32.54
N ALA D 169 -11.66 37.60 -31.83
CA ALA D 169 -12.42 38.70 -32.44
C ALA D 169 -11.45 39.71 -33.01
N GLN D 170 -10.58 40.23 -32.14
CA GLN D 170 -9.50 41.14 -32.47
C GLN D 170 -8.75 40.84 -33.77
N GLU D 171 -7.92 39.80 -33.73
CA GLU D 171 -6.88 39.58 -34.73
C GLU D 171 -7.24 38.57 -35.80
N HIS D 172 -8.43 38.00 -35.66
CA HIS D 172 -9.07 37.31 -36.77
C HIS D 172 -10.39 38.05 -36.85
N GLY D 173 -11.44 37.42 -37.30
CA GLY D 173 -12.71 38.12 -37.33
C GLY D 173 -13.78 37.26 -36.71
N GLY D 174 -13.34 36.35 -35.86
CA GLY D 174 -14.19 35.30 -35.36
C GLY D 174 -14.95 35.67 -34.10
N LEU D 175 -16.25 35.43 -34.14
CA LEU D 175 -17.10 35.62 -32.97
C LEU D 175 -17.03 34.39 -32.08
N SER D 176 -17.77 34.43 -30.97
CA SER D 176 -17.74 33.32 -30.04
C SER D 176 -19.15 32.96 -29.54
N VAL D 177 -19.31 31.72 -29.14
CA VAL D 177 -20.51 31.32 -28.45
C VAL D 177 -20.12 30.74 -27.12
N PHE D 178 -20.80 31.14 -26.06
CA PHE D 178 -20.58 30.47 -24.80
C PHE D 178 -21.77 29.61 -24.47
N ALA D 179 -21.53 28.32 -24.24
CA ALA D 179 -22.61 27.43 -23.81
C ALA D 179 -22.36 27.00 -22.39
N GLY D 180 -23.19 27.50 -21.47
CA GLY D 180 -23.14 27.09 -20.08
C GLY D 180 -23.97 25.84 -19.91
N VAL D 181 -23.34 24.73 -19.54
CA VAL D 181 -24.04 23.48 -19.44
C VAL D 181 -23.90 22.92 -18.05
N GLY D 182 -25.01 22.91 -17.30
CA GLY D 182 -25.08 22.18 -16.05
C GLY D 182 -24.29 22.73 -14.88
N GLU D 183 -23.71 23.93 -15.02
CA GLU D 183 -22.95 24.50 -13.91
C GLU D 183 -23.80 25.44 -13.02
N ARG D 184 -23.16 26.15 -12.11
CA ARG D 184 -23.88 27.06 -11.24
C ARG D 184 -24.40 28.30 -11.96
N THR D 185 -25.68 28.59 -11.77
CA THR D 185 -26.29 29.77 -12.36
C THR D 185 -25.66 31.09 -11.90
N ARG D 186 -25.17 31.11 -10.67
CA ARG D 186 -24.41 32.25 -10.16
C ARG D 186 -23.15 32.47 -10.98
N GLU D 187 -22.49 31.38 -11.32
CA GLU D 187 -21.25 31.42 -12.07
C GLU D 187 -21.51 31.96 -13.48
N GLY D 188 -22.69 31.66 -14.02
CA GLY D 188 -23.07 32.09 -15.34
C GLY D 188 -23.30 33.57 -15.33
N ASN D 189 -24.13 34.02 -14.40
CA ASN D 189 -24.37 35.42 -14.13
C ASN D 189 -23.06 36.19 -13.90
N ASP D 190 -22.19 35.65 -13.06
CA ASP D 190 -20.87 36.25 -12.85
C ASP D 190 -20.07 36.44 -14.14
N LEU D 191 -19.97 35.38 -14.96
CA LEU D 191 -19.29 35.47 -16.22
C LEU D 191 -19.95 36.50 -17.12
N TYR D 192 -21.28 36.46 -17.19
CA TYR D 192 -22.00 37.44 -17.98
C TYR D 192 -21.54 38.87 -17.68
N HIS D 193 -21.46 39.21 -16.40
CA HIS D 193 -21.04 40.53 -16.00
C HIS D 193 -19.54 40.71 -16.16
N GLU D 194 -18.81 39.66 -15.85
CA GLU D 194 -17.38 39.61 -16.10
C GLU D 194 -17.06 40.17 -17.49
N MET D 195 -17.86 39.79 -18.47
CA MET D 195 -17.55 40.13 -19.84
C MET D 195 -18.56 41.09 -20.43
N LYS D 196 -19.42 41.64 -19.60
CA LYS D 196 -20.34 42.65 -20.08
C LYS D 196 -19.64 43.97 -19.86
N ASP D 197 -18.73 44.01 -18.89
CA ASP D 197 -17.95 45.22 -18.69
C ASP D 197 -16.47 45.00 -18.95
N SER D 198 -16.15 43.89 -19.60
CA SER D 198 -14.86 43.76 -20.27
C SER D 198 -15.14 43.98 -21.76
N GLY D 199 -16.41 44.20 -22.07
CA GLY D 199 -16.82 44.58 -23.41
C GLY D 199 -16.93 43.43 -24.35
N VAL D 200 -16.42 42.27 -23.92
CA VAL D 200 -16.32 41.11 -24.80
C VAL D 200 -17.69 40.57 -25.21
N ILE D 201 -18.70 40.86 -24.39
CA ILE D 201 -20.03 40.30 -24.60
C ILE D 201 -20.60 40.62 -25.99
N SER D 202 -20.10 41.70 -26.59
CA SER D 202 -20.63 42.13 -27.87
C SER D 202 -20.25 41.17 -28.98
N LYS D 203 -19.20 40.41 -28.76
CA LYS D 203 -18.73 39.46 -29.77
C LYS D 203 -19.25 38.04 -29.50
N THR D 204 -20.17 37.91 -28.54
CA THR D 204 -20.58 36.60 -28.06
C THR D 204 -22.10 36.43 -27.94
N SER D 205 -22.58 35.22 -28.24
CA SER D 205 -23.92 34.81 -27.87
C SER D 205 -23.76 33.72 -26.82
N MET D 206 -24.57 33.79 -25.77
CA MET D 206 -24.44 32.87 -24.65
C MET D 206 -25.66 31.98 -24.60
N VAL D 207 -25.48 30.72 -24.22
CA VAL D 207 -26.61 29.80 -24.08
C VAL D 207 -26.47 29.13 -22.73
N PHE D 208 -27.55 29.13 -21.93
CA PHE D 208 -27.46 28.58 -20.58
C PHE D 208 -28.39 27.43 -20.26
N GLY D 209 -27.78 26.35 -19.77
CA GLY D 209 -28.49 25.16 -19.29
C GLY D 209 -28.48 25.19 -17.78
N GLN D 210 -27.35 24.86 -17.17
CA GLN D 210 -27.14 25.12 -15.74
C GLN D 210 -27.91 24.18 -14.83
N MET D 211 -27.28 23.82 -13.71
CA MET D 211 -27.71 22.66 -12.96
C MET D 211 -29.10 22.70 -12.36
N ASN D 212 -29.84 23.80 -12.52
CA ASN D 212 -31.20 23.82 -12.01
C ASN D 212 -32.18 23.25 -13.03
N GLU D 213 -31.75 23.23 -14.28
CA GLU D 213 -32.61 22.87 -15.39
C GLU D 213 -32.78 21.37 -15.49
N PRO D 214 -33.90 20.90 -16.07
CA PRO D 214 -34.13 19.48 -16.30
C PRO D 214 -33.05 18.92 -17.21
N PRO D 215 -32.95 17.58 -17.30
CA PRO D 215 -31.86 16.96 -18.05
C PRO D 215 -31.99 17.21 -19.55
N GLY D 216 -33.21 17.19 -20.07
CA GLY D 216 -33.45 17.45 -21.47
C GLY D 216 -32.90 18.78 -21.92
N ALA D 217 -32.99 19.79 -21.06
CA ALA D 217 -32.42 21.09 -21.37
C ALA D 217 -30.90 21.02 -21.28
N ARG D 218 -30.38 20.47 -20.18
CA ARG D 218 -28.94 20.32 -20.05
C ARG D 218 -28.32 19.55 -21.23
N LEU D 219 -29.02 18.53 -21.69
CA LEU D 219 -28.52 17.69 -22.76
C LEU D 219 -28.44 18.43 -24.10
N ARG D 220 -29.43 19.26 -24.39
CA ARG D 220 -29.50 19.90 -25.70
C ARG D 220 -28.82 21.26 -25.77
N VAL D 221 -28.72 21.92 -24.62
CA VAL D 221 -28.20 23.28 -24.54
C VAL D 221 -26.92 23.50 -25.40
N ALA D 222 -25.97 22.57 -25.33
CA ALA D 222 -24.75 22.72 -26.12
C ALA D 222 -25.10 22.76 -27.59
N LEU D 223 -25.92 21.81 -28.04
CA LEU D 223 -26.39 21.79 -29.43
C LEU D 223 -26.92 23.14 -29.90
N THR D 224 -27.52 23.89 -29.00
CA THR D 224 -27.95 25.24 -29.36
C THR D 224 -26.73 26.12 -29.64
N GLY D 225 -25.85 26.26 -28.64
CA GLY D 225 -24.63 27.02 -28.82
C GLY D 225 -23.92 26.61 -30.10
N LEU D 226 -23.80 25.30 -30.30
CA LEU D 226 -23.11 24.75 -31.45
C LEU D 226 -23.76 25.25 -32.72
N THR D 227 -25.08 25.15 -32.78
CA THR D 227 -25.81 25.56 -33.96
C THR D 227 -25.51 27.02 -34.27
N MET D 228 -25.55 27.84 -33.23
CA MET D 228 -25.28 29.26 -33.38
C MET D 228 -23.89 29.50 -33.95
N ALA D 229 -22.89 28.78 -33.42
CA ALA D 229 -21.52 28.91 -33.92
C ALA D 229 -21.39 28.41 -35.35
N GLU D 230 -22.20 27.41 -35.70
CA GLU D 230 -22.16 26.82 -37.02
C GLU D 230 -22.61 27.79 -38.08
N TYR D 231 -23.35 28.82 -37.69
CA TYR D 231 -23.79 29.83 -38.65
C TYR D 231 -22.59 30.62 -39.14
N PHE D 232 -21.87 31.21 -38.20
CA PHE D 232 -20.71 32.04 -38.51
C PHE D 232 -19.61 31.28 -39.25
N ARG D 233 -19.65 29.97 -39.20
CA ARG D 233 -18.70 29.18 -39.96
C ARG D 233 -19.20 29.01 -41.39
N ASP D 234 -20.46 28.60 -41.49
CA ASP D 234 -21.00 28.12 -42.75
C ASP D 234 -21.53 29.27 -43.58
N ARG D 235 -22.41 30.06 -43.00
CA ARG D 235 -22.68 31.39 -43.49
C ARG D 235 -21.44 32.16 -43.00
N GLU D 236 -21.15 33.33 -43.56
CA GLU D 236 -20.14 34.20 -42.94
C GLU D 236 -18.69 33.65 -42.91
N GLY D 237 -18.53 32.35 -43.15
CA GLY D 237 -17.24 31.71 -43.19
C GLY D 237 -16.10 32.21 -42.31
N GLN D 238 -16.30 32.28 -41.00
CA GLN D 238 -15.21 32.71 -40.13
C GLN D 238 -14.69 31.60 -39.20
N ASP D 239 -13.73 31.91 -38.35
CA ASP D 239 -13.18 30.95 -37.41
C ASP D 239 -13.75 31.24 -36.04
N VAL D 240 -14.89 30.63 -35.77
CA VAL D 240 -15.69 30.90 -34.57
C VAL D 240 -15.11 30.13 -33.39
N LEU D 241 -15.42 30.59 -32.17
CA LEU D 241 -14.93 29.92 -30.97
C LEU D 241 -15.82 28.79 -30.44
N LEU D 242 -16.79 29.14 -29.60
CA LEU D 242 -17.62 28.13 -28.91
C LEU D 242 -17.00 27.49 -27.66
N PHE D 243 -17.35 28.02 -26.52
CA PHE D 243 -16.92 27.48 -25.25
C PHE D 243 -18.06 26.69 -24.65
N ILE D 244 -17.76 25.48 -24.21
CA ILE D 244 -18.74 24.74 -23.45
C ILE D 244 -18.22 24.63 -22.02
N ASP D 245 -18.92 25.28 -21.08
CA ASP D 245 -18.52 25.12 -19.69
C ASP D 245 -19.21 23.95 -18.98
N ASN D 246 -18.37 23.12 -18.41
CA ASN D 246 -18.63 21.72 -18.11
C ASN D 246 -19.30 20.85 -19.17
N ILE D 247 -18.52 20.43 -20.15
CA ILE D 247 -18.99 19.47 -21.15
C ILE D 247 -19.28 18.16 -20.42
N PHE D 248 -18.75 18.02 -19.21
CA PHE D 248 -18.91 16.79 -18.49
C PHE D 248 -20.36 16.71 -18.02
N ARG D 249 -20.86 17.85 -17.57
CA ARG D 249 -22.26 17.98 -17.20
C ARG D 249 -23.13 17.55 -18.37
N PHE D 250 -22.63 17.72 -19.59
CA PHE D 250 -23.42 17.42 -20.75
C PHE D 250 -23.61 15.90 -20.86
N THR D 251 -22.55 15.14 -20.63
CA THR D 251 -22.67 13.72 -20.87
C THR D 251 -23.48 13.16 -19.73
N GLN D 252 -23.42 13.86 -18.61
CA GLN D 252 -24.16 13.45 -17.42
C GLN D 252 -25.65 13.75 -17.54
N ALA D 253 -26.00 14.81 -18.26
CA ALA D 253 -27.38 15.06 -18.62
C ALA D 253 -27.81 13.92 -19.52
N GLY D 254 -26.89 13.45 -20.35
CA GLY D 254 -27.15 12.31 -21.22
C GLY D 254 -27.61 11.11 -20.42
N SER D 255 -26.92 10.83 -19.31
CA SER D 255 -27.22 9.69 -18.47
C SER D 255 -28.59 9.79 -17.84
N GLU D 256 -28.95 10.97 -17.34
CA GLU D 256 -30.26 11.17 -16.73
C GLU D 256 -31.36 10.89 -17.74
N VAL D 257 -31.31 11.54 -18.89
CA VAL D 257 -32.35 11.35 -19.90
C VAL D 257 -32.46 9.88 -20.28
N SER D 258 -31.33 9.20 -20.42
CA SER D 258 -31.36 7.82 -20.86
C SER D 258 -32.12 7.00 -19.83
N ALA D 259 -31.80 7.21 -18.56
CA ALA D 259 -32.45 6.50 -17.47
C ALA D 259 -33.94 6.75 -17.57
N LEU D 260 -34.32 8.02 -17.67
CA LEU D 260 -35.71 8.40 -17.85
C LEU D 260 -36.39 7.67 -19.00
N LEU D 261 -35.67 7.44 -20.09
CA LEU D 261 -36.20 6.66 -21.22
C LEU D 261 -36.09 5.17 -21.00
N GLY D 262 -35.66 4.75 -19.81
CA GLY D 262 -35.48 3.33 -19.52
C GLY D 262 -34.53 2.58 -20.45
N ARG D 263 -33.30 3.06 -20.54
CA ARG D 263 -32.30 2.40 -21.37
C ARG D 263 -31.36 1.47 -20.55
N MET D 264 -30.37 0.89 -21.24
CA MET D 264 -29.46 -0.12 -20.69
C MET D 264 -29.35 -0.21 -19.18
N PRO D 265 -28.41 0.55 -18.54
CA PRO D 265 -27.32 1.43 -18.96
C PRO D 265 -25.99 0.74 -18.75
N SER D 266 -24.88 1.42 -19.03
CA SER D 266 -23.57 0.84 -18.77
C SER D 266 -23.46 0.42 -17.32
N ALA D 267 -22.51 -0.46 -17.01
CA ALA D 267 -22.33 -0.94 -15.65
C ALA D 267 -21.75 0.14 -14.71
N VAL D 268 -21.43 1.30 -15.26
CA VAL D 268 -20.92 2.41 -14.45
C VAL D 268 -21.96 3.53 -14.38
N GLY D 269 -23.17 3.21 -14.83
CA GLY D 269 -24.29 4.12 -14.71
C GLY D 269 -24.65 4.85 -15.98
N TYR D 270 -23.68 5.06 -16.86
CA TYR D 270 -23.87 5.92 -18.02
C TYR D 270 -24.79 5.36 -19.09
N GLN D 271 -25.17 6.21 -20.03
CA GLN D 271 -26.01 5.78 -21.13
C GLN D 271 -25.34 4.70 -21.95
N PRO D 272 -26.16 3.87 -22.61
CA PRO D 272 -25.59 3.00 -23.63
C PRO D 272 -24.96 3.86 -24.75
N THR D 273 -25.44 5.09 -24.90
CA THR D 273 -25.07 5.91 -26.04
C THR D 273 -24.15 7.10 -25.66
N LEU D 274 -23.46 6.98 -24.54
CA LEU D 274 -22.47 7.98 -24.14
C LEU D 274 -21.69 8.48 -25.35
N ALA D 275 -20.89 7.59 -25.94
CA ALA D 275 -19.93 7.94 -26.98
C ALA D 275 -20.65 8.49 -28.17
N THR D 276 -21.75 7.85 -28.52
CA THR D 276 -22.45 8.25 -29.72
C THR D 276 -22.86 9.70 -29.61
N GLU D 277 -23.45 10.05 -28.46
CA GLU D 277 -23.98 11.37 -28.22
C GLU D 277 -22.87 12.38 -28.18
N MET D 278 -21.74 11.99 -27.60
CA MET D 278 -20.59 12.88 -27.53
C MET D 278 -20.11 13.14 -28.95
N GLY D 279 -19.97 12.09 -29.72
CA GLY D 279 -19.53 12.21 -31.09
C GLY D 279 -20.48 13.06 -31.87
N GLN D 280 -21.76 13.01 -31.54
CA GLN D 280 -22.73 13.71 -32.35
C GLN D 280 -22.57 15.18 -32.15
N LEU D 281 -22.17 15.55 -30.93
CA LEU D 281 -21.87 16.96 -30.62
C LEU D 281 -20.50 17.38 -31.15
N GLN D 282 -19.47 16.69 -30.68
CA GLN D 282 -18.10 16.97 -31.03
C GLN D 282 -17.81 17.03 -32.54
N GLU D 283 -18.41 16.13 -33.30
CA GLU D 283 -18.14 15.98 -34.71
C GLU D 283 -18.58 17.17 -35.54
N ARG D 284 -19.45 18.00 -34.98
CA ARG D 284 -19.89 19.18 -35.69
C ARG D 284 -18.93 20.33 -35.47
N ILE D 285 -18.18 20.23 -34.38
CA ILE D 285 -17.11 21.18 -34.10
C ILE D 285 -15.90 20.80 -34.94
N THR D 286 -15.72 21.45 -36.08
CA THR D 286 -14.64 21.08 -36.97
C THR D 286 -14.23 22.18 -37.94
N SER D 287 -13.06 22.02 -38.55
CA SER D 287 -12.59 22.95 -39.55
C SER D 287 -13.07 22.46 -40.91
N THR D 288 -14.11 23.11 -41.42
CA THR D 288 -14.58 22.81 -42.75
C THR D 288 -13.73 23.56 -43.80
N LYS D 289 -14.13 23.48 -45.07
CA LYS D 289 -13.39 24.16 -46.12
C LYS D 289 -13.69 25.64 -46.07
N LYS D 290 -14.91 25.97 -45.68
CA LYS D 290 -15.25 27.34 -45.33
C LYS D 290 -14.56 27.65 -44.01
N GLY D 291 -14.09 26.59 -43.33
CA GLY D 291 -13.29 26.65 -42.12
C GLY D 291 -13.97 27.22 -40.88
N SER D 292 -13.60 26.75 -39.69
CA SER D 292 -14.03 27.44 -38.47
C SER D 292 -13.79 26.83 -37.09
N ILE D 293 -14.87 26.26 -36.55
CA ILE D 293 -15.13 26.15 -35.09
C ILE D 293 -14.13 25.43 -34.22
N THR D 294 -13.64 26.14 -33.20
CA THR D 294 -12.64 25.62 -32.28
C THR D 294 -13.23 25.71 -30.88
N SER D 295 -13.51 24.56 -30.28
CA SER D 295 -14.19 24.54 -29.00
C SER D 295 -13.25 24.50 -27.81
N ILE D 296 -13.40 25.46 -26.91
CA ILE D 296 -12.69 25.38 -25.64
C ILE D 296 -13.69 24.84 -24.64
N GLN D 297 -13.39 23.65 -24.11
CA GLN D 297 -14.32 22.93 -23.27
C GLN D 297 -13.76 22.79 -21.89
N ALA D 298 -14.47 23.36 -20.93
CA ALA D 298 -14.10 23.23 -19.53
C ALA D 298 -14.51 21.84 -19.06
N ILE D 299 -13.55 21.09 -18.52
CA ILE D 299 -13.87 19.78 -18.04
C ILE D 299 -13.53 19.75 -16.58
N TYR D 300 -14.56 19.62 -15.74
CA TYR D 300 -14.30 19.53 -14.31
C TYR D 300 -14.38 18.12 -13.75
N VAL D 301 -15.56 17.50 -13.81
CA VAL D 301 -15.79 16.21 -13.12
C VAL D 301 -15.26 16.14 -11.67
N PRO D 302 -16.18 16.30 -10.72
CA PRO D 302 -15.91 16.38 -9.27
C PRO D 302 -15.09 15.22 -8.76
N ALA D 303 -15.39 14.01 -9.21
CA ALA D 303 -14.76 12.79 -8.73
C ALA D 303 -13.23 12.79 -8.88
N ASP D 304 -12.74 13.53 -9.86
CA ASP D 304 -11.30 13.60 -10.14
C ASP D 304 -10.69 12.32 -10.75
N ASP D 305 -11.52 11.32 -11.02
CA ASP D 305 -11.07 10.18 -11.81
C ASP D 305 -11.30 10.51 -13.27
N TYR D 306 -10.21 10.67 -14.01
CA TYR D 306 -10.33 10.98 -15.44
C TYR D 306 -10.27 9.72 -16.31
N THR D 307 -10.37 8.58 -15.66
CA THR D 307 -10.45 7.31 -16.36
C THR D 307 -11.92 6.93 -16.45
N ASP D 308 -12.74 7.72 -15.78
CA ASP D 308 -14.18 7.55 -15.81
C ASP D 308 -14.70 7.66 -17.24
N PRO D 309 -15.74 6.90 -17.57
CA PRO D 309 -16.17 6.82 -18.96
C PRO D 309 -16.50 8.19 -19.52
N ALA D 310 -17.15 9.02 -18.70
CA ALA D 310 -17.54 10.36 -19.13
C ALA D 310 -16.36 11.22 -19.60
N PRO D 311 -15.33 11.40 -18.73
CA PRO D 311 -14.12 12.13 -19.13
C PRO D 311 -13.35 11.41 -20.24
N ALA D 312 -13.28 10.08 -20.14
CA ALA D 312 -12.58 9.29 -21.14
C ALA D 312 -13.06 9.66 -22.53
N THR D 313 -14.39 9.65 -22.70
CA THR D 313 -15.01 9.86 -24.00
C THR D 313 -14.70 11.25 -24.50
N THR D 314 -14.84 12.22 -23.62
CA THR D 314 -14.61 13.58 -24.03
C THR D 314 -13.19 13.71 -24.51
N PHE D 315 -12.28 13.07 -23.77
CA PHE D 315 -10.86 13.18 -24.08
C PHE D 315 -10.55 12.69 -25.48
N ALA D 316 -11.27 11.65 -25.91
CA ALA D 316 -11.11 11.10 -27.23
C ALA D 316 -11.15 12.19 -28.31
N HIS D 317 -11.78 13.31 -27.98
CA HIS D 317 -11.97 14.37 -28.96
C HIS D 317 -10.98 15.51 -28.84
N LEU D 318 -10.36 15.60 -27.68
CA LEU D 318 -9.45 16.69 -27.43
C LEU D 318 -8.22 16.71 -28.35
N ASP D 319 -7.76 17.91 -28.67
CA ASP D 319 -6.66 18.11 -29.59
C ASP D 319 -5.56 18.92 -28.91
N ALA D 320 -5.85 19.36 -27.69
CA ALA D 320 -4.93 20.15 -26.89
C ALA D 320 -5.60 20.32 -25.56
N THR D 321 -4.80 20.41 -24.51
CA THR D 321 -5.32 20.75 -23.20
C THR D 321 -4.56 21.90 -22.63
N THR D 322 -5.31 22.82 -22.05
CA THR D 322 -4.74 23.95 -21.34
C THR D 322 -4.98 23.75 -19.86
N ASN D 323 -3.92 23.86 -19.08
CA ASN D 323 -4.01 23.54 -17.68
C ASN D 323 -3.73 24.73 -16.79
N LEU D 324 -4.80 25.34 -16.29
CA LEU D 324 -4.69 26.44 -15.35
C LEU D 324 -4.16 25.91 -14.01
N GLU D 325 -3.05 26.47 -13.55
CA GLU D 325 -2.35 26.00 -12.36
C GLU D 325 -2.37 26.99 -11.22
N ARG D 326 -3.04 26.62 -10.11
CA ARG D 326 -3.08 27.45 -8.92
C ARG D 326 -1.68 27.86 -8.48
N LYS D 327 -0.71 26.96 -8.65
CA LYS D 327 0.66 27.26 -8.22
C LYS D 327 1.23 28.47 -8.96
N LEU D 328 1.06 28.49 -10.28
CA LEU D 328 1.56 29.58 -11.12
C LEU D 328 0.82 30.87 -10.85
N ALA D 329 -0.45 30.75 -10.48
CA ALA D 329 -1.27 31.92 -10.21
C ALA D 329 -0.74 32.61 -8.99
N GLU D 330 -0.59 31.86 -7.90
CA GLU D 330 -0.09 32.45 -6.65
C GLU D 330 1.40 32.74 -6.77
N MET D 331 1.90 32.64 -7.98
CA MET D 331 3.32 32.88 -8.25
C MET D 331 3.49 34.13 -9.10
N GLY D 332 2.40 34.62 -9.69
CA GLY D 332 2.44 35.82 -10.52
C GLY D 332 2.14 35.60 -11.99
N ILE D 333 2.60 34.47 -12.54
CA ILE D 333 2.31 34.11 -13.93
C ILE D 333 0.81 34.03 -14.18
N TYR D 334 0.26 35.01 -14.91
CA TYR D 334 -1.19 35.21 -14.84
C TYR D 334 -2.06 34.69 -15.99
N PRO D 335 -1.45 34.46 -17.16
CA PRO D 335 -2.06 33.34 -17.86
C PRO D 335 -1.40 32.18 -17.13
N ALA D 336 -2.04 31.64 -16.09
CA ALA D 336 -1.39 30.66 -15.21
C ALA D 336 -1.44 29.27 -15.83
N VAL D 337 -0.94 29.16 -17.04
CA VAL D 337 -0.97 27.94 -17.81
C VAL D 337 0.27 27.10 -17.55
N ASP D 338 0.08 25.87 -17.08
CA ASP D 338 1.21 24.98 -16.89
C ASP D 338 1.87 24.63 -18.23
N PRO D 339 3.08 25.14 -18.45
CA PRO D 339 3.81 24.99 -19.72
C PRO D 339 4.12 23.53 -19.99
N LEU D 340 4.32 22.77 -18.92
CA LEU D 340 4.67 21.37 -19.05
C LEU D 340 3.44 20.48 -19.14
N ALA D 341 2.38 20.83 -18.40
CA ALA D 341 1.18 20.01 -18.38
C ALA D 341 0.36 20.20 -19.63
N SER D 342 0.29 21.42 -20.11
CA SER D 342 -0.49 21.68 -21.31
C SER D 342 0.15 21.02 -22.54
N THR D 343 -0.68 20.59 -23.47
CA THR D 343 -0.18 19.89 -24.65
C THR D 343 -1.10 20.12 -25.82
N SER D 344 -0.55 19.94 -27.03
CA SER D 344 -1.34 20.00 -28.25
C SER D 344 -0.89 18.98 -29.26
N ARG D 345 -1.83 18.32 -29.91
CA ARG D 345 -1.46 17.31 -30.88
C ARG D 345 -0.95 17.97 -32.13
N ILE D 346 -1.27 19.24 -32.33
CA ILE D 346 -0.72 19.92 -33.49
C ILE D 346 0.62 20.60 -33.22
N LEU D 347 1.28 20.24 -32.12
CA LEU D 347 2.66 20.66 -31.94
C LEU D 347 3.62 19.75 -32.71
N SER D 348 3.33 19.54 -34.00
CA SER D 348 4.24 18.83 -34.88
C SER D 348 5.03 19.87 -35.63
N PRO D 349 6.20 19.50 -36.14
CA PRO D 349 6.95 20.44 -36.98
C PRO D 349 6.15 20.57 -38.26
N ALA D 350 5.34 19.55 -38.53
CA ALA D 350 4.49 19.53 -39.70
C ALA D 350 3.44 20.63 -39.65
N VAL D 351 2.98 20.95 -38.46
CA VAL D 351 1.93 21.96 -38.31
C VAL D 351 2.51 23.34 -38.04
N VAL D 352 3.53 23.43 -37.18
CA VAL D 352 4.06 24.75 -36.84
C VAL D 352 5.47 24.98 -37.35
N GLY D 353 5.98 24.04 -38.12
CA GLY D 353 7.30 24.19 -38.69
C GLY D 353 8.39 23.75 -37.74
N GLU D 354 9.54 23.40 -38.31
CA GLU D 354 10.67 22.90 -37.52
C GLU D 354 11.12 23.89 -36.46
N GLU D 355 11.23 25.16 -36.83
CA GLU D 355 11.74 26.16 -35.89
C GLU D 355 10.86 26.26 -34.66
N HIS D 356 9.62 26.71 -34.86
CA HIS D 356 8.66 26.76 -33.76
C HIS D 356 8.69 25.48 -32.91
N TYR D 357 8.63 24.34 -33.59
CA TYR D 357 8.67 23.05 -32.92
C TYR D 357 9.92 22.90 -32.06
N ARG D 358 11.08 23.21 -32.63
CA ARG D 358 12.35 23.05 -31.93
C ARG D 358 12.52 24.06 -30.79
N VAL D 359 12.01 25.27 -30.99
CA VAL D 359 12.03 26.27 -29.92
C VAL D 359 11.16 25.79 -28.76
N ALA D 360 10.04 25.16 -29.07
CA ALA D 360 9.08 24.76 -28.06
C ALA D 360 9.61 23.55 -27.33
N ARG D 361 10.11 22.58 -28.08
CA ARG D 361 10.74 21.41 -27.47
C ARG D 361 11.98 21.88 -26.72
N GLY D 362 12.49 23.03 -27.13
CA GLY D 362 13.62 23.66 -26.48
C GLY D 362 13.23 24.22 -25.13
N VAL D 363 12.19 25.05 -25.11
CA VAL D 363 11.65 25.61 -23.87
C VAL D 363 11.21 24.50 -22.92
N GLN D 364 10.60 23.46 -23.47
CA GLN D 364 10.13 22.36 -22.67
C GLN D 364 11.25 21.69 -21.91
N GLN D 365 12.31 21.30 -22.62
CA GLN D 365 13.42 20.61 -21.96
C GLN D 365 14.04 21.48 -20.88
N VAL D 366 14.22 22.78 -21.18
CA VAL D 366 14.76 23.70 -20.20
C VAL D 366 13.92 23.70 -18.94
N LEU D 367 12.62 23.87 -19.09
CA LEU D 367 11.73 23.91 -17.95
C LEU D 367 11.68 22.57 -17.23
N GLN D 368 11.85 21.50 -17.98
CA GLN D 368 11.89 20.17 -17.39
C GLN D 368 13.17 20.04 -16.60
N ARG D 369 14.28 20.33 -17.25
CA ARG D 369 15.59 20.36 -16.59
C ARG D 369 15.54 21.20 -15.32
N TYR D 370 14.84 22.32 -15.39
CA TYR D 370 14.71 23.20 -14.24
C TYR D 370 14.16 22.44 -13.06
N ASN D 371 13.18 21.58 -13.32
CA ASN D 371 12.59 20.78 -12.26
C ASN D 371 13.54 19.73 -11.73
N ASP D 372 14.32 19.13 -12.62
CA ASP D 372 15.28 18.10 -12.19
C ASP D 372 16.26 18.73 -11.25
N LEU D 373 16.91 19.80 -11.72
CA LEU D 373 17.84 20.55 -10.90
C LEU D 373 17.18 21.04 -9.62
N GLN D 374 15.90 21.36 -9.71
CA GLN D 374 15.13 21.77 -8.55
C GLN D 374 15.26 20.73 -7.44
N ASP D 375 15.09 19.48 -7.83
CA ASP D 375 15.14 18.37 -6.89
C ASP D 375 16.60 18.09 -6.51
N ILE D 376 17.51 18.44 -7.41
CA ILE D 376 18.93 18.22 -7.16
C ILE D 376 19.39 19.07 -5.99
N ILE D 377 19.21 20.38 -6.11
CA ILE D 377 19.63 21.28 -5.05
C ILE D 377 18.85 20.95 -3.78
N ALA D 378 17.69 20.33 -3.94
CA ALA D 378 16.93 19.92 -2.78
C ALA D 378 17.70 18.89 -1.99
N ILE D 379 18.37 17.99 -2.70
CA ILE D 379 18.98 16.83 -2.06
C ILE D 379 20.51 16.77 -2.22
N LEU D 380 21.07 17.81 -2.82
CA LEU D 380 22.51 17.90 -3.02
C LEU D 380 22.99 19.34 -2.89
N GLY D 381 22.06 20.23 -2.52
CA GLY D 381 22.37 21.64 -2.39
C GLY D 381 22.78 22.26 -3.71
N MET D 382 22.91 23.59 -3.76
CA MET D 382 23.40 24.23 -4.97
C MET D 382 24.90 23.98 -5.08
N ASP D 383 25.46 23.38 -4.03
CA ASP D 383 26.80 22.81 -4.08
C ASP D 383 26.87 21.78 -5.19
N GLU D 384 27.94 21.82 -5.99
CA GLU D 384 28.10 20.87 -7.08
C GLU D 384 27.02 21.07 -8.14
N LEU D 385 26.87 22.31 -8.57
CA LEU D 385 25.92 22.65 -9.63
C LEU D 385 26.67 23.19 -10.84
N SER D 386 26.84 22.34 -11.85
CA SER D 386 27.48 22.72 -13.10
C SER D 386 27.22 24.17 -13.47
N ASP D 387 28.28 24.92 -13.77
CA ASP D 387 28.14 26.30 -14.21
C ASP D 387 27.14 26.39 -15.36
N GLU D 388 27.03 25.32 -16.12
CA GLU D 388 26.08 25.29 -17.23
C GLU D 388 24.70 24.98 -16.68
N ASP D 389 24.63 23.99 -15.81
CA ASP D 389 23.37 23.65 -15.15
C ASP D 389 22.84 24.86 -14.42
N LYS D 390 23.70 25.49 -13.62
CA LYS D 390 23.37 26.71 -12.91
C LYS D 390 22.94 27.79 -13.90
N LEU D 391 23.45 27.68 -15.11
CA LEU D 391 23.17 28.66 -16.14
C LEU D 391 21.79 28.46 -16.73
N ILE D 392 21.48 27.23 -17.11
CA ILE D 392 20.18 26.91 -17.68
C ILE D 392 19.06 26.88 -16.63
N VAL D 393 19.38 27.38 -15.43
CA VAL D 393 18.39 27.57 -14.39
C VAL D 393 17.94 29.01 -14.45
N ALA D 394 18.87 29.89 -14.81
CA ALA D 394 18.55 31.29 -14.97
C ALA D 394 17.66 31.50 -16.19
N ARG D 395 17.94 30.75 -17.26
CA ARG D 395 17.16 30.85 -18.48
C ARG D 395 15.75 30.28 -18.29
N ALA D 396 15.62 29.28 -17.41
CA ALA D 396 14.32 28.75 -17.05
C ALA D 396 13.48 29.80 -16.34
N ARG D 397 14.10 30.54 -15.42
CA ARG D 397 13.39 31.54 -14.64
C ARG D 397 12.94 32.67 -15.53
N LYS D 398 13.71 32.94 -16.57
CA LYS D 398 13.36 34.00 -17.52
C LYS D 398 12.23 33.55 -18.46
N ILE D 399 12.36 32.32 -18.96
CA ILE D 399 11.34 31.69 -19.78
C ILE D 399 10.02 31.60 -19.04
N GLN D 400 10.08 31.13 -17.80
CA GLN D 400 8.91 30.98 -16.97
C GLN D 400 8.18 32.30 -16.88
N ARG D 401 8.93 33.39 -16.90
CA ARG D 401 8.40 34.74 -16.76
C ARG D 401 7.95 35.31 -18.09
N PHE D 402 8.75 35.07 -19.12
CA PHE D 402 8.41 35.51 -20.46
C PHE D 402 7.22 34.75 -21.01
N LEU D 403 6.67 33.85 -20.20
CA LEU D 403 5.49 33.09 -20.59
C LEU D 403 4.22 33.74 -20.08
N SER D 404 4.37 34.70 -19.18
CA SER D 404 3.24 35.47 -18.70
C SER D 404 3.08 36.64 -19.64
N GLN D 405 1.90 37.22 -19.66
CA GLN D 405 1.69 38.39 -20.51
C GLN D 405 0.41 39.10 -20.11
N PRO D 406 0.39 40.43 -20.27
CA PRO D 406 -0.75 41.27 -19.89
C PRO D 406 -1.95 41.04 -20.82
N PHE D 407 -3.14 40.81 -20.26
CA PHE D 407 -4.31 40.64 -21.10
C PHE D 407 -5.06 41.93 -21.33
N HIS D 408 -5.63 42.07 -22.52
CA HIS D 408 -6.51 43.18 -22.80
C HIS D 408 -7.64 43.18 -21.80
N VAL D 409 -8.20 42.00 -21.56
CA VAL D 409 -9.34 41.86 -20.66
C VAL D 409 -9.01 42.27 -19.23
N ALA D 410 -7.73 42.28 -18.90
CA ALA D 410 -7.31 42.59 -17.53
C ALA D 410 -6.98 44.07 -17.36
N GLU D 411 -6.80 44.74 -18.51
CA GLU D 411 -6.57 46.18 -18.60
C GLU D 411 -7.28 46.94 -17.51
N GLN D 412 -8.60 46.80 -17.51
CA GLN D 412 -9.47 47.54 -16.60
C GLN D 412 -9.14 47.36 -15.13
N PHE D 413 -8.21 46.48 -14.81
CA PHE D 413 -7.73 46.38 -13.45
C PHE D 413 -6.26 46.75 -13.45
N THR D 414 -5.43 45.85 -13.94
CA THR D 414 -4.00 46.13 -14.08
C THR D 414 -3.75 47.30 -15.04
N GLY D 415 -4.07 47.10 -16.32
CA GLY D 415 -3.88 48.13 -17.32
C GLY D 415 -2.42 48.24 -17.71
N MET D 416 -2.00 47.44 -18.68
CA MET D 416 -0.59 47.34 -19.00
C MET D 416 -0.16 48.05 -20.29
N PRO D 417 -1.05 48.11 -21.30
CA PRO D 417 -2.37 47.52 -21.43
C PRO D 417 -2.24 46.10 -21.92
N GLY D 418 -3.15 45.68 -22.79
CA GLY D 418 -3.13 44.31 -23.29
C GLY D 418 -1.93 44.07 -24.17
N LYS D 419 -1.67 42.80 -24.46
CA LYS D 419 -0.65 42.42 -25.43
C LYS D 419 -1.08 41.21 -26.25
N TYR D 420 -1.01 41.35 -27.57
CA TYR D 420 -1.19 40.23 -28.49
C TYR D 420 0.15 39.91 -29.13
N VAL D 421 0.60 38.68 -29.01
CA VAL D 421 1.92 38.32 -29.47
C VAL D 421 1.85 37.22 -30.52
N PRO D 422 2.11 37.58 -31.79
CA PRO D 422 2.17 36.66 -32.93
C PRO D 422 3.14 35.52 -32.66
N VAL D 423 2.76 34.28 -33.02
CA VAL D 423 3.65 33.14 -32.81
C VAL D 423 5.02 33.39 -33.43
N LYS D 424 5.00 34.01 -34.60
CA LYS D 424 6.23 34.41 -35.27
C LYS D 424 7.16 35.05 -34.26
N GLU D 425 6.58 35.88 -33.41
CA GLU D 425 7.37 36.68 -32.46
C GLU D 425 7.59 35.97 -31.13
N THR D 426 6.66 35.11 -30.77
CA THR D 426 6.80 34.28 -29.59
C THR D 426 7.98 33.35 -29.80
N VAL D 427 7.95 32.64 -30.92
CA VAL D 427 9.00 31.69 -31.24
C VAL D 427 10.36 32.40 -31.21
N ARG D 428 10.46 33.50 -31.96
CA ARG D 428 11.67 34.29 -31.95
C ARG D 428 12.06 34.63 -30.52
N GLY D 429 11.10 35.14 -29.76
CA GLY D 429 11.34 35.54 -28.39
C GLY D 429 12.05 34.48 -27.58
N PHE D 430 11.43 33.32 -27.48
CA PHE D 430 12.00 32.24 -26.70
C PHE D 430 13.27 31.67 -27.34
N LYS D 431 13.40 31.81 -28.65
CA LYS D 431 14.61 31.32 -29.32
C LYS D 431 15.84 32.09 -28.84
N GLU D 432 15.69 33.40 -28.72
CA GLU D 432 16.79 34.23 -28.22
C GLU D 432 17.13 33.92 -26.77
N ILE D 433 16.12 33.74 -25.93
CA ILE D 433 16.34 33.38 -24.54
C ILE D 433 17.14 32.08 -24.46
N LEU D 434 16.73 31.11 -25.27
CA LEU D 434 17.40 29.82 -25.30
C LEU D 434 18.82 29.91 -25.83
N GLU D 435 19.05 30.78 -26.81
CA GLU D 435 20.39 30.90 -27.38
C GLU D 435 21.34 31.67 -26.46
N GLY D 436 20.78 32.29 -25.43
CA GLY D 436 21.55 33.01 -24.43
C GLY D 436 21.74 34.46 -24.77
N LYS D 437 20.92 34.95 -25.69
CA LYS D 437 20.99 36.32 -26.16
C LYS D 437 20.53 37.36 -25.12
N HIS D 438 20.03 36.91 -23.97
CA HIS D 438 19.60 37.84 -22.94
C HIS D 438 19.87 37.38 -21.52
N ASP D 439 20.93 36.62 -21.31
CA ASP D 439 21.24 36.16 -19.97
C ASP D 439 21.47 37.37 -19.07
N ASN D 440 22.14 38.36 -19.64
CA ASN D 440 22.52 39.57 -18.92
C ASN D 440 21.36 40.39 -18.34
N LEU D 441 20.16 40.21 -18.89
CA LEU D 441 18.98 40.95 -18.43
C LEU D 441 18.44 40.43 -17.10
N PRO D 442 17.89 41.34 -16.29
CA PRO D 442 17.30 40.99 -14.99
C PRO D 442 16.06 40.12 -15.19
N GLU D 443 15.86 39.15 -14.31
CA GLU D 443 14.84 38.15 -14.59
C GLU D 443 13.43 38.71 -14.45
N GLU D 444 13.26 39.83 -13.75
CA GLU D 444 11.92 40.37 -13.59
C GLU D 444 11.60 41.28 -14.78
N ALA D 445 12.48 41.24 -15.78
CA ALA D 445 12.33 42.04 -16.99
C ALA D 445 11.52 41.36 -18.08
N PHE D 446 11.18 40.09 -17.88
CA PHE D 446 10.38 39.31 -18.84
C PHE D 446 8.97 39.13 -18.32
N TYR D 447 8.77 39.49 -17.07
CA TYR D 447 7.49 39.30 -16.44
C TYR D 447 6.53 40.33 -17.00
N MET D 448 5.46 39.85 -17.62
CA MET D 448 4.38 40.72 -18.10
C MET D 448 4.82 41.67 -19.20
N VAL D 449 5.48 41.14 -20.22
CA VAL D 449 5.78 41.91 -21.41
C VAL D 449 5.12 41.24 -22.59
N GLY D 450 5.16 41.87 -23.75
CA GLY D 450 4.59 41.27 -24.93
C GLY D 450 5.67 40.52 -25.65
N THR D 451 6.30 41.20 -26.59
CA THR D 451 7.41 40.64 -27.36
C THR D 451 8.71 40.73 -26.58
N ILE D 452 9.73 40.04 -27.06
CA ILE D 452 11.04 40.09 -26.42
C ILE D 452 11.59 41.51 -26.48
N ASP D 453 11.16 42.24 -27.50
CA ASP D 453 11.54 43.64 -27.66
C ASP D 453 11.15 44.42 -26.42
N GLU D 454 9.96 44.13 -25.88
CA GLU D 454 9.45 44.83 -24.73
C GLU D 454 10.20 44.49 -23.45
N ALA D 455 10.95 43.39 -23.48
CA ALA D 455 11.62 42.90 -22.28
C ALA D 455 12.93 43.62 -22.04
N VAL D 456 13.58 44.05 -23.13
CA VAL D 456 14.77 44.88 -23.01
C VAL D 456 14.41 46.29 -22.55
N GLU D 457 13.31 46.81 -23.06
CA GLU D 457 12.75 48.07 -22.59
C GLU D 457 12.70 48.10 -21.06
N LYS D 458 12.32 46.99 -20.46
CA LYS D 458 12.08 46.92 -19.02
C LYS D 458 13.29 46.43 -18.24
N ALA D 459 14.35 46.08 -18.96
CA ALA D 459 15.60 45.71 -18.31
C ALA D 459 16.32 47.00 -17.92
N LYS D 460 15.57 48.09 -18.00
CA LYS D 460 16.09 49.41 -17.71
C LYS D 460 15.36 49.98 -16.52
N LYS D 461 15.01 49.11 -15.58
CA LYS D 461 14.33 49.50 -14.35
C LYS D 461 14.75 48.59 -13.19
N LEU D 462 15.07 49.20 -12.05
CA LEU D 462 15.56 48.50 -10.85
C LEU D 462 17.07 48.20 -10.92
N ASN E 2 -39.79 -35.69 -34.21
CA ASN E 2 -38.74 -35.82 -35.22
C ASN E 2 -38.45 -34.54 -35.98
N LYS E 3 -39.38 -34.08 -36.79
CA LYS E 3 -39.17 -32.87 -37.58
C LYS E 3 -39.81 -31.64 -36.96
N GLY E 4 -39.13 -30.50 -37.10
CA GLY E 4 -39.64 -29.25 -36.59
C GLY E 4 -39.43 -28.12 -37.59
N ARG E 5 -39.98 -26.96 -37.31
CA ARG E 5 -39.78 -25.80 -38.16
C ARG E 5 -39.35 -24.64 -37.30
N ILE E 6 -38.46 -23.81 -37.83
CA ILE E 6 -37.84 -22.72 -37.08
C ILE E 6 -38.80 -21.58 -36.79
N ILE E 7 -39.00 -21.30 -35.51
CA ILE E 7 -39.89 -20.21 -35.10
C ILE E 7 -39.13 -18.88 -34.94
N GLN E 8 -37.93 -18.91 -34.37
CA GLN E 8 -37.18 -17.70 -34.06
C GLN E 8 -35.68 -17.91 -34.28
N VAL E 9 -34.99 -16.87 -34.73
CA VAL E 9 -33.53 -16.91 -34.86
C VAL E 9 -32.96 -15.65 -34.26
N MET E 10 -32.33 -15.76 -33.11
CA MET E 10 -31.74 -14.58 -32.52
C MET E 10 -30.31 -14.91 -32.12
N GLY E 11 -29.39 -14.68 -33.06
CA GLY E 11 -28.01 -15.04 -32.83
C GLY E 11 -27.83 -16.53 -32.84
N PRO E 12 -26.97 -17.04 -31.98
CA PRO E 12 -26.73 -18.47 -31.85
C PRO E 12 -27.94 -19.18 -31.29
N VAL E 13 -29.03 -18.44 -31.01
CA VAL E 13 -30.22 -19.03 -30.44
C VAL E 13 -31.29 -19.22 -31.49
N VAL E 14 -31.75 -20.45 -31.62
CA VAL E 14 -32.81 -20.77 -32.57
C VAL E 14 -33.96 -21.47 -31.85
N ASP E 15 -35.17 -20.94 -32.03
CA ASP E 15 -36.36 -21.51 -31.44
C ASP E 15 -37.14 -22.33 -32.43
N ILE E 16 -37.37 -23.59 -32.12
CA ILE E 16 -37.92 -24.52 -33.10
C ILE E 16 -39.19 -25.18 -32.58
N GLN E 17 -40.27 -25.06 -33.35
CA GLN E 17 -41.51 -25.73 -32.98
C GLN E 17 -41.59 -27.12 -33.56
N PHE E 18 -41.84 -28.10 -32.70
CA PHE E 18 -42.03 -29.46 -33.15
C PHE E 18 -43.52 -29.83 -33.05
N GLU E 19 -43.84 -31.09 -33.31
CA GLU E 19 -45.22 -31.56 -33.14
C GLU E 19 -45.37 -32.09 -31.71
N SER E 20 -46.59 -32.06 -31.19
CA SER E 20 -46.84 -32.40 -29.80
C SER E 20 -46.37 -33.80 -29.45
N GLY E 21 -45.59 -33.90 -28.39
CA GLY E 21 -45.06 -35.18 -27.95
C GLY E 21 -43.91 -35.72 -28.79
N GLN E 22 -43.45 -34.92 -29.75
CA GLN E 22 -42.33 -35.29 -30.59
C GLN E 22 -41.08 -34.48 -30.26
N LEU E 23 -41.05 -33.90 -29.07
CA LEU E 23 -39.98 -33.00 -28.67
C LEU E 23 -38.69 -33.66 -28.22
N PRO E 24 -37.54 -33.06 -28.61
CA PRO E 24 -36.18 -33.55 -28.39
C PRO E 24 -35.78 -33.53 -26.93
N ASP E 25 -35.14 -34.60 -26.45
CA ASP E 25 -34.49 -34.55 -25.14
C ASP E 25 -33.54 -33.38 -25.23
N ILE E 26 -33.19 -32.77 -24.11
CA ILE E 26 -32.27 -31.64 -24.19
C ILE E 26 -30.85 -32.14 -24.44
N TYR E 27 -30.04 -31.30 -25.11
CA TYR E 27 -28.72 -31.67 -25.58
C TYR E 27 -28.78 -32.43 -26.91
N ASN E 28 -29.99 -32.62 -27.43
CA ASN E 28 -30.17 -33.35 -28.66
C ASN E 28 -29.75 -32.53 -29.85
N ALA E 29 -28.91 -33.11 -30.71
CA ALA E 29 -28.53 -32.44 -31.93
C ALA E 29 -29.72 -32.37 -32.84
N ILE E 30 -30.08 -31.17 -33.23
CA ILE E 30 -31.09 -30.96 -34.22
C ILE E 30 -30.34 -30.38 -35.40
N THR E 31 -30.45 -30.99 -36.56
CA THR E 31 -29.82 -30.43 -37.74
C THR E 31 -30.80 -29.54 -38.51
N ILE E 32 -30.28 -28.48 -39.10
CA ILE E 32 -31.08 -27.60 -39.91
C ILE E 32 -30.36 -27.49 -41.21
N GLU E 33 -31.07 -27.53 -42.32
CA GLU E 33 -30.38 -27.46 -43.60
C GLU E 33 -30.88 -26.25 -44.32
N ARG E 34 -30.54 -26.13 -45.61
CA ARG E 34 -30.93 -24.97 -46.42
C ARG E 34 -30.20 -23.77 -45.82
N PRO E 35 -30.37 -22.58 -46.40
CA PRO E 35 -30.91 -22.31 -47.74
C PRO E 35 -29.84 -22.00 -48.78
N GLN E 36 -28.58 -21.90 -48.37
CA GLN E 36 -27.54 -21.57 -49.34
C GLN E 36 -26.56 -22.72 -49.56
N GLY E 37 -26.40 -23.59 -48.56
CA GLY E 37 -25.49 -24.71 -48.68
C GLY E 37 -25.45 -25.76 -47.58
N GLY E 38 -24.69 -25.47 -46.53
CA GLY E 38 -24.27 -26.49 -45.58
C GLY E 38 -25.35 -27.14 -44.72
N THR E 39 -24.99 -27.42 -43.49
CA THR E 39 -25.94 -27.96 -42.51
C THR E 39 -25.56 -27.44 -41.14
N LEU E 40 -26.45 -26.65 -40.56
CA LEU E 40 -26.26 -26.12 -39.22
C LEU E 40 -26.74 -27.08 -38.15
N THR E 41 -25.93 -27.29 -37.14
CA THR E 41 -26.37 -28.13 -36.03
C THR E 41 -26.60 -27.28 -34.80
N VAL E 42 -27.80 -27.38 -34.24
CA VAL E 42 -28.11 -26.69 -33.00
C VAL E 42 -28.39 -27.72 -31.91
N GLU E 43 -28.19 -27.34 -30.66
CA GLU E 43 -28.32 -28.26 -29.56
C GLU E 43 -29.51 -27.82 -28.69
N ALA E 44 -30.48 -28.72 -28.50
CA ALA E 44 -31.64 -28.42 -27.67
C ALA E 44 -31.21 -27.97 -26.27
N ALA E 45 -31.80 -26.89 -25.79
CA ALA E 45 -31.41 -26.30 -24.51
C ALA E 45 -32.59 -26.16 -23.57
N VAL E 46 -33.69 -25.61 -24.07
CA VAL E 46 -34.83 -25.36 -23.20
C VAL E 46 -36.19 -25.62 -23.84
N HIS E 47 -37.04 -26.36 -23.14
CA HIS E 47 -38.40 -26.50 -23.63
C HIS E 47 -39.20 -25.32 -23.12
N LEU E 48 -39.42 -24.36 -23.99
CA LEU E 48 -40.13 -23.14 -23.65
C LEU E 48 -41.63 -23.38 -23.48
N GLY E 49 -42.15 -24.47 -24.04
CA GLY E 49 -43.59 -24.72 -24.00
C GLY E 49 -44.22 -24.44 -25.35
N ASP E 50 -45.48 -24.85 -25.52
CA ASP E 50 -46.13 -24.78 -26.83
C ASP E 50 -45.32 -25.52 -27.87
N ASN E 51 -44.75 -26.65 -27.48
CA ASN E 51 -43.93 -27.48 -28.36
C ASN E 51 -42.75 -26.76 -28.99
N VAL E 52 -42.44 -25.56 -28.51
CA VAL E 52 -41.21 -24.90 -28.92
C VAL E 52 -40.06 -25.31 -28.02
N VAL E 53 -38.91 -25.57 -28.64
CA VAL E 53 -37.70 -25.82 -27.89
C VAL E 53 -36.64 -24.90 -28.44
N ARG E 54 -35.93 -24.23 -27.53
CA ARG E 54 -34.89 -23.27 -27.86
C ARG E 54 -33.56 -23.97 -27.88
N CYS E 55 -32.74 -23.60 -28.86
CA CYS E 55 -31.45 -24.25 -29.03
C CYS E 55 -30.27 -23.29 -29.16
N VAL E 56 -29.07 -23.84 -29.02
CA VAL E 56 -27.85 -23.07 -29.22
C VAL E 56 -27.14 -23.60 -30.47
N ALA E 57 -26.71 -22.70 -31.34
CA ALA E 57 -26.09 -23.11 -32.58
C ALA E 57 -24.63 -23.57 -32.36
N MET E 58 -24.08 -24.25 -33.35
CA MET E 58 -22.71 -24.71 -33.27
C MET E 58 -21.98 -24.04 -34.42
N ALA E 59 -22.72 -23.25 -35.17
CA ALA E 59 -22.13 -22.53 -36.27
C ALA E 59 -22.95 -21.31 -36.46
N SER E 60 -22.57 -20.47 -37.41
CA SER E 60 -23.27 -19.24 -37.64
C SER E 60 -24.73 -19.53 -38.00
N THR E 61 -25.63 -18.65 -37.60
CA THR E 61 -27.01 -18.79 -38.00
C THR E 61 -27.38 -17.68 -38.97
N ASP E 62 -26.40 -17.12 -39.67
CA ASP E 62 -26.74 -16.19 -40.72
C ASP E 62 -27.51 -16.91 -41.82
N GLY E 63 -28.47 -16.21 -42.41
CA GLY E 63 -29.15 -16.78 -43.55
C GLY E 63 -30.29 -17.69 -43.19
N LEU E 64 -30.29 -18.26 -41.98
CA LEU E 64 -31.47 -19.00 -41.53
C LEU E 64 -32.74 -18.17 -41.77
N VAL E 65 -33.80 -18.86 -42.14
CA VAL E 65 -35.08 -18.22 -42.38
C VAL E 65 -36.14 -18.89 -41.53
N ARG E 66 -37.13 -18.13 -41.08
CA ARG E 66 -38.15 -18.73 -40.24
C ARG E 66 -39.00 -19.71 -41.08
N GLY E 67 -39.26 -20.89 -40.53
CA GLY E 67 -40.02 -21.89 -41.26
C GLY E 67 -39.18 -23.06 -41.72
N LEU E 68 -37.87 -22.85 -41.84
CA LEU E 68 -37.00 -23.91 -42.32
C LEU E 68 -37.21 -25.19 -41.50
N GLU E 69 -37.23 -26.33 -42.17
CA GLU E 69 -37.37 -27.58 -41.46
C GLU E 69 -36.14 -27.88 -40.61
N ALA E 70 -36.34 -28.52 -39.47
CA ALA E 70 -35.26 -28.94 -38.61
C ALA E 70 -35.54 -30.38 -38.24
N VAL E 71 -34.50 -31.15 -37.98
CA VAL E 71 -34.66 -32.56 -37.69
C VAL E 71 -33.94 -32.95 -36.42
N ASP E 72 -34.69 -33.42 -35.43
CA ASP E 72 -34.12 -33.94 -34.22
C ASP E 72 -33.40 -35.24 -34.58
N THR E 73 -32.11 -35.32 -34.27
CA THR E 73 -31.34 -36.51 -34.61
C THR E 73 -31.59 -37.62 -33.60
N GLY E 74 -32.20 -37.25 -32.49
CA GLY E 74 -32.59 -38.23 -31.51
C GLY E 74 -31.49 -38.53 -30.55
N ALA E 75 -30.42 -37.76 -30.63
CA ALA E 75 -29.30 -38.00 -29.75
C ALA E 75 -28.45 -36.75 -29.64
N PRO E 76 -27.64 -36.65 -28.58
CA PRO E 76 -26.74 -35.51 -28.46
C PRO E 76 -25.75 -35.57 -29.59
N ILE E 77 -25.03 -34.46 -29.80
CA ILE E 77 -23.99 -34.42 -30.79
C ILE E 77 -23.12 -35.65 -30.57
N SER E 78 -23.03 -36.52 -31.57
CA SER E 78 -22.26 -37.74 -31.45
C SER E 78 -21.05 -37.68 -32.35
N VAL E 79 -19.94 -38.17 -31.82
CA VAL E 79 -18.67 -38.05 -32.50
C VAL E 79 -17.93 -39.39 -32.64
N PRO E 80 -17.15 -39.52 -33.71
CA PRO E 80 -16.35 -40.70 -33.98
C PRO E 80 -15.45 -41.02 -32.80
N VAL E 81 -15.11 -42.30 -32.61
CA VAL E 81 -14.19 -42.68 -31.55
C VAL E 81 -13.25 -43.80 -32.01
N GLY E 82 -12.23 -44.11 -31.21
CA GLY E 82 -11.35 -45.23 -31.52
C GLY E 82 -10.17 -44.91 -32.42
N LYS E 83 -9.49 -45.97 -32.88
CA LYS E 83 -8.34 -45.86 -33.78
C LYS E 83 -8.54 -44.80 -34.84
N ALA E 84 -9.76 -44.70 -35.36
CA ALA E 84 -10.03 -43.87 -36.52
C ALA E 84 -9.71 -42.40 -36.29
N THR E 85 -9.72 -41.99 -35.03
CA THR E 85 -9.57 -40.58 -34.71
C THR E 85 -8.12 -40.15 -34.49
N LEU E 86 -7.23 -41.12 -34.34
CA LEU E 86 -5.83 -40.86 -34.08
C LEU E 86 -5.16 -40.17 -35.26
N GLY E 87 -4.47 -39.07 -35.02
CA GLY E 87 -3.82 -38.31 -36.07
C GLY E 87 -4.75 -37.37 -36.81
N ARG E 88 -6.03 -37.44 -36.48
CA ARG E 88 -7.04 -36.61 -37.15
C ARG E 88 -7.44 -35.41 -36.28
N VAL E 89 -7.74 -34.27 -36.91
CA VAL E 89 -8.22 -33.10 -36.17
C VAL E 89 -9.68 -32.82 -36.52
N PHE E 90 -10.48 -32.53 -35.50
CA PHE E 90 -11.90 -32.40 -35.67
C PHE E 90 -12.38 -31.08 -35.11
N ASN E 91 -13.63 -30.74 -35.40
CA ASN E 91 -14.33 -29.68 -34.71
C ASN E 91 -15.33 -30.28 -33.73
N VAL E 92 -16.12 -29.44 -33.07
CA VAL E 92 -17.15 -29.88 -32.10
C VAL E 92 -18.09 -30.96 -32.61
N LEU E 93 -18.45 -30.88 -33.88
CA LEU E 93 -19.39 -31.80 -34.48
C LEU E 93 -18.77 -33.16 -34.76
N GLY E 94 -17.47 -33.29 -34.54
CA GLY E 94 -16.79 -34.54 -34.84
C GLY E 94 -16.57 -34.64 -36.34
N GLU E 95 -16.58 -33.50 -37.00
CA GLU E 95 -16.17 -33.45 -38.39
C GLU E 95 -14.65 -33.18 -38.56
N PRO E 96 -14.02 -33.82 -39.55
CA PRO E 96 -12.58 -33.62 -39.78
C PRO E 96 -12.31 -32.25 -40.41
N ILE E 97 -11.55 -31.43 -39.70
CA ILE E 97 -11.26 -30.09 -40.18
C ILE E 97 -9.88 -30.06 -40.82
N ASP E 98 -9.31 -31.24 -41.08
CA ASP E 98 -7.97 -31.31 -41.63
C ASP E 98 -7.89 -31.76 -43.06
N GLU E 99 -9.04 -31.78 -43.75
CA GLU E 99 -9.10 -32.22 -45.13
C GLU E 99 -8.23 -33.46 -45.33
N GLN E 100 -8.65 -34.59 -44.79
CA GLN E 100 -7.80 -35.77 -44.81
C GLN E 100 -8.63 -37.02 -45.03
N GLY E 101 -9.86 -36.82 -45.46
CA GLY E 101 -10.77 -37.92 -45.65
C GLY E 101 -11.87 -37.82 -44.61
N GLU E 102 -12.81 -38.76 -44.63
CA GLU E 102 -13.74 -38.87 -43.53
C GLU E 102 -13.16 -39.89 -42.58
N VAL E 103 -13.62 -39.86 -41.33
CA VAL E 103 -13.18 -40.81 -40.32
C VAL E 103 -13.91 -42.15 -40.48
N ASN E 104 -13.16 -43.22 -40.71
CA ASN E 104 -13.77 -44.53 -40.87
C ASN E 104 -14.02 -45.16 -39.52
N ALA E 105 -14.58 -44.37 -38.60
CA ALA E 105 -14.79 -44.81 -37.23
C ALA E 105 -15.92 -45.80 -37.16
N GLU E 106 -15.78 -46.79 -36.28
CA GLU E 106 -16.79 -47.85 -36.15
C GLU E 106 -18.03 -47.32 -35.44
N GLU E 107 -17.80 -46.53 -34.40
CA GLU E 107 -18.89 -45.97 -33.60
C GLU E 107 -18.81 -44.44 -33.43
N ARG E 108 -19.91 -43.83 -33.03
CA ARG E 108 -19.94 -42.40 -32.74
C ARG E 108 -20.69 -42.22 -31.43
N HIS E 109 -20.01 -41.76 -30.39
CA HIS E 109 -20.63 -41.62 -29.08
C HIS E 109 -21.13 -40.20 -28.88
N PRO E 110 -22.20 -40.03 -28.08
CA PRO E 110 -22.70 -38.70 -27.74
C PRO E 110 -21.71 -38.02 -26.84
N ILE E 111 -21.61 -36.70 -26.93
CA ILE E 111 -20.64 -35.97 -26.14
C ILE E 111 -21.23 -35.61 -24.80
N HIS E 112 -22.54 -35.76 -24.67
CA HIS E 112 -23.21 -35.54 -23.38
C HIS E 112 -23.51 -36.88 -22.72
N ARG E 113 -23.07 -37.04 -21.49
CA ARG E 113 -23.30 -38.25 -20.76
C ARG E 113 -22.95 -38.08 -19.28
N PRO E 114 -23.49 -38.96 -18.42
CA PRO E 114 -23.22 -38.86 -16.99
C PRO E 114 -21.82 -39.35 -16.69
N ALA E 115 -21.25 -38.90 -15.59
CA ALA E 115 -19.95 -39.38 -15.17
C ALA E 115 -20.07 -40.81 -14.66
N PRO E 116 -18.94 -41.55 -14.69
CA PRO E 116 -18.92 -42.93 -14.18
C PRO E 116 -19.57 -42.96 -12.82
N GLU E 117 -20.28 -44.04 -12.52
CA GLU E 117 -21.03 -44.13 -11.30
C GLU E 117 -20.13 -44.55 -10.13
N PHE E 118 -20.58 -44.21 -8.93
CA PHE E 118 -19.80 -44.40 -7.72
C PHE E 118 -19.04 -45.73 -7.64
N GLU E 119 -19.69 -46.82 -8.03
CA GLU E 119 -19.03 -48.12 -7.88
C GLU E 119 -18.01 -48.46 -8.99
N GLU E 120 -18.05 -47.73 -10.10
CA GLU E 120 -17.08 -47.90 -11.14
C GLU E 120 -15.79 -47.14 -10.82
N LEU E 121 -15.83 -46.30 -9.78
CA LEU E 121 -14.70 -45.46 -9.42
C LEU E 121 -13.58 -46.23 -8.74
N SER E 122 -12.36 -46.04 -9.20
CA SER E 122 -11.21 -46.56 -8.46
C SER E 122 -11.12 -45.78 -7.15
N THR E 123 -10.74 -46.47 -6.08
CA THR E 123 -10.83 -45.90 -4.74
C THR E 123 -9.47 -45.66 -4.11
N ALA E 124 -8.41 -45.88 -4.89
CA ALA E 124 -7.06 -45.57 -4.40
C ALA E 124 -6.31 -44.71 -5.42
N ASP E 125 -5.56 -43.73 -4.93
CA ASP E 125 -4.76 -42.87 -5.80
C ASP E 125 -3.54 -43.59 -6.33
N GLU E 126 -3.19 -43.35 -7.59
CA GLU E 126 -1.95 -43.89 -8.14
C GLU E 126 -1.28 -42.83 -8.99
N ILE E 127 0.04 -42.79 -8.89
CA ILE E 127 0.82 -41.80 -9.65
C ILE E 127 0.81 -42.20 -11.09
N LEU E 128 0.49 -41.27 -11.97
CA LEU E 128 0.68 -41.46 -13.38
C LEU E 128 2.11 -41.10 -13.68
N GLU E 129 2.95 -42.12 -13.88
CA GLU E 129 4.38 -41.91 -14.11
C GLU E 129 4.61 -41.29 -15.46
N THR E 130 5.04 -40.05 -15.48
CA THR E 130 5.38 -39.36 -16.71
C THR E 130 6.84 -39.64 -16.92
N GLY E 131 7.38 -39.27 -18.07
CA GLY E 131 8.81 -39.35 -18.20
C GLY E 131 9.56 -38.46 -17.20
N ILE E 132 9.05 -37.24 -17.02
CA ILE E 132 9.77 -36.10 -16.43
C ILE E 132 10.05 -36.18 -14.92
N LYS E 133 11.33 -35.99 -14.55
CA LYS E 133 11.81 -36.02 -13.16
C LYS E 133 11.17 -35.01 -12.20
N VAL E 134 10.96 -33.79 -12.67
CA VAL E 134 10.54 -32.76 -11.74
C VAL E 134 9.09 -32.93 -11.37
N ILE E 135 8.28 -33.33 -12.35
CA ILE E 135 6.87 -33.46 -12.04
C ILE E 135 6.63 -34.76 -11.28
N ASP E 136 7.42 -35.79 -11.57
CA ASP E 136 7.25 -37.07 -10.89
C ASP E 136 7.77 -37.07 -9.46
N LEU E 137 8.81 -36.29 -9.21
CA LEU E 137 9.34 -36.24 -7.87
C LEU E 137 8.53 -35.28 -7.03
N LEU E 138 8.29 -34.11 -7.60
CA LEU E 138 7.85 -32.97 -6.79
C LEU E 138 6.36 -32.67 -6.88
N ALA E 139 5.73 -32.99 -8.01
CA ALA E 139 4.34 -32.61 -8.20
C ALA E 139 3.65 -33.63 -9.09
N PRO E 140 3.61 -34.89 -8.61
CA PRO E 140 3.16 -36.09 -9.31
C PRO E 140 1.77 -35.97 -9.90
N TYR E 141 1.60 -36.48 -11.11
CA TYR E 141 0.30 -36.63 -11.75
C TYR E 141 -0.41 -37.90 -11.23
N ALA E 142 -1.68 -37.80 -10.89
CA ALA E 142 -2.39 -38.98 -10.45
C ALA E 142 -3.31 -39.37 -11.57
N LYS E 143 -3.50 -40.67 -11.75
CA LYS E 143 -4.41 -41.16 -12.78
C LYS E 143 -5.81 -40.69 -12.45
N GLY E 144 -6.52 -40.17 -13.45
CA GLY E 144 -7.83 -39.60 -13.22
C GLY E 144 -7.65 -38.29 -12.49
N GLY E 145 -6.54 -37.63 -12.76
CA GLY E 145 -6.23 -36.38 -12.10
C GLY E 145 -6.37 -35.22 -13.03
N LYS E 146 -6.62 -34.05 -12.49
CA LYS E 146 -6.59 -32.90 -13.31
C LYS E 146 -5.42 -32.10 -12.83
N ILE E 147 -4.65 -31.57 -13.78
CA ILE E 147 -3.48 -30.82 -13.47
C ILE E 147 -3.66 -29.47 -14.12
N GLY E 148 -3.35 -28.42 -13.38
CA GLY E 148 -3.35 -27.10 -13.95
C GLY E 148 -1.96 -26.85 -14.46
N LEU E 149 -1.85 -26.52 -15.75
CA LEU E 149 -0.57 -26.21 -16.35
C LEU E 149 -0.56 -24.70 -16.56
N PHE E 150 0.38 -24.02 -15.90
CA PHE E 150 0.48 -22.58 -16.04
C PHE E 150 1.74 -22.20 -16.77
N GLY E 151 1.56 -21.64 -17.96
CA GLY E 151 2.66 -21.38 -18.87
C GLY E 151 2.40 -20.23 -19.81
N GLY E 152 3.40 -19.88 -20.63
CA GLY E 152 3.34 -18.72 -21.49
C GLY E 152 3.99 -18.96 -22.84
N ALA E 153 3.94 -20.22 -23.27
CA ALA E 153 4.44 -20.67 -24.57
C ALA E 153 5.96 -20.55 -24.70
N GLY E 154 6.49 -19.38 -24.39
CA GLY E 154 7.92 -19.15 -24.41
C GLY E 154 8.59 -19.98 -23.34
N VAL E 155 7.78 -20.47 -22.42
CA VAL E 155 8.26 -21.37 -21.38
C VAL E 155 8.09 -22.84 -21.79
N GLY E 156 7.76 -23.06 -23.05
CA GLY E 156 7.79 -24.38 -23.64
C GLY E 156 6.69 -25.27 -23.12
N LYS E 157 5.48 -24.70 -23.07
CA LYS E 157 4.27 -25.41 -22.67
C LYS E 157 3.91 -26.55 -23.63
N THR E 158 4.10 -26.31 -24.93
CA THR E 158 3.72 -27.32 -25.91
C THR E 158 4.77 -28.41 -26.01
N VAL E 159 6.03 -28.03 -25.82
CA VAL E 159 7.06 -29.06 -25.73
C VAL E 159 6.72 -30.00 -24.56
N LEU E 160 6.22 -29.44 -23.45
CA LEU E 160 5.80 -30.24 -22.30
C LEU E 160 4.64 -31.14 -22.69
N ILE E 161 3.61 -30.55 -23.28
CA ILE E 161 2.49 -31.35 -23.73
C ILE E 161 2.99 -32.54 -24.54
N GLN E 162 3.80 -32.28 -25.55
CA GLN E 162 4.27 -33.36 -26.44
C GLN E 162 5.09 -34.42 -25.72
N GLU E 163 6.00 -34.01 -24.84
CA GLU E 163 6.79 -35.01 -24.11
C GLU E 163 5.84 -35.89 -23.32
N LEU E 164 4.83 -35.27 -22.71
CA LEU E 164 3.83 -35.99 -21.97
C LEU E 164 3.15 -36.99 -22.87
N ILE E 165 2.64 -36.53 -24.01
CA ILE E 165 1.93 -37.41 -24.92
C ILE E 165 2.84 -38.57 -25.30
N ASN E 166 4.06 -38.24 -25.66
CA ASN E 166 5.06 -39.20 -26.05
C ASN E 166 5.40 -40.20 -24.96
N ASN E 167 5.71 -39.69 -23.77
CA ASN E 167 6.11 -40.55 -22.68
C ASN E 167 5.00 -41.44 -22.15
N VAL E 168 3.76 -40.95 -22.17
CA VAL E 168 2.65 -41.79 -21.77
C VAL E 168 2.37 -42.86 -22.83
N ALA E 169 2.32 -42.46 -24.10
CA ALA E 169 2.28 -43.41 -25.20
C ALA E 169 3.40 -44.42 -25.02
N GLN E 170 4.64 -43.92 -25.00
CA GLN E 170 5.85 -44.69 -24.77
C GLN E 170 5.77 -45.78 -23.71
N GLU E 171 5.71 -45.36 -22.45
CA GLU E 171 6.02 -46.23 -21.33
C GLU E 171 4.79 -46.72 -20.62
N HIS E 172 3.64 -46.30 -21.09
CA HIS E 172 2.39 -46.96 -20.76
C HIS E 172 1.86 -47.27 -22.14
N GLY E 173 0.56 -47.32 -22.31
CA GLY E 173 0.09 -47.57 -23.66
C GLY E 173 -0.97 -46.57 -24.00
N GLY E 174 -0.90 -45.42 -23.34
CA GLY E 174 -1.98 -44.46 -23.34
C GLY E 174 -1.92 -43.47 -24.48
N LEU E 175 -3.04 -43.31 -25.18
CA LEU E 175 -3.16 -42.31 -26.22
C LEU E 175 -3.53 -40.97 -25.60
N SER E 176 -3.72 -39.95 -26.43
CA SER E 176 -4.03 -38.64 -25.90
C SER E 176 -5.06 -37.97 -26.76
N VAL E 177 -5.79 -37.05 -26.15
CA VAL E 177 -6.66 -36.16 -26.90
C VAL E 177 -6.30 -34.72 -26.62
N PHE E 178 -6.16 -33.91 -27.64
CA PHE E 178 -5.99 -32.51 -27.40
C PHE E 178 -7.29 -31.79 -27.75
N ALA E 179 -7.80 -31.01 -26.80
CA ALA E 179 -8.95 -30.18 -27.07
C ALA E 179 -8.54 -28.74 -26.98
N GLY E 180 -8.55 -28.06 -28.12
CA GLY E 180 -8.25 -26.66 -28.16
C GLY E 180 -9.54 -25.89 -27.98
N VAL E 181 -9.63 -25.14 -26.89
CA VAL E 181 -10.85 -24.43 -26.55
C VAL E 181 -10.59 -22.94 -26.51
N GLY E 182 -11.16 -22.22 -27.46
CA GLY E 182 -11.21 -20.78 -27.35
C GLY E 182 -9.90 -20.01 -27.50
N GLU E 183 -8.82 -20.70 -27.83
CA GLU E 183 -7.55 -20.01 -28.02
C GLU E 183 -7.30 -19.55 -29.46
N ARG E 184 -6.08 -19.13 -29.73
CA ARG E 184 -5.72 -18.66 -31.07
C ARG E 184 -5.62 -19.79 -32.10
N THR E 185 -6.31 -19.64 -33.22
CA THR E 185 -6.26 -20.65 -34.26
C THR E 185 -4.84 -20.85 -34.82
N ARG E 186 -4.05 -19.78 -34.83
CA ARG E 186 -2.64 -19.87 -35.23
C ARG E 186 -1.87 -20.75 -34.28
N GLU E 187 -2.18 -20.65 -33.01
CA GLU E 187 -1.52 -21.44 -31.98
C GLU E 187 -1.87 -22.90 -32.15
N GLY E 188 -3.08 -23.18 -32.63
CA GLY E 188 -3.50 -24.55 -32.80
C GLY E 188 -2.75 -25.16 -33.95
N ASN E 189 -2.80 -24.46 -35.07
CA ASN E 189 -2.03 -24.84 -36.26
C ASN E 189 -0.57 -25.03 -35.90
N ASP E 190 0.01 -24.11 -35.13
CA ASP E 190 1.41 -24.24 -34.70
C ASP E 190 1.67 -25.53 -33.94
N LEU E 191 0.82 -25.82 -32.96
CA LEU E 191 0.95 -27.05 -32.18
C LEU E 191 0.76 -28.26 -33.07
N TYR E 192 -0.23 -28.20 -33.94
CA TYR E 192 -0.42 -29.29 -34.90
C TYR E 192 0.87 -29.68 -35.61
N HIS E 193 1.56 -28.68 -36.19
CA HIS E 193 2.82 -28.91 -36.88
C HIS E 193 3.93 -29.23 -35.90
N GLU E 194 3.96 -28.51 -34.79
CA GLU E 194 4.86 -28.80 -33.68
C GLU E 194 4.98 -30.30 -33.45
N MET E 195 3.84 -30.98 -33.47
CA MET E 195 3.77 -32.41 -33.13
C MET E 195 3.44 -33.29 -34.30
N LYS E 196 3.39 -32.71 -35.49
CA LYS E 196 3.20 -33.51 -36.68
C LYS E 196 4.59 -33.94 -37.13
N ASP E 197 5.61 -33.12 -36.80
CA ASP E 197 6.97 -33.52 -37.11
C ASP E 197 7.81 -33.75 -35.87
N SER E 198 7.13 -33.88 -34.74
CA SER E 198 7.73 -34.52 -33.58
C SER E 198 7.20 -35.95 -33.55
N GLY E 199 6.33 -36.25 -34.52
CA GLY E 199 5.76 -37.57 -34.66
C GLY E 199 4.67 -37.91 -33.64
N VAL E 200 4.49 -37.06 -32.64
CA VAL E 200 3.54 -37.34 -31.57
C VAL E 200 2.07 -37.37 -32.05
N ILE E 201 1.81 -36.75 -33.19
CA ILE E 201 0.43 -36.58 -33.66
C ILE E 201 -0.24 -37.91 -33.90
N SER E 202 0.55 -38.94 -34.15
CA SER E 202 0.02 -40.28 -34.43
C SER E 202 -0.67 -40.90 -33.21
N LYS E 203 -0.31 -40.45 -32.02
CA LYS E 203 -0.90 -40.98 -30.81
C LYS E 203 -2.03 -40.06 -30.28
N THR E 204 -2.46 -39.10 -31.09
CA THR E 204 -3.38 -38.08 -30.60
C THR E 204 -4.54 -37.83 -31.55
N SER E 205 -5.71 -37.55 -30.99
CA SER E 205 -6.78 -36.93 -31.77
C SER E 205 -6.94 -35.52 -31.22
N MET E 206 -7.15 -34.55 -32.10
CA MET E 206 -7.22 -33.15 -31.72
C MET E 206 -8.63 -32.66 -31.99
N VAL E 207 -9.14 -31.78 -31.13
CA VAL E 207 -10.44 -31.18 -31.38
C VAL E 207 -10.30 -29.70 -31.20
N PHE E 208 -10.81 -28.90 -32.13
CA PHE E 208 -10.61 -27.47 -32.05
C PHE E 208 -11.86 -26.61 -31.99
N GLY E 209 -11.95 -25.79 -30.92
CA GLY E 209 -12.96 -24.75 -30.77
C GLY E 209 -12.42 -23.41 -31.26
N GLN E 210 -11.61 -22.77 -30.44
CA GLN E 210 -10.82 -21.62 -30.87
C GLN E 210 -11.65 -20.36 -31.04
N MET E 211 -11.06 -19.24 -30.62
CA MET E 211 -11.80 -18.03 -30.34
C MET E 211 -12.57 -17.41 -31.53
N ASN E 212 -12.49 -17.99 -32.72
CA ASN E 212 -13.26 -17.42 -33.81
C ASN E 212 -14.63 -18.08 -33.84
N GLU E 213 -14.74 -19.21 -33.15
CA GLU E 213 -15.97 -20.00 -33.19
C GLU E 213 -17.07 -19.41 -32.29
N PRO E 214 -18.34 -19.69 -32.61
CA PRO E 214 -19.44 -19.24 -31.77
C PRO E 214 -19.31 -19.89 -30.40
N PRO E 215 -20.11 -19.43 -29.42
CA PRO E 215 -19.97 -19.89 -28.04
C PRO E 215 -20.46 -21.31 -27.89
N GLY E 216 -21.50 -21.67 -28.62
CA GLY E 216 -21.98 -23.04 -28.59
C GLY E 216 -20.90 -24.06 -28.90
N ALA E 217 -20.06 -23.72 -29.87
CA ALA E 217 -18.95 -24.57 -30.26
C ALA E 217 -17.87 -24.57 -29.19
N ARG E 218 -17.49 -23.40 -28.75
CA ARG E 218 -16.49 -23.32 -27.71
C ARG E 218 -16.92 -24.08 -26.46
N LEU E 219 -18.21 -24.03 -26.13
CA LEU E 219 -18.69 -24.63 -24.90
C LEU E 219 -18.67 -26.14 -24.97
N ARG E 220 -18.94 -26.72 -26.14
CA ARG E 220 -19.09 -28.17 -26.29
C ARG E 220 -17.80 -28.87 -26.68
N VAL E 221 -16.93 -28.12 -27.33
CA VAL E 221 -15.73 -28.67 -27.92
C VAL E 221 -15.01 -29.62 -26.97
N ALA E 222 -14.82 -29.22 -25.72
CA ALA E 222 -14.11 -30.09 -24.78
C ALA E 222 -14.84 -31.40 -24.61
N LEU E 223 -16.15 -31.35 -24.46
CA LEU E 223 -16.96 -32.55 -24.37
C LEU E 223 -16.69 -33.51 -25.52
N THR E 224 -16.42 -33.02 -26.72
CA THR E 224 -16.00 -33.89 -27.81
C THR E 224 -14.67 -34.56 -27.45
N GLY E 225 -13.62 -33.76 -27.23
CA GLY E 225 -12.34 -34.31 -26.82
C GLY E 225 -12.54 -35.35 -25.74
N LEU E 226 -13.32 -35.01 -24.73
CA LEU E 226 -13.53 -35.86 -23.57
C LEU E 226 -14.13 -37.19 -23.97
N THR E 227 -15.18 -37.12 -24.77
CA THR E 227 -15.83 -38.30 -25.27
C THR E 227 -14.82 -39.23 -25.97
N MET E 228 -14.00 -38.65 -26.83
CA MET E 228 -12.98 -39.39 -27.53
C MET E 228 -12.06 -40.09 -26.55
N ALA E 229 -11.58 -39.37 -25.56
CA ALA E 229 -10.70 -39.98 -24.57
C ALA E 229 -11.41 -41.06 -23.77
N GLU E 230 -12.71 -40.88 -23.57
CA GLU E 230 -13.47 -41.82 -22.77
C GLU E 230 -13.52 -43.18 -23.43
N TYR E 231 -13.34 -43.21 -24.74
CA TYR E 231 -13.40 -44.47 -25.46
C TYR E 231 -12.23 -45.32 -25.04
N PHE E 232 -11.03 -44.77 -25.18
CA PHE E 232 -9.82 -45.49 -24.86
C PHE E 232 -9.71 -45.92 -23.39
N ARG E 233 -10.46 -45.26 -22.52
CA ARG E 233 -10.54 -45.69 -21.13
C ARG E 233 -11.47 -46.86 -20.99
N ASP E 234 -12.66 -46.73 -21.58
CA ASP E 234 -13.77 -47.59 -21.28
C ASP E 234 -13.75 -48.81 -22.18
N ARG E 235 -13.71 -48.58 -23.48
CA ARG E 235 -13.27 -49.56 -24.44
C ARG E 235 -11.76 -49.54 -24.21
N GLU E 236 -11.03 -50.56 -24.63
CA GLU E 236 -9.57 -50.46 -24.68
C GLU E 236 -8.85 -50.31 -23.34
N GLY E 237 -9.59 -49.97 -22.29
CA GLY E 237 -9.04 -49.83 -20.95
C GLY E 237 -7.62 -49.31 -20.71
N GLN E 238 -7.29 -48.13 -21.24
CA GLN E 238 -5.95 -47.59 -21.00
C GLN E 238 -5.94 -46.33 -20.15
N ASP E 239 -4.76 -45.76 -19.94
CA ASP E 239 -4.63 -44.52 -19.20
C ASP E 239 -4.40 -43.36 -20.16
N VAL E 240 -5.51 -42.80 -20.63
CA VAL E 240 -5.50 -41.78 -21.67
C VAL E 240 -5.17 -40.44 -21.06
N LEU E 241 -4.73 -39.48 -21.88
CA LEU E 241 -4.37 -38.16 -21.43
C LEU E 241 -5.50 -37.15 -21.48
N LEU E 242 -5.72 -36.53 -22.64
CA LEU E 242 -6.68 -35.39 -22.68
C LEU E 242 -6.16 -34.03 -22.13
N PHE E 243 -5.78 -33.17 -23.07
CA PHE E 243 -5.34 -31.85 -22.75
C PHE E 243 -6.42 -30.89 -23.15
N ILE E 244 -6.82 -30.01 -22.25
CA ILE E 244 -7.68 -28.94 -22.68
C ILE E 244 -6.87 -27.64 -22.64
N ASP E 245 -6.65 -27.00 -23.81
CA ASP E 245 -5.97 -25.71 -23.80
C ASP E 245 -6.94 -24.55 -23.68
N ASN E 246 -6.65 -23.78 -22.65
CA ASN E 246 -7.57 -22.87 -21.99
C ASN E 246 -8.94 -23.42 -21.65
N ILE E 247 -8.96 -24.22 -20.60
CA ILE E 247 -10.20 -24.59 -19.95
C ILE E 247 -10.96 -23.36 -19.45
N PHE E 248 -10.27 -22.24 -19.29
CA PHE E 248 -10.91 -21.03 -18.83
C PHE E 248 -11.81 -20.50 -19.91
N ARG E 249 -11.34 -20.63 -21.14
CA ARG E 249 -12.12 -20.23 -22.29
C ARG E 249 -13.43 -21.02 -22.32
N PHE E 250 -13.40 -22.21 -21.74
CA PHE E 250 -14.55 -23.08 -21.75
C PHE E 250 -15.65 -22.52 -20.84
N THR E 251 -15.29 -22.08 -19.64
CA THR E 251 -16.31 -21.60 -18.75
C THR E 251 -16.83 -20.27 -19.26
N GLN E 252 -16.01 -19.57 -20.02
CA GLN E 252 -16.36 -18.28 -20.54
C GLN E 252 -17.28 -18.44 -21.77
N ALA E 253 -17.13 -19.57 -22.46
CA ALA E 253 -18.09 -19.92 -23.49
C ALA E 253 -19.40 -20.19 -22.78
N GLY E 254 -19.28 -20.81 -21.60
CA GLY E 254 -20.41 -21.03 -20.72
C GLY E 254 -21.18 -19.75 -20.54
N SER E 255 -20.50 -18.70 -20.14
CA SER E 255 -21.14 -17.42 -19.88
C SER E 255 -21.86 -16.83 -21.09
N GLU E 256 -21.25 -16.94 -22.27
CA GLU E 256 -21.85 -16.34 -23.43
C GLU E 256 -23.16 -17.04 -23.74
N VAL E 257 -23.13 -18.36 -23.75
CA VAL E 257 -24.32 -19.11 -24.13
C VAL E 257 -25.41 -18.79 -23.13
N SER E 258 -25.05 -18.72 -21.85
CA SER E 258 -26.04 -18.48 -20.82
C SER E 258 -26.75 -17.17 -21.11
N ALA E 259 -25.93 -16.14 -21.34
CA ALA E 259 -26.49 -14.84 -21.64
C ALA E 259 -27.43 -14.93 -22.84
N LEU E 260 -26.98 -15.60 -23.88
CA LEU E 260 -27.81 -15.80 -25.08
C LEU E 260 -29.11 -16.47 -24.77
N LEU E 261 -29.11 -17.38 -23.80
CA LEU E 261 -30.35 -18.00 -23.33
C LEU E 261 -31.14 -17.15 -22.32
N GLY E 262 -30.68 -15.94 -22.06
CA GLY E 262 -31.33 -15.08 -21.08
C GLY E 262 -31.36 -15.62 -19.66
N ARG E 263 -30.22 -16.04 -19.11
CA ARG E 263 -30.18 -16.57 -17.76
C ARG E 263 -29.82 -15.50 -16.73
N MET E 264 -29.63 -15.93 -15.47
CA MET E 264 -29.43 -15.07 -14.29
C MET E 264 -28.93 -13.67 -14.56
N PRO E 265 -27.61 -13.46 -14.59
CA PRO E 265 -26.42 -14.26 -14.28
C PRO E 265 -25.82 -13.87 -12.94
N SER E 266 -24.71 -14.51 -12.55
CA SER E 266 -24.06 -14.14 -11.31
C SER E 266 -23.75 -12.64 -11.37
N ALA E 267 -23.46 -12.04 -10.23
CA ALA E 267 -23.17 -10.61 -10.16
C ALA E 267 -21.79 -10.28 -10.73
N VAL E 268 -21.03 -11.29 -11.10
CA VAL E 268 -19.72 -11.09 -11.72
C VAL E 268 -19.76 -11.45 -13.19
N GLY E 269 -20.97 -11.62 -13.70
CA GLY E 269 -21.18 -11.81 -15.13
C GLY E 269 -21.38 -13.25 -15.53
N TYR E 270 -20.90 -14.20 -14.72
CA TYR E 270 -20.89 -15.60 -15.11
C TYR E 270 -22.25 -16.26 -15.10
N GLN E 271 -22.34 -17.45 -15.68
CA GLN E 271 -23.58 -18.22 -15.70
C GLN E 271 -24.02 -18.54 -14.28
N PRO E 272 -25.34 -18.74 -14.12
CA PRO E 272 -25.83 -19.30 -12.86
C PRO E 272 -25.26 -20.70 -12.70
N THR E 273 -24.93 -21.33 -13.81
CA THR E 273 -24.54 -22.72 -13.80
C THR E 273 -23.05 -22.97 -14.06
N LEU E 274 -22.23 -21.96 -13.77
CA LEU E 274 -20.78 -22.11 -13.86
C LEU E 274 -20.33 -23.46 -13.30
N ALA E 275 -20.45 -23.62 -11.99
CA ALA E 275 -19.90 -24.79 -11.32
C ALA E 275 -20.50 -26.08 -11.82
N THR E 276 -21.80 -26.04 -12.10
CA THR E 276 -22.46 -27.23 -12.55
C THR E 276 -21.82 -27.71 -13.85
N GLU E 277 -21.65 -26.79 -14.79
CA GLU E 277 -21.16 -27.11 -16.11
C GLU E 277 -19.75 -27.61 -16.01
N MET E 278 -18.99 -27.01 -15.10
CA MET E 278 -17.59 -27.40 -14.95
C MET E 278 -17.55 -28.80 -14.40
N GLY E 279 -18.38 -29.06 -13.40
CA GLY E 279 -18.41 -30.36 -12.79
C GLY E 279 -18.86 -31.37 -13.81
N GLN E 280 -19.73 -30.97 -14.72
CA GLN E 280 -20.27 -31.94 -15.64
C GLN E 280 -19.18 -32.42 -16.58
N LEU E 281 -18.26 -31.51 -16.93
CA LEU E 281 -17.07 -31.87 -17.71
C LEU E 281 -16.04 -32.61 -16.86
N GLN E 282 -15.56 -31.94 -15.83
CA GLN E 282 -14.49 -32.44 -14.99
C GLN E 282 -14.75 -33.83 -14.41
N GLU E 283 -16.01 -34.10 -14.08
CA GLU E 283 -16.37 -35.31 -13.35
C GLU E 283 -16.24 -36.55 -14.21
N ARG E 284 -16.28 -36.36 -15.52
CA ARG E 284 -16.07 -37.47 -16.44
C ARG E 284 -14.59 -37.83 -16.57
N ILE E 285 -13.72 -36.86 -16.30
CA ILE E 285 -12.29 -37.11 -16.30
C ILE E 285 -11.98 -37.79 -14.99
N THR E 286 -11.84 -39.10 -14.99
CA THR E 286 -11.56 -39.80 -13.75
C THR E 286 -10.94 -41.17 -13.93
N SER E 287 -10.40 -41.73 -12.86
CA SER E 287 -9.82 -43.07 -12.85
C SER E 287 -10.92 -44.05 -12.47
N THR E 288 -11.49 -44.69 -13.48
CA THR E 288 -12.48 -45.73 -13.25
C THR E 288 -11.74 -47.03 -12.92
N LYS E 289 -12.49 -48.12 -12.78
CA LYS E 289 -11.89 -49.40 -12.42
C LYS E 289 -11.20 -49.99 -13.62
N LYS E 290 -11.72 -49.69 -14.81
CA LYS E 290 -11.02 -49.95 -16.04
C LYS E 290 -9.89 -48.93 -16.15
N GLY E 291 -9.97 -47.89 -15.29
CA GLY E 291 -8.93 -46.89 -15.09
C GLY E 291 -8.68 -45.97 -16.27
N SER E 292 -8.29 -44.71 -16.03
CA SER E 292 -7.78 -43.87 -17.12
C SER E 292 -7.53 -42.41 -16.92
N ILE E 293 -8.45 -41.62 -17.47
CA ILE E 293 -8.20 -40.25 -17.98
C ILE E 293 -7.58 -39.23 -17.05
N THR E 294 -6.47 -38.63 -17.47
CA THR E 294 -5.76 -37.64 -16.66
C THR E 294 -5.66 -36.39 -17.48
N SER E 295 -6.34 -35.33 -17.08
CA SER E 295 -6.42 -34.14 -17.92
C SER E 295 -5.36 -33.13 -17.54
N ILE E 296 -4.63 -32.63 -18.54
CA ILE E 296 -3.70 -31.54 -18.31
C ILE E 296 -4.40 -30.36 -18.89
N GLN E 297 -4.73 -29.39 -18.03
CA GLN E 297 -5.52 -28.28 -18.44
C GLN E 297 -4.72 -27.01 -18.35
N ALA E 298 -4.59 -26.32 -19.47
CA ALA E 298 -3.92 -25.04 -19.49
C ALA E 298 -4.92 -24.03 -18.96
N ILE E 299 -4.53 -23.28 -17.94
CA ILE E 299 -5.37 -22.22 -17.44
C ILE E 299 -4.67 -20.89 -17.59
N TYR E 300 -5.18 -20.03 -18.45
CA TYR E 300 -4.55 -18.73 -18.62
C TYR E 300 -5.27 -17.62 -17.88
N VAL E 301 -6.50 -17.32 -18.29
CA VAL E 301 -7.22 -16.14 -17.77
C VAL E 301 -6.36 -14.88 -17.78
N PRO E 302 -6.59 -14.01 -18.76
CA PRO E 302 -5.87 -12.75 -19.01
C PRO E 302 -5.82 -11.81 -17.78
N ALA E 303 -6.94 -11.67 -17.07
CA ALA E 303 -7.04 -10.76 -15.94
C ALA E 303 -6.01 -10.99 -14.84
N ASP E 304 -5.52 -12.22 -14.73
CA ASP E 304 -4.55 -12.61 -13.71
C ASP E 304 -5.08 -12.65 -12.28
N ASP E 305 -6.39 -12.42 -12.10
CA ASP E 305 -7.01 -12.66 -10.82
C ASP E 305 -7.47 -14.11 -10.80
N TYR E 306 -6.87 -14.91 -9.93
CA TYR E 306 -7.25 -16.31 -9.82
C TYR E 306 -8.25 -16.58 -8.69
N THR E 307 -8.81 -15.50 -8.17
CA THR E 307 -9.89 -15.58 -7.20
C THR E 307 -11.19 -15.42 -7.96
N ASP E 308 -11.06 -15.10 -9.25
CA ASP E 308 -12.22 -14.91 -10.10
C ASP E 308 -13.02 -16.21 -10.12
N PRO E 309 -14.34 -16.10 -10.24
CA PRO E 309 -15.15 -17.32 -10.12
C PRO E 309 -14.73 -18.37 -11.12
N ALA E 310 -14.39 -17.94 -12.33
CA ALA E 310 -14.06 -18.89 -13.38
C ALA E 310 -12.86 -19.77 -13.01
N PRO E 311 -11.70 -19.16 -12.66
CA PRO E 311 -10.53 -19.91 -12.21
C PRO E 311 -10.79 -20.65 -10.91
N ALA E 312 -11.52 -20.01 -10.00
CA ALA E 312 -11.82 -20.59 -8.70
C ALA E 312 -12.45 -21.96 -8.89
N THR E 313 -13.47 -22.02 -9.72
CA THR E 313 -14.21 -23.25 -9.95
C THR E 313 -13.31 -24.32 -10.53
N THR E 314 -12.58 -23.96 -11.58
CA THR E 314 -11.70 -24.92 -12.21
C THR E 314 -10.75 -25.48 -11.19
N PHE E 315 -10.20 -24.62 -10.34
CA PHE E 315 -9.22 -25.04 -9.34
C PHE E 315 -9.78 -26.07 -8.41
N ALA E 316 -11.10 -26.02 -8.19
CA ALA E 316 -11.76 -26.95 -7.27
C ALA E 316 -11.49 -28.39 -7.66
N HIS E 317 -11.16 -28.59 -8.95
CA HIS E 317 -10.99 -29.90 -9.51
C HIS E 317 -9.55 -30.34 -9.60
N LEU E 318 -8.64 -29.38 -9.61
CA LEU E 318 -7.23 -29.67 -9.81
C LEU E 318 -6.67 -30.61 -8.72
N ASP E 319 -5.75 -31.46 -9.11
CA ASP E 319 -5.10 -32.40 -8.21
C ASP E 319 -3.59 -32.18 -8.16
N ALA E 320 -3.10 -31.34 -9.07
CA ALA E 320 -1.70 -30.96 -9.11
C ALA E 320 -1.63 -29.76 -10.03
N THR E 321 -0.62 -28.92 -9.81
CA THR E 321 -0.38 -27.86 -10.77
C THR E 321 1.07 -27.90 -11.19
N THR E 322 1.27 -27.68 -12.46
CA THR E 322 2.60 -27.56 -13.00
C THR E 322 2.80 -26.11 -13.44
N ASN E 323 3.86 -25.51 -12.95
CA ASN E 323 4.09 -24.11 -13.23
C ASN E 323 5.29 -23.85 -14.10
N LEU E 324 5.05 -23.56 -15.37
CA LEU E 324 6.11 -23.21 -16.28
C LEU E 324 6.66 -21.80 -15.98
N GLU E 325 7.94 -21.70 -15.63
CA GLU E 325 8.56 -20.46 -15.18
C GLU E 325 9.53 -19.87 -16.18
N ARG E 326 9.21 -18.69 -16.71
CA ARG E 326 10.14 -17.94 -17.57
C ARG E 326 11.55 -17.80 -16.96
N LYS E 327 11.63 -17.61 -15.65
CA LYS E 327 12.93 -17.50 -15.04
C LYS E 327 13.80 -18.74 -15.27
N LEU E 328 13.22 -19.92 -15.06
CA LEU E 328 13.97 -21.17 -15.19
C LEU E 328 14.29 -21.45 -16.64
N ALA E 329 13.43 -20.98 -17.53
CA ALA E 329 13.66 -21.15 -18.95
C ALA E 329 14.91 -20.36 -19.41
N GLU E 330 14.93 -19.07 -19.12
CA GLU E 330 16.08 -18.26 -19.46
C GLU E 330 17.28 -18.60 -18.59
N MET E 331 17.17 -19.69 -17.85
CA MET E 331 18.22 -20.12 -16.95
C MET E 331 18.80 -21.42 -17.45
N GLY E 332 18.07 -22.06 -18.37
CA GLY E 332 18.52 -23.29 -18.98
C GLY E 332 17.69 -24.51 -18.61
N ILE E 333 17.14 -24.51 -17.41
CA ILE E 333 16.32 -25.62 -16.94
C ILE E 333 15.11 -25.77 -17.86
N TYR E 334 15.06 -26.80 -18.68
CA TYR E 334 14.16 -26.74 -19.82
C TYR E 334 12.86 -27.51 -19.79
N PRO E 335 12.72 -28.49 -18.89
CA PRO E 335 11.34 -28.64 -18.37
C PRO E 335 11.34 -27.53 -17.33
N ALA E 336 10.86 -26.34 -17.70
CA ALA E 336 11.09 -25.15 -16.87
C ALA E 336 10.03 -25.08 -15.79
N VAL E 337 9.93 -26.14 -15.01
CA VAL E 337 8.89 -26.28 -14.04
C VAL E 337 9.33 -25.79 -12.69
N ASP E 338 8.61 -24.85 -12.11
CA ASP E 338 8.97 -24.38 -10.79
C ASP E 338 8.82 -25.46 -9.72
N PRO E 339 9.93 -25.97 -9.19
CA PRO E 339 9.91 -27.09 -8.23
C PRO E 339 9.12 -26.69 -6.97
N LEU E 340 9.15 -25.42 -6.65
CA LEU E 340 8.57 -24.97 -5.41
C LEU E 340 7.09 -24.66 -5.64
N ALA E 341 6.78 -24.04 -6.78
CA ALA E 341 5.41 -23.59 -7.04
C ALA E 341 4.52 -24.74 -7.39
N SER E 342 5.09 -25.70 -8.07
CA SER E 342 4.31 -26.83 -8.52
C SER E 342 3.99 -27.69 -7.32
N THR E 343 2.80 -28.30 -7.34
CA THR E 343 2.30 -29.11 -6.22
C THR E 343 1.37 -30.20 -6.71
N SER E 344 1.29 -31.26 -5.92
CA SER E 344 0.31 -32.31 -6.18
C SER E 344 -0.32 -32.81 -4.91
N ARG E 345 -1.64 -33.00 -4.94
CA ARG E 345 -2.30 -33.52 -3.75
C ARG E 345 -1.93 -34.95 -3.47
N ILE E 346 -1.44 -35.66 -4.47
CA ILE E 346 -1.05 -37.04 -4.21
C ILE E 346 0.40 -37.18 -3.85
N LEU E 347 1.05 -36.09 -3.45
CA LEU E 347 2.38 -36.21 -2.85
C LEU E 347 2.24 -36.55 -1.38
N SER E 348 1.49 -37.59 -1.09
CA SER E 348 1.39 -38.11 0.27
C SER E 348 2.33 -39.29 0.32
N PRO E 349 2.79 -39.64 1.52
CA PRO E 349 3.59 -40.87 1.64
C PRO E 349 2.66 -42.04 1.35
N ALA E 350 1.36 -41.80 1.56
CA ALA E 350 0.35 -42.81 1.31
C ALA E 350 0.30 -43.16 -0.17
N VAL E 351 0.52 -42.17 -1.05
CA VAL E 351 0.42 -42.43 -2.48
C VAL E 351 1.78 -42.78 -3.07
N VAL E 352 2.85 -42.14 -2.62
CA VAL E 352 4.16 -42.40 -3.24
C VAL E 352 5.15 -43.02 -2.30
N GLY E 353 4.68 -43.39 -1.11
CA GLY E 353 5.54 -44.05 -0.14
C GLY E 353 6.42 -43.10 0.64
N GLU E 354 6.80 -43.52 1.84
CA GLU E 354 7.56 -42.67 2.76
C GLU E 354 8.84 -42.15 2.12
N GLU E 355 9.59 -43.04 1.48
CA GLU E 355 10.87 -42.64 0.88
C GLU E 355 10.72 -41.51 -0.15
N HIS E 356 10.10 -41.81 -1.28
CA HIS E 356 9.78 -40.78 -2.27
C HIS E 356 9.29 -39.50 -1.57
N TYR E 357 8.33 -39.64 -0.66
CA TYR E 357 7.79 -38.47 0.03
C TYR E 357 8.89 -37.69 0.75
N ARG E 358 9.71 -38.42 1.48
CA ARG E 358 10.77 -37.81 2.28
C ARG E 358 11.87 -37.20 1.41
N VAL E 359 12.19 -37.87 0.31
CA VAL E 359 13.16 -37.32 -0.64
C VAL E 359 12.65 -36.03 -1.26
N ALA E 360 11.35 -35.99 -1.55
CA ALA E 360 10.77 -34.82 -2.19
C ALA E 360 10.65 -33.70 -1.19
N ARG E 361 10.19 -34.02 0.02
CA ARG E 361 10.11 -33.00 1.05
C ARG E 361 11.53 -32.59 1.39
N GLY E 362 12.47 -33.49 1.09
CA GLY E 362 13.88 -33.22 1.25
C GLY E 362 14.39 -32.19 0.26
N VAL E 363 14.16 -32.48 -1.01
CA VAL E 363 14.54 -31.56 -2.08
C VAL E 363 13.88 -30.22 -1.89
N GLN E 364 12.61 -30.24 -1.47
CA GLN E 364 11.87 -29.00 -1.27
C GLN E 364 12.50 -28.08 -0.25
N GLN E 365 12.82 -28.63 0.90
CA GLN E 365 13.42 -27.83 1.95
C GLN E 365 14.75 -27.27 1.49
N VAL E 366 15.56 -28.11 0.84
CA VAL E 366 16.83 -27.64 0.34
C VAL E 366 16.64 -26.46 -0.58
N LEU E 367 15.75 -26.59 -1.56
CA LEU E 367 15.51 -25.51 -2.51
C LEU E 367 14.89 -24.29 -1.86
N GLN E 368 14.10 -24.51 -0.82
CA GLN E 368 13.58 -23.39 -0.05
C GLN E 368 14.72 -22.72 0.71
N ARG E 369 15.46 -23.51 1.48
CA ARG E 369 16.60 -23.00 2.19
C ARG E 369 17.49 -22.22 1.24
N TYR E 370 17.62 -22.72 0.01
CA TYR E 370 18.49 -22.08 -0.98
C TYR E 370 18.06 -20.65 -1.20
N ASN E 371 16.73 -20.45 -1.20
CA ASN E 371 16.18 -19.10 -1.34
C ASN E 371 16.39 -18.20 -0.12
N ASP E 372 16.29 -18.78 1.07
CA ASP E 372 16.52 -18.01 2.28
C ASP E 372 17.96 -17.51 2.24
N LEU E 373 18.90 -18.45 2.13
CA LEU E 373 20.31 -18.09 2.08
C LEU E 373 20.55 -17.09 0.95
N GLN E 374 19.77 -17.22 -0.12
CA GLN E 374 19.88 -16.32 -1.26
C GLN E 374 19.74 -14.89 -0.78
N ASP E 375 18.71 -14.68 0.04
CA ASP E 375 18.41 -13.36 0.59
C ASP E 375 19.41 -13.00 1.69
N ILE E 376 19.97 -14.02 2.33
CA ILE E 376 20.94 -13.77 3.38
C ILE E 376 22.17 -13.13 2.78
N ILE E 377 22.79 -13.80 1.81
CA ILE E 377 24.00 -13.26 1.21
C ILE E 377 23.70 -11.92 0.57
N ALA E 378 22.43 -11.74 0.20
CA ALA E 378 22.02 -10.46 -0.35
C ALA E 378 22.23 -9.34 0.67
N ILE E 379 21.96 -9.64 1.93
CA ILE E 379 21.90 -8.60 2.96
C ILE E 379 22.90 -8.84 4.10
N LEU E 380 23.74 -9.84 3.94
CA LEU E 380 24.76 -10.15 4.93
C LEU E 380 26.00 -10.70 4.28
N GLY E 381 26.01 -10.70 2.94
CA GLY E 381 27.12 -11.21 2.16
C GLY E 381 27.34 -12.69 2.40
N MET E 382 28.22 -13.31 1.62
CA MET E 382 28.57 -14.71 1.87
C MET E 382 29.47 -14.79 3.10
N ASP E 383 29.85 -13.61 3.59
CA ASP E 383 30.45 -13.49 4.93
C ASP E 383 29.47 -14.06 5.95
N GLU E 384 30.00 -14.85 6.89
CA GLU E 384 29.18 -15.45 7.93
C GLU E 384 28.18 -16.42 7.31
N LEU E 385 28.69 -17.34 6.51
CA LEU E 385 27.84 -18.36 5.91
C LEU E 385 28.27 -19.75 6.36
N SER E 386 27.51 -20.29 7.31
CA SER E 386 27.79 -21.62 7.87
C SER E 386 28.37 -22.57 6.83
N ASP E 387 29.48 -23.22 7.16
CA ASP E 387 30.08 -24.20 6.26
C ASP E 387 29.05 -25.22 5.81
N GLU E 388 28.04 -25.44 6.65
CA GLU E 388 26.95 -26.34 6.33
C GLU E 388 25.96 -25.64 5.44
N ASP E 389 25.59 -24.43 5.81
CA ASP E 389 24.71 -23.61 4.98
C ASP E 389 25.32 -23.43 3.60
N LYS E 390 26.58 -23.01 3.56
CA LYS E 390 27.33 -22.88 2.33
C LYS E 390 27.31 -24.22 1.57
N LEU E 391 27.21 -25.30 2.32
CA LEU E 391 27.27 -26.65 1.77
C LEU E 391 25.95 -26.98 1.09
N ILE E 392 24.86 -26.79 1.82
CA ILE E 392 23.54 -27.09 1.28
C ILE E 392 23.07 -26.04 0.27
N VAL E 393 23.99 -25.19 -0.18
CA VAL E 393 23.73 -24.29 -1.29
C VAL E 393 24.25 -24.94 -2.56
N ALA E 394 25.34 -25.68 -2.42
CA ALA E 394 25.93 -26.41 -3.54
C ALA E 394 24.99 -27.54 -3.93
N ARG E 395 24.37 -28.18 -2.94
CA ARG E 395 23.46 -29.29 -3.20
C ARG E 395 22.19 -28.79 -3.85
N ALA E 396 21.85 -27.55 -3.57
CA ALA E 396 20.67 -26.93 -4.19
C ALA E 396 20.94 -26.68 -5.68
N ARG E 397 22.12 -26.16 -6.00
CA ARG E 397 22.46 -25.88 -7.38
C ARG E 397 22.52 -27.17 -8.20
N LYS E 398 22.96 -28.25 -7.58
CA LYS E 398 23.02 -29.53 -8.25
C LYS E 398 21.59 -30.06 -8.46
N ILE E 399 20.78 -30.00 -7.40
CA ILE E 399 19.39 -30.43 -7.43
C ILE E 399 18.62 -29.68 -8.50
N GLN E 400 18.78 -28.37 -8.49
CA GLN E 400 18.14 -27.49 -9.43
C GLN E 400 18.44 -27.92 -10.85
N ARG E 401 19.62 -28.49 -11.04
CA ARG E 401 20.09 -28.86 -12.35
C ARG E 401 19.67 -30.26 -12.69
N PHE E 402 19.74 -31.14 -11.68
CA PHE E 402 19.38 -32.54 -11.88
C PHE E 402 17.89 -32.65 -12.08
N LEU E 403 17.21 -31.51 -12.05
CA LEU E 403 15.76 -31.46 -12.24
C LEU E 403 15.40 -31.16 -13.69
N SER E 404 16.42 -30.83 -14.49
CA SER E 404 16.22 -30.61 -15.91
C SER E 404 16.47 -31.92 -16.55
N GLN E 405 15.99 -32.10 -17.77
CA GLN E 405 16.23 -33.36 -18.44
C GLN E 405 15.91 -33.24 -19.93
N PRO E 406 16.64 -33.98 -20.77
CA PRO E 406 16.47 -33.89 -22.21
C PRO E 406 15.16 -34.55 -22.64
N PHE E 407 14.37 -33.89 -23.48
CA PHE E 407 13.15 -34.55 -23.95
C PHE E 407 13.33 -35.26 -25.28
N HIS E 408 12.63 -36.36 -25.44
CA HIS E 408 12.55 -37.04 -26.72
C HIS E 408 12.08 -36.06 -27.76
N VAL E 409 11.03 -35.32 -27.44
CA VAL E 409 10.43 -34.40 -28.39
C VAL E 409 11.41 -33.30 -28.83
N ALA E 410 12.42 -33.04 -28.03
CA ALA E 410 13.38 -31.97 -28.29
C ALA E 410 14.60 -32.48 -29.08
N GLU E 411 14.75 -33.80 -29.09
CA GLU E 411 15.75 -34.53 -29.87
C GLU E 411 16.06 -33.84 -31.18
N GLN E 412 15.03 -33.69 -31.99
CA GLN E 412 15.18 -33.17 -33.35
C GLN E 412 15.82 -31.78 -33.40
N PHE E 413 16.05 -31.17 -32.26
CA PHE E 413 16.80 -29.93 -32.21
C PHE E 413 18.06 -30.19 -31.42
N THR E 414 17.95 -30.26 -30.11
CA THR E 414 19.08 -30.63 -29.28
C THR E 414 19.65 -32.00 -29.62
N GLY E 415 18.87 -33.04 -29.37
CA GLY E 415 19.29 -34.40 -29.65
C GLY E 415 20.27 -34.89 -28.61
N MET E 416 19.76 -35.47 -27.53
CA MET E 416 20.61 -35.79 -26.40
C MET E 416 20.90 -37.28 -26.21
N PRO E 417 19.97 -38.17 -26.60
CA PRO E 417 18.60 -37.94 -27.09
C PRO E 417 17.65 -37.75 -25.92
N GLY E 418 16.44 -38.28 -26.03
CA GLY E 418 15.47 -38.12 -24.97
C GLY E 418 15.89 -38.88 -23.73
N LYS E 419 15.20 -38.65 -22.63
CA LYS E 419 15.39 -39.43 -21.42
C LYS E 419 14.06 -39.63 -20.69
N TYR E 420 13.76 -40.88 -20.34
CA TYR E 420 12.61 -41.23 -19.50
C TYR E 420 13.21 -41.73 -18.19
N VAL E 421 12.81 -41.11 -17.09
CA VAL E 421 13.37 -41.45 -15.79
C VAL E 421 12.31 -41.94 -14.80
N PRO E 422 12.30 -43.24 -14.53
CA PRO E 422 11.39 -43.88 -13.56
C PRO E 422 11.46 -43.21 -12.19
N VAL E 423 10.31 -42.99 -11.55
CA VAL E 423 10.32 -42.35 -10.24
C VAL E 423 11.26 -43.11 -9.32
N LYS E 424 11.25 -44.43 -9.44
CA LYS E 424 12.12 -45.26 -8.65
C LYS E 424 13.53 -44.69 -8.70
N GLU E 425 13.89 -44.21 -9.87
CA GLU E 425 15.25 -43.78 -10.11
C GLU E 425 15.46 -42.30 -9.86
N THR E 426 14.40 -41.52 -10.05
CA THR E 426 14.40 -40.11 -9.69
C THR E 426 14.59 -40.00 -8.19
N VAL E 427 13.74 -40.67 -7.43
CA VAL E 427 13.82 -40.65 -5.99
C VAL E 427 15.23 -41.00 -5.56
N ARG E 428 15.73 -42.12 -6.06
CA ARG E 428 17.07 -42.55 -5.72
C ARG E 428 18.08 -41.47 -6.06
N GLY E 429 18.01 -40.99 -7.29
CA GLY E 429 18.87 -39.91 -7.75
C GLY E 429 19.01 -38.77 -6.77
N PHE E 430 17.90 -38.11 -6.46
CA PHE E 430 17.91 -36.99 -5.53
C PHE E 430 18.22 -37.38 -4.09
N LYS E 431 17.94 -38.63 -3.73
CA LYS E 431 18.28 -39.11 -2.39
C LYS E 431 19.78 -39.08 -2.18
N GLU E 432 20.53 -39.50 -3.19
CA GLU E 432 21.98 -39.51 -3.12
C GLU E 432 22.55 -38.08 -3.05
N ILE E 433 22.00 -37.20 -3.89
CA ILE E 433 22.40 -35.79 -3.85
C ILE E 433 22.20 -35.23 -2.45
N LEU E 434 21.03 -35.47 -1.87
CA LEU E 434 20.73 -34.99 -0.52
C LEU E 434 21.64 -35.60 0.53
N GLU E 435 22.01 -36.88 0.36
CA GLU E 435 22.81 -37.54 1.37
C GLU E 435 24.27 -37.08 1.29
N GLY E 436 24.60 -36.37 0.21
CA GLY E 436 25.95 -35.85 -0.01
C GLY E 436 26.85 -36.79 -0.78
N LYS E 437 26.25 -37.79 -1.42
CA LYS E 437 26.98 -38.81 -2.13
C LYS E 437 27.63 -38.30 -3.42
N HIS E 438 27.37 -37.04 -3.79
CA HIS E 438 27.96 -36.47 -5.00
C HIS E 438 28.32 -34.99 -4.88
N ASP E 439 28.69 -34.56 -3.69
CA ASP E 439 29.13 -33.17 -3.55
C ASP E 439 30.33 -32.92 -4.43
N ASN E 440 31.22 -33.91 -4.48
CA ASN E 440 32.48 -33.81 -5.20
C ASN E 440 32.33 -33.56 -6.71
N LEU E 441 31.17 -33.89 -7.27
CA LEU E 441 30.94 -33.72 -8.72
C LEU E 441 30.72 -32.26 -9.10
N PRO E 442 31.14 -31.88 -10.32
CA PRO E 442 30.97 -30.51 -10.82
C PRO E 442 29.50 -30.25 -11.02
N GLU E 443 29.03 -29.03 -10.77
CA GLU E 443 27.59 -28.81 -10.78
C GLU E 443 26.97 -28.82 -12.16
N GLU E 444 27.76 -28.65 -13.21
CA GLU E 444 27.16 -28.66 -14.54
C GLU E 444 27.02 -30.10 -15.04
N ALA E 445 27.32 -31.04 -14.14
CA ALA E 445 27.29 -32.46 -14.45
C ALA E 445 25.90 -33.07 -14.26
N PHE E 446 24.98 -32.28 -13.70
CA PHE E 446 23.63 -32.75 -13.43
C PHE E 446 22.66 -32.12 -14.39
N TYR E 447 23.16 -31.12 -15.11
CA TYR E 447 22.34 -30.47 -16.12
C TYR E 447 22.08 -31.37 -17.35
N MET E 448 20.80 -31.62 -17.62
CA MET E 448 20.40 -32.41 -18.79
C MET E 448 20.91 -33.85 -18.82
N VAL E 449 20.70 -34.57 -17.73
CA VAL E 449 21.01 -35.98 -17.70
C VAL E 449 19.71 -36.72 -17.40
N GLY E 450 19.75 -38.04 -17.46
CA GLY E 450 18.59 -38.81 -17.13
C GLY E 450 18.75 -39.19 -15.68
N THR E 451 19.27 -40.40 -15.46
CA THR E 451 19.45 -40.91 -14.12
C THR E 451 20.67 -40.29 -13.47
N ILE E 452 20.82 -40.44 -12.17
CA ILE E 452 22.03 -40.00 -11.48
C ILE E 452 23.26 -40.73 -12.03
N ASP E 453 23.06 -41.94 -12.54
CA ASP E 453 24.12 -42.72 -13.17
C ASP E 453 24.72 -41.91 -14.30
N GLU E 454 23.87 -41.21 -15.03
CA GLU E 454 24.30 -40.43 -16.20
C GLU E 454 25.08 -39.18 -15.81
N ALA E 455 24.97 -38.78 -14.56
CA ALA E 455 25.59 -37.54 -14.10
C ALA E 455 27.05 -37.73 -13.72
N VAL E 456 27.40 -38.93 -13.24
CA VAL E 456 28.79 -39.26 -12.99
C VAL E 456 29.52 -39.43 -14.33
N GLU E 457 28.85 -40.04 -15.31
CA GLU E 457 29.37 -40.13 -16.66
C GLU E 457 29.90 -38.79 -17.14
N LYS E 458 29.18 -37.72 -16.84
CA LYS E 458 29.47 -36.39 -17.35
C LYS E 458 30.28 -35.54 -16.37
N ALA E 459 30.59 -36.10 -15.21
CA ALA E 459 31.46 -35.42 -14.28
C ALA E 459 32.87 -35.68 -14.74
N LYS E 460 32.97 -36.20 -15.95
CA LYS E 460 34.24 -36.56 -16.56
C LYS E 460 34.44 -35.69 -17.77
N LYS E 461 33.99 -34.44 -17.69
CA LYS E 461 34.20 -33.46 -18.74
C LYS E 461 34.34 -32.06 -18.16
N LEU E 462 35.33 -31.31 -18.65
CA LEU E 462 35.67 -29.96 -18.18
C LEU E 462 36.52 -29.98 -16.90
N ASN F 2 -62.81 -10.38 5.50
CA ASN F 2 -62.54 -11.28 6.62
C ASN F 2 -61.82 -12.57 6.20
N LYS F 3 -62.51 -13.43 5.45
CA LYS F 3 -61.91 -14.71 5.03
C LYS F 3 -61.36 -14.67 3.62
N GLY F 4 -60.24 -15.35 3.41
CA GLY F 4 -59.64 -15.43 2.10
C GLY F 4 -59.16 -16.85 1.81
N ARG F 5 -58.75 -17.08 0.57
CA ARG F 5 -58.22 -18.38 0.18
C ARG F 5 -56.88 -18.17 -0.48
N ILE F 6 -55.94 -19.07 -0.22
CA ILE F 6 -54.56 -18.97 -0.71
C ILE F 6 -54.47 -19.12 -2.22
N ILE F 7 -53.90 -18.13 -2.88
CA ILE F 7 -53.71 -18.18 -4.33
C ILE F 7 -52.31 -18.70 -4.69
N GLN F 8 -51.27 -18.22 -3.98
CA GLN F 8 -49.90 -18.58 -4.28
C GLN F 8 -49.08 -18.80 -3.01
N VAL F 9 -48.13 -19.74 -3.07
CA VAL F 9 -47.20 -19.96 -1.99
C VAL F 9 -45.80 -20.05 -2.55
N MET F 10 -45.00 -19.02 -2.34
CA MET F 10 -43.63 -19.05 -2.82
C MET F 10 -42.73 -18.67 -1.68
N GLY F 11 -42.27 -19.68 -0.96
CA GLY F 11 -41.46 -19.43 0.21
C GLY F 11 -42.26 -18.76 1.28
N PRO F 12 -41.62 -17.87 2.01
CA PRO F 12 -42.30 -17.17 3.09
C PRO F 12 -43.35 -16.25 2.52
N VAL F 13 -43.51 -16.25 1.21
CA VAL F 13 -44.49 -15.36 0.61
C VAL F 13 -45.79 -16.11 0.26
N VAL F 14 -46.91 -15.62 0.77
CA VAL F 14 -48.18 -16.25 0.47
C VAL F 14 -49.13 -15.24 -0.13
N ASP F 15 -49.68 -15.54 -1.30
CA ASP F 15 -50.67 -14.66 -1.92
C ASP F 15 -52.11 -15.12 -1.67
N ILE F 16 -52.91 -14.22 -1.09
CA ILE F 16 -54.24 -14.61 -0.62
C ILE F 16 -55.36 -13.76 -1.24
N GLN F 17 -56.32 -14.42 -1.89
CA GLN F 17 -57.43 -13.69 -2.44
C GLN F 17 -58.56 -13.58 -1.43
N PHE F 18 -59.00 -12.33 -1.20
CA PHE F 18 -60.15 -12.07 -0.37
C PHE F 18 -61.37 -11.66 -1.22
N GLU F 19 -62.45 -11.26 -0.57
CA GLU F 19 -63.63 -10.84 -1.30
C GLU F 19 -63.54 -9.34 -1.46
N SER F 20 -64.19 -8.81 -2.50
CA SER F 20 -64.02 -7.40 -2.85
C SER F 20 -64.42 -6.50 -1.68
N GLY F 21 -63.54 -5.57 -1.33
CA GLY F 21 -63.80 -4.64 -0.25
C GLY F 21 -63.60 -5.21 1.14
N GLN F 22 -63.17 -6.46 1.21
CA GLN F 22 -62.96 -7.12 2.49
C GLN F 22 -61.48 -7.30 2.76
N LEU F 23 -60.64 -6.51 2.10
CA LEU F 23 -59.19 -6.67 2.17
C LEU F 23 -58.52 -6.06 3.39
N PRO F 24 -57.54 -6.78 3.95
CA PRO F 24 -56.81 -6.45 5.18
C PRO F 24 -55.96 -5.21 5.03
N ASP F 25 -55.97 -4.34 6.05
CA ASP F 25 -55.01 -3.27 6.13
C ASP F 25 -53.66 -3.97 6.11
N ILE F 26 -52.61 -3.27 5.68
CA ILE F 26 -51.32 -3.93 5.62
C ILE F 26 -50.75 -4.03 7.04
N TYR F 27 -49.95 -5.07 7.26
CA TYR F 27 -49.42 -5.44 8.58
C TYR F 27 -50.41 -6.26 9.39
N ASN F 28 -51.56 -6.55 8.78
CA ASN F 28 -52.59 -7.31 9.46
C ASN F 28 -52.25 -8.78 9.51
N ALA F 29 -52.28 -9.34 10.69
CA ALA F 29 -52.09 -10.77 10.84
C ALA F 29 -53.27 -11.49 10.22
N ILE F 30 -52.95 -12.34 9.26
CA ILE F 30 -53.88 -13.26 8.67
C ILE F 30 -53.42 -14.63 9.16
N THR F 31 -54.32 -15.38 9.76
CA THR F 31 -53.99 -16.72 10.20
C THR F 31 -54.43 -17.72 9.15
N ILE F 32 -53.65 -18.77 8.98
CA ILE F 32 -53.96 -19.83 8.03
C ILE F 32 -53.85 -21.10 8.82
N GLU F 33 -54.78 -22.01 8.63
CA GLU F 33 -54.76 -23.21 9.41
C GLU F 33 -54.62 -24.37 8.46
N ARG F 34 -54.81 -25.58 8.98
CA ARG F 34 -54.67 -26.78 8.17
C ARG F 34 -53.21 -26.85 7.74
N PRO F 35 -52.82 -27.92 7.01
CA PRO F 35 -53.53 -29.19 6.82
C PRO F 35 -52.96 -30.32 7.66
N GLN F 36 -51.89 -30.09 8.39
CA GLN F 36 -51.35 -31.18 9.18
C GLN F 36 -51.47 -30.95 10.67
N GLY F 37 -51.55 -29.67 11.08
CA GLY F 37 -51.57 -29.35 12.50
C GLY F 37 -51.79 -27.90 12.90
N GLY F 38 -50.69 -27.17 13.01
CA GLY F 38 -50.69 -25.89 13.71
C GLY F 38 -51.47 -24.76 13.08
N THR F 39 -50.95 -23.55 13.23
CA THR F 39 -51.56 -22.37 12.63
C THR F 39 -50.48 -21.42 12.21
N LEU F 40 -50.41 -21.16 10.91
CA LEU F 40 -49.42 -20.26 10.36
C LEU F 40 -49.95 -18.86 10.34
N THR F 41 -49.15 -17.92 10.83
CA THR F 41 -49.52 -16.53 10.71
C THR F 41 -48.66 -15.80 9.66
N VAL F 42 -49.34 -15.16 8.73
CA VAL F 42 -48.70 -14.32 7.73
C VAL F 42 -49.12 -12.86 7.95
N GLU F 43 -48.30 -11.94 7.47
CA GLU F 43 -48.54 -10.54 7.69
C GLU F 43 -48.78 -9.91 6.32
N ALA F 44 -49.91 -9.23 6.14
CA ALA F 44 -50.22 -8.54 4.89
C ALA F 44 -49.12 -7.53 4.54
N ALA F 45 -48.73 -7.49 3.27
CA ALA F 45 -47.59 -6.67 2.86
C ALA F 45 -47.95 -5.80 1.68
N VAL F 46 -48.58 -6.39 0.68
CA VAL F 46 -48.89 -5.66 -0.52
C VAL F 46 -50.21 -6.06 -1.15
N HIS F 47 -51.03 -5.07 -1.49
CA HIS F 47 -52.24 -5.31 -2.25
C HIS F 47 -51.84 -5.29 -3.71
N LEU F 48 -51.75 -6.48 -4.28
CA LEU F 48 -51.36 -6.67 -5.67
C LEU F 48 -52.47 -6.30 -6.65
N GLY F 49 -53.72 -6.31 -6.17
CA GLY F 49 -54.85 -6.00 -7.01
C GLY F 49 -55.65 -7.26 -7.25
N ASP F 50 -56.84 -7.12 -7.85
CA ASP F 50 -57.74 -8.27 -8.04
C ASP F 50 -58.05 -8.93 -6.71
N ASN F 51 -58.14 -8.12 -5.68
CA ASN F 51 -58.43 -8.61 -4.34
C ASN F 51 -57.41 -9.61 -3.81
N VAL F 52 -56.28 -9.74 -4.48
CA VAL F 52 -55.19 -10.49 -3.90
C VAL F 52 -54.31 -9.60 -3.03
N VAL F 53 -53.86 -10.14 -1.91
CA VAL F 53 -52.91 -9.47 -1.04
C VAL F 53 -51.80 -10.43 -0.73
N ARG F 54 -50.58 -9.95 -0.91
CA ARG F 54 -49.37 -10.75 -0.73
C ARG F 54 -48.87 -10.59 0.69
N CYS F 55 -48.40 -11.68 1.30
CA CYS F 55 -47.99 -11.65 2.70
C CYS F 55 -46.65 -12.32 2.94
N VAL F 56 -46.10 -12.07 4.12
CA VAL F 56 -44.88 -12.69 4.55
C VAL F 56 -45.20 -13.58 5.75
N ALA F 57 -44.66 -14.78 5.74
CA ALA F 57 -44.99 -15.74 6.78
C ALA F 57 -44.16 -15.49 8.01
N MET F 58 -44.56 -16.07 9.13
CA MET F 58 -43.87 -15.92 10.40
C MET F 58 -43.35 -17.28 10.81
N ALA F 59 -43.70 -18.26 10.01
CA ALA F 59 -43.25 -19.62 10.22
C ALA F 59 -43.13 -20.27 8.87
N SER F 60 -42.70 -21.52 8.85
CA SER F 60 -42.55 -22.24 7.60
C SER F 60 -43.88 -22.33 6.85
N THR F 61 -43.83 -22.29 5.52
CA THR F 61 -45.04 -22.47 4.74
C THR F 61 -45.01 -23.80 4.01
N ASP F 62 -44.21 -24.73 4.51
CA ASP F 62 -44.25 -26.08 3.95
C ASP F 62 -45.61 -26.67 4.18
N GLY F 63 -46.11 -27.39 3.20
CA GLY F 63 -47.35 -28.08 3.41
C GLY F 63 -48.56 -27.27 3.05
N LEU F 64 -48.47 -25.96 3.10
CA LEU F 64 -49.56 -25.12 2.61
C LEU F 64 -50.05 -25.59 1.26
N VAL F 65 -51.33 -25.46 1.00
CA VAL F 65 -51.93 -25.93 -0.23
C VAL F 65 -52.76 -24.81 -0.80
N ARG F 66 -52.78 -24.64 -2.10
CA ARG F 66 -53.54 -23.53 -2.65
C ARG F 66 -55.02 -23.79 -2.44
N GLY F 67 -55.75 -22.76 -1.99
CA GLY F 67 -57.15 -22.89 -1.69
C GLY F 67 -57.44 -22.82 -0.22
N LEU F 68 -56.45 -23.15 0.61
CA LEU F 68 -56.66 -23.14 2.05
C LEU F 68 -57.27 -21.82 2.55
N GLU F 69 -58.22 -21.91 3.46
CA GLU F 69 -58.85 -20.72 3.96
C GLU F 69 -57.88 -19.94 4.81
N ALA F 70 -57.98 -18.61 4.72
CA ALA F 70 -57.20 -17.72 5.56
C ALA F 70 -58.15 -16.70 6.20
N VAL F 71 -57.78 -16.23 7.37
CA VAL F 71 -58.64 -15.31 8.09
C VAL F 71 -57.90 -14.07 8.51
N ASP F 72 -58.36 -12.92 8.02
CA ASP F 72 -57.83 -11.63 8.44
C ASP F 72 -58.20 -11.43 9.88
N THR F 73 -57.23 -11.23 10.76
CA THR F 73 -57.56 -11.06 12.16
C THR F 73 -58.08 -9.65 12.43
N GLY F 74 -57.93 -8.77 11.45
CA GLY F 74 -58.39 -7.41 11.56
C GLY F 74 -57.42 -6.50 12.32
N ALA F 75 -56.25 -7.02 12.66
CA ALA F 75 -55.27 -6.24 13.37
C ALA F 75 -53.87 -6.77 13.10
N PRO F 76 -52.84 -5.93 13.33
CA PRO F 76 -51.46 -6.41 13.23
C PRO F 76 -51.23 -7.47 14.28
N ILE F 77 -50.12 -8.18 14.14
CA ILE F 77 -49.75 -9.20 15.11
C ILE F 77 -49.81 -8.52 16.45
N SER F 78 -50.71 -9.02 17.32
CA SER F 78 -50.86 -8.45 18.64
C SER F 78 -50.33 -9.35 19.75
N VAL F 79 -49.66 -8.75 20.70
CA VAL F 79 -48.94 -9.51 21.70
C VAL F 79 -49.28 -9.05 23.11
N PRO F 80 -49.24 -9.99 24.07
CA PRO F 80 -49.48 -9.78 25.48
C PRO F 80 -48.62 -8.65 26.02
N VAL F 81 -49.11 -7.95 27.04
CA VAL F 81 -48.30 -6.89 27.65
C VAL F 81 -48.49 -6.89 29.18
N GLY F 82 -47.70 -6.08 29.87
CA GLY F 82 -47.83 -5.90 31.31
C GLY F 82 -47.21 -6.97 32.19
N LYS F 83 -47.59 -6.97 33.47
CA LYS F 83 -47.06 -7.89 34.46
C LYS F 83 -46.94 -9.31 33.94
N ALA F 84 -47.94 -9.72 33.17
CA ALA F 84 -48.06 -11.09 32.71
C ALA F 84 -46.83 -11.60 31.95
N THR F 85 -46.09 -10.68 31.32
CA THR F 85 -44.99 -11.03 30.42
C THR F 85 -43.65 -11.14 31.13
N LEU F 86 -43.58 -10.63 32.35
CA LEU F 86 -42.34 -10.63 33.11
C LEU F 86 -41.91 -12.04 33.46
N GLY F 87 -40.67 -12.38 33.13
CA GLY F 87 -40.12 -13.69 33.40
C GLY F 87 -40.44 -14.71 32.32
N ARG F 88 -41.27 -14.32 31.36
CA ARG F 88 -41.70 -15.23 30.30
C ARG F 88 -40.93 -14.95 29.02
N VAL F 89 -40.66 -15.99 28.24
CA VAL F 89 -40.02 -15.82 26.94
C VAL F 89 -40.97 -16.16 25.79
N PHE F 90 -40.96 -15.29 24.79
CA PHE F 90 -41.93 -15.36 23.70
C PHE F 90 -41.23 -15.46 22.36
N ASN F 91 -42.00 -15.78 21.34
CA ASN F 91 -41.58 -15.59 19.96
C ASN F 91 -42.30 -14.37 19.36
N VAL F 92 -42.06 -14.09 18.08
CA VAL F 92 -42.71 -12.96 17.41
C VAL F 92 -44.23 -12.89 17.56
N LEU F 93 -44.89 -14.03 17.68
CA LEU F 93 -46.33 -14.05 17.68
C LEU F 93 -46.88 -13.76 19.06
N GLY F 94 -45.97 -13.50 20.00
CA GLY F 94 -46.37 -13.29 21.38
C GLY F 94 -46.78 -14.61 22.02
N GLU F 95 -46.31 -15.72 21.48
CA GLU F 95 -46.58 -17.02 22.07
C GLU F 95 -45.44 -17.44 23.02
N PRO F 96 -45.79 -18.10 24.13
CA PRO F 96 -44.76 -18.48 25.10
C PRO F 96 -43.95 -19.63 24.59
N ILE F 97 -42.66 -19.42 24.42
CA ILE F 97 -41.80 -20.48 23.90
C ILE F 97 -41.04 -21.16 25.04
N ASP F 98 -41.48 -20.92 26.26
CA ASP F 98 -40.80 -21.49 27.43
C ASP F 98 -41.57 -22.58 28.15
N GLU F 99 -42.66 -23.07 27.54
CA GLU F 99 -43.50 -24.10 28.14
C GLU F 99 -43.73 -23.78 29.60
N GLN F 100 -44.53 -22.77 29.89
CA GLN F 100 -44.67 -22.31 31.26
C GLN F 100 -46.09 -21.87 31.54
N GLY F 101 -46.99 -22.24 30.65
CA GLY F 101 -48.38 -21.85 30.79
C GLY F 101 -48.69 -20.90 29.66
N GLU F 102 -49.91 -20.38 29.60
CA GLU F 102 -50.18 -19.28 28.69
C GLU F 102 -50.04 -18.02 29.52
N VAL F 103 -49.92 -16.89 28.84
CA VAL F 103 -49.78 -15.61 29.50
C VAL F 103 -51.15 -15.08 29.86
N ASN F 104 -51.39 -14.85 31.15
CA ASN F 104 -52.67 -14.36 31.60
C ASN F 104 -52.70 -12.84 31.48
N ALA F 105 -52.26 -12.35 30.32
CA ALA F 105 -52.19 -10.92 30.09
C ALA F 105 -53.57 -10.34 29.90
N GLU F 106 -53.77 -9.14 30.45
CA GLU F 106 -55.04 -8.42 30.36
C GLU F 106 -55.27 -7.93 28.93
N GLU F 107 -54.23 -7.38 28.31
CA GLU F 107 -54.33 -6.84 26.96
C GLU F 107 -53.28 -7.40 26.00
N ARG F 108 -53.53 -7.23 24.70
CA ARG F 108 -52.58 -7.62 23.68
C ARG F 108 -52.52 -6.49 22.66
N HIS F 109 -51.38 -5.82 22.58
CA HIS F 109 -51.23 -4.69 21.68
C HIS F 109 -50.62 -5.09 20.34
N PRO F 110 -50.98 -4.39 19.27
CA PRO F 110 -50.37 -4.63 17.97
C PRO F 110 -48.89 -4.25 18.00
N ILE F 111 -48.06 -4.94 17.21
CA ILE F 111 -46.65 -4.65 17.23
C ILE F 111 -46.37 -3.56 16.23
N HIS F 112 -47.31 -3.29 15.34
CA HIS F 112 -47.17 -2.19 14.42
C HIS F 112 -47.94 -0.95 14.88
N ARG F 113 -47.27 0.20 14.91
CA ARG F 113 -47.89 1.42 15.37
C ARG F 113 -47.00 2.62 15.11
N PRO F 114 -47.57 3.83 15.08
CA PRO F 114 -46.78 5.02 14.81
C PRO F 114 -45.99 5.42 16.04
N ALA F 115 -44.94 6.21 15.84
CA ALA F 115 -44.13 6.63 16.98
C ALA F 115 -44.87 7.74 17.71
N PRO F 116 -44.55 7.93 19.01
CA PRO F 116 -45.18 9.01 19.79
C PRO F 116 -45.18 10.29 19.00
N GLU F 117 -46.21 11.10 19.13
CA GLU F 117 -46.31 12.27 18.28
C GLU F 117 -45.50 13.41 18.85
N PHE F 118 -45.24 14.40 18.02
CA PHE F 118 -44.32 15.50 18.37
C PHE F 118 -44.57 16.10 19.74
N GLU F 119 -45.82 16.33 20.10
CA GLU F 119 -46.09 16.98 21.38
C GLU F 119 -46.01 16.06 22.60
N GLU F 120 -46.00 14.75 22.38
CA GLU F 120 -45.81 13.80 23.47
C GLU F 120 -44.33 13.64 23.79
N LEU F 121 -43.47 14.26 23.00
CA LEU F 121 -42.04 14.07 23.15
C LEU F 121 -41.48 14.91 24.27
N SER F 122 -40.72 14.30 25.17
CA SER F 122 -39.93 15.10 26.12
C SER F 122 -38.91 15.92 25.32
N THR F 123 -38.64 17.14 25.77
CA THR F 123 -37.85 18.08 24.98
C THR F 123 -36.52 18.42 25.63
N ALA F 124 -36.18 17.71 26.70
CA ALA F 124 -34.90 17.91 27.35
C ALA F 124 -34.23 16.57 27.60
N ASP F 125 -32.94 16.49 27.36
CA ASP F 125 -32.18 15.27 27.61
C ASP F 125 -31.96 15.01 29.08
N GLU F 126 -32.04 13.77 29.50
CA GLU F 126 -31.74 13.43 30.89
C GLU F 126 -30.92 12.17 30.91
N ILE F 127 -29.91 12.13 31.77
CA ILE F 127 -29.08 10.95 31.90
C ILE F 127 -29.89 9.85 32.53
N LEU F 128 -29.85 8.67 31.93
CA LEU F 128 -30.39 7.50 32.58
C LEU F 128 -29.30 6.98 33.49
N GLU F 129 -29.45 7.20 34.79
CA GLU F 129 -28.42 6.78 35.74
C GLU F 129 -28.41 5.25 35.83
N THR F 130 -27.31 4.66 35.38
CA THR F 130 -27.10 3.24 35.52
C THR F 130 -26.33 3.07 36.81
N GLY F 131 -26.18 1.84 37.27
CA GLY F 131 -25.26 1.63 38.38
C GLY F 131 -23.83 2.04 38.06
N ILE F 132 -23.36 1.69 36.86
CA ILE F 132 -21.95 1.64 36.49
C ILE F 132 -21.22 2.99 36.34
N LYS F 133 -20.08 3.11 37.01
CA LYS F 133 -19.29 4.34 37.04
C LYS F 133 -18.77 4.78 35.67
N VAL F 134 -18.27 3.82 34.88
CA VAL F 134 -17.60 4.20 33.64
C VAL F 134 -18.57 4.72 32.61
N ILE F 135 -19.73 4.09 32.52
CA ILE F 135 -20.69 4.56 31.53
C ILE F 135 -21.35 5.86 32.00
N ASP F 136 -21.53 6.01 33.31
CA ASP F 136 -22.21 7.20 33.80
C ASP F 136 -21.33 8.40 33.78
N LEU F 137 -20.05 8.20 34.05
CA LEU F 137 -19.12 9.32 34.00
C LEU F 137 -18.78 9.66 32.57
N LEU F 138 -18.43 8.65 31.80
CA LEU F 138 -17.73 8.88 30.54
C LEU F 138 -18.60 8.75 29.30
N ALA F 139 -19.63 7.92 29.35
CA ALA F 139 -20.47 7.68 28.17
C ALA F 139 -21.92 7.49 28.56
N PRO F 140 -22.50 8.48 29.22
CA PRO F 140 -23.84 8.47 29.80
C PRO F 140 -24.94 7.96 28.88
N TYR F 141 -25.84 7.15 29.43
CA TYR F 141 -27.04 6.76 28.71
C TYR F 141 -28.07 7.86 28.91
N ALA F 142 -28.80 8.18 27.85
CA ALA F 142 -29.88 9.14 27.97
C ALA F 142 -31.20 8.40 27.90
N LYS F 143 -32.16 8.82 28.71
CA LYS F 143 -33.50 8.26 28.63
C LYS F 143 -34.02 8.45 27.22
N GLY F 144 -34.57 7.39 26.65
CA GLY F 144 -35.08 7.47 25.30
C GLY F 144 -33.90 7.48 24.37
N GLY F 145 -32.82 6.88 24.82
CA GLY F 145 -31.60 6.85 24.04
C GLY F 145 -31.32 5.49 23.47
N LYS F 146 -30.59 5.48 22.37
CA LYS F 146 -30.13 4.24 21.79
C LYS F 146 -28.65 4.19 21.99
N ILE F 147 -28.16 3.09 22.52
CA ILE F 147 -26.76 2.92 22.81
C ILE F 147 -26.33 1.71 22.00
N GLY F 148 -25.21 1.85 21.30
CA GLY F 148 -24.61 0.71 20.63
C GLY F 148 -23.67 0.03 21.61
N LEU F 149 -23.91 -1.25 21.84
CA LEU F 149 -23.04 -2.04 22.69
C LEU F 149 -22.14 -2.92 21.81
N PHE F 150 -20.85 -2.65 21.80
CA PHE F 150 -19.92 -3.45 21.00
C PHE F 150 -19.10 -4.37 21.88
N GLY F 151 -19.32 -5.67 21.73
CA GLY F 151 -18.76 -6.68 22.60
C GLY F 151 -18.59 -8.03 21.91
N GLY F 152 -18.01 -8.97 22.63
CA GLY F 152 -17.64 -10.26 22.07
C GLY F 152 -17.86 -11.40 23.04
N ALA F 153 -18.84 -11.20 23.94
CA ALA F 153 -19.27 -12.20 24.91
C ALA F 153 -18.20 -12.51 25.95
N GLY F 154 -16.99 -12.83 25.49
CA GLY F 154 -15.85 -13.05 26.36
C GLY F 154 -15.46 -11.78 27.11
N VAL F 155 -15.95 -10.66 26.61
CA VAL F 155 -15.77 -9.38 27.27
C VAL F 155 -16.92 -9.06 28.23
N GLY F 156 -17.81 -10.03 28.43
CA GLY F 156 -18.84 -9.93 29.45
C GLY F 156 -19.97 -9.02 29.06
N LYS F 157 -20.44 -9.16 27.83
CA LYS F 157 -21.55 -8.37 27.33
C LYS F 157 -22.84 -8.68 28.09
N THR F 158 -23.04 -9.94 28.47
CA THR F 158 -24.31 -10.31 29.03
C THR F 158 -24.29 -10.00 30.50
N VAL F 159 -23.12 -10.07 31.10
CA VAL F 159 -22.98 -9.62 32.47
C VAL F 159 -23.30 -8.12 32.55
N LEU F 160 -22.89 -7.36 31.53
CA LEU F 160 -23.28 -5.96 31.43
C LEU F 160 -24.81 -5.80 31.29
N ILE F 161 -25.40 -6.47 30.31
CA ILE F 161 -26.84 -6.44 30.14
C ILE F 161 -27.53 -6.69 31.48
N GLN F 162 -27.11 -7.73 32.19
CA GLN F 162 -27.79 -8.08 33.45
C GLN F 162 -27.64 -7.03 34.55
N GLU F 163 -26.45 -6.47 34.68
CA GLU F 163 -26.23 -5.45 35.69
C GLU F 163 -27.12 -4.27 35.36
N LEU F 164 -27.13 -3.92 34.09
CA LEU F 164 -28.05 -2.89 33.62
C LEU F 164 -29.49 -3.19 34.03
N ILE F 165 -29.98 -4.38 33.71
CA ILE F 165 -31.38 -4.72 34.00
C ILE F 165 -31.65 -4.59 35.50
N ASN F 166 -30.74 -5.18 36.27
CA ASN F 166 -30.77 -5.13 37.72
C ASN F 166 -30.75 -3.74 38.30
N ASN F 167 -29.78 -2.95 37.87
CA ASN F 167 -29.59 -1.61 38.40
C ASN F 167 -30.70 -0.65 38.03
N VAL F 168 -31.25 -0.81 36.82
CA VAL F 168 -32.39 0.01 36.47
C VAL F 168 -33.65 -0.41 37.23
N ALA F 169 -33.93 -1.71 37.31
CA ALA F 169 -34.96 -2.22 38.19
C ALA F 169 -34.75 -1.72 39.62
N GLN F 170 -33.60 -2.06 40.17
CA GLN F 170 -33.12 -1.58 41.48
C GLN F 170 -33.44 -0.11 41.79
N GLU F 171 -32.69 0.80 41.18
CA GLU F 171 -32.61 2.17 41.64
C GLU F 171 -33.51 3.14 40.88
N HIS F 172 -34.24 2.61 39.93
CA HIS F 172 -35.38 3.32 39.37
C HIS F 172 -36.45 2.29 39.55
N GLY F 173 -37.47 2.29 38.72
CA GLY F 173 -38.44 1.24 38.88
C GLY F 173 -38.70 0.53 37.58
N GLY F 174 -37.71 0.61 36.70
CA GLY F 174 -37.87 0.24 35.30
C GLY F 174 -37.60 -1.22 35.02
N LEU F 175 -38.54 -1.85 34.31
CA LEU F 175 -38.38 -3.22 33.87
C LEU F 175 -37.60 -3.24 32.56
N SER F 176 -37.38 -4.43 32.01
CA SER F 176 -36.60 -4.55 30.78
C SER F 176 -37.21 -5.54 29.83
N VAL F 177 -36.95 -5.35 28.54
CA VAL F 177 -37.32 -6.35 27.56
C VAL F 177 -36.07 -6.77 26.83
N PHE F 178 -35.88 -8.07 26.67
CA PHE F 178 -34.80 -8.51 25.83
C PHE F 178 -35.35 -9.05 24.52
N ALA F 179 -34.89 -8.47 23.42
CA ALA F 179 -35.27 -8.95 22.11
C ALA F 179 -34.07 -9.63 21.44
N GLY F 180 -34.11 -10.94 21.33
CA GLY F 180 -33.08 -11.68 20.61
C GLY F 180 -33.44 -11.74 19.15
N VAL F 181 -32.62 -11.13 18.31
CA VAL F 181 -32.93 -11.05 16.89
C VAL F 181 -31.83 -11.68 16.08
N GLY F 182 -32.12 -12.81 15.45
CA GLY F 182 -31.21 -13.37 14.48
C GLY F 182 -29.90 -13.95 14.96
N GLU F 183 -29.72 -14.07 16.26
CA GLU F 183 -28.46 -14.62 16.75
C GLU F 183 -28.57 -16.13 17.04
N ARG F 184 -27.56 -16.68 17.70
CA ARG F 184 -27.53 -18.11 18.02
C ARG F 184 -28.51 -18.52 19.10
N THR F 185 -29.34 -19.52 18.83
CA THR F 185 -30.33 -19.96 19.80
C THR F 185 -29.67 -20.46 21.06
N ARG F 186 -28.48 -21.02 20.95
CA ARG F 186 -27.71 -21.45 22.13
C ARG F 186 -27.35 -20.28 23.02
N GLU F 187 -27.03 -19.17 22.37
CA GLU F 187 -26.65 -17.95 23.05
C GLU F 187 -27.86 -17.39 23.82
N GLY F 188 -29.04 -17.53 23.24
CA GLY F 188 -30.26 -17.06 23.87
C GLY F 188 -30.57 -17.90 25.10
N ASN F 189 -30.48 -19.23 24.91
CA ASN F 189 -30.64 -20.17 25.99
C ASN F 189 -29.63 -19.88 27.10
N ASP F 190 -28.39 -19.65 26.72
CA ASP F 190 -27.35 -19.33 27.69
C ASP F 190 -27.66 -18.09 28.50
N LEU F 191 -28.05 -17.00 27.83
CA LEU F 191 -28.45 -15.77 28.52
C LEU F 191 -29.64 -16.02 29.44
N TYR F 192 -30.65 -16.70 28.92
CA TYR F 192 -31.79 -17.05 29.73
C TYR F 192 -31.37 -17.62 31.07
N HIS F 193 -30.45 -18.58 31.05
CA HIS F 193 -30.03 -19.23 32.29
C HIS F 193 -29.09 -18.33 33.05
N GLU F 194 -28.28 -17.61 32.30
CA GLU F 194 -27.39 -16.60 32.84
C GLU F 194 -28.15 -15.74 33.83
N MET F 195 -29.35 -15.36 33.44
CA MET F 195 -30.11 -14.41 34.23
C MET F 195 -31.33 -15.05 34.90
N LYS F 196 -31.41 -16.37 34.84
CA LYS F 196 -32.50 -17.02 35.51
C LYS F 196 -31.98 -17.34 36.87
N ASP F 197 -30.67 -17.48 36.99
CA ASP F 197 -30.11 -17.68 38.32
C ASP F 197 -29.20 -16.54 38.74
N SER F 198 -29.31 -15.41 38.04
CA SER F 198 -28.83 -14.16 38.59
C SER F 198 -30.05 -13.43 39.10
N GLY F 199 -31.21 -14.04 38.88
CA GLY F 199 -32.47 -13.53 39.41
C GLY F 199 -33.06 -12.42 38.59
N VAL F 200 -32.30 -11.91 37.64
CA VAL F 200 -32.72 -10.76 36.87
C VAL F 200 -33.93 -11.06 35.98
N ILE F 201 -34.13 -12.33 35.67
CA ILE F 201 -35.19 -12.72 34.73
C ILE F 201 -36.58 -12.27 35.16
N SER F 202 -36.73 -12.04 36.46
CA SER F 202 -38.04 -11.67 37.01
C SER F 202 -38.44 -10.26 36.59
N LYS F 203 -37.46 -9.45 36.24
CA LYS F 203 -37.73 -8.07 35.83
C LYS F 203 -37.73 -7.92 34.30
N THR F 204 -37.74 -9.03 33.58
CA THR F 204 -37.62 -9.00 32.13
C THR F 204 -38.60 -9.89 31.39
N SER F 205 -39.09 -9.43 30.25
CA SER F 205 -39.71 -10.31 29.30
C SER F 205 -38.74 -10.47 28.13
N MET F 206 -38.60 -11.69 27.60
CA MET F 206 -37.70 -11.97 26.50
C MET F 206 -38.48 -12.31 25.25
N VAL F 207 -38.00 -11.88 24.08
CA VAL F 207 -38.60 -12.25 22.82
C VAL F 207 -37.51 -12.79 21.95
N PHE F 208 -37.73 -13.94 21.31
CA PHE F 208 -36.68 -14.54 20.47
C PHE F 208 -37.00 -14.77 19.00
N GLY F 209 -36.16 -14.22 18.15
CA GLY F 209 -36.18 -14.47 16.72
C GLY F 209 -35.16 -15.55 16.35
N GLN F 210 -33.90 -15.15 16.28
CA GLN F 210 -32.79 -16.11 16.23
C GLN F 210 -32.64 -16.77 14.88
N MET F 211 -31.40 -17.00 14.48
CA MET F 211 -31.08 -17.22 13.09
C MET F 211 -31.67 -18.48 12.44
N ASN F 212 -32.41 -19.30 13.19
CA ASN F 212 -33.04 -20.44 12.57
C ASN F 212 -34.40 -20.05 11.98
N GLU F 213 -34.92 -18.93 12.45
CA GLU F 213 -36.27 -18.52 12.12
C GLU F 213 -36.33 -17.91 10.73
N PRO F 214 -37.49 -17.94 10.08
CA PRO F 214 -37.67 -17.32 8.77
C PRO F 214 -37.50 -15.83 8.92
N PRO F 215 -37.34 -15.12 7.79
CA PRO F 215 -37.01 -13.70 7.84
C PRO F 215 -38.15 -12.89 8.43
N GLY F 216 -39.40 -13.25 8.12
CA GLY F 216 -40.58 -12.54 8.60
C GLY F 216 -40.58 -12.47 10.11
N ALA F 217 -40.16 -13.56 10.76
CA ALA F 217 -40.07 -13.59 12.20
C ALA F 217 -38.92 -12.74 12.66
N ARG F 218 -37.75 -12.96 12.10
CA ARG F 218 -36.59 -12.12 12.43
C ARG F 218 -36.88 -10.61 12.30
N LEU F 219 -37.58 -10.23 11.24
CA LEU F 219 -37.87 -8.83 10.97
C LEU F 219 -38.79 -8.21 12.04
N ARG F 220 -39.80 -8.98 12.48
CA ARG F 220 -40.83 -8.42 13.35
C ARG F 220 -40.50 -8.57 14.83
N VAL F 221 -39.68 -9.57 15.14
CA VAL F 221 -39.40 -9.93 16.53
C VAL F 221 -39.06 -8.73 17.44
N ALA F 222 -38.27 -7.79 16.94
CA ALA F 222 -37.95 -6.62 17.74
C ALA F 222 -39.21 -5.82 18.03
N LEU F 223 -40.02 -5.53 17.01
CA LEU F 223 -41.30 -4.87 17.20
C LEU F 223 -42.15 -5.47 18.34
N THR F 224 -42.08 -6.78 18.54
CA THR F 224 -42.77 -7.40 19.66
C THR F 224 -42.15 -6.89 20.95
N GLY F 225 -40.87 -7.14 21.15
CA GLY F 225 -40.17 -6.64 22.31
C GLY F 225 -40.45 -5.17 22.55
N LEU F 226 -40.45 -4.39 21.48
CA LEU F 226 -40.68 -2.95 21.54
C LEU F 226 -42.06 -2.69 22.11
N THR F 227 -43.03 -3.38 21.54
CA THR F 227 -44.43 -3.24 21.96
C THR F 227 -44.54 -3.49 23.45
N MET F 228 -43.96 -4.58 23.89
CA MET F 228 -43.93 -4.93 25.30
C MET F 228 -43.36 -3.82 26.17
N ALA F 229 -42.20 -3.30 25.79
CA ALA F 229 -41.59 -2.21 26.54
C ALA F 229 -42.48 -0.95 26.50
N GLU F 230 -43.14 -0.70 25.39
CA GLU F 230 -43.99 0.47 25.24
C GLU F 230 -45.12 0.47 26.25
N TYR F 231 -45.43 -0.68 26.80
CA TYR F 231 -46.52 -0.76 27.76
C TYR F 231 -46.09 -0.07 29.04
N PHE F 232 -44.99 -0.52 29.60
CA PHE F 232 -44.46 0.00 30.85
C PHE F 232 -44.06 1.48 30.77
N ARG F 233 -43.94 2.01 29.56
CA ARG F 233 -43.71 3.42 29.42
C ARG F 233 -45.03 4.14 29.46
N ASP F 234 -45.97 3.66 28.66
CA ASP F 234 -47.17 4.41 28.35
C ASP F 234 -48.24 4.19 29.41
N ARG F 235 -48.58 2.91 29.61
CA ARG F 235 -49.22 2.47 30.84
C ARG F 235 -48.08 2.57 31.84
N GLU F 236 -48.35 2.57 33.14
CA GLU F 236 -47.27 2.36 34.12
C GLU F 236 -46.16 3.41 34.15
N GLY F 237 -46.09 4.26 33.13
CA GLY F 237 -45.11 5.34 33.04
C GLY F 237 -43.73 5.20 33.68
N GLN F 238 -42.99 4.17 33.32
CA GLN F 238 -41.63 4.03 33.88
C GLN F 238 -40.52 4.23 32.86
N ASP F 239 -39.27 4.02 33.27
CA ASP F 239 -38.14 4.13 32.37
C ASP F 239 -37.64 2.74 32.02
N VAL F 240 -38.21 2.17 30.97
CA VAL F 240 -37.98 0.79 30.62
C VAL F 240 -36.67 0.69 29.83
N LEU F 241 -36.08 -0.50 29.82
CA LEU F 241 -34.87 -0.75 29.06
C LEU F 241 -35.10 -1.14 27.60
N LEU F 242 -35.35 -2.43 27.33
CA LEU F 242 -35.32 -2.95 25.92
C LEU F 242 -33.93 -3.14 25.25
N PHE F 243 -33.45 -4.38 25.29
CA PHE F 243 -32.22 -4.74 24.64
C PHE F 243 -32.53 -5.46 23.33
N ILE F 244 -31.94 -5.01 22.25
CA ILE F 244 -32.00 -5.79 21.03
C ILE F 244 -30.62 -6.39 20.75
N ASP F 245 -30.50 -7.71 20.81
CA ASP F 245 -29.24 -8.35 20.48
C ASP F 245 -29.18 -8.70 19.01
N ASN F 246 -28.11 -8.20 18.43
CA ASN F 246 -27.96 -7.95 17.01
C ASN F 246 -29.12 -7.28 16.29
N ILE F 247 -29.18 -5.97 16.45
CA ILE F 247 -30.10 -5.17 15.68
C ILE F 247 -29.69 -5.21 14.22
N PHE F 248 -28.48 -5.69 13.97
CA PHE F 248 -27.97 -5.73 12.60
C PHE F 248 -28.67 -6.83 11.87
N ARG F 249 -28.88 -7.93 12.60
CA ARG F 249 -29.63 -9.07 12.11
C ARG F 249 -31.03 -8.64 11.73
N PHE F 250 -31.50 -7.59 12.38
CA PHE F 250 -32.83 -7.10 12.11
C PHE F 250 -32.91 -6.47 10.72
N THR F 251 -31.95 -5.64 10.37
CA THR F 251 -32.04 -4.94 9.09
C THR F 251 -31.79 -5.94 7.97
N GLN F 252 -31.04 -6.99 8.30
CA GLN F 252 -30.70 -8.04 7.35
C GLN F 252 -31.88 -8.94 7.11
N ALA F 253 -32.72 -9.13 8.14
CA ALA F 253 -34.01 -9.80 7.96
C ALA F 253 -34.84 -8.93 7.03
N GLY F 254 -34.70 -7.62 7.21
CA GLY F 254 -35.34 -6.68 6.32
C GLY F 254 -35.01 -7.01 4.89
N SER F 255 -33.72 -7.24 4.60
CA SER F 255 -33.27 -7.49 3.24
C SER F 255 -33.84 -8.75 2.63
N GLU F 256 -33.87 -9.82 3.43
CA GLU F 256 -34.40 -11.07 2.93
C GLU F 256 -35.88 -10.92 2.56
N VAL F 257 -36.67 -10.31 3.43
CA VAL F 257 -38.09 -10.17 3.17
C VAL F 257 -38.29 -9.38 1.91
N SER F 258 -37.53 -8.30 1.74
CA SER F 258 -37.72 -7.42 0.61
C SER F 258 -37.46 -8.19 -0.67
N ALA F 259 -36.40 -8.96 -0.68
CA ALA F 259 -36.06 -9.78 -1.82
C ALA F 259 -37.23 -10.68 -2.11
N LEU F 260 -37.73 -11.37 -1.09
CA LEU F 260 -38.89 -12.27 -1.21
C LEU F 260 -40.09 -11.58 -1.81
N LEU F 261 -40.29 -10.30 -1.48
CA LEU F 261 -41.35 -9.50 -2.10
C LEU F 261 -40.96 -8.89 -3.44
N GLY F 262 -39.80 -9.25 -3.96
CA GLY F 262 -39.36 -8.77 -5.26
C GLY F 262 -39.18 -7.26 -5.35
N ARG F 263 -38.45 -6.67 -4.41
CA ARG F 263 -38.23 -5.21 -4.42
C ARG F 263 -36.94 -4.82 -5.13
N MET F 264 -36.60 -3.52 -5.06
CA MET F 264 -35.47 -2.89 -5.76
C MET F 264 -34.36 -3.81 -6.20
N PRO F 265 -33.33 -4.02 -5.37
CA PRO F 265 -32.90 -3.48 -4.08
C PRO F 265 -31.75 -2.50 -4.29
N SER F 266 -31.19 -1.97 -3.21
CA SER F 266 -30.00 -1.13 -3.31
C SER F 266 -28.89 -1.90 -3.99
N ALA F 267 -27.91 -1.17 -4.49
CA ALA F 267 -26.80 -1.78 -5.21
C ALA F 267 -25.84 -2.55 -4.29
N VAL F 268 -26.10 -2.48 -2.98
CA VAL F 268 -25.29 -3.24 -2.02
C VAL F 268 -26.10 -4.38 -1.44
N GLY F 269 -27.26 -4.62 -2.03
CA GLY F 269 -28.05 -5.79 -1.70
C GLY F 269 -29.26 -5.45 -0.86
N TYR F 270 -29.17 -4.40 -0.06
CA TYR F 270 -30.18 -4.11 0.95
C TYR F 270 -31.53 -3.69 0.38
N GLN F 271 -32.54 -3.65 1.25
CA GLN F 271 -33.88 -3.20 0.87
C GLN F 271 -33.88 -1.74 0.42
N PRO F 272 -34.84 -1.39 -0.45
CA PRO F 272 -35.05 0.01 -0.77
C PRO F 272 -35.46 0.75 0.46
N THR F 273 -35.95 0.03 1.45
CA THR F 273 -36.57 0.64 2.63
C THR F 273 -35.79 0.39 3.91
N LEU F 274 -34.49 0.12 3.76
CA LEU F 274 -33.59 -0.03 4.91
C LEU F 274 -33.90 1.02 5.99
N ALA F 275 -33.67 2.28 5.65
CA ALA F 275 -33.74 3.38 6.60
C ALA F 275 -35.12 3.55 7.12
N THR F 276 -36.09 3.43 6.25
CA THR F 276 -37.46 3.62 6.67
C THR F 276 -37.79 2.64 7.79
N GLU F 277 -37.54 1.35 7.54
CA GLU F 277 -37.82 0.30 8.49
C GLU F 277 -37.09 0.51 9.78
N MET F 278 -35.86 0.99 9.70
CA MET F 278 -35.05 1.16 10.89
C MET F 278 -35.67 2.27 11.69
N GLY F 279 -36.07 3.32 10.98
CA GLY F 279 -36.67 4.48 11.62
C GLY F 279 -38.00 4.10 12.24
N GLN F 280 -38.70 3.19 11.58
CA GLN F 280 -39.98 2.79 12.10
C GLN F 280 -39.82 2.10 13.45
N LEU F 281 -38.75 1.34 13.61
CA LEU F 281 -38.49 0.68 14.88
C LEU F 281 -37.92 1.68 15.85
N GLN F 282 -36.82 2.31 15.46
CA GLN F 282 -36.04 3.18 16.35
C GLN F 282 -36.85 4.36 16.93
N GLU F 283 -37.75 4.90 16.12
CA GLU F 283 -38.46 6.11 16.49
C GLU F 283 -39.44 5.88 17.61
N ARG F 284 -39.80 4.62 17.86
CA ARG F 284 -40.72 4.30 18.93
C ARG F 284 -39.97 4.22 20.24
N ILE F 285 -38.67 3.94 20.15
CA ILE F 285 -37.81 3.94 21.33
C ILE F 285 -37.48 5.38 21.66
N THR F 286 -38.20 5.97 22.59
CA THR F 286 -37.98 7.37 22.89
C THR F 286 -38.44 7.77 24.28
N SER F 287 -38.05 8.96 24.72
CA SER F 287 -38.47 9.49 26.01
C SER F 287 -39.67 10.38 25.76
N THR F 288 -40.84 9.86 26.09
CA THR F 288 -42.07 10.60 25.97
C THR F 288 -42.22 11.44 27.25
N LYS F 289 -43.36 12.10 27.38
CA LYS F 289 -43.63 12.96 28.52
C LYS F 289 -43.96 12.10 29.72
N LYS F 290 -44.63 10.98 29.47
CA LYS F 290 -44.75 9.92 30.47
C LYS F 290 -43.37 9.28 30.65
N GLY F 291 -42.47 9.55 29.70
CA GLY F 291 -41.04 9.19 29.73
C GLY F 291 -40.72 7.71 29.67
N SER F 292 -39.60 7.31 29.03
CA SER F 292 -39.15 5.93 29.16
C SER F 292 -37.99 5.43 28.36
N ILE F 293 -38.35 4.68 27.30
CA ILE F 293 -37.53 3.58 26.69
C ILE F 293 -36.14 3.90 26.17
N THR F 294 -35.16 3.17 26.70
CA THR F 294 -33.75 3.39 26.39
C THR F 294 -33.20 2.09 25.91
N SER F 295 -32.91 2.01 24.61
CA SER F 295 -32.54 0.73 24.01
C SER F 295 -31.04 0.50 24.02
N ILE F 296 -30.61 -0.64 24.56
CA ILE F 296 -29.22 -1.05 24.41
C ILE F 296 -29.17 -2.07 23.30
N GLN F 297 -28.51 -1.73 22.20
CA GLN F 297 -28.53 -2.52 20.99
C GLN F 297 -27.16 -3.07 20.73
N ALA F 298 -27.03 -4.40 20.75
CA ALA F 298 -25.80 -5.07 20.35
C ALA F 298 -25.67 -4.96 18.86
N ILE F 299 -24.54 -4.44 18.41
CA ILE F 299 -24.30 -4.40 16.97
C ILE F 299 -23.05 -5.20 16.66
N TYR F 300 -23.20 -6.31 15.95
CA TYR F 300 -22.03 -7.08 15.60
C TYR F 300 -21.58 -6.87 14.18
N VAL F 301 -22.42 -7.23 13.21
CA VAL F 301 -21.97 -7.27 11.80
C VAL F 301 -20.58 -7.94 11.57
N PRO F 302 -20.61 -9.18 11.08
CA PRO F 302 -19.44 -10.05 10.88
C PRO F 302 -18.37 -9.41 9.98
N ALA F 303 -18.79 -8.77 8.90
CA ALA F 303 -17.88 -8.14 7.96
C ALA F 303 -16.92 -7.13 8.57
N ASP F 304 -17.30 -6.51 9.67
CA ASP F 304 -16.46 -5.50 10.33
C ASP F 304 -16.30 -4.18 9.59
N ASP F 305 -17.00 -4.04 8.46
CA ASP F 305 -17.10 -2.73 7.83
C ASP F 305 -18.26 -1.96 8.40
N TYR F 306 -18.00 -0.90 9.16
CA TYR F 306 -19.12 -0.17 9.77
C TYR F 306 -19.56 1.02 8.92
N THR F 307 -19.11 1.02 7.68
CA THR F 307 -19.52 2.02 6.72
C THR F 307 -20.62 1.39 5.86
N ASP F 308 -20.81 0.09 6.07
CA ASP F 308 -21.85 -0.67 5.38
C ASP F 308 -23.20 -0.04 5.66
N PRO F 309 -24.11 -0.08 4.67
CA PRO F 309 -25.37 0.64 4.82
C PRO F 309 -26.14 0.23 6.06
N ALA F 310 -26.10 -1.06 6.38
CA ALA F 310 -26.81 -1.57 7.53
C ALA F 310 -26.34 -0.93 8.83
N PRO F 311 -25.03 -1.01 9.13
CA PRO F 311 -24.53 -0.38 10.35
C PRO F 311 -24.66 1.14 10.30
N ALA F 312 -24.38 1.71 9.13
CA ALA F 312 -24.53 3.15 8.92
C ALA F 312 -25.87 3.65 9.44
N THR F 313 -26.93 3.01 8.98
CA THR F 313 -28.29 3.43 9.30
C THR F 313 -28.53 3.30 10.79
N THR F 314 -28.15 2.17 11.36
CA THR F 314 -28.38 1.98 12.78
C THR F 314 -27.69 3.07 13.57
N PHE F 315 -26.46 3.41 13.14
CA PHE F 315 -25.66 4.39 13.84
C PHE F 315 -26.36 5.74 13.88
N ALA F 316 -27.10 6.04 12.82
CA ALA F 316 -27.84 7.29 12.73
C ALA F 316 -28.69 7.55 13.96
N HIS F 317 -29.02 6.48 14.67
CA HIS F 317 -29.94 6.59 15.78
C HIS F 317 -29.23 6.56 17.10
N LEU F 318 -28.01 6.05 17.12
CA LEU F 318 -27.26 5.93 18.37
C LEU F 318 -27.02 7.27 19.07
N ASP F 319 -27.02 7.23 20.40
CA ASP F 319 -26.86 8.41 21.23
C ASP F 319 -25.67 8.22 22.15
N ALA F 320 -25.15 7.01 22.15
CA ALA F 320 -23.98 6.68 22.94
C ALA F 320 -23.54 5.31 22.49
N THR F 321 -22.26 5.01 22.64
CA THR F 321 -21.81 3.65 22.37
C THR F 321 -20.99 3.21 23.55
N THR F 322 -21.21 1.95 23.92
CA THR F 322 -20.41 1.31 24.92
C THR F 322 -19.56 0.25 24.26
N ASN F 323 -18.27 0.31 24.51
CA ASN F 323 -17.33 -0.58 23.81
C ASN F 323 -16.64 -1.55 24.76
N LEU F 324 -17.10 -2.79 24.75
CA LEU F 324 -16.49 -3.82 25.57
C LEU F 324 -15.14 -4.22 24.97
N GLU F 325 -14.07 -4.05 25.74
CA GLU F 325 -12.70 -4.28 25.26
C GLU F 325 -12.02 -5.52 25.82
N ARG F 326 -11.72 -6.47 24.95
CA ARG F 326 -11.00 -7.67 25.38
C ARG F 326 -9.73 -7.31 26.15
N LYS F 327 -9.07 -6.24 25.75
CA LYS F 327 -7.83 -5.86 26.40
C LYS F 327 -8.05 -5.56 27.89
N LEU F 328 -9.08 -4.79 28.19
CA LEU F 328 -9.36 -4.42 29.58
C LEU F 328 -9.84 -5.62 30.37
N ALA F 329 -10.50 -6.55 29.69
CA ALA F 329 -11.00 -7.75 30.34
C ALA F 329 -9.84 -8.57 30.84
N GLU F 330 -8.92 -8.90 29.95
CA GLU F 330 -7.76 -9.69 30.33
C GLU F 330 -6.81 -8.87 31.19
N MET F 331 -7.27 -7.71 31.62
CA MET F 331 -6.46 -6.80 32.41
C MET F 331 -7.02 -6.70 33.80
N GLY F 332 -8.25 -7.16 33.97
CA GLY F 332 -8.92 -7.13 35.26
C GLY F 332 -10.13 -6.21 35.35
N ILE F 333 -10.06 -5.05 34.69
CA ILE F 333 -11.18 -4.11 34.64
C ILE F 333 -12.43 -4.78 34.07
N TYR F 334 -13.42 -5.05 34.93
CA TYR F 334 -14.44 -6.02 34.55
C TYR F 334 -15.79 -5.51 34.09
N PRO F 335 -16.14 -4.27 34.42
CA PRO F 335 -16.96 -3.66 33.38
C PRO F 335 -15.87 -3.22 32.37
N ALA F 336 -15.61 -4.06 31.37
CA ALA F 336 -14.42 -3.85 30.54
C ALA F 336 -14.74 -2.85 29.45
N VAL F 337 -15.16 -1.67 29.87
CA VAL F 337 -15.61 -0.66 28.93
C VAL F 337 -14.48 0.28 28.58
N ASP F 338 -14.18 0.41 27.29
CA ASP F 338 -13.17 1.36 26.86
C ASP F 338 -13.57 2.82 27.18
N PRO F 339 -12.90 3.43 28.18
CA PRO F 339 -13.22 4.77 28.64
C PRO F 339 -13.03 5.77 27.51
N LEU F 340 -12.12 5.47 26.58
CA LEU F 340 -11.79 6.41 25.54
C LEU F 340 -12.67 6.19 24.33
N ALA F 341 -12.94 4.93 23.99
CA ALA F 341 -13.71 4.59 22.80
C ALA F 341 -15.18 4.89 23.00
N SER F 342 -15.67 4.66 24.20
CA SER F 342 -17.07 4.82 24.47
C SER F 342 -17.39 6.30 24.49
N THR F 343 -18.56 6.66 23.98
CA THR F 343 -18.97 8.05 23.89
C THR F 343 -20.47 8.20 24.06
N SER F 344 -20.90 9.39 24.44
CA SER F 344 -22.33 9.72 24.49
C SER F 344 -22.57 11.13 23.98
N ARG F 345 -23.59 11.31 23.17
CA ARG F 345 -23.93 12.66 22.76
C ARG F 345 -24.45 13.52 23.91
N ILE F 346 -24.95 12.90 24.97
CA ILE F 346 -25.43 13.71 26.07
C ILE F 346 -24.35 13.98 27.10
N LEU F 347 -23.08 13.82 26.71
CA LEU F 347 -22.00 14.30 27.56
C LEU F 347 -21.74 15.78 27.30
N SER F 348 -22.81 16.57 27.33
CA SER F 348 -22.69 18.02 27.27
C SER F 348 -22.74 18.52 28.70
N PRO F 349 -22.18 19.70 28.96
CA PRO F 349 -22.34 20.31 30.28
C PRO F 349 -23.81 20.66 30.46
N ALA F 350 -24.49 20.86 29.33
CA ALA F 350 -25.91 21.15 29.30
C ALA F 350 -26.73 19.98 29.85
N VAL F 351 -26.26 18.75 29.62
CA VAL F 351 -26.99 17.61 30.10
C VAL F 351 -26.50 17.16 31.45
N VAL F 352 -25.19 17.13 31.67
CA VAL F 352 -24.70 16.61 32.94
C VAL F 352 -24.07 17.67 33.82
N GLY F 353 -24.16 18.92 33.39
CA GLY F 353 -23.61 20.00 34.16
C GLY F 353 -22.13 20.21 33.93
N GLU F 354 -21.66 21.44 34.17
CA GLU F 354 -20.26 21.80 33.98
C GLU F 354 -19.32 20.89 34.75
N GLU F 355 -19.57 20.69 36.05
CA GLU F 355 -18.69 19.85 36.86
C GLU F 355 -18.51 18.44 36.29
N HIS F 356 -19.57 17.65 36.30
CA HIS F 356 -19.50 16.31 35.73
C HIS F 356 -18.78 16.37 34.38
N TYR F 357 -19.19 17.31 33.52
CA TYR F 357 -18.59 17.43 32.20
C TYR F 357 -17.07 17.63 32.28
N ARG F 358 -16.65 18.57 33.11
CA ARG F 358 -15.23 18.90 33.24
C ARG F 358 -14.44 17.75 33.89
N VAL F 359 -15.05 17.06 34.86
CA VAL F 359 -14.39 15.91 35.47
C VAL F 359 -14.18 14.81 34.43
N ALA F 360 -15.14 14.67 33.53
CA ALA F 360 -15.09 13.58 32.58
C ALA F 360 -14.05 13.95 31.52
N ARG F 361 -14.12 15.17 31.03
CA ARG F 361 -13.16 15.64 30.03
C ARG F 361 -11.81 15.63 30.71
N GLY F 362 -11.85 15.67 32.03
CA GLY F 362 -10.62 15.65 32.80
C GLY F 362 -10.04 14.26 32.76
N VAL F 363 -10.86 13.28 33.14
CA VAL F 363 -10.45 11.90 33.15
C VAL F 363 -10.03 11.47 31.75
N GLN F 364 -10.75 11.95 30.76
CA GLN F 364 -10.42 11.64 29.38
C GLN F 364 -9.02 12.08 29.00
N GLN F 365 -8.69 13.33 29.27
CA GLN F 365 -7.40 13.84 28.86
C GLN F 365 -6.31 13.09 29.57
N VAL F 366 -6.50 12.81 30.85
CA VAL F 366 -5.51 12.07 31.62
C VAL F 366 -5.26 10.71 30.98
N LEU F 367 -6.32 9.99 30.67
CA LEU F 367 -6.18 8.65 30.10
C LEU F 367 -5.60 8.73 28.69
N GLN F 368 -5.91 9.82 27.99
CA GLN F 368 -5.35 10.04 26.68
C GLN F 368 -3.87 10.32 26.84
N ARG F 369 -3.54 11.26 27.72
CA ARG F 369 -2.14 11.60 28.01
C ARG F 369 -1.37 10.35 28.42
N TYR F 370 -2.02 9.47 29.15
CA TYR F 370 -1.41 8.24 29.60
C TYR F 370 -0.95 7.43 28.42
N ASN F 371 -1.74 7.45 27.35
CA ASN F 371 -1.37 6.74 26.12
C ASN F 371 -0.25 7.40 25.38
N ASP F 372 -0.22 8.73 25.35
CA ASP F 372 0.86 9.44 24.69
C ASP F 372 2.16 9.07 25.38
N LEU F 373 2.18 9.25 26.70
CA LEU F 373 3.37 8.97 27.50
C LEU F 373 3.74 7.51 27.33
N GLN F 374 2.73 6.68 27.14
CA GLN F 374 2.92 5.25 26.94
C GLN F 374 3.85 5.02 25.76
N ASP F 375 3.60 5.74 24.68
CA ASP F 375 4.40 5.65 23.47
C ASP F 375 5.74 6.39 23.66
N ILE F 376 5.74 7.41 24.50
CA ILE F 376 6.97 8.14 24.78
C ILE F 376 7.99 7.21 25.40
N ILE F 377 7.64 6.59 26.53
CA ILE F 377 8.59 5.71 27.21
C ILE F 377 8.92 4.54 26.31
N ALA F 378 8.03 4.27 25.37
CA ALA F 378 8.32 3.23 24.41
C ALA F 378 9.52 3.60 23.55
N ILE F 379 9.63 4.88 23.21
CA ILE F 379 10.64 5.32 22.24
C ILE F 379 11.63 6.36 22.81
N LEU F 380 11.55 6.59 24.11
CA LEU F 380 12.43 7.53 24.77
C LEU F 380 12.70 7.09 26.21
N GLY F 381 12.22 5.90 26.55
CA GLY F 381 12.40 5.37 27.89
C GLY F 381 11.74 6.25 28.94
N MET F 382 11.67 5.77 30.18
CA MET F 382 11.13 6.59 31.25
C MET F 382 12.16 7.65 31.61
N ASP F 383 13.32 7.54 30.98
CA ASP F 383 14.31 8.61 30.99
C ASP F 383 13.70 9.85 30.38
N GLU F 384 13.92 11.00 31.03
CA GLU F 384 13.38 12.27 30.56
C GLU F 384 11.85 12.27 30.63
N LEU F 385 11.33 11.94 31.81
CA LEU F 385 9.88 11.92 32.02
C LEU F 385 9.50 12.91 33.11
N SER F 386 9.00 14.07 32.68
CA SER F 386 8.60 15.15 33.58
C SER F 386 8.03 14.60 34.88
N ASP F 387 8.53 15.09 36.01
CA ASP F 387 7.99 14.68 37.30
C ASP F 387 6.47 14.83 37.32
N GLU F 388 5.96 15.78 36.53
CA GLU F 388 4.53 15.99 36.44
C GLU F 388 3.95 14.96 35.51
N ASP F 389 4.59 14.76 34.37
CA ASP F 389 4.17 13.72 33.43
C ASP F 389 4.17 12.36 34.12
N LYS F 390 5.27 12.04 34.79
CA LYS F 390 5.41 10.81 35.56
C LYS F 390 4.31 10.75 36.62
N LEU F 391 3.87 11.92 37.05
CA LEU F 391 2.85 12.05 38.09
C LEU F 391 1.48 11.70 37.55
N ILE F 392 1.12 12.33 36.44
CA ILE F 392 -0.19 12.11 35.81
C ILE F 392 -0.27 10.77 35.09
N VAL F 393 0.73 9.93 35.32
CA VAL F 393 0.71 8.54 34.86
C VAL F 393 0.20 7.68 36.00
N ALA F 394 0.56 8.06 37.22
CA ALA F 394 0.08 7.38 38.41
C ALA F 394 -1.43 7.60 38.60
N ARG F 395 -1.89 8.82 38.33
CA ARG F 395 -3.29 9.14 38.44
C ARG F 395 -4.10 8.44 37.36
N ALA F 396 -3.47 8.18 36.22
CA ALA F 396 -4.13 7.45 35.15
C ALA F 396 -4.36 6.00 35.58
N ARG F 397 -3.35 5.41 36.20
CA ARG F 397 -3.44 4.01 36.63
C ARG F 397 -4.50 3.82 37.72
N LYS F 398 -4.67 4.85 38.54
CA LYS F 398 -5.70 4.84 39.59
C LYS F 398 -7.10 5.02 39.01
N ILE F 399 -7.25 6.01 38.12
CA ILE F 399 -8.48 6.25 37.38
C ILE F 399 -8.90 5.02 36.61
N GLN F 400 -7.95 4.43 35.88
CA GLN F 400 -8.23 3.24 35.09
C GLN F 400 -8.84 2.15 35.96
N ARG F 401 -8.41 2.13 37.23
CA ARG F 401 -8.81 1.12 38.18
C ARG F 401 -10.08 1.50 38.88
N PHE F 402 -10.19 2.77 39.24
CA PHE F 402 -11.39 3.26 39.89
C PHE F 402 -12.56 3.29 38.92
N LEU F 403 -12.34 2.83 37.69
CA LEU F 403 -13.39 2.75 36.71
C LEU F 403 -14.02 1.36 36.70
N SER F 404 -13.37 0.43 37.38
CA SER F 404 -13.91 -0.90 37.50
C SER F 404 -14.77 -0.89 38.72
N GLN F 405 -15.70 -1.83 38.82
CA GLN F 405 -16.55 -1.90 40.01
C GLN F 405 -17.27 -3.22 40.03
N PRO F 406 -17.54 -3.73 41.23
CA PRO F 406 -18.17 -5.03 41.45
C PRO F 406 -19.63 -5.00 41.07
N PHE F 407 -20.08 -5.95 40.28
CA PHE F 407 -21.50 -5.99 39.93
C PHE F 407 -22.32 -6.86 40.87
N HIS F 408 -23.56 -6.46 41.08
CA HIS F 408 -24.49 -7.30 41.80
C HIS F 408 -24.60 -8.64 41.11
N VAL F 409 -24.76 -8.60 39.81
CA VAL F 409 -24.95 -9.82 39.03
C VAL F 409 -23.76 -10.78 39.13
N ALA F 410 -22.60 -10.26 39.50
CA ALA F 410 -21.40 -11.07 39.60
C ALA F 410 -21.19 -11.64 41.00
N GLU F 411 -21.88 -11.05 41.96
CA GLU F 411 -21.94 -11.50 43.34
C GLU F 411 -21.81 -13.00 43.50
N GLN F 412 -22.76 -13.71 42.90
CA GLN F 412 -22.82 -15.16 43.00
C GLN F 412 -21.53 -15.88 42.59
N PHE F 413 -20.56 -15.14 42.04
CA PHE F 413 -19.26 -15.72 41.75
C PHE F 413 -18.26 -15.02 42.62
N THR F 414 -17.89 -13.81 42.25
CA THR F 414 -16.98 -13.01 43.06
C THR F 414 -17.56 -12.74 44.44
N GLY F 415 -18.64 -11.98 44.49
CA GLY F 415 -19.29 -11.66 45.76
C GLY F 415 -18.54 -10.60 46.53
N MET F 416 -18.80 -9.32 46.20
CA MET F 416 -18.01 -8.23 46.72
C MET F 416 -18.65 -7.40 47.84
N PRO F 417 -19.99 -7.28 47.85
CA PRO F 417 -20.98 -7.71 46.86
C PRO F 417 -21.09 -6.67 45.77
N GLY F 418 -22.31 -6.43 45.30
CA GLY F 418 -22.53 -5.47 44.24
C GLY F 418 -22.22 -4.05 44.69
N LYS F 419 -22.12 -3.13 43.74
CA LYS F 419 -22.01 -1.72 44.03
C LYS F 419 -22.77 -0.90 43.00
N TYR F 420 -23.61 0.00 43.49
CA TYR F 420 -24.25 1.00 42.65
C TYR F 420 -23.72 2.35 43.07
N VAL F 421 -23.19 3.09 42.10
CA VAL F 421 -22.53 4.35 42.37
C VAL F 421 -23.19 5.50 41.63
N PRO F 422 -23.92 6.32 42.37
CA PRO F 422 -24.56 7.56 41.88
C PRO F 422 -23.57 8.49 41.16
N VAL F 423 -23.98 9.05 40.03
CA VAL F 423 -23.08 9.94 39.27
C VAL F 423 -22.55 11.02 40.19
N LYS F 424 -23.43 11.53 41.03
CA LYS F 424 -23.03 12.52 42.00
C LYS F 424 -21.71 12.09 42.61
N GLU F 425 -21.61 10.80 42.91
CA GLU F 425 -20.49 10.30 43.70
C GLU F 425 -19.34 9.83 42.81
N THR F 426 -19.69 9.41 41.60
CA THR F 426 -18.69 9.07 40.60
C THR F 426 -17.90 10.31 40.22
N VAL F 427 -18.63 11.37 39.86
CA VAL F 427 -18.00 12.63 39.54
C VAL F 427 -17.06 13.08 40.66
N ARG F 428 -17.60 13.16 41.87
CA ARG F 428 -16.81 13.52 43.03
C ARG F 428 -15.56 12.62 43.12
N GLY F 429 -15.79 11.31 43.05
CA GLY F 429 -14.72 10.35 43.15
C GLY F 429 -13.55 10.68 42.25
N PHE F 430 -13.81 10.77 40.94
CA PHE F 430 -12.77 11.04 39.97
C PHE F 430 -12.24 12.47 40.06
N LYS F 431 -13.07 13.39 40.57
CA LYS F 431 -12.61 14.75 40.75
C LYS F 431 -11.45 14.81 41.76
N GLU F 432 -11.59 14.06 42.85
CA GLU F 432 -10.56 14.01 43.88
C GLU F 432 -9.26 13.38 43.35
N ILE F 433 -9.42 12.30 42.58
CA ILE F 433 -8.28 11.63 42.00
C ILE F 433 -7.54 12.62 41.09
N LEU F 434 -8.29 13.36 40.30
CA LEU F 434 -7.70 14.35 39.40
C LEU F 434 -7.01 15.50 40.15
N GLU F 435 -7.57 15.90 41.29
CA GLU F 435 -7.05 17.03 42.03
C GLU F 435 -5.83 16.60 42.83
N GLY F 436 -5.61 15.29 42.88
CA GLY F 436 -4.43 14.74 43.52
C GLY F 436 -4.65 14.43 44.99
N LYS F 437 -5.92 14.35 45.37
CA LYS F 437 -6.31 14.14 46.76
C LYS F 437 -6.03 12.71 47.23
N HIS F 438 -5.56 11.84 46.35
CA HIS F 438 -5.25 10.46 46.73
C HIS F 438 -4.05 9.86 46.04
N ASP F 439 -3.08 10.69 45.68
CA ASP F 439 -1.88 10.17 45.05
C ASP F 439 -1.22 9.17 45.98
N ASN F 440 -1.22 9.49 47.26
CA ASN F 440 -0.55 8.70 48.28
C ASN F 440 -1.07 7.26 48.43
N LEU F 441 -2.29 7.02 47.97
CA LEU F 441 -2.90 5.70 48.07
C LEU F 441 -2.34 4.70 47.07
N PRO F 442 -2.24 3.42 47.47
CA PRO F 442 -1.73 2.36 46.58
C PRO F 442 -2.69 2.16 45.41
N GLU F 443 -2.15 1.90 44.22
CA GLU F 443 -2.98 1.91 43.04
C GLU F 443 -3.96 0.73 42.98
N GLU F 444 -3.69 -0.33 43.73
CA GLU F 444 -4.60 -1.47 43.67
C GLU F 444 -5.73 -1.26 44.68
N ALA F 445 -5.77 -0.06 45.26
CA ALA F 445 -6.81 0.31 46.23
C ALA F 445 -8.09 0.87 45.60
N PHE F 446 -8.09 1.07 44.28
CA PHE F 446 -9.23 1.64 43.57
C PHE F 446 -9.87 0.56 42.73
N TYR F 447 -9.19 -0.57 42.68
CA TYR F 447 -9.68 -1.68 41.87
C TYR F 447 -10.85 -2.35 42.56
N MET F 448 -12.00 -2.32 41.89
CA MET F 448 -13.19 -3.01 42.40
C MET F 448 -13.72 -2.42 43.70
N VAL F 449 -13.90 -1.10 43.72
CA VAL F 449 -14.57 -0.46 44.84
C VAL F 449 -15.80 0.23 44.31
N GLY F 450 -16.60 0.80 45.20
CA GLY F 450 -17.77 1.54 44.78
C GLY F 450 -17.39 2.99 44.72
N THR F 451 -17.65 3.69 45.81
CA THR F 451 -17.34 5.11 45.90
C THR F 451 -15.88 5.28 46.25
N ILE F 452 -15.39 6.52 46.14
CA ILE F 452 -14.00 6.82 46.50
C ILE F 452 -13.77 6.56 47.99
N ASP F 453 -14.86 6.67 48.77
CA ASP F 453 -14.83 6.36 50.19
C ASP F 453 -14.38 4.94 50.42
N GLU F 454 -14.84 4.03 49.58
CA GLU F 454 -14.47 2.63 49.71
C GLU F 454 -12.99 2.37 49.34
N ALA F 455 -12.39 3.31 48.62
CA ALA F 455 -11.04 3.09 48.13
C ALA F 455 -10.00 3.39 49.20
N VAL F 456 -10.32 4.31 50.11
CA VAL F 456 -9.45 4.58 51.25
C VAL F 456 -9.52 3.42 52.23
N GLU F 457 -10.72 2.88 52.40
CA GLU F 457 -10.91 1.69 53.21
C GLU F 457 -9.91 0.60 52.84
N LYS F 458 -9.66 0.45 51.54
CA LYS F 458 -8.85 -0.63 51.02
C LYS F 458 -7.38 -0.23 50.84
N ALA F 459 -7.08 1.05 51.07
CA ALA F 459 -5.70 1.49 51.03
C ALA F 459 -5.04 1.08 52.33
N LYS F 460 -5.75 0.22 53.06
CA LYS F 460 -5.32 -0.27 54.36
C LYS F 460 -5.09 -1.77 54.28
N LYS F 461 -4.60 -2.21 53.12
CA LYS F 461 -4.26 -3.61 52.90
C LYS F 461 -3.08 -3.73 51.94
N LEU F 462 -2.11 -4.58 52.31
CA LEU F 462 -0.87 -4.81 51.54
C LEU F 462 0.18 -3.74 51.84
N GLY G 3 4.44 -14.99 -9.42
N GLY G 3 -13.64 2.55 18.34
N GLY G 3 -1.44 18.11 -13.63
CA GLY G 3 5.17 -15.00 -8.16
CA GLY G 3 -12.60 1.63 17.89
CA GLY G 3 -0.79 17.77 -12.37
C GLY G 3 4.36 -14.44 -7.02
C GLY G 3 -11.95 2.18 16.64
C GLY G 3 -0.73 16.27 -12.12
N MET G 4 4.15 -15.27 -5.99
N MET G 4 -11.92 3.51 16.62
N MET G 4 -0.59 15.54 -13.22
CA MET G 4 3.35 -14.85 -4.84
CA MET G 4 -11.76 4.26 15.40
CA MET G 4 -0.71 14.09 -13.21
C MET G 4 3.55 -15.77 -3.62
C MET G 4 -11.75 5.71 15.83
C MET G 4 0.34 13.45 -14.10
N ARG G 5 3.33 -17.06 -3.81
N ARG G 5 -11.22 5.99 17.03
N ARG G 5 1.34 14.23 -14.52
CA ARG G 5 3.41 -18.02 -2.70
CA ARG G 5 -11.39 7.32 17.60
CA ARG G 5 2.38 13.71 -15.43
C ARG G 5 4.83 -18.15 -2.15
C ARG G 5 -10.18 7.84 18.35
C ARG G 5 3.80 13.97 -14.96
N GLU G 6 5.83 -17.89 -2.99
N GLU G 6 -9.77 7.14 19.41
N GLU G 6 4.32 15.12 -15.35
CA GLU G 6 7.21 -18.05 -2.60
CA GLU G 6 -8.66 7.66 20.19
CA GLU G 6 5.72 15.45 -15.06
C GLU G 6 7.96 -16.73 -2.46
C GLU G 6 -7.41 6.83 20.03
C GLU G 6 5.90 16.10 -13.69
N ILE G 7 7.43 -15.66 -3.05
N ILE G 7 -7.37 5.98 19.01
N ILE G 7 5.17 15.56 -12.71
CA ILE G 7 8.01 -14.33 -2.87
CA ILE G 7 -6.10 5.45 18.53
CA ILE G 7 5.49 15.71 -11.30
C ILE G 7 7.21 -13.53 -1.87
C ILE G 7 -5.87 6.04 17.14
C ILE G 7 5.68 14.29 -10.81
N LYS G 8 6.58 -14.23 -0.94
N LYS G 8 -6.96 6.51 16.56
N LYS G 8 5.44 13.35 -11.73
CA LYS G 8 5.95 -13.61 0.22
CA LYS G 8 -6.87 7.39 15.41
CA LYS G 8 5.76 11.95 -11.50
C LYS G 8 6.74 -13.99 1.48
C LYS G 8 -6.20 8.64 15.94
C LYS G 8 7.14 11.70 -12.14
N ARG G 9 7.21 -15.22 1.49
N ARG G 9 -6.29 8.86 17.24
N ARG G 9 7.46 12.47 -13.18
CA ARG G 9 8.14 -15.68 2.52
CA ARG G 9 -5.56 9.94 17.88
CA ARG G 9 8.82 12.48 -13.70
C ARG G 9 9.46 -14.93 2.38
C ARG G 9 -4.18 9.46 18.24
C ARG G 9 9.73 12.96 -12.59
N ARG G 10 9.67 -14.35 1.20
N ARG G 10 -4.10 8.22 18.71
N ARG G 10 9.39 14.12 -12.04
CA ARG G 10 10.85 -13.55 0.92
CA ARG G 10 -2.80 7.63 19.02
CA ARG G 10 10.11 14.62 -10.88
C ARG G 10 10.69 -12.15 1.49
C ARG G 10 -1.85 7.59 17.81
C ARG G 10 10.18 13.53 -9.82
N ILE G 11 9.44 -11.69 1.59
N ILE G 11 -2.41 7.53 16.61
N ILE G 11 9.12 12.72 -9.73
CA ILE G 11 9.17 -10.37 2.14
CA ILE G 11 -1.58 7.62 15.42
CA ILE G 11 9.07 11.69 -8.70
C ILE G 11 8.98 -10.46 3.65
C ILE G 11 -1.16 9.06 15.15
C ILE G 11 9.99 10.53 -9.04
N ARG G 12 8.92 -11.69 4.17
N ARG G 12 -2.12 9.96 15.09
N ARG G 12 9.95 10.09 -10.28
CA ARG G 12 8.73 -11.88 5.61
CA ARG G 12 -1.79 11.34 14.79
CA ARG G 12 10.73 8.91 -10.64
C ARG G 12 10.01 -12.35 6.28
C ARG G 12 -0.79 11.87 15.81
C ARG G 12 12.21 9.25 -10.63
N SER G 13 10.92 -12.92 5.48
N SER G 13 -0.86 11.34 17.04
N SER G 13 12.52 10.45 -11.11
CA SER G 13 12.24 -13.29 5.99
CA SER G 13 0.12 11.65 18.06
CA SER G 13 13.91 10.90 -11.20
C SER G 13 13.11 -12.04 6.08
C SER G 13 1.48 11.12 17.66
C SER G 13 14.50 11.04 -9.81
N VAL G 14 12.82 -11.06 5.23
N VAL G 14 1.52 9.85 17.28
N VAL G 14 13.75 11.69 -8.92
CA VAL G 14 13.57 -9.81 5.22
CA VAL G 14 2.79 9.18 16.96
CA VAL G 14 14.18 11.84 -7.53
C VAL G 14 13.10 -8.85 6.30
C VAL G 14 3.41 9.64 15.64
C VAL G 14 14.32 10.48 -6.89
N LYS G 15 11.80 -8.85 6.59
N LYS G 15 2.59 10.07 14.69
N LYS G 15 13.53 9.53 -7.37
CA LYS G 15 11.28 -8.07 7.69
CA LYS G 15 3.08 10.70 13.46
CA LYS G 15 13.63 8.14 -6.94
C LYS G 15 11.82 -8.61 9.01
C LYS G 15 3.91 11.91 13.81
C LYS G 15 14.99 7.62 -7.36
N ASN G 16 11.81 -9.94 9.13
N ASN G 16 3.26 12.89 14.43
N ASN G 16 15.28 7.67 -8.66
CA ASN G 16 12.25 -10.59 10.35
CA ASN G 16 3.94 14.07 14.89
CA ASN G 16 16.56 7.17 -9.18
C ASN G 16 13.73 -10.43 10.61
C ASN G 16 5.12 13.70 15.77
C ASN G 16 17.74 7.78 -8.45
N THR G 17 14.55 -10.75 9.61
N THR G 17 4.96 12.66 16.57
N THR G 17 17.72 9.10 -8.27
CA THR G 17 16.00 -10.61 9.72
CA THR G 17 6.03 12.24 17.46
CA THR G 17 18.82 9.79 -7.62
C THR G 17 16.38 -9.19 10.07
C THR G 17 7.13 11.58 16.65
C THR G 17 19.01 9.11 -6.28
N ARG G 18 15.82 -8.23 9.33
N ARG G 18 6.97 11.61 15.33
N ARG G 18 17.88 8.87 -5.62
CA ARG G 18 16.07 -6.83 9.58
CA ARG G 18 7.97 11.05 14.41
CA ARG G 18 17.85 8.17 -4.34
C ARG G 18 16.04 -6.56 11.08
C ARG G 18 8.61 12.16 13.60
C ARG G 18 18.51 6.81 -4.51
N GLN G 19 14.98 -7.02 11.73
N GLN G 19 7.95 13.29 13.50
N GLN G 19 18.25 6.19 -5.65
CA GLN G 19 14.77 -6.74 13.15
CA GLN G 19 8.46 14.43 12.78
CA GLN G 19 18.83 4.88 -5.89
C GLN G 19 15.83 -7.31 14.07
C GLN G 19 9.33 15.33 13.66
C GLN G 19 20.34 4.93 -5.72
N ILE G 20 16.22 -8.56 13.84
N ILE G 20 9.06 15.33 14.96
N ILE G 20 20.97 5.87 -6.40
CA ILE G 20 17.22 -9.18 14.71
CA ILE G 20 9.93 16.07 15.85
CA ILE G 20 22.42 5.90 -6.52
C ILE G 20 18.57 -8.52 14.50
C ILE G 20 11.13 15.20 16.19
C ILE G 20 23.19 6.56 -5.37
N THR G 21 18.75 -7.90 13.33
N THR G 21 11.19 14.01 15.59
N THR G 21 22.63 7.60 -4.75
CA THR G 21 19.98 -7.20 13.04
CA THR G 21 12.38 13.19 15.71
CA THR G 21 23.39 8.28 -3.70
C THR G 21 19.95 -5.80 13.60
C THR G 21 13.21 13.27 14.45
C THR G 21 23.59 7.37 -2.51
N LYS G 22 18.90 -5.05 13.28
N LYS G 22 12.64 12.86 13.31
N LYS G 22 22.68 6.42 -2.32
CA LYS G 22 18.73 -3.71 13.83
CA LYS G 22 13.44 12.85 12.07
CA LYS G 22 22.83 5.50 -1.22
C LYS G 22 18.82 -3.77 15.34
C LYS G 22 14.06 14.22 11.82
C LYS G 22 23.77 4.37 -1.58
N ALA G 23 18.36 -4.87 15.92
N ALA G 23 13.29 15.29 12.06
N ALA G 23 23.82 4.02 -2.86
CA ALA G 23 18.45 -5.09 17.35
CA ALA G 23 13.86 16.63 12.08
CA ALA G 23 24.67 2.93 -3.29
C ALA G 23 19.90 -5.38 17.74
C ALA G 23 14.96 16.74 13.13
C ALA G 23 26.08 3.43 -3.37
N MET G 24 20.56 -6.27 16.99
N MET G 24 14.65 16.41 14.38
N MET G 24 26.21 4.76 -3.42
CA MET G 24 21.93 -6.62 17.29
CA MET G 24 15.65 16.52 15.44
CA MET G 24 27.50 5.39 -3.44
C MET G 24 22.92 -5.49 17.00
C MET G 24 16.90 15.66 15.22
C MET G 24 27.87 5.82 -2.04
N LYS G 25 22.42 -4.44 16.34
N LYS G 25 16.76 14.53 14.52
N LYS G 25 26.85 5.88 -1.18
CA LYS G 25 23.22 -3.24 16.14
CA LYS G 25 17.95 13.77 14.14
CA LYS G 25 27.09 6.06 0.23
C LYS G 25 23.37 -2.58 17.50
C LYS G 25 18.77 14.63 13.20
C LYS G 25 27.74 4.79 0.72
N MET G 26 22.24 -2.22 18.09
N MET G 26 18.11 15.15 12.17
N MET G 26 27.32 3.67 0.14
CA MET G 26 22.23 -1.56 19.40
CA MET G 26 18.75 16.05 11.22
CA MET G 26 27.87 2.37 0.51
C MET G 26 22.83 -2.44 20.47
C MET G 26 19.44 17.19 11.94
C MET G 26 29.34 2.37 0.19
N VAL G 27 22.50 -3.72 20.45
N VAL G 27 18.79 17.77 12.94
N VAL G 27 29.68 2.88 -0.98
CA VAL G 27 23.09 -4.67 21.38
CA VAL G 27 19.38 18.86 13.70
CA VAL G 27 31.06 2.83 -1.44
C VAL G 27 24.60 -4.59 21.32
C VAL G 27 20.59 18.42 14.52
C VAL G 27 31.92 3.86 -0.71
N ALA G 28 25.12 -4.40 20.12
N ALA G 28 20.38 17.45 15.42
N ALA G 28 31.39 5.06 -0.51
CA ALA G 28 26.56 -4.38 19.91
CA ALA G 28 21.42 17.02 16.33
CA ALA G 28 32.20 6.07 0.14
C ALA G 28 27.19 -3.05 20.34
C ALA G 28 22.70 16.61 15.63
C ALA G 28 32.85 5.47 1.38
N ALA G 29 26.55 -1.94 19.97
N ALA G 29 22.57 15.98 14.47
N ALA G 29 32.10 4.63 2.10
CA ALA G 29 27.04 -0.62 20.32
CA ALA G 29 23.74 15.56 13.70
CA ALA G 29 32.64 3.93 3.27
C ALA G 29 26.90 -0.37 21.81
C ALA G 29 24.57 16.77 13.35
C ALA G 29 33.29 2.58 2.90
N ALA G 30 26.23 -1.29 22.49
N ALA G 30 23.98 17.67 12.58
N ALA G 30 32.90 2.01 1.80
CA ALA G 30 26.03 -1.17 23.93
CA ALA G 30 24.63 18.88 12.12
CA ALA G 30 33.60 0.82 1.33
C ALA G 30 26.90 -2.18 24.66
C ALA G 30 25.03 19.80 13.28
C ALA G 30 35.02 1.22 1.02
N LYS G 31 27.13 -3.32 24.01
N LYS G 31 24.23 19.79 14.33
N LYS G 31 35.13 2.24 0.17
CA LYS G 31 27.80 -4.45 24.65
CA LYS G 31 24.46 20.64 15.49
CA LYS G 31 36.41 2.74 -0.33
C LYS G 31 29.30 -4.27 24.79
C LYS G 31 25.57 20.08 16.37
C LYS G 31 37.14 3.48 0.76
N LEU G 32 29.99 -4.14 23.66
N LEU G 32 26.00 18.86 16.07
N LEU G 32 36.61 4.63 1.15
CA LEU G 32 31.44 -4.05 23.70
CA LEU G 32 27.03 18.24 16.88
CA LEU G 32 37.37 5.44 2.08
C LEU G 32 31.96 -2.64 23.45
C LEU G 32 28.11 17.57 16.02
C LEU G 32 37.10 5.03 3.56
N ARG G 33 31.19 -1.67 23.91
N ARG G 33 28.37 18.18 14.87
N ARG G 33 37.54 3.80 3.80
CA ARG G 33 31.72 -0.33 24.16
CA ARG G 33 29.59 17.92 14.11
CA ARG G 33 37.92 3.29 5.09
C ARG G 33 32.28 -0.42 25.57
C ARG G 33 30.34 19.22 14.26
C ARG G 33 39.15 2.45 4.74
N ARG G 34 31.99 -1.53 26.24
N ARG G 34 29.58 20.31 14.21
N ARG G 34 39.06 1.68 3.65
CA ARG G 34 32.40 -1.73 27.62
CA ARG G 34 30.05 21.63 14.58
CA ARG G 34 40.25 1.00 3.12
C ARG G 34 33.63 -2.63 27.72
C ARG G 34 30.14 21.63 16.09
C ARG G 34 41.44 1.95 3.17
N ALA G 35 34.10 -3.12 26.57
N ALA G 35 30.63 20.51 16.61
N ALA G 35 41.25 3.18 2.67
CA ALA G 35 35.37 -3.82 26.52
CA ALA G 35 30.83 20.29 18.02
CA ALA G 35 42.31 4.19 2.67
C ALA G 35 36.46 -2.82 26.82
C ALA G 35 32.21 19.69 18.19
C ALA G 35 42.96 4.29 4.02
N GLN G 36 36.29 -1.62 26.28
N GLN G 36 32.61 18.87 17.22
N GLN G 36 42.15 4.27 5.09
CA GLN G 36 37.20 -0.50 26.54
CA GLN G 36 33.97 18.34 17.23
CA GLN G 36 42.70 4.27 6.46
C GLN G 36 36.79 0.19 27.83
C GLN G 36 34.83 18.94 16.13
C GLN G 36 43.71 3.16 6.70
N GLU G 37 36.15 -0.57 28.71
N GLU G 37 34.26 19.86 15.37
N GLU G 37 43.43 1.97 6.18
CA GLU G 37 35.77 -0.10 30.03
CA GLU G 37 35.05 20.72 14.51
CA GLU G 37 44.40 0.89 6.22
C GLU G 37 36.28 -1.12 31.04
C GLU G 37 35.65 21.78 15.41
C GLU G 37 45.64 1.33 5.46
N THR G 38 36.33 -2.37 30.62
N THR G 38 34.82 22.33 16.29
N THR G 38 45.46 1.61 4.18
CA THR G 38 36.99 -3.42 31.39
CA THR G 38 35.25 23.32 17.27
CA THR G 38 46.55 2.06 3.32
C THR G 38 38.39 -3.62 30.82
C THR G 38 35.95 22.63 18.43
C THR G 38 47.12 3.39 3.79
N ALA G 39 38.91 -2.58 30.19
N ALA G 39 36.66 21.55 18.12
N ALA G 39 46.67 3.83 4.96
CA ALA G 39 40.29 -2.58 29.70
CA ALA G 39 37.21 20.66 19.14
CA ALA G 39 47.18 5.04 5.60
C ALA G 39 41.05 -1.45 30.37
C ALA G 39 38.55 20.13 18.72
C ALA G 39 48.01 4.56 6.77
N GLU G 40 40.31 -0.46 30.87
N GLU G 40 38.94 20.44 17.50
N GLU G 40 47.37 4.04 7.82
CA GLU G 40 40.90 0.61 31.67
CA GLU G 40 40.28 20.13 17.05
CA GLU G 40 48.12 3.72 9.05
C GLU G 40 41.19 0.11 33.09
C GLU G 40 41.13 21.38 17.28
C GLU G 40 49.25 2.71 8.83
N ASN G 41 41.21 -1.21 33.23
N ASN G 41 40.48 22.53 17.26
N ASN G 41 49.19 2.00 7.70
CA ASN G 41 41.65 -1.87 34.45
CA ASN G 41 41.16 23.79 17.53
CA ASN G 41 50.39 1.35 7.18
C ASN G 41 42.66 -2.93 34.07
C ASN G 41 41.57 23.82 18.99
C ASN G 41 51.62 2.27 6.93
N ALA G 42 43.67 -2.46 33.36
N ALA G 42 40.90 23.02 19.80
N ALA G 42 51.42 3.44 6.33
CA ALA G 42 44.83 -3.25 32.93
CA ALA G 42 41.18 22.96 21.23
CA ALA G 42 52.56 4.32 6.18
C ALA G 42 45.79 -2.22 32.35
C ALA G 42 42.38 22.07 21.50
C ALA G 42 53.25 4.48 7.54
N ARG G 43 45.41 -0.95 32.50
N ARG G 43 43.04 21.60 20.44
N ARG G 43 52.46 4.80 8.58
CA ARG G 43 46.24 0.18 32.11
CA ARG G 43 44.24 20.77 20.56
CA ARG G 43 53.02 5.09 9.91
C ARG G 43 46.76 0.89 33.35
C ARG G 43 45.55 21.52 20.28
C ARG G 43 54.38 4.42 10.11
N PRO G 44 45.85 1.25 34.28
N PRO G 44 45.57 22.36 19.23
N PRO G 44 54.41 3.07 10.10
CA PRO G 44 46.28 1.64 35.63
CA PRO G 44 46.75 23.18 18.97
CA PRO G 44 55.67 2.32 10.15
C PRO G 44 46.38 0.40 36.51
C PRO G 44 46.94 24.14 20.12
C PRO G 44 56.83 3.08 9.52
N TYR G 45 47.06 -0.64 36.01
N TYR G 45 45.85 24.43 20.82
N TYR G 45 56.89 3.14 8.20
CA TYR G 45 47.14 -1.92 36.72
CA TYR G 45 45.86 25.32 21.96
CA TYR G 45 57.97 3.91 7.59
C TYR G 45 48.34 -2.73 36.27
C TYR G 45 46.21 24.54 23.22
C TYR G 45 57.82 5.42 7.78
N ALA G 46 48.51 -2.88 34.96
N ALA G 46 45.85 23.27 23.26
N ALA G 46 56.57 5.85 7.96
CA ALA G 46 49.59 -3.68 34.40
CA ALA G 46 46.09 22.45 24.44
CA ALA G 46 56.26 7.22 8.33
C ALA G 46 50.83 -2.85 34.07
C ALA G 46 47.49 21.86 24.46
C ALA G 46 56.92 7.54 9.67
N ASP G 47 50.74 -1.55 34.28
N ASP G 47 47.97 21.44 23.29
N ASP G 47 57.36 6.50 10.36
CA ASP G 47 51.88 -0.65 34.13
CA ASP G 47 49.29 20.84 23.19
CA ASP G 47 57.89 6.66 11.70
C ASP G 47 52.75 -0.75 35.37
C ASP G 47 50.37 21.83 23.65
C ASP G 47 59.41 6.60 11.78
N LYS G 48 52.28 -1.52 36.35
N LYS G 48 50.25 23.07 23.23
N LYS G 48 60.00 5.49 11.30
CA LYS G 48 52.97 -1.68 37.63
CA LYS G 48 51.24 24.09 23.57
CA LYS G 48 61.45 5.44 11.14
C LYS G 48 54.25 -2.48 37.47
C LYS G 48 51.20 24.57 25.03
C LYS G 48 61.86 6.86 10.75
N ILE G 49 54.64 -3.18 38.54
N ILE G 49 50.20 24.16 25.80
N ILE G 49 62.63 7.49 11.63
CA ILE G 49 55.82 -4.04 38.52
CA ILE G 49 50.15 24.57 27.20
CA ILE G 49 63.00 8.90 11.48
C ILE G 49 55.81 -4.95 37.30
C ILE G 49 49.67 23.46 28.13
C ILE G 49 64.41 9.12 12.08
N SER G 64 69.73 -8.99 31.58
N SER G 64 57.82 20.79 39.74
N SER G 64 72.33 22.27 8.73
CA SER G 64 69.84 -9.87 30.42
CA SER G 64 57.35 19.89 40.78
CA SER G 64 71.77 23.31 7.86
C SER G 64 68.61 -10.76 30.30
C SER G 64 55.94 20.30 41.18
C SER G 64 70.94 22.73 6.72
N HIS G 65 67.69 -10.59 31.24
N HIS G 65 55.33 21.14 40.34
N HIS G 65 70.72 21.42 6.77
CA HIS G 65 66.44 -11.37 31.27
CA HIS G 65 53.95 21.56 40.50
CA HIS G 65 69.94 20.73 5.74
C HIS G 65 66.66 -12.82 31.70
C HIS G 65 53.75 22.53 41.65
C HIS G 65 70.60 20.86 4.39
N PRO G 66 65.77 -13.32 32.58
N PRO G 66 53.06 23.66 41.39
N PRO G 66 70.12 20.09 3.41
CA PRO G 66 65.78 -14.72 33.01
CA PRO G 66 52.71 24.62 42.43
CA PRO G 66 70.53 20.38 2.04
C PRO G 66 65.84 -15.65 31.80
C PRO G 66 52.07 23.90 43.60
C PRO G 66 70.24 21.85 1.77
N MET G 67 65.17 -15.25 30.74
N MET G 67 51.07 23.08 43.30
N MET G 67 69.28 22.38 2.54
CA MET G 67 65.17 -15.95 29.46
CA MET G 67 50.44 22.22 44.29
CA MET G 67 68.87 23.77 2.44
C MET G 67 64.38 -15.11 28.48
C MET G 67 50.06 20.91 43.59
C MET G 67 67.46 23.85 3.00
N LEU G 68 63.80 -14.02 28.99
N LEU G 68 50.25 20.88 42.28
N LEU G 68 66.90 22.69 3.31
CA LEU G 68 62.99 -13.10 28.21
CA LEU G 68 49.76 19.80 41.43
CA LEU G 68 65.57 22.61 3.90
C LEU G 68 63.85 -12.20 27.33
C LEU G 68 50.64 18.55 41.51
C LEU G 68 65.68 23.10 5.33
N GLU G 69 64.85 -12.79 26.69
N GLU G 69 51.18 18.28 42.70
N GLU G 69 66.42 24.19 5.47
CA GLU G 69 65.75 -12.05 25.83
CA GLU G 69 51.97 17.09 42.93
CA GLU G 69 66.56 24.94 6.71
C GLU G 69 65.52 -12.42 24.37
C GLU G 69 51.17 16.12 43.79
C GLU G 69 65.95 26.30 6.45
N ALA G 70 65.86 -11.50 23.46
N ALA G 70 51.55 14.85 43.76
N ALA G 70 65.30 26.85 7.47
CA ALA G 70 65.76 -11.77 22.03
CA ALA G 70 50.83 13.80 44.51
CA ALA G 70 64.58 28.12 7.34
C ALA G 70 66.78 -12.83 21.63
C ALA G 70 50.79 14.09 46.00
C ALA G 70 65.36 29.17 6.55
N ARG G 71 66.32 -14.07 21.48
N ARG G 71 49.61 14.46 46.50
N ARG G 71 64.90 29.44 5.33
CA ARG G 71 67.22 -15.19 21.20
CA ARG G 71 49.45 14.80 47.90
CA ARG G 71 65.42 30.56 4.55
C ARG G 71 66.72 -16.08 20.06
C ARG G 71 48.13 14.28 48.47
C ARG G 71 64.27 31.42 4.05
N PRO G 72 67.65 -16.82 19.45
N PRO G 72 48.20 13.66 49.66
N PRO G 72 64.59 32.62 3.57
CA PRO G 72 67.38 -17.74 18.34
CA PRO G 72 47.03 13.11 50.37
CA PRO G 72 63.65 33.62 3.05
C PRO G 72 66.42 -18.87 18.74
C PRO G 72 45.99 14.19 50.67
C PRO G 72 63.74 33.69 1.53
N VAL G 73 65.61 -19.38 17.81
N VAL G 73 44.70 13.84 50.70
N VAL G 73 62.71 34.10 0.78
CA VAL G 73 65.51 -18.88 16.45
CA VAL G 73 44.19 12.50 50.38
CA VAL G 73 61.33 34.36 1.23
C VAL G 73 64.54 -19.74 15.64
C VAL G 73 42.69 12.44 50.63
C VAL G 73 60.51 34.81 0.02
N LYS G 74 64.50 -21.03 15.94
N LYS G 74 42.20 13.31 51.51
N LYS G 74 61.02 34.59 -1.18
CA LYS G 74 63.76 -22.00 15.14
CA LYS G 74 40.83 13.24 52.00
CA LYS G 74 60.39 35.12 -2.39
C LYS G 74 62.26 -21.94 15.35
C LYS G 74 39.80 13.83 51.05
C LYS G 74 59.30 34.21 -2.94
N LYS G 75 61.76 -22.77 16.26
N LYS G 75 39.24 14.97 51.43
N LYS G 75 59.57 33.57 -4.07
CA LYS G 75 60.33 -22.93 16.49
CA LYS G 75 38.15 15.62 50.70
CA LYS G 75 58.56 32.74 -4.72
C LYS G 75 59.59 -21.61 16.66
C LYS G 75 38.37 15.66 49.20
C LYS G 75 58.25 31.48 -3.93
N THR G 76 58.52 -21.44 15.88
N THR G 76 37.45 15.06 48.46
N THR G 76 56.97 31.33 -3.57
CA THR G 76 57.73 -20.22 15.90
CA THR G 76 37.52 15.01 47.00
CA THR G 76 56.53 30.17 -2.80
C THR G 76 56.60 -20.30 16.91
C THR G 76 36.44 15.89 46.37
C THR G 76 55.66 29.25 -3.67
N GLY G 77 56.17 -19.15 17.41
N GLY G 77 36.73 16.46 45.20
N GLY G 77 55.68 27.97 -3.37
CA GLY G 77 55.07 -19.09 18.35
CA GLY G 77 35.76 17.32 44.53
CA GLY G 77 54.85 27.01 -4.09
C GLY G 77 54.24 -17.82 18.19
C GLY G 77 35.62 17.02 43.05
C GLY G 77 53.79 26.31 -3.28
N TYR G 78 52.93 -17.99 18.12
N TYR G 78 34.74 16.09 42.71
N TYR G 78 52.58 26.26 -3.83
CA TYR G 78 52.02 -16.86 17.97
CA TYR G 78 34.53 15.67 41.34
CA TYR G 78 51.47 25.53 -3.22
C TYR G 78 50.69 -17.18 18.66
C TYR G 78 33.99 16.81 40.47
C TYR G 78 51.11 24.21 -3.92
N MET G 79 49.67 -16.36 18.43
N MET G 79 33.93 16.57 39.16
N MET G 79 50.50 23.33 -3.14
CA MET G 79 48.37 -16.58 19.08
CA MET G 79 33.25 17.50 38.26
CA MET G 79 50.16 22.00 -3.59
C MET G 79 47.21 -15.81 18.45
C MET G 79 32.49 16.71 37.19
C MET G 79 48.78 21.81 -2.98
N VAL G 80 46.54 -16.45 17.49
N VAL G 80 31.38 16.11 37.62
N VAL G 80 47.74 22.00 -3.75
CA VAL G 80 45.36 -15.87 16.86
CA VAL G 80 30.52 15.34 36.73
CA VAL G 80 46.42 21.90 -3.15
C VAL G 80 44.22 -15.71 17.86
C VAL G 80 29.90 16.21 35.64
C VAL G 80 45.78 20.61 -3.60
N ILE G 81 43.40 -14.68 17.67
N ILE G 81 30.10 15.80 34.39
N ILE G 81 45.33 19.83 -2.62
CA ILE G 81 42.24 -14.42 18.53
CA ILE G 81 29.52 16.53 33.26
CA ILE G 81 44.73 18.51 -2.87
C ILE G 81 41.03 -14.00 17.71
C ILE G 81 28.35 15.80 32.59
C ILE G 81 43.21 18.55 -2.98
N THR G 82 40.12 -14.93 17.45
N THR G 82 27.19 16.44 32.57
N THR G 82 42.65 17.93 -3.99
CA THR G 82 38.93 -14.62 16.68
CA THR G 82 26.05 15.97 31.80
CA THR G 82 41.21 17.87 -4.04
C THR G 82 37.69 -14.54 17.56
C THR G 82 25.43 17.13 31.04
C THR G 82 40.82 16.56 -4.68
N SER G 83 36.51 -14.63 16.95
N SER G 83 24.20 16.94 30.57
N SER G 83 39.54 16.20 -4.54
CA SER G 83 35.26 -14.47 17.70
CA SER G 83 23.58 17.93 29.70
CA SER G 83 38.99 15.06 -5.26
C SER G 83 34.37 -15.70 17.67
C SER G 83 22.34 18.58 30.28
C SER G 83 39.04 15.38 -6.73
N ASP G 84 34.18 -16.32 18.83
N ASP G 84 22.08 19.81 29.83
N ASP G 84 39.32 14.37 -7.56
CA ASP G 84 33.21 -17.39 18.94
CA ASP G 84 20.83 20.48 30.12
CA ASP G 84 38.87 14.47 -8.94
C ASP G 84 31.83 -16.78 18.84
C ASP G 84 19.89 20.24 28.94
C ASP G 84 37.69 13.58 -8.98
N ARG G 85 30.91 -17.46 18.14
N ARG G 85 18.60 20.22 29.20
N ARG G 85 36.76 13.84 -9.89
CA ARG G 85 29.58 -16.91 17.93
CA ARG G 85 17.60 19.97 28.15
CA ARG G 85 35.57 12.99 -9.94
C ARG G 85 29.73 -15.62 17.12
C ARG G 85 18.00 18.75 27.33
C ARG G 85 34.92 13.01 -8.55
N GLY G 86 30.62 -15.66 16.15
N GLY G 86 17.79 17.56 27.89
N GLY G 86 34.44 14.19 -8.14
CA GLY G 86 30.98 -14.47 15.38
CA GLY G 86 18.09 16.31 27.22
CA GLY G 86 33.95 14.39 -6.80
C GLY G 86 29.89 -13.87 14.53
C GLY G 86 16.95 15.77 26.36
C GLY G 86 32.44 14.46 -6.70
N LEU G 87 30.24 -12.78 13.85
N LEU G 87 17.20 14.62 25.74
N LEU G 87 31.94 14.07 -5.53
CA LEU G 87 29.33 -12.01 13.01
CA LEU G 87 16.30 13.97 24.80
CA LEU G 87 30.52 14.12 -5.20
C LEU G 87 29.92 -10.61 12.83
C LEU G 87 17.17 13.04 23.94
C LEU G 87 30.45 14.09 -3.68
N ALA G 88 31.25 -10.55 12.80
N ALA G 88 17.71 12.01 24.56
N ALA G 88 31.22 14.96 -3.05
CA ALA G 88 31.97 -9.29 12.77
CA ALA G 88 18.83 11.31 23.97
CA ALA G 88 31.47 14.85 -1.63
C ALA G 88 32.61 -9.02 11.41
C ALA G 88 19.32 10.17 24.83
C ALA G 88 30.99 16.07 -0.85
N GLY G 89 31.78 -8.97 10.37
N GLY G 89 18.58 9.08 24.84
N GLY G 89 29.84 16.60 -1.22
CA GLY G 89 32.24 -8.68 9.02
CA GLY G 89 19.01 7.84 25.45
CA GLY G 89 29.37 17.81 -0.57
C GLY G 89 33.60 -9.26 8.66
C GLY G 89 19.65 7.93 26.82
C GLY G 89 30.41 18.92 -0.73
N PRO G 90 34.32 -8.56 7.77
N PRO G 90 20.31 6.85 27.24
N PRO G 90 30.59 19.73 0.33
CA PRO G 90 35.67 -8.94 7.34
CA PRO G 90 20.99 6.71 28.53
CA PRO G 90 31.41 20.94 0.31
C PRO G 90 36.63 -8.88 8.52
C PRO G 90 22.20 7.62 28.57
C PRO G 90 32.89 20.63 0.33
N TYR G 91 36.13 -8.33 9.63
N TYR G 91 22.45 8.30 27.46
N TYR G 91 33.25 19.43 0.78
CA TYR G 91 36.94 -8.15 10.83
CA TYR G 91 23.62 9.14 27.31
CA TYR G 91 34.65 19.11 1.06
C TYR G 91 37.03 -9.46 11.60
C TYR G 91 23.41 10.45 28.05
C TYR G 91 35.44 18.93 -0.23
N ASN G 92 37.92 -10.32 11.12
N ASN G 92 23.10 10.31 29.34
N ASN G 92 35.71 20.09 -0.84
CA ASN G 92 38.02 -11.70 11.57
CA ASN G 92 22.77 11.43 30.21
CA ASN G 92 36.27 20.26 -2.19
C ASN G 92 38.51 -12.53 10.39
C ASN G 92 22.32 10.91 31.56
C ASN G 92 35.98 21.69 -2.68
N ALA G 93 37.78 -12.42 9.29
N ALA G 93 22.07 9.62 31.63
N ALA G 93 34.92 22.29 -2.16
CA ALA G 93 38.20 -13.01 8.03
CA ALA G 93 21.49 9.02 32.82
CA ALA G 93 34.58 23.64 -2.54
C ALA G 93 39.58 -12.48 7.70
C ALA G 93 22.30 7.81 33.28
C ALA G 93 34.88 24.55 -1.39
N ASN G 94 39.76 -11.17 7.78
N ASN G 94 22.96 7.14 32.34
N ASN G 94 35.32 23.97 -0.29
CA ASN G 94 41.09 -10.59 7.58
CA ASN G 94 23.83 6.02 32.72
CA ASN G 94 35.71 24.80 0.84
C ASN G 94 41.94 -10.63 8.84
C ASN G 94 25.22 6.54 33.04
C ASN G 94 37.17 24.64 1.19
N ILE G 95 41.69 -11.64 9.68
N ILE G 95 25.34 7.87 33.09
N ILE G 95 37.92 23.94 0.34
CA ILE G 95 42.65 -12.04 10.70
CA ILE G 95 26.50 8.53 33.66
CA ILE G 95 39.39 23.98 0.40
C ILE G 95 43.04 -13.47 10.38
C ILE G 95 26.22 8.84 35.12
C ILE G 95 39.92 24.85 -0.72
N LEU G 96 42.19 -14.15 9.61
N LEU G 96 25.06 9.44 35.39
N LEU G 96 39.21 24.85 -1.85
CA LEU G 96 42.53 -15.45 9.07
CA LEU G 96 24.61 9.73 36.74
CA LEU G 96 39.49 25.85 -2.85
C LEU G 96 43.31 -15.25 7.77
C LEU G 96 24.66 8.44 37.53
C LEU G 96 39.15 27.22 -2.25
N ARG G 97 42.95 -14.21 7.03
N ARG G 97 24.45 7.33 36.83
N ARG G 97 38.00 27.28 -1.57
CA ARG G 97 43.67 -13.85 5.82
CA ARG G 97 24.64 6.01 37.42
CA ARG G 97 37.58 28.47 -0.83
C ARG G 97 45.06 -13.41 6.21
C ARG G 97 26.06 5.85 37.90
C ARG G 97 38.70 29.01 0.04
N LEU G 98 45.18 -12.82 7.39
N LEU G 98 27.00 6.14 37.01
N LEU G 98 39.54 28.12 0.54
CA LEU G 98 46.47 -12.43 7.92
CA LEU G 98 28.41 6.00 37.33
CA LEU G 98 40.58 28.54 1.48
C LEU G 98 47.25 -13.71 8.24
C LEU G 98 28.82 6.95 38.45
C LEU G 98 41.91 28.90 0.83
N VAL G 99 46.54 -14.73 8.71
N VAL G 99 28.25 8.16 38.45
N VAL G 99 42.29 28.25 -0.26
CA VAL G 99 47.16 -16.02 9.01
CA VAL G 99 28.52 9.12 39.52
CA VAL G 99 43.49 28.71 -0.96
C VAL G 99 47.08 -16.96 7.80
C VAL G 99 27.92 8.63 40.83
C VAL G 99 43.17 30.07 -1.59
N SER G 100 46.72 -16.39 6.65
N SER G 100 26.69 8.14 40.77
N SER G 100 41.90 30.27 -1.95
CA SER G 100 46.71 -17.14 5.39
CA SER G 100 25.97 7.69 41.94
CA SER G 100 41.45 31.49 -2.59
C SER G 100 47.77 -16.55 4.47
C SER G 100 26.47 6.34 42.45
C SER G 100 40.98 32.55 -1.59
N LYS G 101 48.54 -15.61 5.00
N LYS G 101 27.20 5.62 41.61
N LYS G 101 41.38 32.39 -0.33
CA LYS G 101 49.58 -14.93 4.24
CA LYS G 101 27.75 4.32 41.99
CA LYS G 101 41.14 33.38 0.70
C LYS G 101 50.89 -14.93 5.00
C LYS G 101 29.13 4.48 42.62
C LYS G 101 42.46 33.70 1.33
N THR G 102 50.82 -14.68 6.30
N THR G 102 29.83 5.56 42.27
N THR G 102 43.26 32.66 1.55
CA THR G 102 52.01 -14.65 7.13
CA THR G 102 31.18 5.78 42.77
CA THR G 102 44.57 32.89 2.12
C THR G 102 52.52 -16.07 7.45
C THR G 102 31.19 6.69 43.98
C THR G 102 45.54 33.47 1.12
N ILE G 103 51.77 -17.07 7.03
N ILE G 103 30.13 7.46 44.17
N ILE G 103 45.47 33.10 -0.16
CA ILE G 103 52.19 -18.46 7.19
CA ILE G 103 29.97 8.25 45.39
CA ILE G 103 46.40 33.73 -1.11
C ILE G 103 52.82 -18.99 5.92
C ILE G 103 29.53 7.33 46.53
C ILE G 103 45.93 35.13 -1.44
N GLU G 104 52.76 -18.18 4.86
N GLU G 104 29.82 6.05 46.39
N GLU G 104 44.70 35.48 -1.07
CA GLU G 104 53.32 -18.57 3.58
CA GLU G 104 29.43 5.06 47.37
CA GLU G 104 44.20 36.83 -1.31
C GLU G 104 54.82 -18.36 3.57
C GLU G 104 30.67 4.48 48.04
C GLU G 104 45.05 37.82 -0.56
N GLU G 105 55.26 -17.29 4.22
N GLU G 105 31.82 4.71 47.41
N GLU G 105 45.68 37.35 0.50
CA GLU G 105 56.69 -17.00 4.35
CA GLU G 105 33.08 4.18 47.90
CA GLU G 105 46.65 38.15 1.22
C GLU G 105 57.18 -17.25 5.78
C GLU G 105 33.96 5.31 48.45
C GLU G 105 48.00 37.45 1.19
N ARG G 106 56.50 -18.15 6.49
N ARG G 106 33.48 6.54 48.32
N ARG G 106 48.69 37.60 0.06
CA ARG G 106 56.89 -18.51 7.84
CA ARG G 106 34.16 7.70 48.86
CA ARG G 106 49.95 36.92 -0.24
C ARG G 106 56.56 -19.97 8.14
C ARG G 106 33.16 8.68 49.44
C ARG G 106 50.08 36.98 -1.75
N HIS G 107 56.61 -20.81 7.10
N HIS G 107 32.22 8.17 50.23
N HIS G 107 49.48 38.03 -2.32
CA HIS G 107 56.33 -22.23 7.25
CA HIS G 107 31.19 9.01 50.86
CA HIS G 107 49.35 38.14 -3.76
C HIS G 107 57.57 -23.08 7.02
C HIS G 107 31.03 8.65 52.33
C HIS G 107 49.38 39.59 -4.22
N GLN G 108 58.66 -22.42 6.61
N GLN G 108 31.61 7.52 52.72
N GLN G 108 49.62 40.50 -3.30
CA GLN G 108 59.93 -23.12 6.40
CA GLN G 108 31.51 7.02 54.08
CA GLN G 108 49.87 41.89 -3.69
C GLN G 108 60.70 -23.25 7.72
C GLN G 108 32.44 7.79 55.03
C GLN G 108 51.12 41.89 -4.56
N SER G 109 59.96 -23.29 8.82
N SER G 109 32.19 9.09 55.15
N SER G 109 51.59 40.68 -4.86
CA SER G 109 60.57 -23.45 10.14
CA SER G 109 33.05 9.95 55.95
CA SER G 109 52.69 40.46 -5.79
C SER G 109 60.54 -24.91 10.56
C SER G 109 32.36 11.23 56.37
C SER G 109 52.21 39.63 -6.97
N LYS G 110 60.07 -25.76 9.65
N LYS G 110 31.16 11.46 55.82
N LYS G 110 52.92 39.76 -8.10
CA LYS G 110 59.97 -27.20 9.88
CA LYS G 110 30.40 12.67 56.11
CA LYS G 110 52.60 38.99 -9.29
C LYS G 110 59.53 -27.55 11.31
C LYS G 110 31.16 13.90 55.62
C LYS G 110 53.51 37.78 -9.41
N ASP G 111 58.37 -27.05 11.70
N ASP G 111 31.98 13.69 54.60
N ASP G 111 54.16 37.40 -8.31
CA ASP G 111 57.83 -27.29 13.04
CA ASP G 111 32.81 14.76 54.03
CA ASP G 111 54.98 36.20 -8.31
C ASP G 111 56.31 -27.18 13.05
C ASP G 111 32.03 15.60 53.01
C ASP G 111 54.08 35.07 -8.72
N GLU G 112 55.77 -26.63 11.97
N GLU G 112 31.01 14.99 52.43
N GLU G 112 52.80 35.24 -8.42
CA GLU G 112 54.32 -26.43 11.83
CA GLU G 112 30.21 15.66 51.41
CA GLU G 112 51.74 34.35 -8.87
C GLU G 112 53.77 -25.34 12.76
C GLU G 112 31.13 16.27 50.36
C GLU G 112 51.74 32.97 -8.23
N TYR G 113 54.62 -24.37 13.06
N TYR G 113 31.79 15.39 49.62
N TYR G 113 52.34 32.90 -7.05
CA TYR G 113 54.26 -23.15 13.80
CA TYR G 113 32.75 15.71 48.57
CA TYR G 113 52.30 31.70 -6.23
C TYR G 113 53.48 -23.32 15.11
C TYR G 113 32.46 16.97 47.73
C TYR G 113 52.76 30.49 -7.03
N VAL G 114 52.19 -23.65 15.00
N VAL G 114 31.21 17.15 47.32
N VAL G 114 51.89 29.98 -7.90
CA VAL G 114 51.26 -23.67 16.14
CA VAL G 114 30.83 18.11 46.29
CA VAL G 114 52.01 28.66 -8.53
C VAL G 114 51.07 -22.27 16.74
C VAL G 114 31.42 17.67 44.94
C VAL G 114 51.51 27.58 -7.59
N ILE G 115 49.81 -21.89 16.95
N ILE G 115 30.71 17.94 43.85
N ILE G 115 50.63 26.73 -8.10
CA ILE G 115 49.49 -20.51 17.32
CA ILE G 115 31.10 17.38 42.57
CA ILE G 115 50.08 25.66 -7.31
C ILE G 115 48.33 -20.36 18.31
C ILE G 115 30.93 18.32 41.38
C ILE G 115 50.37 24.38 -8.05
N PHE G 116 48.19 -21.31 19.23
N PHE G 116 30.66 19.59 41.64
N PHE G 116 50.54 23.30 -7.30
CA PHE G 116 47.21 -21.24 20.31
CA PHE G 116 30.50 20.57 40.56
CA PHE G 116 50.53 21.95 -7.83
C PHE G 116 45.92 -20.52 19.92
C PHE G 116 29.57 20.05 39.48
C PHE G 116 49.15 21.37 -7.60
N ALA G 117 44.98 -21.25 19.32
N ALA G 117 28.26 20.25 39.69
N ALA G 117 48.30 21.47 -8.61
CA ALA G 117 43.74 -20.65 18.85
CA ALA G 117 27.28 19.80 38.71
CA ALA G 117 46.94 21.00 -8.49
C ALA G 117 42.80 -20.20 19.97
C ALA G 117 27.23 20.73 37.50
C ALA G 117 46.90 19.49 -8.62
N VAL G 118 41.80 -19.41 19.60
N VAL G 118 27.73 20.25 36.37
N VAL G 118 46.77 18.79 -7.49
CA VAL G 118 40.74 -18.98 20.52
CA VAL G 118 27.58 20.91 35.09
CA VAL G 118 46.36 17.39 -7.48
C VAL G 118 39.53 -18.52 19.72
C VAL G 118 26.58 20.10 34.29
C VAL G 118 44.83 17.27 -7.46
N GLY G 119 38.33 -18.79 20.25
N GLY G 119 25.62 20.77 33.67
N GLY G 119 44.28 16.26 -8.12
CA GLY G 119 37.10 -18.44 19.55
CA GLY G 119 24.51 20.11 32.99
CA GLY G 119 42.84 16.13 -8.16
C GLY G 119 36.73 -19.50 18.53
C GLY G 119 23.27 20.07 33.88
C GLY G 119 42.20 17.05 -9.17
N ARG G 120 35.44 -19.74 18.37
N ARG G 120 22.15 20.57 33.37
N ARG G 120 41.30 16.50 -9.98
CA ARG G 120 34.97 -20.80 17.47
CA ARG G 120 20.93 20.71 34.19
CA ARG G 120 40.72 17.21 -11.11
C ARG G 120 35.33 -20.57 16.00
C ARG G 120 20.22 19.38 34.54
C ARG G 120 39.71 18.27 -10.74
N LYS G 121 34.88 -19.46 15.45
N LYS G 121 21.00 18.35 34.80
N LYS G 121 39.20 18.27 -9.52
CA LYS G 121 35.04 -19.19 14.02
CA LYS G 121 20.47 17.07 35.26
CA LYS G 121 38.18 19.25 -9.25
C LYS G 121 36.50 -19.29 13.58
C LYS G 121 21.44 16.50 36.29
C LYS G 121 38.81 20.57 -8.87
N GLY G 122 37.41 -18.98 14.50
N GLY G 122 22.14 17.40 36.95
N GLY G 122 39.97 20.51 -8.23
CA GLY G 122 38.83 -19.09 14.23
CA GLY G 122 22.86 17.13 38.17
CA GLY G 122 40.73 21.70 -7.90
C GLY G 122 39.39 -20.46 14.57
C GLY G 122 22.38 18.23 39.08
C GLY G 122 41.48 22.15 -9.14
N ARG G 123 38.86 -21.08 15.62
N ARG G 123 21.98 19.32 38.44
N ARG G 123 41.85 21.17 -9.97
CA ARG G 123 39.31 -22.40 16.03
CA ARG G 123 21.30 20.43 39.09
CA ARG G 123 42.53 21.43 -11.23
C ARG G 123 38.92 -23.46 15.00
C ARG G 123 19.90 19.98 39.52
C ARG G 123 41.76 22.45 -12.05
N ASP G 124 37.77 -23.24 14.35
N ASP G 124 19.42 18.91 38.91
N ASP G 124 40.52 22.12 -12.35
CA ASP G 124 37.31 -24.15 13.31
CA ASP G 124 18.09 18.38 39.20
CA ASP G 124 39.70 22.92 -13.24
C ASP G 124 38.13 -23.92 12.04
C ASP G 124 18.15 16.93 39.68
C ASP G 124 39.43 24.32 -12.72
N PHE G 125 38.85 -22.82 12.00
N PHE G 125 19.36 16.45 39.99
N PHE G 125 39.20 24.41 -11.42
CA PHE G 125 39.78 -22.56 10.90
CA PHE G 125 19.52 15.09 40.50
CA PHE G 125 39.06 25.69 -10.73
C PHE G 125 41.10 -23.23 11.23
C PHE G 125 20.45 15.12 41.70
C PHE G 125 40.20 26.56 -11.15
N PHE G 126 41.01 -24.34 11.95
N PHE G 126 21.13 16.24 41.88
N PHE G 126 41.41 26.00 -11.07
CA PHE G 126 42.19 -25.12 12.32
CA PHE G 126 21.98 16.45 43.05
CA PHE G 126 42.63 26.76 -11.24
C PHE G 126 41.86 -26.60 12.30
C PHE G 126 21.28 17.38 44.04
C PHE G 126 42.93 27.08 -12.69
N LYS G 127 40.63 -26.94 12.68
N LYS G 127 19.98 17.60 43.83
N LYS G 127 42.16 26.55 -13.63
CA LYS G 127 40.20 -28.33 12.67
CA LYS G 127 19.15 18.36 44.75
CA LYS G 127 42.43 26.89 -15.02
C LYS G 127 39.61 -28.69 11.32
C LYS G 127 18.03 17.49 45.32
C LYS G 127 41.24 27.60 -15.60
N LYS G 128 39.46 -27.68 10.46
N LYS G 128 17.44 16.66 44.46
N LYS G 128 40.26 27.90 -14.76
CA LYS G 128 38.96 -27.89 9.11
CA LYS G 128 16.46 15.68 44.90
CA LYS G 128 39.21 28.80 -15.16
C LYS G 128 40.09 -27.87 8.09
C LYS G 128 17.13 14.66 45.81
C LYS G 128 39.58 30.21 -14.70
N ARG G 129 41.14 -27.11 8.41
N ARG G 129 18.37 14.33 45.48
N ARG G 129 39.83 30.35 -13.40
CA ARG G 129 42.30 -27.01 7.53
CA ARG G 129 19.20 13.49 46.33
CA ARG G 129 40.34 31.59 -12.83
C ARG G 129 43.59 -27.30 8.28
C ARG G 129 20.28 14.35 46.96
C ARG G 129 41.86 31.51 -12.77
N GLY G 130 44.59 -27.78 7.57
N GLY G 130 20.93 13.81 48.00
N GLY G 130 42.55 32.31 -13.57
CA GLY G 130 45.85 -28.18 8.19
CA GLY G 130 21.98 14.55 48.68
CA GLY G 130 44.01 32.19 -13.66
C GLY G 130 46.66 -27.02 8.73
C GLY G 130 23.36 14.13 48.21
C GLY G 130 44.69 32.11 -12.30
N TYR G 131 46.79 -26.97 10.05
N TYR G 131 24.18 15.10 47.83
N TYR G 131 45.77 31.32 -12.20
CA TYR G 131 47.64 -25.97 10.70
CA TYR G 131 25.53 14.83 47.34
CA TYR G 131 46.43 31.14 -10.90
C TYR G 131 48.67 -26.60 11.63
C TYR G 131 26.58 15.85 47.81
C TYR G 131 47.97 31.08 -10.87
N PRO G 132 48.22 -27.43 12.59
N PRO G 132 26.25 17.14 47.75
N PRO G 132 48.56 30.24 -11.72
CA PRO G 132 46.84 -27.78 12.89
CA PRO G 132 25.06 17.75 47.14
CA PRO G 132 47.88 29.49 -12.75
C PRO G 132 46.29 -26.91 14.01
C PRO G 132 25.44 18.53 45.89
C PRO G 132 47.85 28.04 -12.34
N VAL G 133 46.69 -27.20 15.24
N VAL G 133 26.16 19.63 46.09
N VAL G 133 49.04 27.44 -12.32
CA VAL G 133 46.23 -26.47 16.40
CA VAL G 133 26.60 20.51 45.01
CA VAL G 133 49.23 26.03 -12.09
C VAL G 133 46.82 -27.04 17.69
C VAL G 133 27.21 21.76 45.62
C VAL G 133 50.43 25.56 -12.94
N VAL G 134 47.21 -26.17 18.60
N VAL G 134 28.08 22.43 44.88
N VAL G 134 51.46 25.06 -12.27
CA VAL G 134 47.76 -26.59 19.88
CA VAL G 134 28.63 23.70 45.31
CA VAL G 134 52.61 24.57 -12.99
C VAL G 134 46.70 -26.54 21.00
C VAL G 134 28.35 24.81 44.28
C VAL G 134 52.49 23.07 -13.17
N GLU G 135 46.34 -25.34 21.42
N GLU G 135 28.19 24.41 43.02
N GLU G 135 51.59 22.44 -12.42
CA GLU G 135 45.37 -25.18 22.50
CA GLU G 135 28.01 25.38 41.95
CA GLU G 135 51.38 21.01 -12.57
C GLU G 135 44.46 -23.99 22.25
C GLU G 135 27.52 24.71 40.66
C GLU G 135 49.98 20.56 -12.16
N GLU G 136 43.17 -24.14 22.59
N GLU G 136 26.59 25.37 39.96
N GLU G 136 49.41 19.63 -12.93
CA GLU G 136 42.19 -23.11 22.30
CA GLU G 136 25.96 24.78 38.78
CA GLU G 136 48.08 19.12 -12.65
C GLU G 136 41.16 -22.94 23.42
C GLU G 136 25.91 25.72 37.58
C GLU G 136 48.05 17.60 -12.73
N VAL G 137 40.09 -22.20 23.13
N VAL G 137 25.36 25.22 36.47
N VAL G 137 48.20 16.95 -11.57
CA VAL G 137 39.03 -21.95 24.12
CA VAL G 137 25.22 25.99 35.23
CA VAL G 137 48.29 15.50 -11.51
C VAL G 137 37.65 -21.90 23.46
C VAL G 137 23.90 25.73 34.51
C VAL G 137 47.00 14.80 -11.90
N THR G 138 36.69 -22.59 24.07
N THR G 138 23.21 26.79 34.15
N THR G 138 47.13 14.03 -12.97
CA THR G 138 35.32 -22.65 23.56
CA THR G 138 21.92 26.69 33.47
CA THR G 138 46.02 13.49 -13.75
C THR G 138 34.70 -21.26 23.54
C THR G 138 22.08 26.45 31.97
C THR G 138 44.87 12.96 -12.88
N GLY G 139 33.78 -21.02 24.47
N GLY G 139 22.67 27.40 31.27
N GLY G 139 44.92 11.68 -12.51
CA GLY G 139 33.22 -19.70 24.64
CA GLY G 139 22.71 27.35 29.81
CA GLY G 139 43.79 10.95 -11.95
C GLY G 139 34.27 -18.81 25.28
C GLY G 139 24.09 27.08 29.26
C GLY G 139 44.01 10.23 -10.63
N ILE G 140 34.36 -17.58 24.82
N ILE G 140 24.51 25.82 29.29
N ILE G 140 44.14 11.03 -9.58
CA ILE G 140 35.38 -16.66 25.32
CA ILE G 140 25.87 25.42 28.95
CA ILE G 140 44.27 10.61 -8.17
C ILE G 140 34.76 -15.53 26.14
C ILE G 140 26.33 25.86 27.56
C ILE G 140 44.55 9.17 -7.77
N SER G 141 33.44 -15.50 26.21
N SER G 141 25.36 25.99 26.65
N SER G 141 43.70 8.23 -8.20
CA SER G 141 32.70 -14.53 27.01
CA SER G 141 25.58 26.38 25.26
CA SER G 141 43.67 6.86 -7.64
C SER G 141 32.87 -13.10 26.50
C SER G 141 25.89 25.21 24.34
C SER G 141 43.17 6.82 -6.19
N ASP G 142 32.10 -12.17 27.06
N ASP G 142 25.61 25.41 23.07
N ASP G 142 42.61 5.68 -5.75
CA ASP G 142 32.16 -10.78 26.65
CA ASP G 142 25.87 24.41 22.03
CA ASP G 142 42.02 5.62 -4.40
C ASP G 142 32.51 -9.90 27.85
C ASP G 142 27.10 24.83 21.24
C ASP G 142 42.78 4.70 -3.44
N THR G 143 33.46 -10.35 28.65
N THR G 143 27.69 25.95 21.66
N THR G 143 43.91 4.19 -3.91
CA THR G 143 33.85 -9.63 29.86
CA THR G 143 28.88 26.49 21.02
CA THR G 143 44.78 3.34 -3.11
C THR G 143 35.31 -9.22 29.80
C THR G 143 30.11 25.70 21.42
C THR G 143 45.64 4.12 -2.11
N PRO G 144 36.21 -10.19 29.53
N PRO G 144 30.45 25.71 22.72
N PRO G 144 46.53 5.02 -2.60
CA PRO G 144 35.95 -11.63 29.48
CA PRO G 144 29.78 26.43 23.81
CA PRO G 144 46.87 5.34 -3.99
C PRO G 144 36.32 -12.32 30.79
C PRO G 144 30.44 27.78 24.02
C PRO G 144 48.20 4.75 -4.45
N SER G 145 36.55 -11.51 31.84
N SER G 145 31.62 27.94 23.44
N SER G 145 48.75 3.79 -3.71
CA SER G 145 36.78 -12.01 33.19
CA SER G 145 32.42 29.17 23.53
CA SER G 145 49.94 3.06 -4.14
C SER G 145 38.24 -12.35 33.51
C SER G 145 33.45 29.14 24.66
C SER G 145 51.22 3.88 -4.05
N LEU G 146 38.43 -13.34 34.37
N LEU G 146 33.40 30.18 25.49
N LEU G 146 52.27 3.40 -4.71
CA LEU G 146 39.76 -13.73 34.83
CA LEU G 146 34.48 30.49 26.43
CA LEU G 146 53.62 3.96 -4.62
C LEU G 146 40.08 -15.20 34.55
C LEU G 146 33.93 31.26 27.62
C LEU G 146 54.00 4.83 -5.82
N THR G 147 39.21 -16.11 34.98
N THR G 147 32.70 31.74 27.48
N THR G 147 53.49 4.47 -6.98
CA THR G 147 39.39 -17.53 34.68
CA THR G 147 31.99 32.39 28.57
CA THR G 147 53.83 5.21 -8.18
C THR G 147 38.78 -17.90 33.34
C THR G 147 31.05 31.38 29.23
C THR G 147 52.62 6.01 -8.62
N GLU G 148 39.28 -17.26 32.28
N GLU G 148 31.61 30.26 29.66
N GLU G 148 52.53 7.25 -8.13
CA GLU G 148 38.76 -17.49 30.94
CA GLU G 148 30.83 29.16 30.23
CA GLU G 148 51.32 8.03 -8.28
C GLU G 148 39.76 -18.21 30.03
C GLU G 148 31.54 28.50 31.39
C GLU G 148 51.54 9.54 -8.16
N ILE G 149 40.97 -17.66 29.95
N ILE G 149 32.87 28.42 31.31
N ILE G 149 52.34 9.97 -7.19
CA ILE G 149 42.06 -18.29 29.22
CA ILE G 149 33.65 27.75 32.34
CA ILE G 149 52.70 11.39 -7.05
C ILE G 149 43.40 -18.01 29.89
C ILE G 149 34.69 28.66 32.99
C ILE G 149 54.19 11.59 -6.83
N GLN G 150 43.33 -17.64 31.17
N GLN G 150 34.92 29.83 32.40
N GLN G 150 54.93 10.49 -6.78
CA GLN G 150 44.53 -17.39 31.96
CA GLN G 150 35.86 30.79 32.99
CA GLN G 150 56.38 10.51 -6.80
C GLN G 150 45.52 -18.53 31.81
C GLN G 150 35.39 31.19 34.38
C GLN G 150 56.85 11.25 -8.04
N ASP G 151 44.98 -19.74 31.72
N ASP G 151 34.23 30.68 34.77
N ASP G 151 55.94 12.02 -8.64
CA ASP G 151 45.78 -20.95 31.58
CA ASP G 151 33.77 30.80 36.14
CA ASP G 151 56.29 13.01 -9.63
C ASP G 151 46.72 -20.84 30.38
C ASP G 151 33.98 29.45 36.82
C ASP G 151 56.08 14.38 -9.02
N ILE G 152 46.15 -20.46 29.24
N ILE G 152 33.04 28.54 36.60
N ILE G 152 54.82 14.76 -8.88
CA ILE G 152 46.88 -20.42 27.97
CA ILE G 152 32.99 27.26 37.30
CA ILE G 152 54.47 16.08 -8.36
C ILE G 152 48.08 -19.48 28.02
C ILE G 152 34.32 26.51 37.27
C ILE G 152 55.07 16.28 -6.97
N ALA G 153 47.97 -18.41 28.79
N ALA G 153 35.08 26.67 36.19
N ALA G 153 55.04 15.23 -6.15
CA ALA G 153 49.06 -17.46 28.93
CA ALA G 153 36.35 25.96 36.03
CA ALA G 153 55.76 15.27 -4.90
C ALA G 153 50.13 -17.95 29.90
C ALA G 153 37.44 26.65 36.82
C ALA G 153 57.22 15.54 -5.19
N GLN G 154 49.68 -18.64 30.96
N GLN G 154 37.14 27.87 37.27
N GLN G 154 57.84 14.58 -5.87
CA GLN G 154 50.59 -19.24 31.93
CA GLN G 154 38.09 28.70 37.99
CA GLN G 154 59.25 14.60 -6.22
C GLN G 154 51.35 -20.39 31.28
C GLN G 154 37.84 28.61 39.49
C GLN G 154 59.67 15.91 -6.89
N SER G 155 50.77 -20.96 30.23
N SER G 155 36.57 28.47 39.86
N SER G 155 58.79 16.43 -7.75
CA SER G 155 51.38 -22.06 29.50
CA SER G 155 36.20 28.28 41.25
CA SER G 155 59.10 17.63 -8.50
C SER G 155 52.08 -21.58 28.24
C SER G 155 36.61 26.87 41.65
C SER G 155 58.64 18.90 -7.80
N ALA G 156 51.76 -20.36 27.80
N ALA G 156 36.75 26.01 40.65
N ALA G 156 57.78 18.75 -6.80
CA ALA G 156 52.45 -19.74 26.68
CA ALA G 156 37.18 24.63 40.86
CA ALA G 156 57.42 19.88 -5.96
C ALA G 156 53.83 -19.29 27.14
C ALA G 156 38.70 24.55 40.91
C ALA G 156 58.56 20.11 -5.00
N ILE G 157 53.87 -18.72 28.34
N ILE G 157 39.36 25.49 40.25
N ILE G 157 59.27 19.03 -4.66
CA ILE G 157 55.14 -18.39 28.99
CA ILE G 157 40.80 25.63 40.39
CA ILE G 157 60.51 19.12 -3.90
C ILE G 157 55.86 -19.68 29.36
C ILE G 157 41.03 26.36 41.71
C ILE G 157 61.59 19.65 -4.82
N GLY G 158 55.09 -20.71 29.64
N GLY G 158 39.97 27.01 42.19
N GLY G 158 61.62 19.08 -6.02
CA GLY G 158 55.64 -22.03 29.93
CA GLY G 158 40.00 27.68 43.48
CA GLY G 158 62.64 19.41 -7.01
C GLY G 158 56.36 -22.59 28.72
C GLY G 158 39.54 26.74 44.58
C GLY G 158 62.71 20.90 -7.32
N MET G 159 55.90 -22.19 27.54
N MET G 159 39.86 25.46 44.42
N MET G 159 61.64 21.62 -7.01
CA MET G 159 56.56 -22.56 26.29
CA MET G 159 39.59 24.47 45.44
CA MET G 159 61.59 23.06 -7.26
C MET G 159 57.89 -21.82 26.19
C MET G 159 40.85 23.66 45.65
C MET G 159 62.03 23.87 -6.05
N PHE G 160 57.86 -20.54 26.50
N PHE G 160 41.72 23.65 44.64
N PHE G 160 62.14 23.20 -4.91
CA PHE G 160 59.05 -19.70 26.47
CA PHE G 160 43.03 23.02 44.77
CA PHE G 160 62.75 23.79 -3.73
C PHE G 160 59.97 -20.00 27.64
C PHE G 160 44.02 24.06 45.27
C PHE G 160 64.23 23.44 -3.80
N ALA G 161 59.51 -20.86 28.54
N ALA G 161 43.82 25.31 44.86
N ALA G 161 64.50 22.22 -4.26
CA ALA G 161 60.29 -21.25 29.70
CA ALA G 161 44.61 26.43 45.36
CA ALA G 161 65.86 21.77 -4.52
C ALA G 161 60.62 -22.75 29.67
C ALA G 161 44.09 26.83 46.73
C ALA G 161 66.37 22.52 -5.72
N ASP G 162 61.77 -23.08 29.09
N ASP G 162 44.99 26.87 47.71
N ASP G 162 66.95 23.69 -5.50
CA ASP G 162 62.24 -24.45 29.01
CA ASP G 162 44.59 26.91 49.12
CA ASP G 162 67.43 24.53 -6.59
C ASP G 162 61.28 -25.37 28.24
C ASP G 162 43.70 25.70 49.39
C ASP G 162 66.26 24.95 -7.48
N GLU G 163 61.20 -25.20 26.92
N GLU G 163 44.36 24.54 49.42
N GLU G 163 65.58 26.03 -7.18
CA GLU G 163 61.88 -24.13 26.18
CA GLU G 163 43.74 23.23 49.52
CA GLU G 163 65.61 26.78 -5.92
C GLU G 163 61.40 -24.19 24.74
C GLU G 163 42.40 23.17 50.26
C GLU G 163 64.58 27.87 -6.16
N THR G 164 60.12 -24.55 24.58
N THR G 164 41.32 23.37 49.52
N THR G 164 63.61 27.54 -7.01
CA THR G 164 59.53 -24.77 23.27
CA THR G 164 39.99 23.02 49.99
CA THR G 164 62.52 28.42 -7.39
C THR G 164 59.41 -23.49 22.44
C THR G 164 39.73 21.62 49.46
C THR G 164 61.42 28.40 -6.34
N PHE G 165 59.03 -22.39 23.09
N PHE G 165 40.63 21.19 48.57
N PHE G 165 61.69 27.67 -5.27
CA PHE G 165 58.82 -21.12 22.39
CA PHE G 165 40.53 19.90 47.88
CA PHE G 165 60.79 27.60 -4.15
C PHE G 165 60.02 -20.18 22.50
C PHE G 165 41.75 19.04 48.15
C PHE G 165 61.55 27.95 -2.90
N ASP G 166 60.35 -19.54 21.38
N ASP G 166 41.78 17.87 47.53
N ASP G 166 61.08 28.97 -2.20
CA ASP G 166 61.44 -18.57 21.33
CA ASP G 166 42.91 16.98 47.60
CA ASP G 166 61.63 29.29 -0.90
C ASP G 166 60.89 -17.18 21.03
C ASP G 166 43.08 16.27 46.27
C ASP G 166 60.81 28.59 0.19
N LYS G 167 59.69 -17.15 20.47
N LYS G 167 42.07 16.42 45.41
N LYS G 167 59.65 28.06 -0.22
CA LYS G 167 58.99 -15.90 20.16
CA LYS G 167 42.07 15.83 44.09
CA LYS G 167 58.77 27.31 0.65
C LYS G 167 57.49 -16.11 20.21
C LYS G 167 40.76 16.12 43.37
C LYS G 167 57.72 26.55 -0.16
N LEU G 168 56.73 -15.04 20.41
N LEU G 168 40.80 16.19 42.05
N LEU G 168 57.42 25.32 0.26
CA LEU G 168 55.28 -15.15 20.51
CA LEU G 168 39.61 16.44 41.24
CA LEU G 168 56.41 24.46 -0.36
C LEU G 168 54.54 -13.87 20.08
C LEU G 168 39.50 15.39 40.16
C LEU G 168 55.19 24.52 0.56
N THR G 169 54.71 -13.49 18.81
N THR G 169 38.30 14.83 40.01
N THR G 169 54.08 23.87 0.18
CA THR G 169 53.99 -12.34 18.27
CA THR G 169 38.04 13.82 38.98
CA THR G 169 52.91 23.77 1.06
C THR G 169 52.56 -12.77 17.91
C THR G 169 36.75 14.17 38.25
C THR G 169 51.77 22.98 0.41
N ILE G 170 51.65 -12.64 18.85
N ILE G 170 36.72 13.92 36.94
N ILE G 170 51.11 22.11 1.18
CA ILE G 170 50.28 -13.10 18.69
CA ILE G 170 35.54 14.23 36.15
CA ILE G 170 49.89 21.45 0.68
C ILE G 170 49.53 -12.39 17.57
C ILE G 170 34.72 12.99 35.82
C ILE G 170 48.67 22.09 1.30
N PHE G 171 48.30 -12.81 17.32
N PHE G 171 33.40 13.18 35.73
N PHE G 171 47.52 21.89 0.65
CA PHE G 171 47.45 -12.15 16.32
CA PHE G 171 32.51 12.15 35.22
CA PHE G 171 46.23 22.28 1.18
C PHE G 171 46.55 -11.11 16.98
C PHE G 171 32.16 12.55 33.80
C PHE G 171 45.34 21.06 1.35
N TYR G 172 47.12 -9.91 17.17
N TYR G 172 32.42 11.63 32.89
N TYR G 172 45.96 19.94 1.68
CA TYR G 172 46.40 -8.75 17.66
CA TYR G 172 32.81 12.00 31.54
CA TYR G 172 45.46 18.98 2.64
C TYR G 172 45.26 -8.43 16.70
C TYR G 172 32.26 11.01 30.53
C TYR G 172 43.98 19.21 3.00
N ASN G 173 44.37 -7.53 17.10
N ASN G 173 31.24 11.42 29.77
N ASN G 173 43.16 18.19 2.87
CA ASN G 173 43.33 -7.04 16.21
CA ASN G 173 30.81 10.66 28.60
CA ASN G 173 41.82 18.26 3.48
C ASN G 173 42.75 -5.75 16.78
C ASN G 173 31.71 11.01 27.41
C ASN G 173 41.71 17.38 4.72
N GLU G 174 43.61 -4.74 16.93
N GLU G 174 32.68 10.13 27.14
N GLU G 174 42.31 17.84 5.81
CA GLU G 174 43.30 -3.56 17.74
CA GLU G 174 33.63 10.40 26.07
CA GLU G 174 42.56 17.00 6.99
C GLU G 174 42.09 -2.74 17.29
C GLU G 174 33.19 9.78 24.77
C GLU G 174 41.34 16.26 7.50
N PHE G 175 41.74 -1.77 18.12
N PHE G 175 33.28 10.56 23.70
N PHE G 175 41.56 15.03 7.96
CA PHE G 175 40.57 -0.93 17.91
CA PHE G 175 32.88 10.12 22.38
CA PHE G 175 40.49 14.13 8.44
C PHE G 175 40.99 0.51 17.68
C PHE G 175 33.63 8.86 21.94
C PHE G 175 40.34 14.08 9.96
N VAL G 176 40.58 1.09 16.56
N VAL G 176 33.15 8.25 20.86
N VAL G 176 39.29 14.75 10.47
CA VAL G 176 40.97 2.44 16.18
CA VAL G 176 33.76 7.06 20.31
CA VAL G 176 38.84 14.48 11.83
C VAL G 176 39.77 3.37 16.24
C VAL G 176 33.27 7.03 18.88
C VAL G 176 37.94 13.26 11.73
N SER G 177 38.61 2.80 16.02
N SER G 177 32.11 6.41 18.70
N SER G 177 36.65 13.41 12.04
CA SER G 177 37.36 3.54 15.86
CA SER G 177 31.37 6.46 17.45
CA SER G 177 35.74 12.28 11.99
C SER G 177 36.34 2.48 15.50
C SER G 177 30.47 7.66 17.66
C SER G 177 35.38 11.96 10.54
N PRO G 178 35.06 2.70 15.84
N PRO G 178 29.53 7.92 16.76
N PRO G 178 34.63 10.88 10.33
CA PRO G 178 34.06 1.66 15.63
CA PRO G 178 28.37 8.72 17.18
CA PRO G 178 34.13 10.70 8.97
C PRO G 178 34.03 1.19 14.18
C PRO G 178 27.25 7.82 17.72
C PRO G 178 32.99 11.69 8.79
N ILE G 179 34.34 2.07 13.24
N ILE G 179 27.36 6.52 17.48
N ILE G 179 32.47 12.21 9.88
CA ILE G 179 34.23 1.74 11.82
CA ILE G 179 26.37 5.58 17.98
CA ILE G 179 31.41 13.21 9.80
C ILE G 179 35.48 1.08 11.23
C ILE G 179 26.81 5.00 19.31
C ILE G 179 31.96 14.61 9.53
N VAL G 180 36.61 1.20 11.91
N VAL G 180 28.03 5.33 19.75
N VAL G 180 33.18 14.89 9.99
CA VAL G 180 37.83 0.53 11.45
CA VAL G 180 28.54 4.82 21.04
CA VAL G 180 33.85 16.15 9.65
C VAL G 180 38.65 -0.10 12.56
C VAL G 180 29.41 5.81 21.84
C VAL G 180 35.28 15.96 9.13
N GLN G 181 38.85 -1.41 12.45
N GLN G 181 29.24 5.79 23.16
N GLN G 181 35.74 16.99 8.40
CA GLN G 181 39.78 -2.13 13.31
CA GLN G 181 30.05 6.61 24.07
CA GLN G 181 37.12 17.07 7.95
C GLN G 181 40.87 -2.74 12.46
C GLN G 181 29.95 6.15 25.54
C GLN G 181 37.45 18.53 7.64
N ARG G 182 42.12 -2.44 12.80
N ARG G 182 31.06 5.65 26.06
N ARG G 182 38.56 19.01 8.19
CA ARG G 182 43.25 -2.85 11.97
CA ARG G 182 31.16 5.20 27.44
CA ARG G 182 38.89 20.45 8.14
C ARG G 182 43.93 -4.11 12.50
C ARG G 182 31.10 6.36 28.41
C ARG G 182 39.96 20.79 7.12
N PRO G 183 43.74 -5.24 11.81
N PRO G 183 30.60 6.09 29.63
N PRO G 183 39.66 21.79 6.27
CA PRO G 183 44.41 -6.50 12.14
CA PRO G 183 30.74 7.01 30.76
CA PRO G 183 40.62 22.52 5.46
C PRO G 183 45.92 -6.33 12.21
C PRO G 183 32.03 6.64 31.48
C PRO G 183 41.79 22.95 6.32
N VAL G 184 46.43 -6.10 13.41
N VAL G 184 33.00 7.54 31.49
N VAL G 184 42.96 22.48 5.94
CA VAL G 184 47.86 -5.95 13.62
CA VAL G 184 34.29 7.26 32.12
CA VAL G 184 44.16 22.68 6.70
C VAL G 184 48.37 -7.12 14.43
C VAL G 184 34.65 8.34 33.12
C VAL G 184 45.20 23.00 5.66
N GLU G 185 49.66 -7.11 14.76
N GLU G 185 35.54 8.01 34.04
N GLU G 185 46.18 23.82 6.03
CA GLU G 185 50.26 -8.12 15.62
CA GLU G 185 36.09 9.01 34.95
CA GLU G 185 47.33 24.00 5.17
C GLU G 185 51.64 -7.69 16.08
C GLU G 185 37.61 9.01 34.82
C GLU G 185 48.58 23.80 5.99
N LYS G 186 51.75 -7.30 17.33
N LYS G 186 38.16 10.20 34.63
N LYS G 186 49.37 22.78 5.65
CA LYS G 186 53.01 -6.80 17.88
CA LYS G 186 39.59 10.36 34.43
CA LYS G 186 50.62 22.54 6.33
C LYS G 186 53.77 -7.88 18.63
C LYS G 186 40.16 11.23 35.54
C LYS G 186 51.72 23.09 5.48
N GLN G 187 55.08 -7.66 18.79
N GLN G 187 41.34 10.87 36.03
N GLN G 187 52.93 23.13 6.03
CA GLN G 187 55.97 -8.64 19.43
CA GLN G 187 42.02 11.66 37.04
CA GLN G 187 54.09 23.54 5.28
C GLN G 187 55.79 -8.65 20.94
C GLN G 187 42.41 13.00 36.45
C GLN G 187 55.06 22.37 5.25
N LEU G 188 55.25 -9.75 21.46
N LEU G 188 41.89 14.08 37.04
N LEU G 188 55.59 22.07 4.07
CA LEU G 188 54.88 -9.84 22.86
CA LEU G 188 42.02 15.40 36.43
CA LEU G 188 56.31 20.83 3.87
C LEU G 188 55.96 -10.52 23.71
C LEU G 188 43.07 16.29 37.10
C LEU G 188 57.82 21.01 3.82
N LEU G 189 56.16 -11.81 23.48
N LEU G 189 42.64 17.01 38.13
N LEU G 189 58.30 21.73 2.82
CA LEU G 189 57.04 -12.62 24.32
CA LEU G 189 43.45 18.09 38.72
CA LEU G 189 59.73 21.68 2.51
C LEU G 189 58.50 -12.13 24.34
C LEU G 189 44.85 17.67 39.17
C LEU G 189 60.62 22.39 3.53
N PRO G 190 59.12 -12.00 23.16
N PRO G 190 44.97 16.60 39.97
N PRO G 190 60.24 23.61 3.92
CA PRO G 190 60.41 -11.29 23.12
CA PRO G 190 46.30 16.11 40.33
CA PRO G 190 61.05 24.21 4.98
C PRO G 190 60.17 -9.82 23.38
C PRO G 190 46.98 15.49 39.11
C PRO G 190 60.75 23.47 6.28
N LEU G 191 60.22 -9.42 24.65
N LEU G 191 47.59 16.32 38.29
N LEU G 191 61.53 22.45 6.58
CA LEU G 191 59.88 -8.06 25.08
CA LEU G 191 48.22 15.86 37.05
CA LEU G 191 61.25 21.55 7.69
C LEU G 191 60.48 -6.95 24.23
C LEU G 191 49.03 14.59 37.24
C LEU G 191 61.07 22.23 9.05
N THR G 192 59.74 -5.85 24.12
N THR G 192 48.94 13.69 36.26
N THR G 192 60.74 21.42 10.05
CA THR G 192 60.22 -4.66 23.42
CA THR G 192 49.80 12.51 36.23
CA THR G 192 60.59 21.89 11.42
C THR G 192 61.32 -4.00 24.26
C THR G 192 51.23 12.96 35.94
C THR G 192 61.02 20.78 12.40
N SER G 193 61.32 -4.33 25.56
N SER G 193 52.19 12.11 36.27
N SER G 193 60.91 21.05 13.70
CA SER G 193 62.41 -3.95 26.45
CA SER G 193 53.61 12.44 36.13
CA SER G 193 61.22 20.10 14.76
C SER G 193 63.39 -5.12 26.49
C SER G 193 53.91 13.42 35.01
C SER G 193 61.17 18.64 14.33
N LEU G 217 62.28 -13.79 37.18
N LEU G 217 51.61 28.02 38.48
N LEU G 217 70.45 14.90 1.54
CA LEU G 217 61.46 -13.50 38.35
CA LEU G 217 51.80 29.09 37.50
CA LEU G 217 70.54 13.54 1.03
C LEU G 217 59.98 -13.19 38.07
C LEU G 217 50.91 28.86 36.29
C LEU G 217 69.26 12.77 1.33
N LEU G 218 59.73 -12.24 37.17
N LEU G 218 50.68 27.58 35.98
N LEU G 218 68.63 13.14 2.45
CA LEU G 218 58.39 -11.67 37.01
CA LEU G 218 49.99 27.18 34.75
CA LEU G 218 67.46 12.47 3.01
C LEU G 218 57.74 -11.98 35.67
C LEU G 218 48.82 26.23 35.01
C LEU G 218 66.26 13.42 3.12
N PRO G 219 56.80 -12.95 35.67
N PRO G 219 47.69 26.79 35.45
N PRO G 219 65.65 13.79 1.97
CA PRO G 219 56.00 -13.34 34.51
CA PRO G 219 46.47 25.99 35.59
CA PRO G 219 64.40 14.55 1.95
C PRO G 219 54.68 -12.57 34.43
C PRO G 219 45.68 25.96 34.29
C PRO G 219 63.29 13.64 1.49
N LYS G 220 54.37 -11.78 35.45
N LYS G 220 46.12 26.73 33.30
N LYS G 220 63.56 12.33 1.50
CA LYS G 220 53.12 -11.03 35.50
CA LYS G 220 45.43 26.77 32.01
CA LYS G 220 62.51 11.36 1.24
C LYS G 220 53.19 -9.68 34.80
C LYS G 220 45.33 25.38 31.40
C LYS G 220 61.44 11.58 2.30
N TYR G 221 54.02 -9.60 33.75
N TYR G 221 46.44 24.67 31.32
N TYR G 221 61.82 12.26 3.37
CA TYR G 221 54.06 -8.42 32.90
CA TYR G 221 46.42 23.29 30.85
CA TYR G 221 60.88 12.69 4.38
C TYR G 221 54.03 -8.85 31.43
C TYR G 221 45.43 22.46 31.65
C TYR G 221 59.77 13.52 3.75
N ALA G 222 54.28 -10.13 31.20
N ALA G 222 45.42 22.69 32.96
N ALA G 222 60.17 14.59 3.04
CA ALA G 222 54.16 -10.70 29.86
CA ALA G 222 44.55 21.96 33.86
CA ALA G 222 59.23 15.42 2.31
C ALA G 222 52.90 -11.54 29.80
C ALA G 222 43.11 22.39 33.65
C ALA G 222 58.33 14.57 1.41
N GLU G 223 52.05 -11.36 30.80
N GLU G 223 42.93 23.50 32.94
N GLU G 223 58.95 13.76 0.59
CA GLU G 223 50.78 -12.07 30.87
CA GLU G 223 41.60 24.04 32.69
CA GLU G 223 58.17 12.92 -0.32
C GLU G 223 49.65 -11.04 30.80
C GLU G 223 41.15 23.71 31.27
C GLU G 223 57.13 12.10 0.42
N THR G 224 49.91 -9.84 31.31
N THR G 224 42.07 23.31 30.41
N THR G 224 57.45 11.58 1.61
CA THR G 224 48.96 -8.75 31.18
CA THR G 224 41.71 22.86 29.07
CA THR G 224 56.49 10.77 2.36
C THR G 224 49.14 -8.06 29.84
C THR G 224 41.54 21.34 29.05
C THR G 224 55.49 11.63 3.11
N LEU G 225 50.13 -8.51 29.08
N LEU G 225 41.72 20.71 30.20
N LEU G 225 55.94 12.78 3.61
CA LEU G 225 50.31 -8.07 27.71
CA LEU G 225 41.33 19.32 30.34
CA LEU G 225 55.02 13.78 4.11
C LEU G 225 49.56 -9.00 26.76
C LEU G 225 39.86 19.32 30.73
C LEU G 225 53.87 13.96 3.11
N ILE G 226 48.89 -9.99 27.34
N ILE G 226 39.34 20.50 31.07
N ILE G 226 54.21 14.14 1.84
CA ILE G 226 48.00 -10.85 26.56
CA ILE G 226 37.90 20.65 31.29
CA ILE G 226 53.18 14.28 0.83
C ILE G 226 46.60 -10.27 26.66
C ILE G 226 37.21 20.95 29.98
C ILE G 226 52.34 13.01 0.75
N TYR G 227 46.17 -9.96 27.88
N TYR G 227 37.76 21.85 29.17
N TYR G 227 52.96 11.83 0.88
CA TYR G 227 44.84 -9.40 28.12
CA TYR G 227 37.26 22.02 27.81
CA TYR G 227 52.13 10.65 1.12
C TYR G 227 44.64 -8.09 27.36
C TYR G 227 37.29 20.68 27.09
C TYR G 227 51.17 10.94 2.28
N SER G 228 45.69 -7.29 27.30
N SER G 228 38.43 20.01 27.13
N SER G 228 51.73 11.09 3.46
CA SER G 228 45.61 -5.99 26.62
CA SER G 228 38.55 18.73 26.45
CA SER G 228 50.93 11.41 4.63
C SER G 228 45.34 -6.17 25.13
C SER G 228 37.55 17.73 27.00
C SER G 228 49.66 12.25 4.36
N ALA G 229 45.47 -7.40 24.65
N ALA G 229 36.85 18.11 28.08
N ALA G 229 49.79 13.35 3.62
CA ALA G 229 45.20 -7.72 23.25
CA ALA G 229 35.81 17.28 28.67
CA ALA G 229 48.60 14.14 3.32
C ALA G 229 44.00 -8.66 23.14
C ALA G 229 34.43 17.80 28.31
C ALA G 229 47.80 13.54 2.19
N LEU G 230 43.18 -8.70 24.18
N LEU G 230 34.14 19.04 28.69
N LEU G 230 48.45 13.21 1.08
CA LEU G 230 41.96 -9.50 24.16
CA LEU G 230 32.90 19.71 28.33
CA LEU G 230 47.72 12.63 -0.05
C LEU G 230 40.78 -8.62 24.57
C LEU G 230 32.63 19.57 26.84
C LEU G 230 46.86 11.48 0.45
N LEU G 231 40.99 -7.76 25.56
N LEU G 231 33.69 19.65 26.04
N LEU G 231 47.40 10.70 1.39
CA LEU G 231 40.03 -6.72 25.88
CA LEU G 231 33.60 19.66 24.58
CA LEU G 231 46.70 9.60 2.03
C LEU G 231 39.93 -5.79 24.67
C LEU G 231 33.52 18.25 23.99
C LEU G 231 45.58 10.08 2.94
N ASP G 232 41.02 -5.75 23.91
N ASP G 232 34.29 17.31 24.56
N ASP G 232 45.87 11.11 3.75
CA ASP G 232 41.14 -4.90 22.73
CA ASP G 232 34.27 15.94 24.06
CA ASP G 232 44.87 11.67 4.65
C ASP G 232 40.64 -5.67 21.52
C ASP G 232 33.11 15.16 24.64
C ASP G 232 43.77 12.35 3.84
N ALA G 233 41.06 -6.91 21.41
N ALA G 233 32.33 15.81 25.47
N ALA G 233 44.17 13.00 2.75
CA ALA G 233 40.66 -7.78 20.30
CA ALA G 233 31.14 15.19 26.03
CA ALA G 233 43.26 13.75 1.89
C ALA G 233 39.16 -8.03 20.35
C ALA G 233 29.96 15.87 25.35
C ALA G 233 42.23 12.84 1.25
N LYS G 234 38.57 -7.82 21.52
N LYS G 234 30.07 17.19 25.22
N LYS G 234 42.52 11.55 1.28
CA LYS G 234 37.14 -7.93 21.69
CA LYS G 234 29.06 17.97 24.53
CA LYS G 234 41.67 10.58 0.65
C LYS G 234 36.51 -6.58 21.45
C LYS G 234 28.88 17.54 23.08
C LYS G 234 40.56 10.25 1.62
N ALA G 235 37.25 -5.53 21.75
N ALA G 235 29.65 16.56 22.66
N ALA G 235 40.88 9.54 2.71
CA ALA G 235 36.77 -4.17 21.60
CA ALA G 235 29.54 16.03 21.32
CA ALA G 235 39.89 9.31 3.75
C ALA G 235 36.36 -3.90 20.16
C ALA G 235 29.33 14.53 21.35
C ALA G 235 38.92 10.46 3.78
N SER G 236 37.07 -4.52 19.23
N SER G 236 29.58 13.92 22.50
N SER G 236 39.39 11.61 4.21
CA SER G 236 36.79 -4.37 17.81
CA SER G 236 29.28 12.51 22.67
CA SER G 236 38.56 12.80 4.25
C SER G 236 35.69 -5.32 17.32
C SER G 236 27.84 12.41 23.17
C SER G 236 37.61 12.95 3.08
N GLU G 237 35.78 -6.59 17.69
N GLU G 237 27.33 13.51 23.70
N GLU G 237 38.07 12.75 1.85
CA GLU G 237 34.79 -7.57 17.24
CA GLU G 237 25.97 13.56 24.21
CA GLU G 237 37.14 12.96 0.77
C GLU G 237 33.33 -7.10 17.37
C GLU G 237 25.01 13.82 23.07
C GLU G 237 36.00 11.99 0.88
N PHE G 238 33.01 -6.32 18.39
N PHE G 238 25.23 14.91 22.36
N PHE G 238 36.27 10.70 0.89
CA PHE G 238 31.66 -5.79 18.48
CA PHE G 238 24.33 15.29 21.28
CA PHE G 238 35.13 9.83 0.99
C PHE G 238 31.51 -4.42 17.81
C PHE G 238 24.69 14.68 19.92
C PHE G 238 34.50 9.89 2.36
N GLY G 239 32.61 -3.70 17.67
N GLY G 239 25.38 13.55 19.95
N GLY G 239 35.33 10.05 3.39
CA GLY G 239 32.64 -2.49 16.88
CA GLY G 239 25.53 12.71 18.79
CA GLY G 239 34.82 10.43 4.69
C GLY G 239 32.63 -2.85 15.41
C GLY G 239 24.78 11.47 19.19
C GLY G 239 33.75 11.48 4.47
N ALA G 240 33.16 -4.03 15.12
N ALA G 240 24.82 11.18 20.48
N ALA G 240 34.12 12.53 3.76
CA ALA G 240 33.13 -4.60 13.78
CA ALA G 240 24.02 10.13 21.06
CA ALA G 240 33.17 13.56 3.38
C ALA G 240 31.74 -5.18 13.51
C ALA G 240 22.56 10.57 21.09
C ALA G 240 32.13 13.06 2.38
N ARG G 241 31.23 -5.93 14.48
N ARG G 241 22.33 11.85 20.87
N ARG G 241 32.41 11.97 1.66
CA ARG G 241 29.90 -6.50 14.39
CA ARG G 241 20.98 12.37 20.72
CA ARG G 241 31.50 11.54 0.61
C ARG G 241 28.83 -5.42 14.35
C ARG G 241 20.42 11.97 19.37
C ARG G 241 30.30 10.74 1.11
N MET G 242 29.13 -4.25 14.91
N MET G 242 21.10 12.36 18.30
N MET G 242 30.51 9.79 2.02
CA MET G 242 28.07 -3.25 15.00
CA MET G 242 20.67 12.03 16.94
CA MET G 242 29.36 9.08 2.56
C MET G 242 27.99 -2.43 13.73
C MET G 242 20.54 10.54 16.76
C MET G 242 28.50 10.01 3.41
N THR G 243 29.15 -2.14 13.15
N THR G 243 21.45 9.79 17.37
N THR G 243 29.14 10.85 4.21
CA THR G 243 29.24 -1.54 11.82
CA THR G 243 21.32 8.34 17.37
CA THR G 243 28.36 11.84 4.94
C THR G 243 28.49 -2.39 10.82
C THR G 243 19.97 7.97 17.95
C THR G 243 27.42 12.64 4.01
N ALA G 244 28.76 -3.70 10.87
N ALA G 244 19.65 8.54 19.10
N ALA G 244 27.89 13.04 2.84
CA ALA G 244 28.21 -4.69 9.95
CA ALA G 244 18.39 8.21 19.73
CA ALA G 244 27.01 13.76 1.93
C ALA G 244 26.70 -4.82 10.02
C ALA G 244 17.19 8.69 18.94
C ALA G 244 26.05 12.79 1.22
N MET G 245 26.15 -4.87 11.23
N MET G 245 17.42 9.45 17.88
N MET G 245 26.34 11.51 1.29
CA MET G 245 24.71 -4.96 11.41
CA MET G 245 16.33 9.89 17.02
CA MET G 245 25.52 10.56 0.58
C MET G 245 24.07 -3.60 11.14
C MET G 245 16.19 8.95 15.84
C MET G 245 24.34 10.08 1.45
N GLY G 246 24.88 -2.65 10.74
N GLY G 246 17.33 8.49 15.33
N GLY G 246 24.58 9.98 2.76
CA GLY G 246 24.38 -1.36 10.31
CA GLY G 246 17.35 7.55 14.22
CA GLY G 246 23.53 9.66 3.69
C GLY G 246 24.34 -1.36 8.80
C GLY G 246 17.02 6.16 14.73
C GLY G 246 22.57 10.81 3.65
N ASN G 247 25.29 -2.08 8.21
N ASN G 247 16.46 6.12 15.94
N ASN G 247 23.04 11.97 4.09
CA ASN G 247 25.27 -2.34 6.78
CA ASN G 247 16.04 4.89 16.55
CA ASN G 247 22.33 13.23 3.89
C ASN G 247 24.13 -3.30 6.44
C ASN G 247 14.62 5.08 17.01
C ASN G 247 21.65 13.25 2.51
N ALA G 248 24.07 -4.41 7.16
N ALA G 248 14.33 6.29 17.46
N ALA G 248 22.34 12.74 1.50
CA ALA G 248 22.99 -5.37 7.00
CA ALA G 248 13.00 6.65 17.89
CA ALA G 248 21.78 12.74 0.17
C ALA G 248 21.66 -4.66 6.99
C ALA G 248 12.09 6.63 16.68
C ALA G 248 20.55 11.82 0.09
N THR G 249 21.27 -4.08 8.11
N THR G 249 12.65 6.98 15.53
N THR G 249 20.76 10.55 0.44
CA THR G 249 19.99 -3.36 8.19
CA THR G 249 11.87 6.90 14.30
CA THR G 249 19.68 9.58 0.54
C THR G 249 19.87 -2.29 7.11
C THR G 249 11.64 5.46 13.95
C THR G 249 18.51 10.19 1.27
N ASP G 250 20.99 -1.73 6.68
N ASP G 250 12.71 4.68 13.80
N ASP G 250 18.71 10.44 2.56
CA ASP G 250 20.99 -0.77 5.56
CA ASP G 250 12.61 3.24 13.64
CA ASP G 250 17.71 11.12 3.38
C ASP G 250 20.65 -1.46 4.25
C ASP G 250 11.41 2.73 14.45
C ASP G 250 17.01 12.24 2.59
N ASN G 251 20.99 -2.75 4.15
N ASN G 251 11.41 3.00 15.75
N ASN G 251 17.72 13.31 2.28
CA ASN G 251 20.64 -3.58 2.99
CA ASN G 251 10.29 2.66 16.60
CA ASN G 251 17.13 14.41 1.49
C ASN G 251 19.21 -4.12 3.02
C ASN G 251 9.00 3.27 16.09
C ASN G 251 16.23 13.96 0.33
N ALA G 252 18.81 -4.68 4.16
N ALA G 252 8.91 4.59 16.21
N ALA G 252 16.54 12.81 -0.27
CA ALA G 252 17.46 -5.21 4.30
CA ALA G 252 7.73 5.34 15.82
CA ALA G 252 15.70 12.32 -1.36
C ALA G 252 16.38 -4.16 4.06
C ALA G 252 7.03 4.76 14.61
C ALA G 252 14.38 11.83 -0.77
N THR G 253 16.78 -2.91 3.89
N THR G 253 7.81 4.21 13.69
N THR G 253 14.47 10.82 0.09
CA THR G 253 15.85 -1.86 3.54
CA THR G 253 7.24 3.60 12.50
CA THR G 253 13.31 10.34 0.83
C THR G 253 15.86 -1.67 2.04
C THR G 253 6.64 2.24 12.81
C THR G 253 12.40 11.53 1.19
N GLU G 254 17.06 -1.60 1.47
N GLU G 254 7.46 1.30 13.28
N GLU G 254 12.88 12.41 2.07
CA GLU G 254 17.25 -1.52 0.03
CA GLU G 254 6.95 0.00 13.67
CA GLU G 254 12.10 13.57 2.48
C GLU G 254 16.53 -2.69 -0.63
C GLU G 254 5.68 0.19 14.49
C GLU G 254 11.44 14.24 1.31
N MET G 255 16.36 -3.75 0.13
N MET G 255 5.75 1.17 15.38
N MET G 255 12.26 14.79 0.41
CA MET G 255 15.68 -4.95 -0.33
CA MET G 255 4.61 1.62 16.17
CA MET G 255 11.75 15.49 -0.76
C MET G 255 14.18 -4.83 -0.06
C MET G 255 3.45 2.01 15.27
C MET G 255 10.72 14.66 -1.53
N LEU G 256 13.83 -4.21 1.06
N LEU G 256 3.67 3.07 14.50
N LEU G 256 10.97 13.36 -1.61
CA LEU G 256 12.42 -3.98 1.39
CA LEU G 256 2.65 3.60 13.63
CA LEU G 256 10.05 12.46 -2.31
C LEU G 256 11.91 -2.73 0.68
C LEU G 256 2.44 2.68 12.47
C LEU G 256 8.72 12.54 -1.58
N GLU G 257 12.15 -2.68 -0.63
N GLU G 257 2.39 1.38 12.76
N GLU G 257 8.76 12.31 -0.27
CA GLU G 257 11.70 -1.57 -1.44
CA GLU G 257 2.08 0.35 11.79
CA GLU G 257 7.58 12.34 0.57
C GLU G 257 11.73 -1.99 -2.89
C GLU G 257 1.22 -0.71 12.47
C GLU G 257 6.88 13.70 0.50
N THR G 258 12.89 -2.49 -3.33
N THR G 258 1.70 -1.24 13.59
N THR G 258 7.58 14.74 0.04
CA THR G 258 13.02 -3.04 -4.67
CA THR G 258 0.86 -2.16 14.36
CA THR G 258 6.85 15.97 -0.26
C THR G 258 12.22 -4.33 -4.74
C THR G 258 -0.26 -1.36 15.01
C THR G 258 6.15 15.75 -1.60
N LEU G 259 12.41 -5.21 -3.76
N LEU G 259 -0.14 -0.04 14.95
N LEU G 259 6.93 15.49 -2.64
CA LEU G 259 11.59 -6.40 -3.63
CA LEU G 259 -1.23 0.85 15.35
CA LEU G 259 6.39 15.32 -3.98
C LEU G 259 10.27 -6.03 -2.96
C LEU G 259 -2.05 1.19 14.13
C LEU G 259 5.14 14.44 -4.05
N THR G 260 9.66 -4.97 -3.49
N THR G 260 -1.75 0.54 13.01
N THR G 260 5.07 13.40 -3.22
CA THR G 260 8.37 -4.47 -3.03
CA THR G 260 -2.48 0.75 11.78
CA THR G 260 4.03 12.37 -3.36
C THR G 260 7.66 -3.88 -4.25
C THR G 260 -3.02 -0.59 11.28
C THR G 260 2.61 12.88 -3.12
N LEU G 261 8.45 -3.58 -5.28
N LEU G 261 -3.22 -1.50 12.22
N LEU G 261 2.48 13.97 -2.37
CA LEU G 261 7.90 -3.17 -6.56
CA LEU G 261 -3.83 -2.78 11.92
CA LEU G 261 1.18 14.57 -2.12
C LEU G 261 7.43 -4.40 -7.33
C LEU G 261 -5.15 -3.00 12.68
C LEU G 261 0.57 15.00 -3.44
N GLN G 262 7.84 -5.58 -6.85
N GLN G 262 -5.68 -1.93 13.28
N GLN G 262 1.43 15.48 -4.34
CA GLN G 262 7.32 -6.84 -7.36
CA GLN G 262 -7.02 -2.00 13.86
CA GLN G 262 1.02 15.93 -5.66
C GLN G 262 6.34 -7.44 -6.37
C GLN G 262 -7.82 -0.76 13.54
C GLN G 262 0.68 14.77 -6.60
N PHE G 263 5.71 -6.57 -5.58
N PHE G 263 -7.21 0.19 12.84
N PHE G 263 1.19 13.59 -6.30
CA PHE G 263 4.74 -7.00 -4.59
CA PHE G 263 -7.92 1.38 12.40
CA PHE G 263 0.89 12.41 -7.12
C PHE G 263 3.32 -6.91 -5.16
C PHE G 263 -8.89 1.03 11.27
C PHE G 263 -0.59 12.08 -7.12
N ASN G 264 2.97 -5.75 -5.70
N ASN G 264 -8.34 0.68 10.12
N ASN G 264 -1.29 12.46 -6.05
CA ASN G 264 1.64 -5.51 -6.21
CA ASN G 264 -9.16 0.24 9.00
CA ASN G 264 -2.68 12.07 -5.89
C ASN G 264 1.55 -5.46 -7.74
C ASN G 264 -9.97 -1.02 9.30
C ASN G 264 -3.70 13.22 -5.83
N ARG G 265 2.63 -5.86 -8.40
N ARG G 265 -9.51 -1.79 10.29
N ARG G 265 -3.44 14.21 -4.98
CA ARG G 265 2.68 -5.85 -9.86
CA ARG G 265 -10.19 -3.00 10.73
CA ARG G 265 -4.40 15.31 -4.80
C ARG G 265 3.35 -7.11 -10.40
C ARG G 265 -10.50 -2.96 12.22
C ARG G 265 -4.17 16.46 -5.78
N ALA G 266 2.63 -7.84 -11.24
N ALA G 266 -11.72 -2.58 12.56
N ALA G 266 -5.07 16.58 -6.75
CA ALA G 266 3.14 -9.07 -11.83
CA ALA G 266 -12.15 -2.49 13.96
CA ALA G 266 -4.97 17.58 -7.81
C ALA G 266 4.25 -8.76 -12.84
C ALA G 266 -12.23 -3.87 14.62
C ALA G 266 -4.97 19.03 -7.28
N MET H 1 42.28 1.87 67.74
N MET H 1 62.05 42.36 2.93
N MET H 1 73.79 -22.13 16.87
CA MET H 1 43.49 1.22 67.23
CA MET H 1 61.38 42.14 4.21
CA MET H 1 73.00 -21.27 15.97
C MET H 1 44.10 2.04 66.10
C MET H 1 61.41 40.68 4.63
C MET H 1 72.03 -20.39 16.74
N ALA H 2 44.91 1.36 65.28
N ALA H 2 61.87 40.43 5.85
N ALA H 2 72.37 -19.11 16.86
CA ALA H 2 45.49 1.96 64.09
CA ALA H 2 61.93 39.08 6.40
CA ALA H 2 71.48 -18.13 17.47
C ALA H 2 45.24 1.04 62.91
C ALA H 2 60.61 38.70 7.04
C ALA H 2 70.52 -17.57 16.42
N THR H 3 45.15 1.62 61.71
N THR H 3 60.03 37.59 6.59
N THR H 3 70.20 -16.28 16.55
CA THR H 3 44.83 0.83 60.51
CA THR H 3 58.70 37.18 7.03
CA THR H 3 69.31 -15.63 15.60
C THR H 3 45.48 1.40 59.26
C THR H 3 58.70 36.23 8.22
C THR H 3 69.20 -14.13 15.83
N VAL H 4 45.51 0.58 58.21
N VAL H 4 57.96 36.60 9.26
N VAL H 4 68.89 -13.39 14.76
CA VAL H 4 46.05 0.97 56.92
CA VAL H 4 57.71 35.71 10.40
CA VAL H 4 68.72 -11.94 14.83
C VAL H 4 45.07 0.61 55.81
C VAL H 4 56.24 35.80 10.76
C VAL H 4 67.81 -11.43 13.71
N GLN H 5 44.87 1.51 54.86
N GLN H 5 55.54 34.68 10.64
N GLN H 5 66.93 -10.49 14.05
CA GLN H 5 43.94 1.30 53.76
CA GLN H 5 54.09 34.65 10.82
CA GLN H 5 65.96 -9.95 13.10
C GLN H 5 44.34 0.11 52.89
C GLN H 5 53.65 34.84 12.26
C GLN H 5 66.60 -9.09 12.02
N VAL H 6 43.73 -1.04 53.16
N VAL H 6 52.34 34.99 12.45
N VAL H 6 66.12 -9.24 10.79
CA VAL H 6 44.01 -2.24 52.38
CA VAL H 6 51.75 35.18 13.77
CA VAL H 6 66.52 -8.40 9.68
C VAL H 6 43.10 -2.30 51.16
C VAL H 6 50.32 34.68 13.79
C VAL H 6 65.28 -8.05 8.87
N ASP H 7 43.70 -2.38 49.98
N ASP H 7 50.10 33.52 14.42
N ASP H 7 64.62 -6.97 9.25
CA ASP H 7 42.93 -2.38 48.74
CA ASP H 7 48.80 32.89 14.42
CA ASP H 7 63.35 -6.60 8.64
C ASP H 7 43.33 -3.54 47.84
C ASP H 7 48.14 32.95 15.79
C ASP H 7 63.49 -5.45 7.64
N ILE H 8 42.54 -4.61 47.88
N ILE H 8 47.44 34.05 16.06
N ILE H 8 63.77 -5.80 6.38
CA ILE H 8 42.77 -5.75 47.01
CA ILE H 8 46.76 34.23 17.34
CA ILE H 8 63.73 -4.81 5.31
C ILE H 8 42.47 -5.37 45.57
C ILE H 8 45.62 33.22 17.48
C ILE H 8 62.27 -4.42 5.12
N VAL H 9 43.25 -5.88 44.64
N VAL H 9 45.55 32.58 18.64
N VAL H 9 62.01 -3.11 5.05
CA VAL H 9 43.07 -5.53 43.24
CA VAL H 9 44.65 31.44 18.83
CA VAL H 9 60.63 -2.63 4.97
C VAL H 9 43.14 -6.76 42.33
C VAL H 9 43.86 31.46 20.14
C VAL H 9 60.47 -1.40 4.09
N THR H 10 42.07 -6.97 41.56
N THR H 10 42.54 31.40 20.03
N THR H 10 59.66 -1.54 3.04
CA THR H 10 42.00 -8.07 40.61
CA THR H 10 41.68 31.21 21.18
CA THR H 10 59.35 -0.43 2.16
C THR H 10 41.98 -7.56 39.18
C THR H 10 41.27 29.74 21.25
C THR H 10 58.46 0.55 2.91
N PRO H 11 42.56 -8.34 38.25
N PRO H 11 40.97 29.25 22.45
N PRO H 11 58.48 1.83 2.51
CA PRO H 11 42.58 -7.99 36.82
CA PRO H 11 40.63 27.83 22.65
CA PRO H 11 57.64 2.87 3.10
C PRO H 11 41.19 -7.66 36.28
C PRO H 11 39.44 27.38 21.82
C PRO H 11 56.21 2.42 3.37
N GLU H 12 40.16 -8.20 36.92
N GLU H 12 38.72 28.32 21.23
N GLU H 12 55.65 1.64 2.45
CA GLU H 12 38.79 -7.87 36.57
CA GLU H 12 37.60 28.02 20.35
CA GLU H 12 54.29 1.15 2.60
C GLU H 12 38.47 -6.46 37.04
C GLU H 12 38.07 27.86 18.90
C GLU H 12 54.17 0.18 3.77
N ARG H 13 38.07 -6.35 38.30
N ARG H 13 38.30 28.99 18.24
N ARG H 13 54.58 -1.06 3.53
CA ARG H 13 37.75 -5.05 38.90
CA ARG H 13 38.74 28.99 16.85
CA ARG H 13 54.45 -2.13 4.53
C ARG H 13 38.35 -4.92 40.29
C ARG H 13 40.01 29.79 16.62
C ARG H 13 55.77 -2.88 4.72
N LYS H 14 37.54 -4.40 41.22
N LYS H 14 40.36 29.98 15.35
N LYS H 14 55.77 -3.80 5.68
CA LYS H 14 37.97 -4.21 42.60
CA LYS H 14 41.51 30.79 14.97
CA LYS H 14 56.95 -4.61 5.95
C LYS H 14 36.91 -4.78 43.54
C LYS H 14 41.06 32.22 14.70
C LYS H 14 57.23 -5.55 4.78
N VAL H 15 37.36 -5.28 44.69
N VAL H 15 42.00 33.17 14.82
N VAL H 15 58.42 -6.14 4.75
CA VAL H 15 36.43 -5.88 45.65
CA VAL H 15 41.67 34.57 14.63
CA VAL H 15 58.80 -7.07 3.70
C VAL H 15 36.55 -5.28 47.04
C VAL H 15 42.50 35.19 13.51
C VAL H 15 59.17 -8.44 4.28
N PHE H 16 37.78 -5.21 47.56
N PHE H 16 43.80 34.92 13.50
N PHE H 16 60.41 -8.55 4.76
CA PHE H 16 38.00 -4.66 48.89
CA PHE H 16 44.66 35.46 12.45
CA PHE H 16 60.88 -9.78 5.38
C PHE H 16 38.71 -3.32 48.84
C PHE H 16 45.69 34.46 11.93
C PHE H 16 60.97 -9.64 6.89
N GLN H 17 38.00 -2.26 49.22
N GLN H 17 45.43 33.92 10.74
N GLN H 17 60.05 -10.30 7.60
CA GLN H 17 38.57 -0.91 49.25
CA GLN H 17 46.38 33.04 10.08
CA GLN H 17 59.97 -10.20 9.06
C GLN H 17 38.39 -0.29 50.64
C GLN H 17 47.24 33.85 9.12
C GLN H 17 60.79 -11.29 9.74
N GLY H 18 38.20 -1.14 51.64
N GLY H 18 47.96 34.82 9.66
N GLY H 18 60.60 -12.54 9.30
CA GLY H 18 38.02 -0.67 53.01
CA GLY H 18 48.75 35.73 8.84
CA GLY H 18 61.20 -13.70 9.93
C GLY H 18 39.31 -0.63 53.80
C GLY H 18 50.25 35.60 9.03
C GLY H 18 62.66 -13.59 10.31
N GLU H 19 39.29 0.08 54.92
N GLU H 19 50.98 36.54 8.45
N GLU H 19 63.03 -14.27 11.40
CA GLU H 19 40.46 0.18 55.79
CA GLU H 19 52.43 36.54 8.53
CA GLU H 19 64.40 -14.25 11.90
C GLU H 19 40.44 -0.93 56.83
C GLU H 19 52.92 37.97 8.70
C GLU H 19 65.40 -14.74 10.86
N ALA H 20 40.73 -2.15 56.38
N ALA H 20 52.36 38.66 9.70
N ALA H 20 66.55 -14.08 10.79
CA ALA H 20 40.69 -3.32 57.26
CA ALA H 20 52.62 40.07 9.92
CA ALA H 20 67.56 -14.41 9.79
C ALA H 20 41.70 -3.20 58.39
C ALA H 20 54.11 40.42 9.92
C ALA H 20 68.72 -15.19 10.39
N ASP H 21 41.23 -3.44 59.62
N ASP H 21 54.41 41.63 9.48
N ASP H 21 69.15 -16.24 9.69
CA ASP H 21 42.07 -3.34 60.80
CA ASP H 21 55.80 42.08 9.30
CA ASP H 21 70.28 -17.05 10.11
C ASP H 21 43.27 -4.29 60.73
C ASP H 21 56.34 42.64 10.60
C ASP H 21 71.57 -16.28 9.87
N ILE H 22 43.00 -5.59 60.61
N ILE H 22 55.45 43.20 11.42
N ILE H 22 71.84 -16.01 8.59
CA ILE H 22 44.08 -6.58 60.55
CA ILE H 22 55.81 43.74 12.71
CA ILE H 22 72.98 -15.22 8.18
C ILE H 22 43.90 -7.55 59.39
C ILE H 22 54.67 43.52 13.68
C ILE H 22 72.55 -14.32 7.03
N VAL H 23 44.89 -7.58 58.50
N VAL H 23 54.91 42.75 14.74
N VAL H 23 73.03 -13.08 7.01
CA VAL H 23 44.85 -8.45 57.33
CA VAL H 23 53.88 42.48 15.74
CA VAL H 23 72.58 -12.11 6.02
C VAL H 23 46.03 -9.41 57.29
C VAL H 23 54.34 42.95 17.13
C VAL H 23 73.72 -11.57 5.17
N ILE H 24 45.72 -10.70 57.19
N ILE H 24 53.48 43.74 17.77
N ILE H 24 73.40 -11.15 3.95
CA ILE H 24 46.74 -11.73 57.14
CA ILE H 24 53.83 44.40 19.03
CA ILE H 24 74.37 -10.53 3.06
C ILE H 24 46.68 -12.48 55.80
C ILE H 24 52.66 44.39 20.03
C ILE H 24 73.77 -9.30 2.35
N ALA H 25 47.78 -13.11 55.42
N ALA H 25 52.57 43.32 20.82
N ALA H 25 74.62 -8.33 2.04
CA ALA H 25 47.85 -13.84 54.16
CA ALA H 25 51.45 43.14 21.76
CA ALA H 25 74.17 -7.11 1.36
C ALA H 25 49.03 -14.81 54.15
C ALA H 25 51.86 43.29 23.22
C ALA H 25 75.36 -6.41 0.68
N ARG H 26 48.86 -15.94 53.47
N ARG H 26 50.94 43.77 24.05
N ARG H 26 75.06 -5.62 -0.34
CA ARG H 26 49.91 -16.94 53.36
CA ARG H 26 51.24 44.10 25.45
CA ARG H 26 76.09 -4.90 -1.09
C ARG H 26 50.86 -16.64 52.21
C ARG H 26 51.60 42.90 26.30
C ARG H 26 75.99 -3.37 -0.94
N GLY H 27 52.04 -16.13 52.53
N GLY H 27 52.73 42.99 27.00
N GLY H 27 76.76 -2.82 -0.01
CA GLY H 27 53.05 -15.84 51.52
CA GLY H 27 53.13 41.95 27.93
CA GLY H 27 76.77 -1.39 0.23
C GLY H 27 53.80 -17.08 51.10
C GLY H 27 52.87 42.38 29.36
C GLY H 27 77.58 -0.60 -0.79
N VAL H 28 54.84 -16.89 50.28
N VAL H 28 53.46 41.66 30.31
N VAL H 28 77.54 0.72 -0.68
CA VAL H 28 55.62 -18.01 49.75
CA VAL H 28 53.33 42.02 31.72
CA VAL H 28 78.27 1.61 -1.58
C VAL H 28 56.58 -18.59 50.78
C VAL H 28 54.50 42.91 32.13
C VAL H 28 79.78 1.52 -1.41
N GLU H 29 57.33 -17.72 51.44
N GLU H 29 55.72 42.42 31.94
N GLU H 29 80.24 1.49 -0.16
CA GLU H 29 58.38 -18.16 52.38
CA GLU H 29 56.90 43.18 32.29
CA GLU H 29 81.67 1.38 0.11
C GLU H 29 57.82 -18.47 53.77
C GLU H 29 57.06 44.37 31.34
C GLU H 29 82.07 -0.01 0.60
N GLY H 30 56.51 -18.32 53.92
N GLY H 30 56.01 44.65 30.58
N GLY H 30 81.48 -1.05 -0.01
CA GLY H 30 55.85 -18.53 55.19
CA GLY H 30 56.03 45.72 29.61
CA GLY H 30 81.82 -2.42 0.33
C GLY H 30 54.47 -17.88 55.23
C GLY H 30 55.37 45.31 28.30
C GLY H 30 80.62 -3.37 0.37
N GLU H 31 54.43 -16.63 55.68
N GLU H 31 56.12 45.30 27.22
N GLU H 31 80.81 -4.49 1.07
CA GLU H 31 53.22 -15.81 55.62
CA GLU H 31 55.62 44.86 25.92
CA GLU H 31 79.76 -5.52 1.23
C GLU H 31 53.41 -14.46 56.30
C GLU H 31 56.76 44.26 25.09
C GLU H 31 79.42 -5.72 2.70
N LEU H 32 52.51 -13.52 56.02
N LEU H 32 56.39 43.56 24.01
N LEU H 32 78.17 -5.45 3.08
CA LEU H 32 52.57 -12.19 56.62
CA LEU H 32 57.39 42.85 23.20
CA LEU H 32 77.74 -5.67 4.46
C LEU H 32 51.24 -11.77 57.23
C LEU H 32 57.20 43.08 21.70
C LEU H 32 76.93 -6.96 4.66
N GLY H 33 51.27 -10.69 57.99
N GLY H 33 58.19 43.74 21.10
N GLY H 33 77.58 -7.99 5.19
CA GLY H 33 50.08 -10.13 58.59
CA GLY H 33 58.19 43.92 19.66
CA GLY H 33 76.92 -9.23 5.50
C GLY H 33 50.23 -8.63 58.81
C GLY H 33 58.72 42.67 18.98
C GLY H 33 76.31 -9.20 6.89
N VAL H 34 49.96 -7.86 57.76
N VAL H 34 57.84 41.69 18.79
N VAL H 34 75.11 -8.64 7.00
CA VAL H 34 50.17 -6.42 57.80
CA VAL H 34 58.23 40.43 18.18
CA VAL H 34 74.42 -8.46 8.28
C VAL H 34 49.24 -5.74 58.81
C VAL H 34 58.63 40.65 16.73
C VAL H 34 74.39 -9.71 9.16
N MET H 35 49.82 -4.90 59.66
N MET H 35 59.90 40.39 16.43
N MET H 35 74.69 -9.53 10.44
CA MET H 35 49.06 -4.17 60.67
CA MET H 35 60.44 40.62 15.10
CA MET H 35 74.73 -10.65 11.38
C MET H 35 48.81 -2.73 60.24
C MET H 35 60.99 39.37 14.43
C MET H 35 74.20 -10.26 12.76
N ALA H 36 49.45 -1.79 60.93
N ALA H 36 61.28 39.50 13.13
N ALA H 36 74.94 -10.63 13.80
CA ALA H 36 49.29 -0.37 60.62
CA ALA H 36 61.66 38.37 12.30
CA ALA H 36 74.51 -10.41 15.18
C ALA H 36 50.63 0.36 60.72
C ALA H 36 62.86 37.60 12.87
C ALA H 36 75.67 -10.06 16.11
N GLY H 37 51.62 -0.14 59.99
N GLY H 37 62.65 36.32 13.14
N GLY H 37 75.60 -8.89 16.73
CA GLY H 37 52.93 0.45 59.96
CA GLY H 37 63.68 35.49 13.72
CA GLY H 37 76.64 -8.43 17.62
C GLY H 37 53.98 -0.45 59.34
C GLY H 37 63.98 35.86 15.16
C GLY H 37 77.35 -7.21 17.06
N HIS H 38 53.73 -0.86 58.09
N HIS H 38 62.96 35.81 16.01
N HIS H 38 76.81 -6.66 15.98
CA HIS H 38 54.67 -1.70 57.36
CA HIS H 38 63.12 36.16 17.41
CA HIS H 38 77.39 -5.51 15.32
C HIS H 38 55.42 -0.94 56.28
C HIS H 38 63.55 34.92 18.21
C HIS H 38 77.30 -4.25 16.18
N ILE H 39 56.57 -1.48 55.89
N ILE H 39 64.07 35.17 19.42
N ILE H 39 78.10 -3.26 15.81
CA ILE H 39 57.38 -0.88 54.82
CA ILE H 39 64.53 34.09 20.29
CA ILE H 39 78.02 -1.94 16.43
C ILE H 39 57.35 -1.79 53.59
C ILE H 39 63.36 33.59 21.14
C ILE H 39 77.03 -1.12 15.62
N PRO H 40 57.95 -1.34 52.48
N PRO H 40 63.33 32.27 21.41
N PRO H 40 76.66 0.06 16.13
CA PRO H 40 57.99 -2.13 51.24
CA PRO H 40 62.30 31.67 22.26
CA PRO H 40 75.84 0.97 15.32
C PRO H 40 58.66 -3.49 51.40
C PRO H 40 61.95 32.50 23.50
C PRO H 40 76.51 1.22 13.96
N LEU H 41 57.86 -4.51 51.66
N LEU H 41 60.82 33.20 23.44
N LEU H 41 75.77 0.97 12.87
CA LEU H 41 58.35 -5.89 51.74
CA LEU H 41 60.33 33.99 24.57
CA LEU H 41 76.32 1.10 11.52
C LEU H 41 57.58 -6.77 50.75
C LEU H 41 58.95 33.52 25.03
C LEU H 41 75.29 1.65 10.53
N VAL H 42 57.76 -6.48 49.47
N VAL H 42 58.68 33.72 26.32
N VAL H 42 75.53 2.85 10.02
CA VAL H 42 57.06 -7.16 48.39
CA VAL H 42 57.42 33.30 26.92
CA VAL H 42 74.62 3.50 9.08
C VAL H 42 57.34 -8.67 48.41
C VAL H 42 56.96 34.33 27.94
C VAL H 42 75.35 4.15 7.88
N THR H 43 56.28 -9.46 48.21
N THR H 43 55.75 34.82 27.78
N THR H 43 74.86 3.88 6.68
CA THR H 43 56.39 -10.91 48.17
CA THR H 43 55.20 35.76 28.76
CA THR H 43 75.43 4.42 5.45
C THR H 43 55.09 -11.53 47.67
C THR H 43 53.73 36.08 28.49
C THR H 43 74.56 4.04 4.24
N PRO H 44 55.21 -12.54 46.79
N PRO H 44 52.94 36.16 29.57
N PRO H 44 74.56 4.90 3.20
CA PRO H 44 54.05 -13.24 46.21
CA PRO H 44 51.52 36.51 29.53
CA PRO H 44 73.81 4.65 1.97
C PRO H 44 53.18 -13.91 47.29
C PRO H 44 51.25 37.81 28.78
C PRO H 44 74.07 3.27 1.37
N LEU H 45 51.94 -14.23 46.92
N LEU H 45 49.97 38.09 28.56
N LEU H 45 73.00 2.54 1.05
CA LEU H 45 51.01 -14.89 47.84
CA LEU H 45 49.54 39.31 27.88
CA LEU H 45 73.11 1.25 0.39
C LEU H 45 50.54 -16.23 47.31
C LEU H 45 48.60 40.12 28.75
C LEU H 45 73.00 1.37 -1.12
N LYS H 46 50.31 -17.18 48.21
N LYS H 46 48.97 41.36 29.05
N LYS H 46 73.12 0.23 -1.80
CA LYS H 46 49.76 -18.47 47.86
CA LYS H 46 48.03 42.29 29.67
CA LYS H 46 72.96 0.19 -3.26
C LYS H 46 48.28 -18.35 47.50
C LYS H 46 46.92 42.54 28.66
C LYS H 46 71.62 -0.40 -3.65
N THR H 47 47.59 -19.48 47.49
N THR H 47 45.67 42.49 29.12
N THR H 47 71.45 -0.60 -4.95
CA THR H 47 46.17 -19.51 47.13
CA THR H 47 44.50 42.51 28.24
CA THR H 47 70.27 -1.25 -5.51
C THR H 47 45.28 -19.49 48.37
C THR H 47 44.47 43.68 27.26
C THR H 47 70.43 -2.77 -5.41
N ALA H 48 45.73 -18.81 49.41
N ALA H 48 45.04 43.48 26.07
N ALA H 48 71.14 -3.22 -4.38
CA ALA H 48 44.97 -18.72 50.65
CA ALA H 48 45.15 44.52 25.07
CA ALA H 48 71.58 -4.61 -4.28
C ALA H 48 44.10 -17.47 50.69
C ALA H 48 45.08 43.95 23.66
C ALA H 48 70.57 -5.56 -3.62
N PRO H 49 42.88 -17.61 51.23
N PRO H 49 44.88 44.81 22.66
N PRO H 49 70.69 -6.86 -3.93
CA PRO H 49 41.96 -16.49 51.42
CA PRO H 49 44.84 44.41 21.24
CA PRO H 49 69.88 -7.88 -3.25
C PRO H 49 42.57 -15.39 52.28
C PRO H 49 46.24 44.14 20.68
C PRO H 49 70.39 -8.15 -1.83
N VAL H 50 42.78 -14.22 51.70
N VAL H 50 46.35 43.17 19.79
N VAL H 50 69.48 -8.18 -0.87
CA VAL H 50 43.37 -13.10 52.42
CA VAL H 50 47.62 42.88 19.13
CA VAL H 50 69.79 -8.58 0.50
C VAL H 50 42.37 -12.47 53.39
C VAL H 50 47.68 43.51 17.75
C VAL H 50 69.06 -9.89 0.80
N ARG H 51 42.18 -13.12 54.54
N ARG H 51 47.99 44.79 17.69
N ARG H 51 69.57 -10.98 0.24
CA ARG H 51 41.17 -12.73 55.51
CA ARG H 51 48.10 45.49 16.41
CA ARG H 51 68.97 -12.31 0.40
C ARG H 51 41.14 -11.23 55.81
C ARG H 51 49.12 44.80 15.51
C ARG H 51 68.90 -12.70 1.86
N ILE H 52 39.97 -10.75 56.23
N ILE H 52 48.69 44.41 14.32
N ILE H 52 67.82 -12.29 2.51
CA ILE H 52 39.80 -9.35 56.61
CA ILE H 52 49.61 43.81 13.36
CA ILE H 52 67.66 -12.44 3.95
C ILE H 52 38.98 -9.24 57.88
C ILE H 52 49.54 44.57 12.06
C ILE H 52 67.21 -13.84 4.34
N LYS H 53 39.20 -8.16 58.63
N LYS H 53 50.70 44.96 11.55
N LYS H 53 68.19 -14.69 4.62
CA LYS H 53 38.46 -7.90 59.85
CA LYS H 53 50.76 45.75 10.32
CA LYS H 53 67.97 -16.11 4.86
C LYS H 53 38.17 -6.41 60.01
C LYS H 53 50.93 44.83 9.10
C LYS H 53 67.11 -16.40 6.09
N GLN H 54 37.68 -5.79 58.93
N GLN H 54 50.04 43.85 9.00
N GLN H 54 66.12 -17.25 5.92
CA GLN H 54 37.34 -4.37 58.95
CA GLN H 54 50.02 42.91 7.89
CA GLN H 54 65.23 -17.64 7.01
C GLN H 54 36.04 -4.12 59.71
C GLN H 54 49.62 43.63 6.60
C GLN H 54 64.90 -19.14 6.93
N GLY H 55 36.11 -4.24 61.03
N GLY H 55 50.58 44.34 6.00
N GLY H 55 65.90 -19.97 7.20
CA GLY H 55 34.94 -4.12 61.89
CA GLY H 55 50.32 45.19 4.85
CA GLY H 55 65.75 -21.41 7.10
C GLY H 55 34.72 -5.40 62.67
C GLY H 55 50.08 46.62 5.29
C GLY H 55 66.71 -22.00 6.08
N ASP H 56 35.80 -6.13 62.91
N ASP H 56 50.51 46.94 6.50
N ASP H 56 67.73 -21.22 5.73
CA ASP H 56 35.74 -7.43 63.57
CA ASP H 56 50.29 48.26 7.11
CA ASP H 56 68.70 -21.59 4.71
C ASP H 56 35.01 -8.48 62.74
C ASP H 56 48.80 48.48 7.44
C ASP H 56 68.11 -21.55 3.31
N LYS H 57 34.47 -8.05 61.60
N LYS H 57 48.16 47.44 7.98
N LYS H 57 66.82 -21.20 3.23
CA LYS H 57 33.75 -8.95 60.71
CA LYS H 57 46.76 47.52 8.36
CA LYS H 57 66.18 -20.93 1.96
C LYS H 57 34.72 -9.76 59.87
C LYS H 57 46.59 47.49 9.87
C LYS H 57 66.76 -19.62 1.41
N GLU H 58 35.03 -10.96 60.35
N GLU H 58 46.45 48.66 10.48
N GLU H 58 67.56 -19.73 0.36
CA GLU H 58 35.96 -11.85 59.66
CA GLU H 58 46.19 48.75 11.91
CA GLU H 58 68.24 -18.56 -0.20
C GLU H 58 35.35 -12.35 58.35
C GLU H 58 44.82 48.17 12.24
C GLU H 58 67.56 -18.05 -1.47
N THR H 59 35.74 -11.71 57.24
N THR H 59 44.80 46.97 12.81
N THR H 59 67.54 -16.73 -1.63
CA THR H 59 35.20 -12.04 55.92
CA THR H 59 43.55 46.28 13.13
CA THR H 59 66.93 -16.10 -2.80
C THR H 59 36.24 -12.79 55.10
C THR H 59 43.55 45.73 14.55
C THR H 59 67.27 -14.60 -2.87
N LEU H 60 35.79 -13.82 54.39
N LEU H 60 42.96 46.49 15.48
N LEU H 60 67.65 -14.14 -4.05
CA LEU H 60 36.69 -14.66 53.61
CA LEU H 60 42.92 46.11 16.89
CA LEU H 60 67.99 -12.73 -4.24
C LEU H 60 36.90 -14.10 52.21
C LEU H 60 42.14 44.82 17.11
C LEU H 60 66.76 -11.87 -3.94
N ILE H 61 37.79 -14.71 51.44
N ILE H 61 42.65 43.95 17.98
N ILE H 61 66.98 -10.61 -3.57
CA ILE H 61 38.08 -14.25 50.09
CA ILE H 61 42.01 42.68 18.26
CA ILE H 61 65.86 -9.70 -3.32
C ILE H 61 38.92 -15.22 49.27
C ILE H 61 42.05 42.38 19.75
C ILE H 61 65.98 -8.43 -4.16
N ALA H 62 38.31 -15.82 48.24
N ALA H 62 40.89 42.50 20.41
N ALA H 62 64.84 -7.88 -4.56
CA ALA H 62 39.02 -16.71 47.34
CA ALA H 62 40.80 42.38 21.86
CA ALA H 62 64.81 -6.67 -5.35
C ALA H 62 40.07 -15.93 46.54
C ALA H 62 41.37 41.06 22.40
C ALA H 62 64.75 -5.43 -4.47
N VAL H 63 41.28 -16.47 46.47
N VAL H 63 42.58 41.15 22.94
N VAL H 63 65.80 -4.62 -4.51
CA VAL H 63 42.38 -15.76 45.81
CA VAL H 63 43.27 39.97 23.47
CA VAL H 63 65.87 -3.38 -3.75
C VAL H 63 43.23 -16.71 44.94
C VAL H 63 43.36 40.02 24.99
C VAL H 63 66.54 -2.29 -4.58
N SER H 64 43.98 -16.13 44.01
N SER H 64 42.66 39.10 25.65
N SER H 64 66.15 -1.04 -4.37
CA SER H 64 44.90 -16.90 43.16
CA SER H 64 42.67 39.05 27.11
CA SER H 64 66.80 0.08 -5.04
C SER H 64 46.12 -16.06 42.80
C SER H 64 43.46 37.86 27.61
C SER H 64 66.67 1.37 -4.25
N GLY H 65 47.30 -16.60 43.05
N GLY H 65 44.48 38.15 28.44
N GLY H 65 67.41 1.47 -3.14
CA GLY H 65 48.55 -15.92 42.71
CA GLY H 65 45.33 37.11 28.98
CA GLY H 65 67.37 2.64 -2.29
C GLY H 65 48.64 -14.50 43.24
C GLY H 65 45.94 36.26 27.88
C GLY H 65 67.48 2.31 -0.82
N GLY H 66 48.78 -13.56 42.32
N GLY H 66 46.36 35.05 28.24
N GLY H 66 66.93 3.18 0.01
CA GLY H 66 48.83 -12.15 42.67
CA GLY H 66 46.95 34.15 27.28
CA GLY H 66 66.91 2.96 1.44
C GLY H 66 50.13 -11.76 43.38
C GLY H 66 48.47 34.13 27.34
C GLY H 66 68.24 3.19 2.13
N PHE H 67 50.19 -10.52 43.83
N PHE H 67 49.08 33.29 26.52
N PHE H 67 68.17 3.54 3.42
CA PHE H 67 51.38 -10.01 44.50
CA PHE H 67 50.52 33.13 26.51
CA PHE H 67 69.38 3.75 4.22
C PHE H 67 51.05 -9.06 45.64
C PHE H 67 51.12 33.60 25.20
C PHE H 67 69.61 2.62 5.21
N LEU H 68 52.05 -8.36 46.13
N LEU H 68 52.33 33.13 24.94
N LEU H 68 70.79 2.62 5.83
CA LEU H 68 51.87 -7.43 47.24
CA LEU H 68 53.04 33.45 23.71
CA LEU H 68 71.18 1.54 6.73
C LEU H 68 52.55 -6.07 46.98
C LEU H 68 53.87 32.24 23.31
C LEU H 68 70.95 1.84 8.22
N GLU H 69 51.85 -5.01 47.33
N GLU H 69 54.65 32.40 22.26
N GLU H 69 70.87 0.77 9.01
CA GLU H 69 52.40 -3.66 47.23
CA GLU H 69 55.67 31.44 21.89
CA GLU H 69 70.48 0.86 10.41
C GLU H 69 52.20 -2.94 48.57
C GLU H 69 56.40 31.96 20.67
C GLU H 69 70.95 -0.41 11.11
N VAL H 70 53.07 -3.23 49.52
N VAL H 70 57.67 31.59 20.54
N VAL H 70 72.04 -0.31 11.88
CA VAL H 70 52.93 -2.72 50.87
CA VAL H 70 58.51 32.16 19.50
CA VAL H 70 72.63 -1.49 12.52
C VAL H 70 53.66 -1.39 51.08
C VAL H 70 59.20 31.08 18.66
C VAL H 70 72.89 -1.27 14.01
N ARG H 71 52.97 -0.44 51.69
N ARG H 71 59.01 31.15 17.35
N ARG H 71 72.71 -2.34 14.79
CA ARG H 71 53.56 0.84 52.05
CA ARG H 71 59.78 30.33 16.39
CA ARG H 71 72.93 -2.29 16.24
C ARG H 71 52.97 1.34 53.37
C ARG H 71 60.35 31.23 15.29
C ARG H 71 73.54 -3.60 16.73
N PRO H 72 53.71 2.22 54.07
N PRO H 72 61.64 31.02 14.96
N PRO H 72 73.75 -3.72 18.04
CA PRO H 72 53.33 2.72 55.40
CA PRO H 72 62.29 31.78 13.89
CA PRO H 72 74.17 -5.01 18.61
C PRO H 72 51.97 3.41 55.45
C PRO H 72 61.53 31.67 12.57
C PRO H 72 73.10 -6.09 18.42
N ASP H 73 51.34 3.60 54.29
N ASP H 73 60.48 30.87 12.57
N ASP H 73 71.90 -5.69 18.01
CA ASP H 73 50.04 4.26 54.24
CA ASP H 73 59.59 30.78 11.41
CA ASP H 73 70.78 -6.62 17.87
C ASP H 73 48.94 3.36 53.65
C ASP H 73 58.28 31.49 11.72
C ASP H 73 70.06 -6.54 16.52
N LYS H 74 49.29 2.60 52.61
N LYS H 74 57.52 30.96 12.68
N LYS H 74 69.30 -5.47 16.31
CA LYS H 74 48.32 1.73 51.96
CA LYS H 74 56.21 31.51 13.04
CA LYS H 74 68.39 -5.37 15.17
C LYS H 74 48.93 0.40 51.52
C LYS H 74 56.08 31.85 14.52
C LYS H 74 68.97 -4.71 13.92
N VAL H 75 48.08 -0.61 51.35
N VAL H 75 55.28 32.87 14.83
N VAL H 75 68.32 -4.92 12.79
CA VAL H 75 48.53 -1.93 50.90
CA VAL H 75 55.01 33.27 16.20
CA VAL H 75 68.69 -4.29 11.53
C VAL H 75 47.66 -2.45 49.76
C VAL H 75 53.58 32.90 16.56
C VAL H 75 67.45 -4.03 10.65
N ASN H 76 48.24 -2.52 48.57
N ASN H 76 53.35 32.52 17.82
N ASN H 76 67.11 -2.75 10.47
CA ASN H 76 47.52 -2.95 47.38
CA ASN H 76 52.03 32.10 18.26
CA ASN H 76 66.01 -2.35 9.59
C ASN H 76 48.00 -4.31 46.88
C ASN H 76 51.62 32.65 19.62
C ASN H 76 66.48 -1.39 8.50
N ILE H 77 47.09 -5.28 46.84
N ILE H 77 50.36 33.05 19.73
N ILE H 77 66.30 -1.75 7.24
CA ILE H 77 47.43 -6.62 46.33
CA ILE H 77 49.80 33.51 21.00
CA ILE H 77 66.67 -0.87 6.13
C ILE H 77 46.97 -6.79 44.89
C ILE H 77 48.52 32.73 21.33
C ILE H 77 65.43 -0.29 5.45
N LEU H 78 47.65 -7.65 44.15
N LEU H 78 48.26 32.52 22.62
N LEU H 78 65.43 1.03 5.27
CA LEU H 78 47.33 -7.86 42.74
CA LEU H 78 47.17 31.65 23.05
CA LEU H 78 64.26 1.73 4.73
C LEU H 78 46.77 -9.26 42.50
C LEU H 78 46.15 32.34 23.96
C LEU H 78 64.31 1.85 3.21
N ALA H 79 45.91 -9.71 43.42
N ALA H 79 45.45 33.32 23.40
N ALA H 79 64.58 0.74 2.55
CA ALA H 79 45.30 -11.02 43.31
CA ALA H 79 44.51 34.14 24.18
CA ALA H 79 64.74 0.75 1.09
C ALA H 79 44.54 -11.18 42.01
C ALA H 79 43.33 33.35 24.75
C ALA H 79 63.52 1.30 0.37
N ASP H 80 44.64 -12.36 41.40
N ASP H 80 42.42 34.07 25.40
N ASP H 80 63.73 1.78 -0.85
CA ASP H 80 43.95 -12.63 40.15
CA ASP H 80 41.12 33.53 25.78
CA ASP H 80 62.64 2.26 -1.70
C ASP H 80 42.45 -12.71 40.37
C ASP H 80 40.08 34.03 24.79
C ASP H 80 61.83 1.09 -2.25
N THR H 81 41.95 -13.89 40.73
N THR H 81 39.52 35.19 25.08
N THR H 81 61.65 1.07 -3.57
CA THR H 81 40.54 -14.05 41.03
CA THR H 81 38.56 35.83 24.19
CA THR H 81 60.93 -0.01 -4.22
C THR H 81 40.25 -13.80 42.50
C THR H 81 39.27 36.79 23.23
C THR H 81 61.61 -1.36 -3.99
N ALA H 82 39.34 -12.88 42.77
N ALA H 82 39.97 36.21 22.26
N ALA H 82 60.94 -2.21 -3.20
CA ALA H 82 38.98 -12.51 44.14
CA ALA H 82 40.64 37.00 21.23
CA ALA H 82 61.44 -3.54 -2.90
C ALA H 82 37.49 -12.16 44.23
C ALA H 82 39.67 37.28 20.09
C ALA H 82 60.27 -4.54 -2.87
N GLU H 83 36.76 -12.90 45.06
N GLU H 83 39.41 38.57 19.84
N GLU H 83 60.57 -5.80 -3.10
CA GLU H 83 35.33 -12.69 45.21
CA GLU H 83 38.43 38.98 18.85
CA GLU H 83 59.53 -6.83 -3.12
C GLU H 83 34.89 -12.80 46.66
C GLU H 83 39.02 40.00 17.88
C GLU H 83 60.06 -8.23 -2.83
N LEU H 84 33.81 -12.11 46.99
N LEU H 84 38.45 40.09 16.68
N LEU H 84 59.15 -9.19 -2.71
CA LEU H 84 33.25 -12.15 48.34
CA LEU H 84 38.96 40.99 15.65
CA LEU H 84 59.49 -10.57 -2.39
C LEU H 84 32.73 -13.55 48.67
C LEU H 84 38.37 42.39 15.78
C LEU H 84 60.15 -11.29 -3.56
N PRO H 85 32.68 -13.89 49.97
N PRO H 85 38.83 43.34 14.94
N PRO H 85 60.73 -12.48 -3.30
CA PRO H 85 32.16 -15.18 50.45
CA PRO H 85 38.39 44.74 15.02
CA PRO H 85 61.36 -13.30 -4.35
C PRO H 85 30.73 -15.40 49.97
C PRO H 85 36.89 44.91 14.82
C PRO H 85 60.38 -13.74 -5.43
N GLU H 86 29.96 -14.32 49.87
N GLU H 86 36.31 44.15 13.90
N GLU H 86 59.08 -13.55 -5.20
CA GLU H 86 28.58 -14.39 49.40
CA GLU H 86 34.90 44.32 13.53
CA GLU H 86 58.07 -13.93 -6.19
C GLU H 86 28.54 -14.35 47.88
C GLU H 86 33.97 43.39 14.30
C GLU H 86 57.24 -12.75 -6.67
N GLU H 87 29.58 -13.77 47.29
N GLU H 87 34.31 42.11 14.31
N GLU H 87 57.23 -11.69 -5.88
CA GLU H 87 29.65 -13.56 45.85
CA GLU H 87 33.49 41.07 14.91
CA GLU H 87 56.49 -10.48 -6.25
C GLU H 87 30.07 -14.81 45.09
C GLU H 87 33.00 41.40 16.32
C GLU H 87 57.23 -9.71 -7.33
N ILE H 88 30.84 -15.67 45.75
N ILE H 88 33.82 42.14 17.06
N ILE H 88 58.45 -10.16 -7.61
CA ILE H 88 31.34 -16.89 45.11
CA ILE H 88 33.47 42.51 18.43
CA ILE H 88 59.25 -9.58 -8.68
C ILE H 88 30.22 -17.89 44.86
C ILE H 88 32.13 43.23 18.50
C ILE H 88 58.68 -9.99 -10.04
N ASP H 89 30.53 -18.91 44.07
N ASP H 89 31.22 42.71 19.32
N ASP H 89 57.88 -9.09 -10.61
CA ASP H 89 29.54 -19.91 43.69
CA ASP H 89 29.88 43.27 19.46
CA ASP H 89 57.22 -9.36 -11.89
C ASP H 89 29.89 -21.29 44.23
C ASP H 89 29.91 44.50 20.37
C ASP H 89 58.23 -9.36 -13.03
N VAL H 90 29.15 -21.73 45.25
N VAL H 90 29.91 45.67 19.74
N VAL H 90 58.48 -10.54 -13.59
CA VAL H 90 29.34 -23.04 45.83
CA VAL H 90 29.96 46.96 20.44
CA VAL H 90 59.44 -10.72 -14.67
C VAL H 90 28.98 -24.13 44.84
C VAL H 90 28.99 47.03 21.63
C VAL H 90 59.01 -10.00 -15.94
N GLU H 91 27.85 -23.95 44.16
N GLU H 91 27.77 46.54 21.43
N GLU H 91 57.69 -9.88 -16.12
CA GLU H 91 27.34 -24.93 43.21
CA GLU H 91 26.75 46.61 22.47
CA GLU H 91 57.14 -9.25 -17.32
C GLU H 91 28.31 -25.13 42.04
C GLU H 91 27.05 45.67 23.64
C GLU H 91 57.21 -7.72 -17.28
N ARG H 92 28.93 -24.05 41.59
N ARG H 92 27.46 44.45 23.32
N ARG H 92 57.10 -7.14 -16.08
CA ARG H 92 29.91 -24.12 40.52
CA ARG H 92 27.67 43.42 24.35
CA ARG H 92 57.25 -5.70 -15.93
C ARG H 92 31.16 -24.86 40.97
C ARG H 92 28.88 43.71 25.24
C ARG H 92 58.69 -5.30 -16.20
N ALA H 93 31.62 -24.54 42.17
N ALA H 93 29.53 44.84 25.01
N ALA H 93 59.61 -6.25 -16.08
CA ALA H 93 32.82 -25.16 42.72
CA ALA H 93 30.60 45.29 25.89
CA ALA H 93 61.02 -6.02 -16.36
C ALA H 93 32.64 -26.66 42.91
C ALA H 93 30.14 46.52 26.67
C ALA H 93 61.33 -6.30 -17.83
N LYS H 94 31.37 -27.09 42.99
N LYS H 94 29.27 47.32 26.05
N LYS H 94 60.44 -7.03 -18.49
CA LYS H 94 31.05 -28.51 43.08
CA LYS H 94 28.71 48.49 26.69
CA LYS H 94 60.58 -7.30 -19.91
C LYS H 94 31.45 -29.23 41.79
C LYS H 94 27.97 48.13 27.97
C LYS H 94 60.16 -6.08 -20.74
N LYS H 95 31.12 -28.63 40.65
N LYS H 95 27.19 47.05 27.90
N LYS H 95 59.64 -5.08 -20.05
CA LYS H 95 31.50 -29.20 39.37
CA LYS H 95 26.45 46.57 29.06
CA LYS H 95 59.28 -3.81 -20.70
C LYS H 95 32.94 -28.85 39.05
C LYS H 95 27.41 46.16 30.19
C LYS H 95 60.42 -2.81 -20.67
N ALA H 96 33.40 -27.70 39.54
N ALA H 96 28.56 45.63 29.82
N ALA H 96 61.09 -2.72 -19.52
CA ALA H 96 34.79 -27.29 39.38
CA ALA H 96 29.57 45.21 30.78
CA ALA H 96 62.26 -1.85 -19.40
C ALA H 96 35.68 -28.11 40.30
C ALA H 96 30.21 46.41 31.48
C ALA H 96 63.41 -2.39 -20.25
N LYS H 97 35.07 -29.03 41.05
N LYS H 97 30.37 47.51 30.76
N LYS H 97 63.30 -3.66 -20.65
CA LYS H 97 35.78 -29.89 41.97
CA LYS H 97 30.87 48.74 31.35
CA LYS H 97 64.24 -4.29 -21.57
C LYS H 97 36.25 -31.16 41.27
C LYS H 97 29.88 49.29 32.38
C LYS H 97 63.87 -3.92 -23.01
N ALA H 98 35.35 -31.80 40.55
N ALA H 98 28.73 48.64 32.47
N ALA H 98 63.05 -2.89 -23.16
CA ALA H 98 35.63 -33.10 39.92
CA ALA H 98 27.71 49.02 33.44
CA ALA H 98 62.61 -2.42 -24.47
C ALA H 98 36.42 -32.98 38.62
C ALA H 98 27.25 47.80 34.23
C ALA H 98 62.00 -1.03 -24.34
N ARG H 99 36.55 -31.76 38.11
N ARG H 99 28.03 46.72 34.14
N ARG H 99 62.16 -0.43 -23.16
CA ARG H 99 37.30 -31.52 36.88
CA ARG H 99 27.73 45.49 34.86
CA ARG H 99 61.68 0.92 -22.89
C ARG H 99 38.81 -31.46 37.13
C ARG H 99 28.89 45.06 35.74
C ARG H 99 62.86 1.82 -22.54
N HIS H 100 39.21 -31.01 38.30
N HIS H 100 30.09 45.07 35.17
N HIS H 100 63.70 1.35 -21.61
CA HIS H 100 40.63 -30.85 38.61
CA HIS H 100 31.27 44.57 35.88
CA HIS H 100 64.81 2.13 -21.11
C HIS H 100 41.19 -32.03 39.40
C HIS H 100 32.01 45.67 36.64
C HIS H 100 66.14 1.75 -21.77
N GLU H 101 40.61 -33.20 39.20
N GLU H 101 31.56 46.91 36.49
N GLU H 101 66.26 0.48 -22.15
CA GLU H 101 41.14 -34.44 39.74
CA GLU H 101 32.11 48.00 37.28
CA GLU H 101 67.48 -0.01 -22.80
C GLU H 101 40.83 -35.58 38.79
C GLU H 101 31.01 48.74 38.04
C GLU H 101 67.57 0.43 -24.26
N THR H 102 40.01 -35.30 37.79
N THR H 102 29.79 48.26 37.91
N THR H 102 66.41 0.53 -24.91
CA THR H 102 39.71 -36.27 36.75
CA THR H 102 28.69 48.75 38.72
CA THR H 102 66.34 0.85 -26.33
C THR H 102 40.94 -36.48 35.88
C THR H 102 28.65 47.92 40.01
C THR H 102 66.26 2.36 -26.59
N ILE H 103 41.97 -35.66 36.12
N ILE H 103 29.42 46.85 40.02
N ILE H 103 66.43 3.15 -25.53
CA ILE H 103 43.22 -35.76 35.37
CA ILE H 103 29.50 45.96 41.18
CA ILE H 103 66.38 4.61 -25.66
C ILE H 103 44.34 -36.37 36.21
C ILE H 103 30.87 46.05 41.86
C ILE H 103 67.62 5.28 -25.08
N LEU H 104 44.28 -36.19 37.52
N LEU H 104 31.82 46.71 41.20
N LEU H 104 68.39 4.51 -24.30
CA LEU H 104 45.25 -36.81 38.42
CA LEU H 104 33.13 46.97 41.81
CA LEU H 104 69.65 5.00 -23.75
C LEU H 104 45.17 -38.32 38.29
C LEU H 104 32.99 48.03 42.88
C LEU H 104 70.75 4.98 -24.79
N LYS H 105 43.97 -38.80 37.98
N LYS H 105 31.90 48.79 42.79
N LYS H 105 70.67 5.91 -25.74
CA LYS H 105 43.76 -40.22 37.72
CA LYS H 105 31.58 49.77 43.82
CA LYS H 105 71.63 6.00 -26.84
C LYS H 105 44.08 -40.53 36.27
C LYS H 105 30.88 49.07 44.97
C LYS H 105 71.26 7.15 -27.76
N ARG H 106 43.85 -39.56 35.40
N ARG H 106 30.27 47.92 44.68
N ARG H 106 70.07 7.72 -27.54
CA ARG H 106 44.10 -39.72 33.98
CA ARG H 106 29.70 47.08 45.72
CA ARG H 106 69.59 8.85 -28.32
C ARG H 106 45.59 -39.91 33.68
C ARG H 106 30.83 46.55 46.61
C ARG H 106 70.35 10.13 -27.96
N LEU H 107 46.39 -38.90 33.97
N LEU H 107 31.77 45.84 45.99
N LEU H 107 69.70 10.97 -27.14
CA LEU H 107 47.80 -38.91 33.62
CA LEU H 107 32.73 45.02 46.71
CA LEU H 107 70.29 12.20 -26.67
C LEU H 107 48.71 -38.47 34.77
C LEU H 107 34.19 45.50 46.58
C LEU H 107 71.43 11.92 -25.69
N ASP H 108 49.87 -39.12 34.87
N ASP H 108 34.91 45.49 47.71
N ASP H 108 72.42 12.80 -25.69
CA ASP H 108 50.92 -38.71 35.79
CA ASP H 108 36.30 45.91 47.75
CA ASP H 108 73.50 12.76 -24.70
C ASP H 108 52.11 -38.24 34.97
C ASP H 108 37.21 44.89 48.46
C ASP H 108 73.89 14.20 -24.42
N LYS H 109 53.19 -39.03 35.02
N LYS H 109 37.39 45.08 49.77
N LYS H 109 75.20 14.46 -24.34
CA LYS H 109 54.33 -38.90 34.11
CA LYS H 109 38.31 44.27 50.58
CA LYS H 109 75.73 15.82 -24.16
C LYS H 109 54.72 -37.47 33.72
C LYS H 109 38.53 42.83 50.11
C LYS H 109 75.08 16.60 -23.02
N THR H 110 55.77 -36.94 34.34
N THR H 110 39.79 42.40 50.19
N THR H 110 75.73 16.58 -21.86
CA THR H 110 56.26 -35.60 34.04
CA THR H 110 40.20 41.06 49.77
CA THR H 110 75.21 17.00 -20.54
C THR H 110 55.33 -34.54 34.61
C THR H 110 40.29 40.97 48.25
C THR H 110 74.74 15.67 -19.90
N ASP H 111 55.88 -33.38 34.95
N ASP H 111 41.22 40.16 47.75
N ASP H 111 74.92 15.42 -18.58
CA ASP H 111 55.08 -32.30 35.52
CA ASP H 111 41.39 39.99 46.31
CA ASP H 111 75.03 14.01 -18.00
C ASP H 111 54.36 -31.50 34.44
C ASP H 111 40.30 39.05 45.75
C ASP H 111 73.84 13.02 -17.91
N LYS H 112 53.54 -32.18 33.65
N LYS H 112 39.06 39.26 46.18
N LYS H 112 72.78 13.35 -17.21
CA LYS H 112 52.78 -31.54 32.58
CA LYS H 112 37.94 38.45 45.73
CA LYS H 112 71.49 13.06 -17.80
C LYS H 112 51.61 -30.73 33.14
C LYS H 112 37.62 38.76 44.28
C LYS H 112 70.68 11.77 -17.55
N ASP H 113 50.76 -31.40 33.90
N ASP H 113 37.29 40.03 44.03
N ASP H 113 71.02 10.70 -18.27
CA ASP H 113 49.65 -30.73 34.57
CA ASP H 113 36.99 40.48 42.67
CA ASP H 113 70.21 9.48 -18.24
C ASP H 113 49.73 -30.87 36.09
C ASP H 113 37.65 41.83 42.40
C ASP H 113 71.06 8.22 -18.12
N TYR H 114 50.91 -31.22 36.57
N TYR H 114 38.62 42.19 43.24
N TYR H 114 72.37 8.38 -18.17
CA TYR H 114 51.16 -31.36 38.00
CA TYR H 114 39.45 43.36 42.97
CA TYR H 114 73.26 7.28 -17.83
C TYR H 114 51.50 -30.03 38.65
C TYR H 114 40.37 43.06 41.80
C TYR H 114 73.12 7.00 -16.34
N LEU H 115 51.00 -28.94 38.06
N LEU H 115 40.36 41.81 41.35
N LEU H 115 72.42 7.91 -15.66
CA LEU H 115 51.25 -27.60 38.60
CA LEU H 115 41.08 41.41 40.16
CA LEU H 115 72.12 7.76 -14.23
C LEU H 115 50.08 -26.67 38.31
C LEU H 115 40.11 40.95 39.09
C LEU H 115 70.69 8.18 -13.88
N ARG H 116 49.39 -26.92 37.21
N ARG H 116 39.14 40.13 39.49
N ARG H 116 69.77 7.99 -14.82
CA ARG H 116 48.23 -26.11 36.83
CA ARG H 116 38.21 39.53 38.55
CA ARG H 116 68.34 8.05 -14.54
C ARG H 116 46.98 -26.59 37.57
C ARG H 116 37.35 40.54 37.80
C ARG H 116 67.60 6.97 -15.33
N HIS H 117 46.77 -27.91 37.55
N HIS H 117 36.42 41.17 38.52
N HIS H 117 68.38 6.10 -15.97
CA HIS H 117 45.58 -28.50 38.17
CA HIS H 117 35.50 42.12 37.90
CA HIS H 117 67.82 4.99 -16.73
C HIS H 117 45.70 -28.66 39.68
C HIS H 117 36.18 43.37 37.38
C HIS H 117 68.81 3.82 -16.83
N LYS H 118 46.92 -28.85 40.17
N LYS H 118 37.41 43.63 37.84
N LYS H 118 70.08 4.09 -16.55
CA LYS H 118 47.12 -28.97 41.62
CA LYS H 118 38.18 44.75 37.31
CA LYS H 118 71.09 3.03 -16.45
C LYS H 118 46.93 -27.62 42.30
C LYS H 118 38.96 44.32 36.08
C LYS H 118 71.17 2.55 -15.01
N ARG H 119 46.84 -26.57 41.48
N ARG H 119 39.27 43.03 35.99
N ARG H 119 71.00 3.47 -14.07
CA ARG H 119 46.49 -25.24 41.97
CA ARG H 119 39.79 42.46 34.75
CA ARG H 119 70.74 3.10 -12.69
C ARG H 119 45.10 -24.86 41.45
C ARG H 119 38.67 42.55 33.72
C ARG H 119 69.42 2.35 -12.70
N ALA H 120 44.61 -25.64 40.49
N ALA H 120 37.43 42.65 34.20
N ALA H 120 68.53 2.77 -13.60
CA ALA H 120 43.29 -25.42 39.92
CA ALA H 120 36.29 42.90 33.34
CA ALA H 120 67.28 2.08 -13.85
C ALA H 120 42.21 -25.70 40.96
C ALA H 120 36.25 44.37 32.96
C ALA H 120 67.57 0.80 -14.62
N LEU H 121 42.32 -26.85 41.62
N LEU H 121 36.78 45.22 33.82
N LEU H 121 68.72 0.73 -15.28
CA LEU H 121 41.42 -27.17 42.72
CA LEU H 121 37.04 46.62 33.48
CA LEU H 121 69.16 -0.49 -15.94
C LEU H 121 41.67 -26.21 43.88
C LEU H 121 38.30 46.67 32.62
C LEU H 121 69.76 -1.44 -14.90
N GLU H 122 42.89 -25.71 43.97
N GLU H 122 38.49 45.64 31.82
N GLU H 122 69.50 -1.14 -13.63
CA GLU H 122 43.23 -24.71 44.99
CA GLU H 122 39.64 45.50 30.96
CA GLU H 122 69.88 -2.01 -12.54
C GLU H 122 42.43 -23.43 44.78
C GLU H 122 39.24 44.72 29.71
C GLU H 122 68.61 -2.56 -11.91
N ARG H 123 41.71 -23.39 43.66
N ARG H 123 38.65 43.54 29.92
N ARG H 123 67.59 -1.72 -11.83
CA ARG H 123 40.82 -22.26 43.36
CA ARG H 123 38.21 42.67 28.83
CA ARG H 123 66.27 -2.15 -11.37
C ARG H 123 39.36 -22.62 43.63
C ARG H 123 36.96 43.22 28.17
C ARG H 123 65.59 -2.95 -12.48
N ALA H 124 38.97 -23.83 43.24
N ALA H 124 36.21 44.05 28.90
N ALA H 124 65.98 -2.66 -13.72
CA ALA H 124 37.60 -24.29 43.42
CA ALA H 124 35.00 44.65 28.36
CA ALA H 124 65.42 -3.34 -14.88
C ALA H 124 37.33 -24.76 44.85
C ALA H 124 35.26 46.04 27.81
C ALA H 124 66.22 -4.59 -15.22
N GLU H 125 38.38 -25.18 45.54
N GLU H 125 36.08 46.81 28.53
N GLU H 125 67.25 -4.84 -14.43
CA GLU H 125 38.26 -25.56 46.95
CA GLU H 125 36.48 48.13 28.06
CA GLU H 125 68.03 -6.07 -14.55
C GLU H 125 38.09 -24.33 47.82
C GLU H 125 37.23 48.00 26.74
C GLU H 125 67.86 -6.93 -13.32
N VAL H 126 38.86 -23.30 47.53
N VAL H 126 38.00 46.92 26.60
N VAL H 126 67.52 -6.28 -12.20
CA VAL H 126 38.80 -22.05 48.27
CA VAL H 126 38.79 46.72 25.41
CA VAL H 126 67.25 -6.98 -10.96
C VAL H 126 37.46 -21.35 48.05
C VAL H 126 37.95 46.21 24.24
C VAL H 126 65.93 -7.74 -11.04
N ARG H 127 36.84 -21.58 46.90
N ARG H 127 36.90 45.45 24.54
N ARG H 127 64.94 -7.14 -11.70
CA ARG H 127 35.51 -21.05 46.63
CA ARG H 127 35.99 44.94 23.50
CA ARG H 127 63.64 -7.77 -11.88
C ARG H 127 34.46 -21.75 47.48
C ARG H 127 35.29 46.07 22.75
C ARG H 127 63.67 -8.83 -12.99
N LEU H 128 34.90 -22.70 48.28
N LEU H 128 35.49 47.30 23.22
N LEU H 128 64.87 -9.15 -13.45
CA LEU H 128 34.02 -23.42 49.18
CA LEU H 128 34.92 48.48 22.61
CA LEU H 128 65.07 -10.24 -14.41
C LEU H 128 34.41 -23.17 50.63
C LEU H 128 36.01 49.49 22.26
C LEU H 128 66.09 -11.24 -13.90
N GLN H 129 35.70 -23.01 50.87
N GLN H 129 37.11 49.42 23.00
N GLN H 129 67.10 -10.75 -13.21
CA GLN H 129 36.18 -22.60 52.19
CA GLN H 129 38.27 50.26 22.72
CA GLN H 129 68.13 -11.61 -12.61
C GLN H 129 35.67 -21.20 52.45
C GLN H 129 39.01 49.65 21.53
C GLN H 129 67.64 -12.19 -11.29
N VAL H 130 35.93 -20.31 51.49
N VAL H 130 38.54 48.48 21.11
N VAL H 130 67.13 -11.33 -10.42
CA VAL H 130 35.48 -18.93 51.57
CA VAL H 130 39.06 47.79 19.94
CA VAL H 130 66.54 -11.78 -9.17
C VAL H 130 33.95 -18.86 51.60
C VAL H 130 38.09 47.96 18.77
C VAL H 130 65.24 -12.52 -9.46
N ALA H 131 33.31 -19.92 51.11
N ALA H 131 36.87 48.39 19.08
N ALA H 131 64.65 -12.22 -10.61
CA ALA H 131 31.85 -19.96 51.04
CA ALA H 131 35.86 48.66 18.06
CA ALA H 131 63.41 -12.87 -11.04
C ALA H 131 31.18 -20.05 52.41
C ALA H 131 36.17 49.93 17.27
C ALA H 131 63.56 -14.39 -11.11
N ASN H 132 31.96 -19.87 53.47
N ASN H 132 37.44 50.35 17.30
N ASN H 132 64.79 -14.86 -11.22
CA ASN H 132 31.43 -19.93 54.83
CA ASN H 132 37.86 51.57 16.63
CA ASN H 132 65.07 -16.29 -11.19
C ASN H 132 30.95 -18.58 55.35
C ASN H 132 38.34 51.31 15.20
C ASN H 132 64.72 -16.86 -9.82
N SER H 133 31.69 -18.02 56.30
N SER H 133 39.57 50.81 15.09
N SER H 133 65.36 -16.30 -8.78
CA SER H 133 31.32 -16.80 56.99
CA SER H 133 40.17 50.58 13.78
CA SER H 133 65.16 -16.77 -7.41
C SER H 133 31.03 -15.64 56.04
C SER H 133 39.60 49.35 13.09
C SER H 133 63.75 -16.47 -6.91
N LYS H 134 29.76 -15.24 55.99
N LYS H 134 38.32 49.41 12.71
N LYS H 134 62.87 -17.46 -7.03
CA LYS H 134 29.32 -14.14 55.15
CA LYS H 134 37.66 48.31 12.02
CA LYS H 134 61.50 -17.34 -6.55
C LYS H 134 29.11 -12.89 55.99
C LYS H 134 38.03 48.29 10.53
C LYS H 134 61.20 -18.43 -5.54
N SER H 135 30.10 -12.55 56.81
N SER H 135 39.18 48.87 10.22
N SER H 135 62.19 -19.28 -5.28
CA SER H 135 30.01 -11.41 57.72
CA SER H 135 39.68 48.95 8.85
CA SER H 135 62.05 -20.37 -4.32
C SER H 135 29.94 -10.09 56.96
C SER H 135 40.39 47.66 8.44
C SER H 135 62.96 -20.16 -3.11
#